data_2FIN
#
_entry.id   2FIN
#
loop_
_entity.id
_entity.type
_entity.pdbx_description
1 polymer 'rabbitpox encoded CC chemokine inhibitor'
2 polymer 'Small inducible cytokine A4'
#
loop_
_entity_poly.entity_id
_entity_poly.type
_entity_poly.pdbx_seq_one_letter_code
_entity_poly.pdbx_strand_id
1 'polypeptide(L)'
;MPASLQQSSSSSSSCTEEENKHHMGIDVIIKVTKQDQTPTNDKICQSVTEITESESDPDPEVESEDDSTSVEDVDPPTTY
YSIIGGGLRMNFGFTKCPQIKSISESADGNTVNARLSSVSPGQGKDSPAITHEEALAMIKDCEVSIDIRCSEEEKDSDIK
THPVLGSNISHKKVSYEDIIGSTIVDTKCVKNLEFSVRIGDMCKESSELEVKDGFKYVDGSASKGATDDTSLIDSTKLKA
CV
;
A
2 'polypeptide(L)' APMGSDPPTACCFSYTARKLPRNFVVDYYETSSLCSQPAVVFQTAASAQVCADPSESWVQEYVYDLELN B
#
# COMPACT_ATOMS: atom_id res chain seq x y z
N MET A 1 24.36 -6.16 -21.51
CA MET A 1 25.46 -6.96 -20.99
C MET A 1 26.83 -6.31 -21.25
N PRO A 2 27.00 -5.60 -22.39
CA PRO A 2 28.28 -4.95 -22.71
C PRO A 2 28.79 -4.08 -21.56
N ALA A 3 29.86 -3.32 -21.82
CA ALA A 3 30.43 -2.45 -20.80
C ALA A 3 30.74 -3.24 -19.53
N SER A 4 31.36 -2.57 -18.56
CA SER A 4 31.70 -3.23 -17.30
C SER A 4 32.06 -2.19 -16.25
N LEU A 5 32.19 -0.93 -16.67
CA LEU A 5 32.53 0.14 -15.76
C LEU A 5 31.46 0.31 -14.70
N GLN A 6 31.78 -0.06 -13.46
CA GLN A 6 30.83 0.05 -12.36
C GLN A 6 31.52 -0.12 -11.02
N GLN A 7 31.36 0.86 -10.15
CA GLN A 7 31.98 0.81 -8.82
C GLN A 7 31.48 -0.41 -8.04
N SER A 8 31.31 -0.24 -6.73
CA SER A 8 30.83 -1.32 -5.88
C SER A 8 30.21 -0.76 -4.59
N SER A 9 30.47 0.51 -4.33
CA SER A 9 29.93 1.16 -3.14
C SER A 9 28.46 1.48 -3.32
N SER A 10 28.06 1.72 -4.57
CA SER A 10 26.66 2.03 -4.88
C SER A 10 25.72 1.03 -4.21
N SER A 11 24.72 1.53 -3.50
CA SER A 11 23.77 0.66 -2.81
C SER A 11 23.08 -0.26 -3.81
N SER A 12 23.08 0.14 -5.08
CA SER A 12 22.46 -0.67 -6.12
C SER A 12 23.36 -1.84 -6.50
N SER A 13 24.64 -1.72 -6.18
CA SER A 13 25.61 -2.76 -6.49
C SER A 13 25.60 -3.86 -5.43
N SER A 14 25.69 -3.46 -4.17
CA SER A 14 25.69 -4.43 -3.07
C SER A 14 25.44 -3.74 -1.72
N CYS A 15 25.29 -4.55 -0.68
CA CYS A 15 25.05 -4.03 0.66
C CYS A 15 26.15 -3.05 1.06
N THR A 16 25.84 -2.20 2.05
CA THR A 16 26.82 -1.23 2.54
C THR A 16 27.70 -1.87 3.60
N GLU A 17 28.72 -1.14 4.06
CA GLU A 17 29.64 -1.64 5.08
C GLU A 17 29.60 -0.75 6.31
N GLU A 18 28.69 0.23 6.30
CA GLU A 18 28.54 1.15 7.42
C GLU A 18 27.70 0.53 8.54
N GLU A 19 28.39 -0.12 9.49
CA GLU A 19 27.74 -0.78 10.63
C GLU A 19 26.40 -0.15 11.00
N ASN A 20 26.43 1.11 11.41
CA ASN A 20 25.20 1.82 11.80
C ASN A 20 24.41 2.25 10.57
N LYS A 21 24.12 1.29 9.68
CA LYS A 21 23.38 1.61 8.46
C LYS A 21 22.81 0.32 7.85
N HIS A 22 21.56 0.37 7.41
CA HIS A 22 20.92 -0.80 6.81
C HIS A 22 19.77 -0.38 5.90
N HIS A 23 19.83 -0.79 4.63
CA HIS A 23 18.78 -0.44 3.69
C HIS A 23 17.45 -1.07 4.08
N MET A 24 16.53 -0.22 4.52
CA MET A 24 15.20 -0.68 4.91
C MET A 24 14.32 -0.75 3.67
N GLY A 25 13.54 -1.83 3.58
CA GLY A 25 12.65 -2.04 2.44
C GLY A 25 11.28 -2.47 2.90
N ILE A 26 10.27 -2.23 2.06
CA ILE A 26 8.89 -2.60 2.35
C ILE A 26 8.46 -3.74 1.43
N ASP A 27 7.54 -4.57 1.90
CA ASP A 27 7.05 -5.70 1.11
C ASP A 27 5.68 -6.13 1.59
N VAL A 28 4.65 -5.81 0.81
CA VAL A 28 3.27 -6.16 1.16
C VAL A 28 2.77 -7.33 0.32
N ILE A 29 1.87 -8.12 0.92
CA ILE A 29 1.26 -9.27 0.26
C ILE A 29 -0.24 -9.03 0.17
N ILE A 30 -0.86 -9.51 -0.90
CA ILE A 30 -2.31 -9.32 -1.08
C ILE A 30 -2.94 -10.52 -1.78
N LYS A 31 -3.70 -11.31 -1.03
CA LYS A 31 -4.38 -12.48 -1.57
C LYS A 31 -5.88 -12.19 -1.71
N VAL A 32 -6.28 -11.77 -2.90
CA VAL A 32 -7.68 -11.43 -3.16
C VAL A 32 -8.47 -12.64 -3.67
N THR A 33 -9.66 -12.83 -3.09
CA THR A 33 -10.55 -13.94 -3.48
C THR A 33 -11.81 -13.38 -4.13
N LYS A 34 -12.06 -13.79 -5.37
CA LYS A 34 -13.25 -13.32 -6.09
C LYS A 34 -14.50 -14.05 -5.62
N GLN A 35 -15.64 -13.36 -5.71
CA GLN A 35 -16.91 -13.96 -5.30
C GLN A 35 -17.43 -14.88 -6.40
N ASP A 36 -18.15 -15.92 -6.01
CA ASP A 36 -18.69 -16.87 -6.99
C ASP A 36 -19.85 -16.25 -7.77
N GLN A 37 -19.55 -15.23 -8.55
CA GLN A 37 -20.57 -14.56 -9.34
C GLN A 37 -19.93 -13.55 -10.28
N THR A 38 -18.73 -13.11 -9.93
CA THR A 38 -18.00 -12.14 -10.75
C THR A 38 -17.42 -12.83 -11.99
N PRO A 39 -17.77 -12.40 -13.23
CA PRO A 39 -17.24 -13.01 -14.46
C PRO A 39 -15.76 -13.39 -14.32
N THR A 40 -15.31 -14.32 -15.17
CA THR A 40 -13.93 -14.76 -15.14
C THR A 40 -13.02 -13.68 -15.73
N ASN A 41 -11.80 -13.59 -15.21
CA ASN A 41 -10.84 -12.60 -15.69
C ASN A 41 -9.48 -12.80 -15.02
N ASP A 42 -8.56 -13.41 -15.76
CA ASP A 42 -7.20 -13.67 -15.26
C ASP A 42 -6.18 -12.84 -16.02
N LYS A 43 -6.63 -11.71 -16.57
CA LYS A 43 -5.74 -10.82 -17.32
C LYS A 43 -5.03 -9.85 -16.41
N ILE A 44 -4.34 -10.38 -15.39
CA ILE A 44 -3.63 -9.53 -14.45
C ILE A 44 -2.61 -8.65 -15.17
N CYS A 45 -1.95 -7.78 -14.40
CA CYS A 45 -0.95 -6.87 -14.96
C CYS A 45 -1.55 -6.05 -16.10
N GLN A 46 -2.83 -5.69 -15.97
CA GLN A 46 -3.48 -4.90 -17.01
C GLN A 46 -2.75 -3.57 -17.19
N SER A 47 -2.38 -2.94 -16.08
CA SER A 47 -1.68 -1.66 -16.15
C SER A 47 -1.40 -1.14 -14.74
N VAL A 48 -0.51 -0.15 -14.67
CA VAL A 48 -0.15 0.47 -13.39
C VAL A 48 0.24 1.93 -13.62
N THR A 49 -0.27 2.81 -12.77
CA THR A 49 0.01 4.25 -12.88
C THR A 49 0.47 4.81 -11.55
N GLU A 50 1.74 5.19 -11.47
CA GLU A 50 2.30 5.75 -10.26
C GLU A 50 1.99 7.24 -10.15
N ILE A 51 1.70 7.69 -8.93
CA ILE A 51 1.39 9.09 -8.68
C ILE A 51 1.98 9.50 -7.33
N THR A 52 2.24 10.79 -7.17
CA THR A 52 2.81 11.31 -5.94
C THR A 52 2.36 12.76 -5.77
N GLU A 53 1.51 12.99 -4.78
CA GLU A 53 0.96 14.32 -4.52
C GLU A 53 2.03 15.33 -4.10
N SER A 54 2.25 16.35 -4.93
CA SER A 54 3.21 17.40 -4.64
C SER A 54 4.64 16.91 -4.81
N GLU A 55 4.91 15.72 -4.28
CA GLU A 55 6.26 15.16 -4.41
C GLU A 55 6.60 15.05 -5.90
N SER A 56 5.58 14.79 -6.71
CA SER A 56 5.75 14.67 -8.16
C SER A 56 7.05 13.92 -8.52
N ASP A 57 8.05 14.66 -8.99
CA ASP A 57 9.33 14.06 -9.36
C ASP A 57 10.46 15.10 -9.41
N PRO A 58 10.20 16.34 -9.88
CA PRO A 58 11.25 17.37 -9.94
C PRO A 58 11.45 18.03 -8.57
N ASP A 59 10.78 19.18 -8.33
CA ASP A 59 10.89 19.85 -7.04
C ASP A 59 9.99 21.08 -6.93
N PRO A 60 8.67 20.99 -7.24
CA PRO A 60 7.75 22.12 -7.13
C PRO A 60 6.98 22.09 -5.81
N GLU A 61 6.30 20.95 -5.58
CA GLU A 61 5.50 20.77 -4.38
C GLU A 61 4.36 21.79 -4.34
N VAL A 62 3.49 21.72 -5.35
CA VAL A 62 2.35 22.64 -5.46
C VAL A 62 2.83 24.03 -5.89
N GLU A 63 4.09 24.35 -5.57
CA GLU A 63 4.65 25.65 -5.92
C GLU A 63 3.92 26.77 -5.20
N SER A 64 3.98 26.75 -3.86
CA SER A 64 3.32 27.76 -3.04
C SER A 64 4.24 28.96 -2.83
N GLU A 65 4.35 29.81 -3.84
CA GLU A 65 5.20 31.00 -3.76
C GLU A 65 4.50 32.09 -2.96
N ASP A 66 4.11 31.76 -1.73
CA ASP A 66 3.43 32.73 -0.87
C ASP A 66 3.35 32.24 0.57
N ASP A 67 4.36 32.58 1.37
CA ASP A 67 4.39 32.18 2.76
C ASP A 67 3.49 33.09 3.60
N SER A 68 3.23 32.68 4.84
CA SER A 68 2.38 33.48 5.73
C SER A 68 2.39 32.88 7.13
N THR A 69 2.20 31.55 7.20
CA THR A 69 2.18 30.86 8.48
C THR A 69 2.13 29.35 8.25
N SER A 70 1.35 28.94 7.26
CA SER A 70 1.19 27.52 6.94
C SER A 70 2.55 26.82 6.88
N VAL A 71 2.61 25.62 7.46
CA VAL A 71 3.83 24.82 7.46
C VAL A 71 3.46 23.35 7.70
N GLU A 72 2.30 22.95 7.18
CA GLU A 72 1.82 21.59 7.35
C GLU A 72 2.81 20.56 6.77
N ASP A 73 3.48 20.94 5.68
CA ASP A 73 4.43 20.06 5.01
C ASP A 73 5.18 19.15 5.99
N VAL A 74 6.40 19.55 6.35
CA VAL A 74 7.21 18.77 7.26
C VAL A 74 7.43 17.35 6.74
N ASP A 75 6.42 16.50 6.93
CA ASP A 75 6.50 15.11 6.47
C ASP A 75 6.30 15.05 4.95
N PRO A 76 6.91 14.05 4.26
CA PRO A 76 6.78 13.92 2.80
C PRO A 76 5.35 13.50 2.40
N PRO A 77 4.83 13.93 1.22
CA PRO A 77 3.46 13.56 0.79
C PRO A 77 3.23 12.03 0.74
N THR A 78 2.39 11.59 -0.20
CA THR A 78 2.06 10.16 -0.34
C THR A 78 2.18 9.69 -1.79
N THR A 79 2.51 8.41 -1.97
CA THR A 79 2.65 7.81 -3.30
C THR A 79 1.66 6.65 -3.43
N TYR A 80 0.87 6.65 -4.49
CA TYR A 80 -0.14 5.61 -4.71
C TYR A 80 0.01 4.99 -6.11
N TYR A 81 -0.44 3.74 -6.24
CA TYR A 81 -0.37 3.01 -7.52
C TYR A 81 -1.73 2.42 -7.86
N SER A 82 -2.12 2.54 -9.13
CA SER A 82 -3.41 2.01 -9.60
C SER A 82 -3.18 0.74 -10.40
N ILE A 83 -2.72 -0.31 -9.73
CA ILE A 83 -2.45 -1.58 -10.39
C ILE A 83 -3.76 -2.29 -10.76
N ILE A 84 -4.15 -2.15 -12.03
CA ILE A 84 -5.37 -2.80 -12.51
C ILE A 84 -5.06 -4.21 -12.99
N GLY A 85 -6.00 -5.12 -12.79
CA GLY A 85 -5.79 -6.51 -13.20
C GLY A 85 -6.68 -7.47 -12.46
N GLY A 86 -6.84 -8.67 -13.01
CA GLY A 86 -7.67 -9.68 -12.38
C GLY A 86 -9.11 -9.23 -12.24
N GLY A 87 -9.53 -8.34 -13.12
CA GLY A 87 -10.89 -7.84 -13.09
C GLY A 87 -11.13 -6.95 -11.87
N LEU A 88 -10.05 -6.61 -11.19
CA LEU A 88 -10.12 -5.75 -9.99
C LEU A 88 -9.04 -4.68 -10.05
N ARG A 89 -9.21 -3.64 -9.24
CA ARG A 89 -8.25 -2.53 -9.17
C ARG A 89 -7.88 -2.27 -7.72
N MET A 90 -6.62 -2.54 -7.37
CA MET A 90 -6.15 -2.35 -5.99
C MET A 90 -5.34 -1.05 -5.88
N ASN A 91 -5.94 -0.05 -5.25
CA ASN A 91 -5.27 1.25 -5.08
C ASN A 91 -4.44 1.28 -3.81
N PHE A 92 -3.18 1.67 -3.94
CA PHE A 92 -2.25 1.76 -2.81
C PHE A 92 -2.21 3.20 -2.29
N GLY A 93 -1.17 3.52 -1.51
CA GLY A 93 -1.02 4.87 -0.96
C GLY A 93 -0.16 4.88 0.28
N PHE A 94 1.15 4.64 0.13
CA PHE A 94 2.05 4.61 1.28
C PHE A 94 2.61 6.00 1.57
N THR A 95 3.02 6.21 2.81
CA THR A 95 3.59 7.48 3.26
C THR A 95 4.74 7.24 4.22
N LYS A 96 5.90 7.82 3.90
CA LYS A 96 7.09 7.67 4.73
C LYS A 96 7.54 6.21 4.82
N CYS A 97 7.36 5.48 3.71
CA CYS A 97 7.77 4.06 3.65
C CYS A 97 8.77 3.86 2.51
N PRO A 98 9.76 2.95 2.63
CA PRO A 98 10.74 2.71 1.57
C PRO A 98 10.10 2.75 0.18
N GLN A 99 10.88 3.19 -0.81
CA GLN A 99 10.37 3.26 -2.18
C GLN A 99 10.06 1.88 -2.71
N ILE A 100 9.01 1.77 -3.53
CA ILE A 100 8.61 0.49 -4.12
C ILE A 100 8.94 0.49 -5.60
N LYS A 101 9.83 -0.42 -6.02
CA LYS A 101 10.24 -0.53 -7.42
C LYS A 101 9.91 -1.90 -7.98
N SER A 102 9.30 -2.76 -7.17
CA SER A 102 8.92 -4.11 -7.59
C SER A 102 7.41 -4.27 -7.58
N ILE A 103 6.84 -4.54 -8.77
CA ILE A 103 5.38 -4.72 -8.90
C ILE A 103 5.12 -5.99 -9.74
N SER A 104 4.40 -6.95 -9.17
CA SER A 104 4.07 -8.19 -9.87
C SER A 104 2.69 -8.69 -9.49
N GLU A 105 2.11 -9.53 -10.34
CA GLU A 105 0.77 -10.08 -10.09
C GLU A 105 0.64 -11.49 -10.69
N SER A 106 -0.43 -12.18 -10.32
CA SER A 106 -0.68 -13.53 -10.82
C SER A 106 -2.14 -13.92 -10.60
N ALA A 107 -2.60 -14.91 -11.35
CA ALA A 107 -3.99 -15.39 -11.24
C ALA A 107 -4.02 -16.92 -11.16
N ASP A 108 -4.72 -17.41 -10.13
CA ASP A 108 -4.86 -18.85 -9.93
C ASP A 108 -6.26 -19.17 -9.42
N GLY A 109 -7.08 -19.76 -10.29
CA GLY A 109 -8.44 -20.08 -9.92
C GLY A 109 -9.31 -18.84 -9.87
N ASN A 110 -10.11 -18.73 -8.80
CA ASN A 110 -10.99 -17.58 -8.61
C ASN A 110 -10.33 -16.55 -7.71
N THR A 111 -9.00 -16.59 -7.63
CA THR A 111 -8.24 -15.66 -6.79
C THR A 111 -7.11 -15.03 -7.58
N VAL A 112 -6.63 -13.88 -7.09
CA VAL A 112 -5.53 -13.17 -7.74
C VAL A 112 -4.64 -12.54 -6.69
N ASN A 113 -3.32 -12.62 -6.92
CA ASN A 113 -2.34 -12.08 -5.97
C ASN A 113 -1.68 -10.81 -6.50
N ALA A 114 -0.91 -10.16 -5.63
CA ALA A 114 -0.20 -8.95 -5.99
C ALA A 114 0.91 -8.69 -4.98
N ARG A 115 2.15 -8.64 -5.45
CA ARG A 115 3.31 -8.40 -4.58
C ARG A 115 3.97 -7.07 -4.90
N LEU A 116 3.92 -6.15 -3.93
CA LEU A 116 4.54 -4.83 -4.08
C LEU A 116 5.64 -4.72 -3.03
N SER A 117 6.85 -4.38 -3.45
CA SER A 117 7.96 -4.29 -2.51
C SER A 117 9.14 -3.52 -3.10
N SER A 118 10.17 -3.33 -2.27
CA SER A 118 11.39 -2.63 -2.69
C SER A 118 12.40 -3.65 -3.18
N VAL A 119 13.44 -3.16 -3.85
CA VAL A 119 14.49 -4.03 -4.38
C VAL A 119 15.64 -4.18 -3.39
N SER A 120 16.24 -5.36 -3.37
CA SER A 120 17.37 -5.63 -2.48
C SER A 120 18.68 -5.27 -3.19
N PRO A 121 19.73 -4.84 -2.44
CA PRO A 121 21.01 -4.48 -3.06
C PRO A 121 21.40 -5.43 -4.19
N GLY A 122 22.33 -4.99 -5.04
CA GLY A 122 22.78 -5.81 -6.15
C GLY A 122 21.62 -6.39 -6.93
N GLN A 123 20.90 -5.53 -7.65
CA GLN A 123 19.76 -5.98 -8.46
C GLN A 123 19.75 -5.22 -9.79
N GLY A 124 19.93 -3.91 -9.71
CA GLY A 124 19.95 -3.07 -10.91
C GLY A 124 19.25 -1.74 -10.69
N LYS A 125 18.59 -1.61 -9.53
CA LYS A 125 17.86 -0.38 -9.19
C LYS A 125 18.49 0.24 -7.94
N ASP A 126 17.90 1.34 -7.47
CA ASP A 126 18.41 2.03 -6.28
C ASP A 126 18.17 1.20 -5.01
N SER A 127 18.78 1.66 -3.91
CA SER A 127 18.64 0.98 -2.63
C SER A 127 19.08 1.91 -1.49
N PRO A 128 18.39 3.05 -1.34
CA PRO A 128 18.72 4.04 -0.29
C PRO A 128 19.05 3.42 1.07
N ALA A 129 20.24 3.76 1.59
CA ALA A 129 20.68 3.27 2.90
C ALA A 129 20.37 4.32 3.96
N ILE A 130 20.12 3.88 5.19
CA ILE A 130 19.81 4.82 6.28
C ILE A 130 20.28 4.27 7.63
N THR A 131 20.36 5.15 8.63
CA THR A 131 20.80 4.77 9.96
C THR A 131 19.67 4.11 10.74
N HIS A 132 19.98 3.68 11.95
CA HIS A 132 18.99 3.04 12.80
C HIS A 132 17.97 4.06 13.31
N GLU A 133 18.42 5.28 13.56
CA GLU A 133 17.54 6.32 14.06
C GLU A 133 16.51 6.71 13.00
N GLU A 134 16.95 6.87 11.77
CA GLU A 134 16.05 7.24 10.68
C GLU A 134 15.12 6.08 10.36
N ALA A 135 15.62 4.86 10.57
CA ALA A 135 14.83 3.67 10.30
C ALA A 135 13.73 3.53 11.36
N LEU A 136 14.13 3.49 12.62
CA LEU A 136 13.18 3.36 13.72
C LEU A 136 12.09 4.43 13.60
N ALA A 137 12.47 5.59 13.08
CA ALA A 137 11.52 6.68 12.91
C ALA A 137 10.52 6.36 11.80
N MET A 138 11.03 5.84 10.68
CA MET A 138 10.17 5.49 9.56
C MET A 138 9.19 4.39 9.95
N ILE A 139 9.71 3.26 10.41
CA ILE A 139 8.87 2.14 10.79
C ILE A 139 7.68 2.57 11.65
N LYS A 140 7.80 3.73 12.30
CA LYS A 140 6.73 4.23 13.17
C LYS A 140 5.70 5.04 12.39
N ASP A 141 6.16 5.89 11.47
CA ASP A 141 5.26 6.73 10.68
C ASP A 141 4.72 6.00 9.45
N CYS A 142 5.49 5.05 8.94
CA CYS A 142 5.08 4.31 7.75
C CYS A 142 3.65 3.81 7.88
N GLU A 143 2.78 4.25 6.97
CA GLU A 143 1.36 3.84 6.98
C GLU A 143 0.89 3.57 5.55
N VAL A 144 0.35 2.37 5.34
CA VAL A 144 -0.15 1.97 4.02
C VAL A 144 -1.66 2.23 3.92
N SER A 145 -2.16 2.23 2.69
CA SER A 145 -3.58 2.45 2.43
C SER A 145 -4.04 1.51 1.33
N ILE A 146 -5.29 1.03 1.42
CA ILE A 146 -5.83 0.10 0.44
C ILE A 146 -7.30 0.43 0.15
N ASP A 147 -7.69 0.28 -1.11
CA ASP A 147 -9.06 0.55 -1.53
C ASP A 147 -9.38 -0.19 -2.82
N ILE A 148 -9.62 -1.49 -2.71
CA ILE A 148 -9.91 -2.30 -3.89
C ILE A 148 -11.35 -2.05 -4.36
N ARG A 149 -11.57 -2.23 -5.67
CA ARG A 149 -12.88 -2.01 -6.26
C ARG A 149 -13.23 -3.16 -7.20
N CYS A 150 -14.00 -2.85 -8.24
CA CYS A 150 -14.42 -3.85 -9.23
C CYS A 150 -14.21 -3.32 -10.65
N SER A 151 -13.22 -3.87 -11.35
CA SER A 151 -12.92 -3.42 -12.72
C SER A 151 -13.58 -4.35 -13.74
N GLU A 152 -13.49 -3.96 -15.01
CA GLU A 152 -14.06 -4.76 -16.10
C GLU A 152 -13.22 -4.60 -17.36
N GLU A 153 -12.04 -4.00 -17.20
CA GLU A 153 -11.14 -3.78 -18.33
C GLU A 153 -10.66 -5.11 -18.90
N GLU A 154 -11.22 -5.49 -20.04
CA GLU A 154 -10.84 -6.75 -20.70
C GLU A 154 -9.54 -6.59 -21.48
N LYS A 155 -8.95 -5.40 -21.42
CA LYS A 155 -7.72 -5.13 -22.15
C LYS A 155 -6.66 -6.19 -21.81
N ASP A 156 -5.78 -6.47 -22.76
CA ASP A 156 -4.73 -7.47 -22.57
C ASP A 156 -3.80 -7.08 -21.42
N SER A 157 -2.91 -8.01 -21.05
CA SER A 157 -1.96 -7.77 -19.97
C SER A 157 -0.61 -7.35 -20.51
N ASP A 158 0.11 -6.54 -19.73
CA ASP A 158 1.44 -6.05 -20.11
C ASP A 158 2.46 -6.47 -19.06
N ILE A 159 3.11 -7.62 -19.30
CA ILE A 159 4.11 -8.15 -18.36
C ILE A 159 5.51 -8.07 -18.96
N LYS A 160 6.51 -8.49 -18.19
CA LYS A 160 7.92 -8.48 -18.62
C LYS A 160 8.59 -9.79 -18.24
N THR A 161 9.18 -10.46 -19.24
CA THR A 161 9.85 -11.74 -19.00
C THR A 161 10.95 -11.60 -17.95
N HIS A 162 11.16 -10.39 -17.46
CA HIS A 162 12.18 -10.15 -16.45
C HIS A 162 11.71 -10.67 -15.07
N PRO A 163 12.38 -11.68 -14.47
CA PRO A 163 11.98 -12.21 -13.16
C PRO A 163 11.55 -11.10 -12.20
N VAL A 164 10.80 -11.46 -11.17
CA VAL A 164 10.33 -10.48 -10.19
C VAL A 164 11.43 -10.18 -9.17
N LEU A 165 11.69 -8.90 -8.95
CA LEU A 165 12.72 -8.47 -8.00
C LEU A 165 12.18 -8.54 -6.58
N GLY A 166 12.84 -9.34 -5.74
CA GLY A 166 12.43 -9.50 -4.34
C GLY A 166 13.19 -8.58 -3.40
N SER A 167 12.62 -8.36 -2.21
CA SER A 167 13.24 -7.51 -1.20
C SER A 167 14.12 -8.35 -0.28
N ASN A 168 14.29 -9.62 -0.65
CA ASN A 168 15.11 -10.54 0.13
C ASN A 168 14.59 -10.69 1.56
N ILE A 169 13.52 -9.96 1.88
CA ILE A 169 12.93 -10.03 3.22
C ILE A 169 11.86 -11.12 3.25
N SER A 170 11.77 -11.85 4.36
CA SER A 170 10.79 -12.92 4.49
C SER A 170 9.49 -12.36 5.05
N HIS A 171 8.52 -13.24 5.29
CA HIS A 171 7.21 -12.84 5.83
C HIS A 171 6.92 -13.62 7.12
N LYS A 172 7.99 -14.08 7.77
CA LYS A 172 7.85 -14.84 9.01
C LYS A 172 7.11 -14.01 10.06
N LYS A 173 7.14 -14.48 11.31
CA LYS A 173 6.47 -13.78 12.42
C LYS A 173 7.48 -12.99 13.24
N VAL A 174 7.24 -11.68 13.37
CA VAL A 174 8.13 -10.81 14.13
C VAL A 174 7.31 -9.79 14.92
N SER A 175 7.99 -8.79 15.49
CA SER A 175 7.32 -7.77 16.27
C SER A 175 6.12 -7.20 15.50
N TYR A 176 5.08 -6.80 16.23
CA TYR A 176 3.86 -6.25 15.63
C TYR A 176 3.87 -4.72 15.63
N GLU A 177 3.54 -4.12 14.49
CA GLU A 177 3.49 -2.66 14.37
C GLU A 177 2.33 -2.27 13.46
N ASP A 178 1.53 -1.30 13.90
CA ASP A 178 0.37 -0.87 13.12
C ASP A 178 0.80 -0.04 11.91
N ILE A 179 0.86 -0.70 10.74
CA ILE A 179 1.22 -0.02 9.49
C ILE A 179 0.00 0.12 8.58
N ILE A 180 -0.70 -0.99 8.35
CA ILE A 180 -1.89 -0.97 7.51
C ILE A 180 -2.91 0.05 8.03
N GLY A 181 -3.16 1.07 7.23
CA GLY A 181 -4.13 2.10 7.59
C GLY A 181 -5.54 1.67 7.29
N SER A 182 -6.25 2.46 6.50
CA SER A 182 -7.63 2.14 6.14
C SER A 182 -7.67 1.03 5.10
N THR A 183 -8.73 0.21 5.15
CA THR A 183 -8.89 -0.90 4.21
C THR A 183 -10.35 -1.06 3.79
N ILE A 184 -10.75 -0.32 2.76
CA ILE A 184 -12.14 -0.40 2.27
C ILE A 184 -12.20 -1.31 1.05
N VAL A 185 -13.20 -2.18 1.01
CA VAL A 185 -13.34 -3.13 -0.10
C VAL A 185 -14.81 -3.38 -0.46
N ASP A 186 -15.12 -3.26 -1.75
CA ASP A 186 -16.48 -3.51 -2.22
C ASP A 186 -16.67 -5.01 -2.38
N THR A 187 -17.11 -5.67 -1.31
CA THR A 187 -17.29 -7.12 -1.32
C THR A 187 -18.01 -7.54 -2.59
N LYS A 188 -18.81 -6.65 -3.16
CA LYS A 188 -19.53 -6.94 -4.39
C LYS A 188 -18.60 -7.62 -5.41
N CYS A 189 -17.27 -7.52 -5.19
CA CYS A 189 -16.30 -8.13 -6.10
C CYS A 189 -15.08 -8.68 -5.36
N VAL A 190 -15.24 -9.01 -4.09
CA VAL A 190 -14.14 -9.58 -3.30
C VAL A 190 -14.67 -10.23 -2.02
N LYS A 191 -14.71 -11.56 -2.03
CA LYS A 191 -15.21 -12.33 -0.89
C LYS A 191 -14.23 -12.29 0.28
N ASN A 192 -12.98 -12.72 0.04
CA ASN A 192 -11.95 -12.74 1.08
C ASN A 192 -10.72 -11.97 0.61
N LEU A 193 -10.09 -11.22 1.53
CA LEU A 193 -8.90 -10.44 1.18
C LEU A 193 -7.92 -10.39 2.36
N GLU A 194 -6.82 -11.12 2.23
CA GLU A 194 -5.79 -11.16 3.28
C GLU A 194 -4.72 -10.11 2.99
N PHE A 195 -4.08 -9.61 4.05
CA PHE A 195 -3.02 -8.60 3.90
C PHE A 195 -1.88 -8.88 4.88
N SER A 196 -0.65 -8.73 4.40
CA SER A 196 0.54 -8.93 5.23
C SER A 196 1.61 -7.93 4.83
N VAL A 197 2.27 -7.32 5.82
CA VAL A 197 3.32 -6.33 5.56
C VAL A 197 4.52 -6.62 6.46
N ARG A 198 5.68 -6.11 6.09
CA ARG A 198 6.88 -6.32 6.88
C ARG A 198 8.03 -5.47 6.36
N ILE A 199 8.46 -4.51 7.18
CA ILE A 199 9.58 -3.63 6.82
C ILE A 199 10.82 -4.01 7.62
N GLY A 200 11.93 -4.20 6.92
CA GLY A 200 13.18 -4.57 7.57
C GLY A 200 14.34 -4.58 6.60
N ASP A 201 15.55 -4.66 7.14
CA ASP A 201 16.75 -4.67 6.31
C ASP A 201 16.67 -5.76 5.25
N MET A 202 16.79 -5.37 3.98
CA MET A 202 16.72 -6.31 2.87
C MET A 202 18.07 -6.98 2.66
N CYS A 203 19.03 -6.69 3.54
CA CYS A 203 20.37 -7.29 3.45
C CYS A 203 20.55 -8.32 4.55
N LYS A 204 20.17 -7.96 5.77
CA LYS A 204 20.29 -8.86 6.91
C LYS A 204 19.38 -8.41 8.05
N GLU A 205 18.41 -9.24 8.41
CA GLU A 205 17.48 -8.91 9.50
C GLU A 205 18.24 -8.31 10.68
N SER A 206 17.52 -7.53 11.51
CA SER A 206 18.13 -6.90 12.68
C SER A 206 17.17 -6.92 13.86
N SER A 207 16.15 -7.78 13.77
CA SER A 207 15.16 -7.93 14.84
C SER A 207 14.47 -6.60 15.16
N GLU A 208 15.17 -5.71 15.84
CA GLU A 208 14.60 -4.42 16.23
C GLU A 208 13.94 -3.73 15.04
N LEU A 209 14.67 -3.55 13.95
CA LEU A 209 14.15 -2.89 12.77
C LEU A 209 13.18 -3.80 12.01
N GLU A 210 12.91 -4.98 12.57
CA GLU A 210 12.00 -5.95 11.93
C GLU A 210 10.64 -5.96 12.63
N VAL A 211 9.58 -5.73 11.85
CA VAL A 211 8.22 -5.74 12.39
C VAL A 211 7.25 -6.26 11.33
N LYS A 212 5.96 -6.33 11.65
CA LYS A 212 4.99 -6.83 10.68
C LYS A 212 3.56 -6.58 11.14
N ASP A 213 2.63 -6.76 10.20
CA ASP A 213 1.20 -6.58 10.47
C ASP A 213 0.41 -7.39 9.44
N GLY A 214 -0.90 -7.45 9.62
CA GLY A 214 -1.75 -8.18 8.69
C GLY A 214 -3.06 -8.61 9.31
N PHE A 215 -4.12 -8.57 8.51
CA PHE A 215 -5.46 -8.96 8.96
C PHE A 215 -5.97 -10.10 8.09
N LYS A 216 -7.18 -10.59 8.38
CA LYS A 216 -7.77 -11.68 7.62
C LYS A 216 -9.25 -11.41 7.37
N TYR A 217 -9.56 -11.02 6.13
CA TYR A 217 -10.95 -10.72 5.73
C TYR A 217 -11.55 -11.93 5.03
N VAL A 218 -12.61 -12.49 5.61
CA VAL A 218 -13.28 -13.67 5.02
C VAL A 218 -14.79 -13.52 5.10
N ASP A 219 -15.40 -13.15 3.98
CA ASP A 219 -16.84 -12.99 3.92
C ASP A 219 -17.33 -12.06 5.02
N GLY A 220 -16.73 -10.87 5.10
CA GLY A 220 -17.12 -9.89 6.11
C GLY A 220 -16.44 -10.11 7.44
N SER A 221 -15.83 -11.29 7.62
CA SER A 221 -15.15 -11.62 8.86
C SER A 221 -13.71 -11.11 8.87
N ALA A 222 -13.48 -10.04 9.65
CA ALA A 222 -12.14 -9.45 9.78
C ALA A 222 -11.53 -9.86 11.12
N SER A 223 -10.23 -10.09 11.14
CA SER A 223 -9.57 -10.48 12.39
C SER A 223 -8.06 -10.33 12.30
N LYS A 224 -7.49 -9.68 13.31
CA LYS A 224 -6.05 -9.48 13.37
C LYS A 224 -5.38 -10.74 13.94
N GLY A 225 -4.23 -11.10 13.39
CA GLY A 225 -3.55 -12.28 13.86
C GLY A 225 -2.22 -12.51 13.15
N ALA A 226 -1.13 -12.33 13.88
CA ALA A 226 0.19 -12.52 13.30
C ALA A 226 0.41 -13.99 13.00
N THR A 227 0.81 -14.29 11.77
CA THR A 227 1.05 -15.68 11.36
C THR A 227 2.11 -15.73 10.27
N ASP A 228 2.70 -16.91 10.09
CA ASP A 228 3.74 -17.09 9.08
C ASP A 228 3.15 -16.94 7.67
N ASP A 229 3.26 -15.74 7.12
CA ASP A 229 2.75 -15.46 5.78
C ASP A 229 3.81 -15.79 4.73
N THR A 230 4.69 -16.73 5.07
CA THR A 230 5.75 -17.13 4.16
C THR A 230 5.20 -17.85 2.93
N SER A 231 4.06 -18.53 3.11
CA SER A 231 3.43 -19.29 2.01
C SER A 231 2.05 -18.71 1.65
N LEU A 232 1.67 -17.59 2.26
CA LEU A 232 0.37 -16.99 2.00
C LEU A 232 0.06 -17.02 0.50
N ILE A 233 1.11 -17.00 -0.32
CA ILE A 233 0.96 -17.06 -1.78
C ILE A 233 2.23 -17.59 -2.43
N ASP A 234 2.07 -18.23 -3.59
CA ASP A 234 3.22 -18.78 -4.30
C ASP A 234 3.99 -17.66 -5.00
N SER A 235 5.08 -17.22 -4.37
CA SER A 235 5.90 -16.15 -4.92
C SER A 235 6.54 -16.57 -6.25
N THR A 236 6.43 -17.85 -6.58
CA THR A 236 7.03 -18.37 -7.81
C THR A 236 6.13 -18.13 -9.02
N LYS A 237 4.87 -17.75 -8.78
CA LYS A 237 3.92 -17.49 -9.88
C LYS A 237 3.74 -16.00 -10.14
N LEU A 238 4.56 -15.19 -9.48
CA LEU A 238 4.47 -13.73 -9.64
C LEU A 238 5.20 -13.28 -10.90
N LYS A 239 4.53 -12.44 -11.70
CA LYS A 239 5.10 -11.90 -12.94
C LYS A 239 5.09 -10.37 -12.88
N ALA A 240 6.19 -9.75 -13.28
CA ALA A 240 6.28 -8.29 -13.27
C ALA A 240 5.31 -7.67 -14.26
N CYS A 241 4.48 -6.73 -13.78
CA CYS A 241 3.50 -6.06 -14.64
C CYS A 241 4.12 -4.83 -15.30
N VAL A 242 5.37 -4.53 -14.94
CA VAL A 242 6.08 -3.36 -15.49
C VAL A 242 5.17 -2.14 -15.56
N ALA B 1 -38.53 -1.47 -8.60
CA ALA B 1 -37.08 -1.64 -8.44
C ALA B 1 -36.78 -2.45 -7.19
N PRO B 2 -37.17 -3.74 -7.17
CA PRO B 2 -36.93 -4.62 -6.02
C PRO B 2 -35.51 -4.49 -5.46
N MET B 3 -35.42 -4.12 -4.18
CA MET B 3 -34.12 -3.96 -3.55
C MET B 3 -33.36 -5.29 -3.52
N GLY B 4 -32.04 -5.21 -3.45
CA GLY B 4 -31.22 -6.41 -3.42
C GLY B 4 -31.43 -7.21 -2.15
N SER B 5 -31.05 -8.48 -2.20
CA SER B 5 -31.21 -9.37 -1.05
C SER B 5 -30.53 -8.76 0.19
N ASP B 6 -29.26 -9.11 0.40
CA ASP B 6 -28.51 -8.60 1.54
C ASP B 6 -27.13 -8.11 1.10
N PRO B 7 -27.08 -7.01 0.33
CA PRO B 7 -25.83 -6.43 -0.17
C PRO B 7 -24.73 -6.43 0.92
N PRO B 8 -23.55 -7.03 0.66
CA PRO B 8 -22.46 -7.08 1.64
C PRO B 8 -22.35 -5.85 2.54
N THR B 9 -21.43 -4.92 2.22
CA THR B 9 -21.22 -3.73 3.03
C THR B 9 -19.88 -3.10 2.67
N ALA B 10 -19.67 -1.85 3.08
CA ALA B 10 -18.42 -1.14 2.82
C ALA B 10 -18.05 -0.29 4.04
N CYS B 11 -17.93 -0.93 5.20
CA CYS B 11 -17.59 -0.23 6.45
C CYS B 11 -16.09 -0.31 6.73
N CYS B 12 -15.59 0.67 7.48
CA CYS B 12 -14.16 0.73 7.83
C CYS B 12 -13.79 -0.34 8.83
N PHE B 13 -12.56 -0.84 8.71
CA PHE B 13 -12.02 -1.85 9.63
C PHE B 13 -10.84 -1.28 10.37
N SER B 14 -10.21 -0.28 9.77
CA SER B 14 -9.03 0.36 10.37
C SER B 14 -8.91 1.82 9.95
N TYR B 15 -8.25 2.62 10.79
CA TYR B 15 -8.07 4.06 10.54
C TYR B 15 -6.59 4.39 10.32
N THR B 16 -6.34 5.48 9.59
CA THR B 16 -4.97 5.92 9.34
C THR B 16 -4.39 6.58 10.58
N ALA B 17 -3.12 6.31 10.88
CA ALA B 17 -2.48 6.88 12.07
C ALA B 17 -2.01 8.30 11.80
N ARG B 18 -1.85 8.66 10.52
CA ARG B 18 -1.39 10.00 10.16
C ARG B 18 -2.53 10.83 9.60
N LYS B 19 -2.71 12.03 10.15
CA LYS B 19 -3.77 12.95 9.69
C LYS B 19 -3.25 13.75 8.50
N LEU B 20 -3.85 13.52 7.34
CA LEU B 20 -3.43 14.22 6.12
C LEU B 20 -3.91 15.68 6.12
N PRO B 21 -3.00 16.69 6.16
CA PRO B 21 -3.39 18.11 6.16
C PRO B 21 -4.50 18.40 5.16
N ARG B 22 -5.27 19.45 5.45
CA ARG B 22 -6.38 19.85 4.59
C ARG B 22 -5.98 19.85 3.12
N ASN B 23 -4.86 20.51 2.80
CA ASN B 23 -4.38 20.61 1.42
C ASN B 23 -4.59 19.33 0.61
N PHE B 24 -4.46 18.17 1.26
CA PHE B 24 -4.63 16.89 0.55
C PHE B 24 -5.98 16.25 0.95
N VAL B 25 -7.01 17.10 1.10
CA VAL B 25 -8.36 16.65 1.47
C VAL B 25 -9.39 17.65 0.93
N VAL B 26 -9.99 17.33 -0.22
CA VAL B 26 -10.98 18.23 -0.85
C VAL B 26 -12.42 17.77 -0.64
N ASP B 27 -12.64 16.53 -0.19
CA ASP B 27 -14.00 16.04 0.03
C ASP B 27 -14.02 14.90 1.03
N TYR B 28 -15.21 14.36 1.31
CA TYR B 28 -15.34 13.27 2.26
C TYR B 28 -16.71 12.59 2.17
N TYR B 29 -16.82 11.44 2.86
CA TYR B 29 -18.08 10.68 2.88
C TYR B 29 -18.08 9.76 4.10
N GLU B 30 -19.28 9.42 4.60
CA GLU B 30 -19.40 8.55 5.77
C GLU B 30 -19.65 7.10 5.37
N THR B 31 -19.13 6.17 6.18
CA THR B 31 -19.29 4.75 5.91
C THR B 31 -20.77 4.38 5.70
N SER B 32 -21.33 3.64 6.66
CA SER B 32 -22.74 3.22 6.57
C SER B 32 -23.34 3.05 7.96
N SER B 33 -24.24 2.08 8.11
CA SER B 33 -24.89 1.82 9.39
C SER B 33 -25.07 0.32 9.61
N LEU B 34 -25.06 -0.43 8.52
CA LEU B 34 -25.21 -1.88 8.61
C LEU B 34 -24.08 -2.47 9.46
N CYS B 35 -23.14 -1.61 9.85
CA CYS B 35 -22.00 -2.03 10.69
C CYS B 35 -22.05 -1.29 12.02
N SER B 36 -22.13 -2.04 13.10
CA SER B 36 -22.21 -1.44 14.43
C SER B 36 -20.86 -0.86 14.85
N GLN B 37 -20.15 -0.27 13.89
CA GLN B 37 -18.86 0.34 14.18
C GLN B 37 -18.43 1.18 12.98
N PRO B 38 -19.24 2.22 12.65
CA PRO B 38 -18.97 3.09 11.48
C PRO B 38 -17.76 4.00 11.69
N ALA B 39 -17.69 5.06 10.89
CA ALA B 39 -16.59 6.03 10.96
C ALA B 39 -16.69 7.03 9.83
N VAL B 40 -15.78 8.01 9.81
CA VAL B 40 -15.77 9.04 8.77
C VAL B 40 -14.64 8.76 7.79
N VAL B 41 -14.95 8.88 6.50
CA VAL B 41 -13.96 8.65 5.43
C VAL B 41 -13.70 9.94 4.68
N PHE B 42 -12.41 10.27 4.51
CA PHE B 42 -12.03 11.50 3.80
C PHE B 42 -11.38 11.19 2.46
N GLN B 43 -11.61 12.06 1.48
CA GLN B 43 -11.05 11.91 0.14
C GLN B 43 -9.74 12.70 0.09
N THR B 44 -8.95 12.52 -0.97
CA THR B 44 -7.68 13.24 -1.09
C THR B 44 -7.48 13.78 -2.51
N ALA B 45 -6.23 13.73 -2.96
CA ALA B 45 -5.87 14.23 -4.30
C ALA B 45 -5.18 13.16 -5.13
N ALA B 46 -4.29 12.39 -4.51
CA ALA B 46 -3.56 11.31 -5.20
C ALA B 46 -3.71 9.97 -4.49
N SER B 47 -4.95 9.60 -4.13
CA SER B 47 -5.19 8.33 -3.45
C SER B 47 -6.58 7.78 -3.76
N ALA B 48 -7.60 8.32 -3.07
CA ALA B 48 -9.00 7.89 -3.27
C ALA B 48 -9.81 8.19 -2.01
N GLN B 49 -9.85 7.22 -1.09
CA GLN B 49 -10.59 7.35 0.16
C GLN B 49 -9.82 6.67 1.28
N VAL B 50 -9.94 7.21 2.50
CA VAL B 50 -9.24 6.65 3.67
C VAL B 50 -10.05 6.90 4.94
N CYS B 51 -10.38 5.83 5.65
CA CYS B 51 -11.15 5.92 6.88
C CYS B 51 -10.43 6.78 7.92
N ALA B 52 -11.19 7.22 8.92
CA ALA B 52 -10.63 8.05 10.00
C ALA B 52 -11.47 7.90 11.25
N ASP B 53 -10.84 7.54 12.36
CA ASP B 53 -11.56 7.37 13.61
C ASP B 53 -12.13 8.72 14.06
N PRO B 54 -13.45 8.86 14.28
CA PRO B 54 -14.04 10.15 14.68
C PRO B 54 -13.70 10.47 16.14
N SER B 55 -12.97 9.57 16.78
CA SER B 55 -12.59 9.74 18.18
C SER B 55 -11.61 10.90 18.35
N GLU B 56 -11.02 11.37 17.25
CA GLU B 56 -10.06 12.47 17.31
C GLU B 56 -10.73 13.79 16.90
N SER B 57 -10.66 14.77 17.79
CA SER B 57 -11.27 16.08 17.54
C SER B 57 -10.86 16.65 16.18
N TRP B 58 -9.61 16.45 15.79
CA TRP B 58 -9.13 16.98 14.52
C TRP B 58 -10.00 16.47 13.36
N VAL B 59 -10.49 15.24 13.50
CA VAL B 59 -11.33 14.66 12.46
C VAL B 59 -12.70 15.34 12.46
N GLN B 60 -13.16 15.68 13.66
CA GLN B 60 -14.46 16.33 13.80
C GLN B 60 -14.39 17.76 13.28
N GLU B 61 -13.26 18.42 13.53
CA GLU B 61 -13.07 19.79 13.08
C GLU B 61 -12.90 19.83 11.56
N TYR B 62 -12.24 18.81 11.03
CA TYR B 62 -12.02 18.73 9.59
C TYR B 62 -13.36 18.58 8.86
N VAL B 63 -14.26 17.82 9.47
CA VAL B 63 -15.58 17.62 8.87
C VAL B 63 -16.40 18.90 8.96
N TYR B 64 -16.36 19.54 10.13
CA TYR B 64 -17.09 20.77 10.34
C TYR B 64 -16.62 21.84 9.35
N ASP B 65 -15.32 21.87 9.07
CA ASP B 65 -14.78 22.85 8.14
C ASP B 65 -15.28 22.59 6.73
N LEU B 66 -15.32 21.33 6.34
CA LEU B 66 -15.79 20.96 5.01
C LEU B 66 -17.30 21.19 4.89
N GLU B 67 -17.98 21.27 6.03
CA GLU B 67 -19.42 21.50 6.04
C GLU B 67 -19.73 22.95 5.66
N LEU B 68 -18.86 23.88 6.08
CA LEU B 68 -19.06 25.29 5.77
C LEU B 68 -18.68 25.57 4.31
N ASN B 69 -17.37 25.65 4.07
CA ASN B 69 -16.87 25.92 2.72
C ASN B 69 -16.92 24.65 1.87
N MET A 1 32.76 -8.46 -25.40
CA MET A 1 33.35 -7.33 -24.70
C MET A 1 32.32 -6.65 -23.82
N PRO A 2 31.82 -7.35 -22.78
CA PRO A 2 30.81 -6.81 -21.86
C PRO A 2 31.12 -5.37 -21.46
N ALA A 3 30.13 -4.68 -20.92
CA ALA A 3 30.30 -3.29 -20.50
C ALA A 3 31.42 -3.19 -19.46
N SER A 4 31.60 -1.99 -18.92
CA SER A 4 32.64 -1.76 -17.92
C SER A 4 32.42 -0.43 -17.21
N LEU A 5 33.45 0.03 -16.50
CA LEU A 5 33.36 1.30 -15.79
C LEU A 5 32.14 1.29 -14.86
N GLN A 6 32.37 1.00 -13.59
CA GLN A 6 31.29 0.97 -12.61
C GLN A 6 31.85 0.93 -11.19
N GLN A 7 31.29 1.77 -10.32
CA GLN A 7 31.72 1.83 -8.93
C GLN A 7 31.33 0.56 -8.19
N SER A 8 30.97 0.69 -6.93
CA SER A 8 30.57 -0.46 -6.12
C SER A 8 29.93 0.00 -4.82
N SER A 9 30.17 1.25 -4.45
CA SER A 9 29.62 1.80 -3.21
C SER A 9 28.14 2.15 -3.40
N SER A 10 27.75 2.38 -4.64
CA SER A 10 26.35 2.72 -4.93
C SER A 10 25.41 1.71 -4.28
N SER A 11 24.31 2.21 -3.75
CA SER A 11 23.32 1.34 -3.10
C SER A 11 22.71 0.37 -4.11
N SER A 12 22.78 0.74 -5.38
CA SER A 12 22.23 -0.11 -6.44
C SER A 12 23.17 -1.28 -6.74
N SER A 13 24.46 -1.09 -6.51
CA SER A 13 25.45 -2.12 -6.77
C SER A 13 25.45 -3.16 -5.64
N SER A 14 25.55 -2.68 -4.40
CA SER A 14 25.58 -3.57 -3.25
C SER A 14 25.24 -2.81 -1.97
N CYS A 15 25.09 -3.54 -0.87
CA CYS A 15 24.77 -2.93 0.41
C CYS A 15 25.98 -2.14 0.93
N THR A 16 25.70 -1.08 1.70
CA THR A 16 26.77 -0.24 2.23
C THR A 16 27.64 -1.05 3.19
N GLU A 17 28.76 -0.44 3.60
CA GLU A 17 29.70 -1.09 4.52
C GLU A 17 29.72 -0.34 5.84
N GLU A 18 28.83 0.65 5.94
CA GLU A 18 28.73 1.46 7.15
C GLU A 18 28.33 0.58 8.33
N GLU A 19 27.90 1.19 9.42
CA GLU A 19 27.49 0.45 10.63
C GLU A 19 26.09 0.85 11.07
N ASN A 20 25.93 2.13 11.43
CA ASN A 20 24.63 2.63 11.88
C ASN A 20 23.73 2.99 10.70
N LYS A 21 23.81 2.23 9.62
CA LYS A 21 22.98 2.48 8.44
C LYS A 21 22.55 1.16 7.82
N HIS A 22 21.30 1.11 7.32
CA HIS A 22 20.77 -0.10 6.72
C HIS A 22 19.84 0.22 5.55
N HIS A 23 19.64 -0.76 4.67
CA HIS A 23 18.78 -0.59 3.51
C HIS A 23 17.34 -0.93 3.88
N MET A 24 16.64 0.02 4.49
CA MET A 24 15.27 -0.19 4.91
C MET A 24 14.35 -0.28 3.68
N GLY A 25 13.62 -1.40 3.59
CA GLY A 25 12.70 -1.64 2.47
C GLY A 25 11.34 -2.07 2.97
N ILE A 26 10.41 -2.30 2.04
CA ILE A 26 9.05 -2.71 2.40
C ILE A 26 8.58 -3.84 1.49
N ASP A 27 7.64 -4.63 2.00
CA ASP A 27 7.07 -5.74 1.25
C ASP A 27 5.61 -5.89 1.63
N VAL A 28 4.75 -6.14 0.64
CA VAL A 28 3.31 -6.27 0.90
C VAL A 28 2.70 -7.42 0.11
N ILE A 29 2.36 -8.49 0.81
CA ILE A 29 1.74 -9.66 0.21
C ILE A 29 0.22 -9.52 0.36
N ILE A 30 -0.53 -9.93 -0.66
CA ILE A 30 -2.00 -9.84 -0.59
C ILE A 30 -2.67 -10.86 -1.50
N LYS A 31 -3.42 -11.76 -0.86
CA LYS A 31 -4.17 -12.79 -1.58
C LYS A 31 -5.65 -12.41 -1.59
N VAL A 32 -6.24 -12.41 -2.78
CA VAL A 32 -7.66 -12.03 -2.93
C VAL A 32 -8.47 -13.10 -3.63
N THR A 33 -9.44 -13.66 -2.91
CA THR A 33 -10.34 -14.68 -3.47
C THR A 33 -11.61 -13.99 -3.93
N LYS A 34 -12.06 -14.30 -5.14
CA LYS A 34 -13.28 -13.70 -5.68
C LYS A 34 -14.49 -14.60 -5.40
N GLN A 35 -15.68 -14.03 -5.52
CA GLN A 35 -16.90 -14.79 -5.29
C GLN A 35 -17.09 -15.85 -6.39
N ASP A 36 -17.85 -16.89 -6.09
CA ASP A 36 -18.09 -17.96 -7.04
C ASP A 36 -18.88 -17.44 -8.26
N GLN A 37 -19.59 -16.33 -8.07
CA GLN A 37 -20.39 -15.76 -9.15
C GLN A 37 -19.53 -14.87 -10.05
N THR A 38 -18.55 -14.20 -9.45
CA THR A 38 -17.65 -13.31 -10.19
C THR A 38 -17.17 -13.98 -11.49
N PRO A 39 -17.61 -13.50 -12.68
CA PRO A 39 -17.16 -14.09 -13.96
C PRO A 39 -15.66 -14.39 -13.96
N THR A 40 -15.25 -15.28 -14.86
CA THR A 40 -13.84 -15.66 -14.95
C THR A 40 -13.01 -14.51 -15.51
N ASN A 41 -11.84 -14.29 -14.93
CA ASN A 41 -10.94 -13.22 -15.36
C ASN A 41 -9.51 -13.52 -14.93
N ASP A 42 -8.69 -13.98 -15.88
CA ASP A 42 -7.29 -14.31 -15.59
C ASP A 42 -6.36 -13.21 -16.08
N LYS A 43 -6.90 -12.29 -16.88
CA LYS A 43 -6.10 -11.18 -17.40
C LYS A 43 -5.52 -10.37 -16.25
N ILE A 44 -4.40 -10.85 -15.70
CA ILE A 44 -3.73 -10.17 -14.60
C ILE A 44 -2.76 -9.12 -15.14
N CYS A 45 -2.45 -8.12 -14.33
CA CYS A 45 -1.54 -7.06 -14.74
C CYS A 45 -2.07 -6.39 -16.01
N GLN A 46 -3.25 -5.79 -15.90
CA GLN A 46 -3.86 -5.12 -17.04
C GLN A 46 -3.25 -3.72 -17.22
N SER A 47 -2.82 -3.13 -16.10
CA SER A 47 -2.21 -1.79 -16.14
C SER A 47 -1.61 -1.42 -14.78
N VAL A 48 -0.80 -0.36 -14.76
CA VAL A 48 -0.17 0.11 -13.53
C VAL A 48 0.02 1.63 -13.60
N THR A 49 -0.80 2.37 -12.84
CA THR A 49 -0.73 3.84 -12.84
C THR A 49 -0.12 4.36 -11.54
N GLU A 50 1.08 4.94 -11.65
CA GLU A 50 1.78 5.48 -10.48
C GLU A 50 1.39 6.95 -10.29
N ILE A 51 1.17 7.33 -9.02
CA ILE A 51 0.79 8.71 -8.67
C ILE A 51 1.52 9.13 -7.41
N THR A 52 1.78 10.42 -7.27
CA THR A 52 2.49 10.95 -6.10
C THR A 52 2.02 12.36 -5.80
N GLU A 53 1.83 12.65 -4.52
CA GLU A 53 1.40 13.98 -4.09
C GLU A 53 2.21 15.05 -4.83
N SER A 54 1.77 16.30 -4.70
CA SER A 54 2.47 17.41 -5.37
C SER A 54 3.97 17.36 -5.08
N GLU A 55 4.35 16.49 -4.14
CA GLU A 55 5.77 16.32 -3.74
C GLU A 55 6.72 16.59 -4.92
N SER A 56 7.11 17.86 -5.07
CA SER A 56 8.01 18.26 -6.15
C SER A 56 7.58 17.60 -7.47
N ASP A 57 6.35 17.90 -7.89
CA ASP A 57 5.82 17.33 -9.13
C ASP A 57 4.54 18.08 -9.51
N PRO A 58 4.02 17.88 -10.74
CA PRO A 58 2.79 18.54 -11.21
C PRO A 58 1.77 18.71 -10.09
N ASP A 59 1.60 19.95 -9.64
CA ASP A 59 0.66 20.25 -8.57
C ASP A 59 -0.78 20.29 -9.10
N PRO A 60 -1.68 19.36 -8.68
CA PRO A 60 -3.06 19.34 -9.15
C PRO A 60 -3.93 20.38 -8.43
N GLU A 61 -3.78 20.47 -7.11
CA GLU A 61 -4.55 21.43 -6.34
C GLU A 61 -4.37 22.84 -6.92
N VAL A 62 -5.45 23.62 -6.91
CA VAL A 62 -5.39 24.98 -7.45
C VAL A 62 -4.45 25.85 -6.63
N GLU A 63 -4.58 25.79 -5.31
CA GLU A 63 -3.75 26.59 -4.41
C GLU A 63 -2.41 25.89 -4.17
N SER A 64 -1.77 26.20 -3.04
CA SER A 64 -0.49 25.59 -2.71
C SER A 64 -0.23 25.66 -1.20
N GLU A 65 0.67 24.80 -0.73
CA GLU A 65 1.01 24.75 0.70
C GLU A 65 1.10 26.16 1.29
N ASP A 66 2.30 26.75 1.25
CA ASP A 66 2.51 28.08 1.79
C ASP A 66 2.16 28.12 3.28
N ASP A 67 2.97 27.44 4.08
CA ASP A 67 2.73 27.39 5.52
C ASP A 67 2.84 28.80 6.12
N SER A 68 4.00 29.42 5.97
CA SER A 68 4.24 30.76 6.49
C SER A 68 4.55 30.71 7.98
N THR A 69 5.41 29.76 8.37
CA THR A 69 5.81 29.60 9.77
C THR A 69 7.23 29.04 9.86
N SER A 70 7.72 28.55 8.72
CA SER A 70 9.07 27.99 8.67
C SER A 70 9.48 27.74 7.22
N VAL A 71 8.65 27.00 6.49
CA VAL A 71 8.93 26.71 5.09
C VAL A 71 10.33 26.13 4.93
N GLU A 72 10.50 24.88 5.36
CA GLU A 72 11.80 24.21 5.26
C GLU A 72 11.61 22.69 5.21
N ASP A 73 10.82 22.17 6.15
CA ASP A 73 10.56 20.74 6.22
C ASP A 73 9.60 20.33 5.11
N VAL A 74 9.63 19.05 4.76
CA VAL A 74 8.75 18.52 3.71
C VAL A 74 7.30 18.52 4.19
N ASP A 75 6.48 17.64 3.63
CA ASP A 75 5.08 17.55 4.01
C ASP A 75 4.53 16.16 3.68
N PRO A 76 3.84 15.47 4.64
CA PRO A 76 3.30 14.11 4.43
C PRO A 76 2.82 13.85 2.99
N PRO A 77 3.68 13.24 2.13
CA PRO A 77 3.32 12.91 0.75
C PRO A 77 2.92 11.43 0.63
N THR A 78 1.95 11.13 -0.25
CA THR A 78 1.49 9.75 -0.43
C THR A 78 1.46 9.37 -1.91
N THR A 79 1.76 8.09 -2.18
CA THR A 79 1.75 7.57 -3.55
C THR A 79 0.78 6.39 -3.62
N TYR A 80 -0.11 6.42 -4.63
CA TYR A 80 -1.14 5.38 -4.79
C TYR A 80 -1.07 4.74 -6.18
N TYR A 81 -0.73 3.45 -6.21
CA TYR A 81 -0.64 2.69 -7.47
C TYR A 81 -1.97 1.98 -7.76
N SER A 82 -2.54 2.25 -8.94
CA SER A 82 -3.82 1.64 -9.33
C SER A 82 -3.59 0.42 -10.21
N ILE A 83 -3.10 -0.66 -9.59
CA ILE A 83 -2.85 -1.90 -10.33
C ILE A 83 -4.17 -2.57 -10.70
N ILE A 84 -4.48 -2.60 -11.99
CA ILE A 84 -5.71 -3.23 -12.50
C ILE A 84 -5.38 -4.62 -13.04
N GLY A 85 -6.30 -5.57 -12.88
CA GLY A 85 -6.08 -6.92 -13.37
C GLY A 85 -6.84 -7.96 -12.58
N GLY A 86 -6.87 -9.19 -13.09
CA GLY A 86 -7.56 -10.27 -12.41
C GLY A 86 -9.03 -9.95 -12.21
N GLY A 87 -9.54 -9.01 -13.00
CA GLY A 87 -10.93 -8.61 -12.89
C GLY A 87 -11.18 -7.79 -11.64
N LEU A 88 -10.09 -7.40 -10.98
CA LEU A 88 -10.16 -6.61 -9.75
C LEU A 88 -9.24 -5.41 -9.82
N ARG A 89 -9.57 -4.38 -9.05
CA ARG A 89 -8.77 -3.14 -9.01
C ARG A 89 -8.30 -2.90 -7.58
N MET A 90 -7.01 -3.11 -7.32
CA MET A 90 -6.45 -2.94 -5.97
C MET A 90 -5.70 -1.61 -5.87
N ASN A 91 -6.30 -0.65 -5.17
CA ASN A 91 -5.70 0.67 -4.98
C ASN A 91 -4.95 0.74 -3.66
N PHE A 92 -3.68 1.15 -3.73
CA PHE A 92 -2.84 1.27 -2.53
C PHE A 92 -2.73 2.73 -2.10
N GLY A 93 -1.82 3.00 -1.16
CA GLY A 93 -1.63 4.34 -0.67
C GLY A 93 -0.49 4.42 0.34
N PHE A 94 0.74 4.29 -0.15
CA PHE A 94 1.91 4.32 0.72
C PHE A 94 2.23 5.74 1.16
N THR A 95 2.52 5.89 2.45
CA THR A 95 2.85 7.20 3.02
C THR A 95 3.99 7.05 4.02
N LYS A 96 5.07 7.80 3.78
CA LYS A 96 6.24 7.74 4.65
C LYS A 96 6.79 6.32 4.74
N CYS A 97 6.64 5.58 3.64
CA CYS A 97 7.13 4.19 3.57
C CYS A 97 8.14 4.06 2.42
N PRO A 98 9.13 3.15 2.53
CA PRO A 98 10.13 2.96 1.47
C PRO A 98 9.52 3.06 0.06
N GLN A 99 10.32 3.47 -0.91
CA GLN A 99 9.85 3.61 -2.28
C GLN A 99 9.77 2.26 -2.98
N ILE A 100 8.56 1.78 -3.22
CA ILE A 100 8.38 0.51 -3.90
C ILE A 100 8.85 0.62 -5.35
N LYS A 101 9.72 -0.30 -5.75
CA LYS A 101 10.28 -0.31 -7.11
C LYS A 101 10.00 -1.65 -7.79
N SER A 102 9.29 -2.53 -7.10
CA SER A 102 8.95 -3.85 -7.64
C SER A 102 7.46 -4.13 -7.46
N ILE A 103 6.82 -4.57 -8.54
CA ILE A 103 5.40 -4.88 -8.52
C ILE A 103 5.12 -6.08 -9.44
N SER A 104 4.40 -7.06 -8.92
CA SER A 104 4.10 -8.27 -9.69
C SER A 104 2.76 -8.88 -9.27
N GLU A 105 2.12 -9.59 -10.19
CA GLU A 105 0.83 -10.23 -9.91
C GLU A 105 0.75 -11.59 -10.60
N SER A 106 -0.34 -12.30 -10.33
CA SER A 106 -0.56 -13.62 -10.92
C SER A 106 -2.00 -14.06 -10.66
N ALA A 107 -2.45 -15.08 -11.41
CA ALA A 107 -3.80 -15.60 -11.27
C ALA A 107 -3.78 -17.12 -11.17
N ASP A 108 -4.49 -17.66 -10.17
CA ASP A 108 -4.56 -19.10 -9.96
C ASP A 108 -5.94 -19.50 -9.46
N GLY A 109 -6.72 -20.14 -10.33
CA GLY A 109 -8.06 -20.55 -9.97
C GLY A 109 -8.98 -19.37 -9.76
N ASN A 110 -9.57 -19.28 -8.56
CA ASN A 110 -10.48 -18.19 -8.22
C ASN A 110 -9.78 -17.17 -7.33
N THR A 111 -8.44 -17.17 -7.35
CA THR A 111 -7.65 -16.24 -6.52
C THR A 111 -6.63 -15.50 -7.36
N VAL A 112 -6.28 -14.28 -6.91
CA VAL A 112 -5.29 -13.46 -7.60
C VAL A 112 -4.30 -12.89 -6.58
N ASN A 113 -3.02 -12.93 -6.93
CA ASN A 113 -1.95 -12.46 -6.04
C ASN A 113 -1.41 -11.10 -6.50
N ALA A 114 -0.67 -10.44 -5.60
CA ALA A 114 -0.07 -9.15 -5.91
C ALA A 114 1.02 -8.83 -4.88
N ARG A 115 2.24 -8.63 -5.38
CA ARG A 115 3.40 -8.36 -4.52
C ARG A 115 3.95 -6.96 -4.78
N LEU A 116 3.80 -6.08 -3.79
CA LEU A 116 4.33 -4.71 -3.87
C LEU A 116 5.46 -4.61 -2.85
N SER A 117 6.67 -4.34 -3.32
CA SER A 117 7.82 -4.27 -2.40
C SER A 117 8.94 -3.42 -2.97
N SER A 118 9.99 -3.26 -2.17
CA SER A 118 11.17 -2.49 -2.57
C SER A 118 12.21 -3.43 -3.17
N VAL A 119 13.19 -2.87 -3.86
CA VAL A 119 14.24 -3.66 -4.50
C VAL A 119 15.50 -3.72 -3.64
N SER A 120 16.01 -4.93 -3.43
CA SER A 120 17.22 -5.13 -2.65
C SER A 120 18.45 -4.65 -3.44
N PRO A 121 19.53 -4.23 -2.76
CA PRO A 121 20.75 -3.75 -3.44
C PRO A 121 21.32 -4.81 -4.38
N GLY A 122 22.00 -4.37 -5.43
CA GLY A 122 22.59 -5.29 -6.38
C GLY A 122 21.54 -5.89 -7.30
N GLN A 123 20.70 -5.04 -7.89
CA GLN A 123 19.64 -5.49 -8.79
C GLN A 123 19.60 -4.62 -10.04
N GLY A 124 20.12 -3.39 -9.92
CA GLY A 124 20.15 -2.45 -11.04
C GLY A 124 19.22 -1.28 -10.80
N LYS A 125 18.77 -1.11 -9.56
CA LYS A 125 17.86 -0.02 -9.20
C LYS A 125 18.32 0.64 -7.90
N ASP A 126 17.79 1.82 -7.63
CA ASP A 126 18.18 2.55 -6.43
C ASP A 126 17.60 1.92 -5.16
N SER A 127 18.35 2.04 -4.06
CA SER A 127 17.92 1.50 -2.78
C SER A 127 18.61 2.28 -1.64
N PRO A 128 18.33 3.60 -1.54
CA PRO A 128 18.93 4.46 -0.51
C PRO A 128 18.98 3.82 0.87
N ALA A 129 20.06 4.08 1.60
CA ALA A 129 20.24 3.56 2.96
C ALA A 129 19.89 4.66 3.96
N ILE A 130 19.41 4.26 5.14
CA ILE A 130 19.02 5.23 6.18
C ILE A 130 19.63 4.84 7.53
N THR A 131 19.62 5.79 8.47
CA THR A 131 20.20 5.57 9.80
C THR A 131 19.22 4.84 10.71
N HIS A 132 19.76 4.15 11.70
CA HIS A 132 18.95 3.41 12.65
C HIS A 132 17.83 4.30 13.22
N GLU A 133 18.16 5.56 13.47
CA GLU A 133 17.20 6.49 14.05
C GLU A 133 16.05 6.76 13.08
N GLU A 134 16.40 7.23 11.89
CA GLU A 134 15.39 7.53 10.89
C GLU A 134 14.53 6.30 10.61
N ALA A 135 15.19 5.14 10.50
CA ALA A 135 14.45 3.91 10.25
C ALA A 135 13.40 3.69 11.33
N LEU A 136 13.87 3.66 12.58
CA LEU A 136 12.96 3.49 13.72
C LEU A 136 11.82 4.49 13.64
N ALA A 137 12.14 5.69 13.16
CA ALA A 137 11.14 6.75 13.02
C ALA A 137 10.17 6.43 11.88
N MET A 138 10.70 5.88 10.79
CA MET A 138 9.88 5.55 9.63
C MET A 138 8.95 4.39 9.96
N ILE A 139 9.52 3.23 10.28
CA ILE A 139 8.72 2.04 10.58
C ILE A 139 7.55 2.38 11.52
N LYS A 140 7.67 3.50 12.23
CA LYS A 140 6.64 3.94 13.16
C LYS A 140 5.57 4.79 12.46
N ASP A 141 5.98 5.57 11.45
CA ASP A 141 5.06 6.45 10.73
C ASP A 141 4.51 5.79 9.46
N CYS A 142 5.26 4.86 8.91
CA CYS A 142 4.84 4.18 7.68
C CYS A 142 3.40 3.68 7.79
N GLU A 143 2.54 4.18 6.92
CA GLU A 143 1.13 3.78 6.91
C GLU A 143 0.64 3.58 5.47
N VAL A 144 0.20 2.36 5.16
CA VAL A 144 -0.29 2.03 3.82
C VAL A 144 -1.76 1.67 3.85
N SER A 145 -2.56 2.34 3.01
CA SER A 145 -4.01 2.08 2.95
C SER A 145 -4.34 1.20 1.75
N ILE A 146 -5.56 0.64 1.74
CA ILE A 146 -6.00 -0.23 0.65
C ILE A 146 -7.49 0.00 0.36
N ASP A 147 -7.88 -0.22 -0.89
CA ASP A 147 -9.27 -0.04 -1.30
C ASP A 147 -9.52 -0.79 -2.61
N ILE A 148 -9.86 -2.07 -2.49
CA ILE A 148 -10.10 -2.91 -3.66
C ILE A 148 -11.53 -2.74 -4.20
N ARG A 149 -11.66 -2.95 -5.51
CA ARG A 149 -12.96 -2.85 -6.19
C ARG A 149 -12.99 -3.83 -7.36
N CYS A 150 -14.13 -3.91 -8.04
CA CYS A 150 -14.25 -4.83 -9.19
C CYS A 150 -13.88 -4.12 -10.49
N SER A 151 -13.23 -4.85 -11.40
CA SER A 151 -12.82 -4.30 -12.70
C SER A 151 -13.27 -5.20 -13.84
N GLU A 152 -14.01 -4.64 -14.79
CA GLU A 152 -14.51 -5.40 -15.94
C GLU A 152 -13.56 -5.27 -17.13
N GLU A 153 -12.59 -4.36 -17.01
CA GLU A 153 -11.62 -4.15 -18.09
C GLU A 153 -11.00 -5.47 -18.53
N GLU A 154 -11.48 -6.00 -19.65
CA GLU A 154 -10.97 -7.27 -20.18
C GLU A 154 -9.78 -7.09 -21.10
N LYS A 155 -9.14 -5.91 -21.05
CA LYS A 155 -7.99 -5.65 -21.91
C LYS A 155 -6.89 -6.69 -21.66
N ASP A 156 -5.97 -6.79 -22.60
CA ASP A 156 -4.87 -7.74 -22.49
C ASP A 156 -3.95 -7.37 -21.32
N SER A 157 -3.04 -8.29 -20.97
CA SER A 157 -2.10 -8.06 -19.87
C SER A 157 -0.75 -7.58 -20.40
N ASP A 158 -0.07 -6.76 -19.60
CA ASP A 158 1.25 -6.23 -19.96
C ASP A 158 2.29 -6.73 -18.96
N ILE A 159 2.90 -7.87 -19.26
CA ILE A 159 3.91 -8.48 -18.38
C ILE A 159 5.32 -8.23 -18.90
N LYS A 160 6.31 -8.69 -18.12
CA LYS A 160 7.71 -8.53 -18.48
C LYS A 160 8.29 -9.86 -18.96
N THR A 161 9.60 -9.91 -19.14
CA THR A 161 10.28 -11.15 -19.56
C THR A 161 11.42 -11.46 -18.60
N HIS A 162 11.68 -10.54 -17.67
CA HIS A 162 12.75 -10.70 -16.68
C HIS A 162 12.18 -10.96 -15.28
N PRO A 163 12.64 -12.02 -14.55
CA PRO A 163 12.14 -12.32 -13.21
C PRO A 163 11.90 -11.06 -12.37
N VAL A 164 11.04 -11.19 -11.36
CA VAL A 164 10.71 -10.07 -10.48
C VAL A 164 11.84 -9.81 -9.48
N LEU A 165 12.07 -8.54 -9.17
CA LEU A 165 13.10 -8.16 -8.21
C LEU A 165 12.55 -8.25 -6.78
N GLY A 166 13.12 -9.14 -5.97
CA GLY A 166 12.67 -9.33 -4.60
C GLY A 166 13.31 -8.34 -3.64
N SER A 167 12.83 -8.34 -2.40
CA SER A 167 13.35 -7.45 -1.36
C SER A 167 14.23 -8.22 -0.38
N ASN A 168 14.53 -9.46 -0.73
CA ASN A 168 15.38 -10.31 0.09
C ASN A 168 14.81 -10.51 1.50
N ILE A 169 13.70 -9.85 1.81
CA ILE A 169 13.07 -10.00 3.13
C ILE A 169 12.13 -11.21 3.13
N SER A 170 11.90 -11.80 4.30
CA SER A 170 11.01 -12.95 4.42
C SER A 170 9.85 -12.59 5.35
N HIS A 171 8.63 -12.96 4.95
CA HIS A 171 7.44 -12.64 5.74
C HIS A 171 7.35 -13.51 7.00
N LYS A 172 8.49 -13.76 7.64
CA LYS A 172 8.51 -14.57 8.86
C LYS A 172 7.79 -13.83 9.99
N LYS A 173 7.73 -14.45 11.16
CA LYS A 173 7.06 -13.85 12.33
C LYS A 173 8.05 -13.04 13.16
N VAL A 174 7.76 -11.75 13.35
CA VAL A 174 8.63 -10.86 14.13
C VAL A 174 7.78 -9.82 14.87
N SER A 175 8.41 -8.72 15.29
CA SER A 175 7.70 -7.66 16.00
C SER A 175 6.45 -7.23 15.26
N TYR A 176 5.38 -6.97 16.02
CA TYR A 176 4.10 -6.56 15.44
C TYR A 176 3.86 -5.07 15.65
N GLU A 177 3.31 -4.40 14.62
CA GLU A 177 3.03 -2.96 14.72
C GLU A 177 2.02 -2.55 13.65
N ASP A 178 1.17 -1.58 14.00
CA ASP A 178 0.15 -1.10 13.07
C ASP A 178 0.80 -0.38 11.88
N ILE A 179 0.82 -1.06 10.73
CA ILE A 179 1.41 -0.50 9.51
C ILE A 179 0.33 -0.29 8.45
N ILE A 180 -0.77 -1.04 8.56
CA ILE A 180 -1.87 -0.93 7.61
C ILE A 180 -2.90 0.10 8.07
N GLY A 181 -3.38 0.91 7.14
CA GLY A 181 -4.37 1.93 7.44
C GLY A 181 -5.77 1.41 7.20
N SER A 182 -6.60 2.20 6.55
CA SER A 182 -7.97 1.79 6.25
C SER A 182 -7.97 0.71 5.18
N THR A 183 -9.02 -0.12 5.17
CA THR A 183 -9.09 -1.20 4.16
C THR A 183 -10.54 -1.52 3.81
N ILE A 184 -11.03 -0.88 2.73
CA ILE A 184 -12.40 -1.09 2.27
C ILE A 184 -12.41 -2.12 1.14
N VAL A 185 -13.39 -3.01 1.16
CA VAL A 185 -13.51 -4.06 0.14
C VAL A 185 -14.98 -4.30 -0.24
N ASP A 186 -15.29 -4.17 -1.52
CA ASP A 186 -16.65 -4.39 -2.00
C ASP A 186 -16.94 -5.89 -2.12
N THR A 187 -17.79 -6.40 -1.24
CA THR A 187 -18.14 -7.81 -1.25
C THR A 187 -18.50 -8.25 -2.67
N LYS A 188 -18.98 -7.30 -3.47
CA LYS A 188 -19.38 -7.56 -4.85
C LYS A 188 -18.47 -8.59 -5.52
N CYS A 189 -17.16 -8.44 -5.36
CA CYS A 189 -16.20 -9.36 -5.97
C CYS A 189 -15.01 -9.62 -5.06
N VAL A 190 -15.27 -9.76 -3.76
CA VAL A 190 -14.20 -10.03 -2.79
C VAL A 190 -14.74 -10.86 -1.62
N LYS A 191 -14.54 -12.17 -1.70
CA LYS A 191 -14.99 -13.07 -0.64
C LYS A 191 -14.01 -13.05 0.52
N ASN A 192 -12.76 -13.41 0.23
CA ASN A 192 -11.70 -13.44 1.25
C ASN A 192 -10.50 -12.63 0.79
N LEU A 193 -9.92 -11.84 1.69
CA LEU A 193 -8.76 -11.00 1.36
C LEU A 193 -7.71 -11.03 2.48
N GLU A 194 -6.61 -11.73 2.23
CA GLU A 194 -5.53 -11.83 3.21
C GLU A 194 -4.51 -10.73 2.92
N PHE A 195 -3.98 -10.12 3.97
CA PHE A 195 -3.00 -9.03 3.81
C PHE A 195 -1.87 -9.15 4.81
N SER A 196 -0.64 -9.00 4.32
CA SER A 196 0.56 -9.08 5.15
C SER A 196 1.61 -8.09 4.67
N VAL A 197 2.36 -7.50 5.62
CA VAL A 197 3.40 -6.52 5.30
C VAL A 197 4.62 -6.75 6.18
N ARG A 198 5.75 -6.13 5.83
CA ARG A 198 6.96 -6.30 6.61
C ARG A 198 8.05 -5.31 6.22
N ILE A 199 8.35 -4.37 7.11
CA ILE A 199 9.39 -3.36 6.86
C ILE A 199 10.65 -3.76 7.64
N GLY A 200 11.77 -3.91 6.93
CA GLY A 200 13.01 -4.29 7.59
C GLY A 200 14.22 -4.02 6.73
N ASP A 201 15.33 -4.68 7.07
CA ASP A 201 16.58 -4.51 6.32
C ASP A 201 16.54 -5.34 5.04
N MET A 202 17.01 -4.75 3.96
CA MET A 202 17.03 -5.42 2.65
C MET A 202 18.37 -6.14 2.45
N CYS A 203 19.29 -5.93 3.39
CA CYS A 203 20.62 -6.56 3.33
C CYS A 203 20.69 -7.75 4.28
N LYS A 204 20.44 -7.50 5.56
CA LYS A 204 20.48 -8.56 6.57
C LYS A 204 19.60 -8.18 7.75
N GLU A 205 18.82 -9.14 8.24
CA GLU A 205 17.92 -8.92 9.37
C GLU A 205 18.62 -8.09 10.46
N SER A 206 17.80 -7.45 11.31
CA SER A 206 18.34 -6.63 12.40
C SER A 206 17.41 -6.66 13.61
N SER A 207 16.39 -7.52 13.54
CA SER A 207 15.44 -7.67 14.64
C SER A 207 14.74 -6.34 14.97
N GLU A 208 15.47 -5.46 15.65
CA GLU A 208 14.92 -4.17 16.04
C GLU A 208 14.20 -3.48 14.88
N LEU A 209 14.86 -3.41 13.71
CA LEU A 209 14.28 -2.75 12.54
C LEU A 209 13.34 -3.68 11.78
N GLU A 210 13.17 -4.92 12.27
CA GLU A 210 12.28 -5.87 11.61
C GLU A 210 10.91 -5.85 12.28
N VAL A 211 9.88 -5.49 11.51
CA VAL A 211 8.51 -5.40 12.03
C VAL A 211 7.51 -5.80 10.95
N LYS A 212 6.27 -6.10 11.34
CA LYS A 212 5.26 -6.49 10.36
C LYS A 212 3.85 -6.43 10.93
N ASP A 213 2.87 -6.54 10.03
CA ASP A 213 1.46 -6.50 10.39
C ASP A 213 0.70 -7.51 9.52
N GLY A 214 -0.57 -7.75 9.81
CA GLY A 214 -1.34 -8.68 9.03
C GLY A 214 -2.71 -8.96 9.61
N PHE A 215 -3.67 -9.22 8.71
CA PHE A 215 -5.05 -9.53 9.09
C PHE A 215 -5.57 -10.65 8.21
N LYS A 216 -6.78 -11.13 8.51
CA LYS A 216 -7.38 -12.21 7.73
C LYS A 216 -8.87 -11.95 7.51
N TYR A 217 -9.22 -11.54 6.30
CA TYR A 217 -10.61 -11.25 5.93
C TYR A 217 -11.21 -12.45 5.21
N VAL A 218 -12.23 -13.06 5.81
CA VAL A 218 -12.87 -14.23 5.21
C VAL A 218 -14.39 -14.18 5.39
N ASP A 219 -15.09 -14.16 4.26
CA ASP A 219 -16.56 -14.12 4.29
C ASP A 219 -17.08 -13.05 5.25
N GLY A 220 -16.47 -11.87 5.24
CA GLY A 220 -16.92 -10.78 6.10
C GLY A 220 -16.33 -10.84 7.50
N SER A 221 -15.58 -11.89 7.80
CA SER A 221 -14.97 -12.06 9.13
C SER A 221 -13.50 -11.65 9.12
N ALA A 222 -13.17 -10.61 9.89
CA ALA A 222 -11.80 -10.11 9.99
C ALA A 222 -11.17 -10.57 11.31
N SER A 223 -9.86 -10.76 11.32
CA SER A 223 -9.18 -11.21 12.54
C SER A 223 -7.67 -11.03 12.43
N LYS A 224 -7.09 -10.37 13.44
CA LYS A 224 -5.65 -10.15 13.47
C LYS A 224 -4.95 -11.44 13.90
N GLY A 225 -3.80 -11.73 13.29
CA GLY A 225 -3.07 -12.93 13.63
C GLY A 225 -1.68 -12.94 13.03
N ALA A 226 -0.69 -12.64 13.85
CA ALA A 226 0.69 -12.62 13.40
C ALA A 226 1.20 -14.04 13.19
N THR A 227 1.17 -14.51 11.95
CA THR A 227 1.62 -15.86 11.60
C THR A 227 2.61 -15.81 10.44
N ASP A 228 3.40 -16.88 10.30
CA ASP A 228 4.39 -16.95 9.23
C ASP A 228 3.71 -16.93 7.87
N ASP A 229 3.61 -15.74 7.27
CA ASP A 229 2.99 -15.59 5.97
C ASP A 229 4.02 -15.75 4.85
N THR A 230 4.96 -16.65 5.06
CA THR A 230 6.01 -16.90 4.07
C THR A 230 5.44 -17.62 2.85
N SER A 231 4.63 -18.65 3.11
CA SER A 231 4.03 -19.44 2.02
C SER A 231 2.63 -18.93 1.67
N LEU A 232 2.17 -17.91 2.40
CA LEU A 232 0.84 -17.34 2.16
C LEU A 232 0.56 -17.22 0.66
N ILE A 233 1.62 -17.20 -0.14
CA ILE A 233 1.48 -17.09 -1.59
C ILE A 233 2.63 -17.83 -2.30
N ASP A 234 2.56 -17.88 -3.63
CA ASP A 234 3.59 -18.56 -4.43
C ASP A 234 4.48 -17.52 -5.10
N SER A 235 5.60 -17.20 -4.45
CA SER A 235 6.52 -16.22 -4.98
C SER A 235 7.17 -16.72 -6.27
N THR A 236 6.91 -17.97 -6.63
CA THR A 236 7.49 -18.56 -7.83
C THR A 236 6.58 -18.38 -9.05
N LYS A 237 5.30 -18.07 -8.84
CA LYS A 237 4.34 -17.92 -9.94
C LYS A 237 4.01 -16.45 -10.22
N LEU A 238 4.67 -15.53 -9.54
CA LEU A 238 4.40 -14.09 -9.75
C LEU A 238 5.05 -13.62 -11.05
N LYS A 239 4.57 -12.47 -11.55
CA LYS A 239 5.09 -11.89 -12.79
C LYS A 239 5.08 -10.36 -12.69
N ALA A 240 6.21 -9.73 -13.00
CA ALA A 240 6.28 -8.27 -12.93
C ALA A 240 5.21 -7.68 -13.85
N CYS A 241 4.80 -6.45 -13.56
CA CYS A 241 3.75 -5.78 -14.35
C CYS A 241 4.26 -4.50 -15.01
N VAL A 242 5.50 -4.14 -14.72
CA VAL A 242 6.07 -2.92 -15.29
C VAL A 242 5.13 -1.73 -15.12
N ALA B 1 -38.89 1.47 -10.18
CA ALA B 1 -37.66 1.78 -9.49
C ALA B 1 -37.49 0.89 -8.26
N PRO B 2 -37.49 -0.43 -8.45
CA PRO B 2 -37.34 -1.39 -7.35
C PRO B 2 -35.89 -1.44 -6.84
N MET B 3 -35.69 -1.04 -5.59
CA MET B 3 -34.35 -1.03 -5.01
C MET B 3 -33.83 -2.46 -4.88
N GLY B 4 -32.52 -2.62 -5.07
CA GLY B 4 -31.91 -3.93 -4.97
C GLY B 4 -32.29 -4.65 -3.70
N SER B 5 -31.72 -5.84 -3.50
CA SER B 5 -32.01 -6.64 -2.31
C SER B 5 -30.71 -7.10 -1.66
N ASP B 6 -30.56 -6.81 -0.37
CA ASP B 6 -29.37 -7.20 0.37
C ASP B 6 -28.10 -6.82 -0.39
N PRO B 7 -27.74 -5.53 -0.40
CA PRO B 7 -26.54 -5.05 -1.08
C PRO B 7 -25.32 -5.12 -0.15
N PRO B 8 -24.08 -5.07 -0.71
CA PRO B 8 -22.82 -5.12 0.07
C PRO B 8 -22.85 -4.36 1.41
N THR B 9 -21.94 -3.40 1.57
CA THR B 9 -21.83 -2.61 2.80
C THR B 9 -20.43 -2.03 2.91
N ALA B 10 -20.09 -1.10 2.03
CA ALA B 10 -18.75 -0.52 2.06
C ALA B 10 -18.55 0.30 3.34
N CYS B 11 -18.20 -0.42 4.42
CA CYS B 11 -17.95 0.20 5.72
C CYS B 11 -16.50 -0.08 6.13
N CYS B 12 -15.77 0.97 6.48
CA CYS B 12 -14.37 0.81 6.88
C CYS B 12 -14.26 0.13 8.23
N PHE B 13 -13.35 -0.84 8.33
CA PHE B 13 -13.12 -1.58 9.58
C PHE B 13 -11.77 -1.22 10.18
N SER B 14 -10.93 -0.60 9.35
CA SER B 14 -9.60 -0.17 9.80
C SER B 14 -9.42 1.33 9.58
N TYR B 15 -8.66 1.97 10.47
CA TYR B 15 -8.43 3.42 10.40
C TYR B 15 -6.95 3.75 10.21
N THR B 16 -6.67 4.91 9.61
CA THR B 16 -5.30 5.35 9.38
C THR B 16 -4.71 5.91 10.66
N ALA B 17 -3.48 5.53 10.98
CA ALA B 17 -2.81 6.00 12.21
C ALA B 17 -1.89 7.16 11.90
N ARG B 18 -2.21 7.93 10.86
CA ARG B 18 -1.39 9.07 10.47
C ARG B 18 -2.27 10.25 10.07
N LYS B 19 -2.04 11.40 10.69
CA LYS B 19 -2.80 12.60 10.38
C LYS B 19 -2.69 12.93 8.89
N LEU B 20 -3.58 13.77 8.41
CA LEU B 20 -3.59 14.19 7.01
C LEU B 20 -3.73 15.71 6.92
N PRO B 21 -2.61 16.46 6.91
CA PRO B 21 -2.67 17.93 6.84
C PRO B 21 -3.72 18.42 5.85
N ARG B 22 -4.39 19.52 6.21
CA ARG B 22 -5.44 20.09 5.37
C ARG B 22 -5.04 20.10 3.90
N ASN B 23 -3.83 20.58 3.62
CA ASN B 23 -3.32 20.67 2.25
C ASN B 23 -3.75 19.47 1.40
N PHE B 24 -3.82 18.29 2.00
CA PHE B 24 -4.20 17.07 1.27
C PHE B 24 -5.61 16.61 1.64
N VAL B 25 -6.54 17.57 1.74
CA VAL B 25 -7.94 17.28 2.08
C VAL B 25 -8.87 18.23 1.32
N VAL B 26 -9.24 17.84 0.09
CA VAL B 26 -10.11 18.67 -0.74
C VAL B 26 -11.59 18.41 -0.48
N ASP B 27 -11.93 17.18 -0.07
CA ASP B 27 -13.34 16.83 0.18
C ASP B 27 -13.43 15.64 1.13
N TYR B 28 -14.65 15.21 1.44
CA TYR B 28 -14.82 14.08 2.35
C TYR B 28 -16.23 13.48 2.27
N TYR B 29 -16.40 12.31 2.89
CA TYR B 29 -17.68 11.61 2.90
C TYR B 29 -17.69 10.64 4.08
N GLU B 30 -18.88 10.14 4.45
CA GLU B 30 -19.01 9.20 5.57
C GLU B 30 -19.48 7.84 5.08
N THR B 31 -19.11 6.80 5.81
CA THR B 31 -19.48 5.43 5.44
C THR B 31 -21.00 5.30 5.29
N SER B 32 -21.61 4.47 6.15
CA SER B 32 -23.06 4.26 6.10
C SER B 32 -23.60 3.95 7.48
N SER B 33 -24.75 3.26 7.54
CA SER B 33 -25.39 2.91 8.81
C SER B 33 -25.65 1.40 8.87
N LEU B 34 -25.77 0.78 7.70
CA LEU B 34 -26.01 -0.64 7.62
C LEU B 34 -24.98 -1.41 8.45
N CYS B 35 -23.94 -0.70 8.90
CA CYS B 35 -22.88 -1.30 9.71
C CYS B 35 -22.81 -0.60 11.07
N SER B 36 -22.94 -1.39 12.14
CA SER B 36 -22.91 -0.84 13.49
C SER B 36 -21.49 -0.45 13.90
N GLN B 37 -20.76 0.18 12.99
CA GLN B 37 -19.39 0.61 13.28
C GLN B 37 -18.94 1.58 12.18
N PRO B 38 -19.70 2.67 11.99
CA PRO B 38 -19.41 3.68 10.94
C PRO B 38 -18.12 4.46 11.22
N ALA B 39 -18.01 5.61 10.54
CA ALA B 39 -16.84 6.48 10.68
C ALA B 39 -16.86 7.54 9.58
N VAL B 40 -15.88 8.45 9.61
CA VAL B 40 -15.78 9.52 8.60
C VAL B 40 -14.62 9.24 7.66
N VAL B 41 -14.88 9.40 6.36
CA VAL B 41 -13.88 9.16 5.33
C VAL B 41 -13.49 10.46 4.65
N PHE B 42 -12.19 10.61 4.33
CA PHE B 42 -11.70 11.83 3.67
C PHE B 42 -11.09 11.49 2.32
N GLN B 43 -11.17 12.45 1.38
CA GLN B 43 -10.62 12.26 0.03
C GLN B 43 -9.48 13.25 -0.20
N THR B 44 -8.29 12.69 -0.31
CA THR B 44 -7.08 13.48 -0.52
C THR B 44 -6.96 14.00 -1.95
N ALA B 45 -5.75 13.93 -2.48
CA ALA B 45 -5.45 14.39 -3.83
C ALA B 45 -4.66 13.33 -4.60
N ALA B 46 -3.83 12.57 -3.90
CA ALA B 46 -3.02 11.51 -4.52
C ALA B 46 -3.25 10.17 -3.84
N SER B 47 -4.50 9.87 -3.49
CA SER B 47 -4.84 8.60 -2.83
C SER B 47 -6.19 8.08 -3.32
N ALA B 48 -7.26 8.59 -2.71
CA ALA B 48 -8.64 8.20 -3.08
C ALA B 48 -9.56 8.42 -1.89
N GLN B 49 -9.70 7.37 -1.07
CA GLN B 49 -10.56 7.41 0.11
C GLN B 49 -9.90 6.65 1.26
N VAL B 50 -9.94 7.24 2.47
CA VAL B 50 -9.33 6.60 3.64
C VAL B 50 -10.11 6.98 4.91
N CYS B 51 -10.57 5.94 5.61
CA CYS B 51 -11.35 6.09 6.83
C CYS B 51 -10.52 6.59 8.01
N ALA B 52 -11.20 7.22 8.96
CA ALA B 52 -10.55 7.74 10.17
C ALA B 52 -11.54 7.72 11.32
N ASP B 53 -11.10 7.27 12.49
CA ASP B 53 -11.97 7.20 13.65
C ASP B 53 -12.41 8.61 14.06
N PRO B 54 -13.73 8.89 14.23
CA PRO B 54 -14.19 10.23 14.63
C PRO B 54 -13.95 10.46 16.12
N SER B 55 -13.37 9.47 16.77
CA SER B 55 -13.09 9.56 18.19
C SER B 55 -11.97 10.55 18.47
N GLU B 56 -11.25 10.96 17.42
CA GLU B 56 -10.14 11.92 17.57
C GLU B 56 -10.63 13.34 17.28
N SER B 57 -10.33 14.24 18.19
CA SER B 57 -10.75 15.65 18.08
C SER B 57 -10.43 16.25 16.71
N TRP B 58 -9.19 16.14 16.26
CA TRP B 58 -8.80 16.73 14.98
C TRP B 58 -9.68 16.23 13.83
N VAL B 59 -10.13 14.98 13.90
CA VAL B 59 -10.99 14.45 12.85
C VAL B 59 -12.31 15.19 12.83
N GLN B 60 -12.77 15.54 14.02
CA GLN B 60 -14.03 16.27 14.15
C GLN B 60 -13.87 17.73 13.71
N GLU B 61 -12.72 18.31 14.04
CA GLU B 61 -12.44 19.69 13.68
C GLU B 61 -12.30 19.85 12.17
N TYR B 62 -11.69 18.85 11.53
CA TYR B 62 -11.50 18.88 10.08
C TYR B 62 -12.86 18.88 9.40
N VAL B 63 -13.80 18.15 9.96
CA VAL B 63 -15.15 18.08 9.40
C VAL B 63 -15.82 19.44 9.56
N TYR B 64 -15.65 20.04 10.73
CA TYR B 64 -16.24 21.34 11.00
C TYR B 64 -15.67 22.39 10.07
N ASP B 65 -14.39 22.25 9.70
CA ASP B 65 -13.74 23.18 8.81
C ASP B 65 -14.30 23.06 7.39
N LEU B 66 -14.39 21.82 6.91
CA LEU B 66 -14.90 21.58 5.57
C LEU B 66 -16.38 21.96 5.51
N GLU B 67 -17.02 22.06 6.67
CA GLU B 67 -18.43 22.42 6.73
C GLU B 67 -18.61 23.90 6.39
N LEU B 68 -17.62 24.72 6.75
CA LEU B 68 -17.66 26.14 6.49
C LEU B 68 -17.19 26.40 5.07
N ASN B 69 -15.87 26.40 4.88
CA ASN B 69 -15.31 26.64 3.54
C ASN B 69 -15.61 25.46 2.62
N MET A 1 21.79 -2.21 -19.42
CA MET A 1 21.75 -0.94 -20.14
C MET A 1 22.62 0.12 -19.45
N PRO A 2 22.73 0.11 -18.11
CA PRO A 2 23.55 1.10 -17.39
C PRO A 2 24.98 1.20 -17.95
N ALA A 3 25.82 1.96 -17.29
CA ALA A 3 27.20 2.12 -17.73
C ALA A 3 27.96 0.80 -17.64
N SER A 4 29.18 0.79 -18.15
CA SER A 4 30.00 -0.43 -18.12
C SER A 4 30.26 -0.86 -16.68
N LEU A 5 30.47 0.11 -15.81
CA LEU A 5 30.74 -0.17 -14.40
C LEU A 5 30.76 1.12 -13.58
N GLN A 6 30.55 0.99 -12.27
CA GLN A 6 30.56 2.15 -11.37
C GLN A 6 31.04 1.75 -9.99
N GLN A 7 31.04 2.72 -9.07
CA GLN A 7 31.48 2.47 -7.71
C GLN A 7 30.64 1.38 -7.05
N SER A 8 31.29 0.48 -6.34
CA SER A 8 30.59 -0.61 -5.65
C SER A 8 29.89 -0.09 -4.40
N SER A 9 30.16 1.16 -4.05
CA SER A 9 29.56 1.76 -2.87
C SER A 9 28.10 2.16 -3.13
N SER A 10 27.75 2.27 -4.41
CA SER A 10 26.39 2.64 -4.78
C SER A 10 25.37 1.77 -4.05
N SER A 11 24.27 2.36 -3.63
CA SER A 11 23.23 1.63 -2.92
C SER A 11 22.53 0.65 -3.86
N SER A 12 22.88 0.71 -5.15
CA SER A 12 22.28 -0.18 -6.15
C SER A 12 23.24 -1.31 -6.50
N SER A 13 24.51 -1.13 -6.17
CA SER A 13 25.53 -2.14 -6.46
C SER A 13 25.62 -3.17 -5.33
N SER A 14 25.70 -2.69 -4.10
CA SER A 14 25.79 -3.58 -2.94
C SER A 14 25.31 -2.90 -1.67
N CYS A 15 25.31 -3.65 -0.57
CA CYS A 15 24.86 -3.12 0.72
C CYS A 15 25.96 -2.25 1.35
N THR A 16 25.55 -1.17 1.99
CA THR A 16 26.50 -0.26 2.63
C THR A 16 27.27 -1.01 3.73
N GLU A 17 28.36 -0.41 4.22
CA GLU A 17 29.18 -1.02 5.27
C GLU A 17 29.18 -0.14 6.52
N GLU A 18 28.31 0.88 6.52
CA GLU A 18 28.21 1.81 7.65
C GLU A 18 27.26 1.25 8.71
N GLU A 19 27.82 0.52 9.66
CA GLU A 19 27.04 -0.12 10.74
C GLU A 19 25.83 0.72 11.17
N ASN A 20 26.03 2.04 11.28
CA ASN A 20 24.94 2.93 11.70
C ASN A 20 24.00 3.26 10.55
N LYS A 21 23.93 2.37 9.55
CA LYS A 21 23.06 2.57 8.39
C LYS A 21 22.38 1.26 8.02
N HIS A 22 21.08 1.34 7.73
CA HIS A 22 20.30 0.16 7.35
C HIS A 22 19.51 0.44 6.09
N HIS A 23 19.52 -0.51 5.17
CA HIS A 23 18.78 -0.38 3.92
C HIS A 23 17.33 -0.74 4.19
N MET A 24 16.49 0.28 4.29
CA MET A 24 15.07 0.05 4.54
C MET A 24 14.42 -0.67 3.36
N GLY A 25 13.16 -1.02 3.51
CA GLY A 25 12.44 -1.70 2.46
C GLY A 25 11.13 -2.28 2.97
N ILE A 26 10.04 -1.96 2.29
CA ILE A 26 8.71 -2.44 2.68
C ILE A 26 8.20 -3.44 1.66
N ASP A 27 7.38 -4.38 2.14
CA ASP A 27 6.80 -5.41 1.29
C ASP A 27 5.31 -5.52 1.58
N VAL A 28 4.50 -5.72 0.55
CA VAL A 28 3.04 -5.81 0.73
C VAL A 28 2.46 -6.94 -0.10
N ILE A 29 2.25 -8.10 0.53
CA ILE A 29 1.66 -9.25 -0.15
C ILE A 29 0.14 -9.21 0.04
N ILE A 30 -0.60 -9.49 -1.04
CA ILE A 30 -2.06 -9.46 -0.96
C ILE A 30 -2.69 -10.56 -1.81
N LYS A 31 -3.55 -11.36 -1.18
CA LYS A 31 -4.26 -12.45 -1.86
C LYS A 31 -5.75 -12.15 -1.84
N VAL A 32 -6.39 -12.17 -3.01
CA VAL A 32 -7.83 -11.88 -3.11
C VAL A 32 -8.57 -13.00 -3.84
N THR A 33 -9.70 -13.42 -3.27
CA THR A 33 -10.52 -14.46 -3.87
C THR A 33 -11.77 -13.83 -4.47
N LYS A 34 -12.07 -14.18 -5.73
CA LYS A 34 -13.25 -13.64 -6.40
C LYS A 34 -14.50 -14.40 -5.97
N GLN A 35 -15.65 -13.74 -6.07
CA GLN A 35 -16.90 -14.39 -5.70
C GLN A 35 -17.19 -15.52 -6.68
N ASP A 36 -18.32 -16.21 -6.47
CA ASP A 36 -18.69 -17.32 -7.35
C ASP A 36 -19.29 -16.81 -8.66
N GLN A 37 -19.94 -15.66 -8.60
CA GLN A 37 -20.56 -15.07 -9.78
C GLN A 37 -19.55 -14.30 -10.62
N THR A 38 -18.57 -13.69 -9.95
CA THR A 38 -17.53 -12.92 -10.65
C THR A 38 -17.06 -13.63 -11.93
N PRO A 39 -17.47 -13.17 -13.13
CA PRO A 39 -17.05 -13.81 -14.39
C PRO A 39 -15.56 -14.15 -14.40
N THR A 40 -15.15 -14.99 -15.33
CA THR A 40 -13.75 -15.39 -15.43
C THR A 40 -12.88 -14.21 -15.87
N ASN A 41 -11.66 -14.16 -15.37
CA ASN A 41 -10.73 -13.09 -15.71
C ASN A 41 -9.34 -13.39 -15.17
N ASP A 42 -8.47 -13.95 -16.02
CA ASP A 42 -7.11 -14.28 -15.62
C ASP A 42 -6.12 -13.26 -16.16
N LYS A 43 -6.64 -12.26 -16.87
CA LYS A 43 -5.79 -11.22 -17.44
C LYS A 43 -5.13 -10.41 -16.33
N ILE A 44 -3.97 -10.87 -15.86
CA ILE A 44 -3.24 -10.19 -14.79
C ILE A 44 -2.36 -9.08 -15.37
N CYS A 45 -2.13 -8.04 -14.57
CA CYS A 45 -1.32 -6.92 -14.98
C CYS A 45 -1.89 -6.29 -16.26
N GLN A 46 -3.08 -5.74 -16.15
CA GLN A 46 -3.73 -5.10 -17.29
C GLN A 46 -3.10 -3.72 -17.51
N SER A 47 -2.59 -3.13 -16.43
CA SER A 47 -1.96 -1.82 -16.51
C SER A 47 -1.57 -1.31 -15.12
N VAL A 48 -0.71 -0.28 -15.09
CA VAL A 48 -0.25 0.31 -13.83
C VAL A 48 -0.09 1.82 -14.01
N THR A 49 -0.50 2.59 -12.99
CA THR A 49 -0.40 4.05 -13.06
C THR A 49 0.11 4.62 -11.74
N GLU A 50 1.39 4.99 -11.70
CA GLU A 50 2.00 5.53 -10.50
C GLU A 50 1.69 7.03 -10.39
N ILE A 51 1.13 7.42 -9.24
CA ILE A 51 0.77 8.83 -8.99
C ILE A 51 1.42 9.29 -7.68
N THR A 52 1.67 10.60 -7.59
CA THR A 52 2.28 11.19 -6.39
C THR A 52 1.85 12.64 -6.30
N GLU A 53 1.51 13.11 -5.11
CA GLU A 53 1.10 14.50 -4.96
C GLU A 53 2.14 15.44 -5.57
N SER A 54 1.93 16.72 -5.44
CA SER A 54 2.86 17.70 -5.98
C SER A 54 4.27 17.46 -5.46
N GLU A 55 4.35 16.82 -4.29
CA GLU A 55 5.66 16.54 -3.69
C GLU A 55 6.51 17.82 -3.65
N SER A 56 7.71 17.72 -3.10
CA SER A 56 8.62 18.87 -3.01
C SER A 56 9.53 18.94 -4.23
N ASP A 57 8.94 19.03 -5.42
CA ASP A 57 9.72 19.10 -6.65
C ASP A 57 8.87 19.72 -7.79
N PRO A 58 9.46 20.56 -8.67
CA PRO A 58 8.71 21.16 -9.79
C PRO A 58 7.78 20.16 -10.48
N ASP A 59 6.54 20.06 -10.00
CA ASP A 59 5.56 19.15 -10.59
C ASP A 59 4.23 19.23 -9.85
N PRO A 60 3.62 20.43 -9.81
CA PRO A 60 2.33 20.63 -9.14
C PRO A 60 1.16 20.15 -9.99
N GLU A 61 0.99 18.84 -10.08
CA GLU A 61 -0.09 18.26 -10.88
C GLU A 61 -1.45 18.77 -10.37
N VAL A 62 -1.66 18.70 -9.06
CA VAL A 62 -2.91 19.15 -8.46
C VAL A 62 -2.86 20.65 -8.21
N GLU A 63 -1.94 21.05 -7.31
CA GLU A 63 -1.77 22.47 -6.94
C GLU A 63 -2.71 22.83 -5.79
N SER A 64 -2.48 24.00 -5.19
CA SER A 64 -3.32 24.47 -4.08
C SER A 64 -2.64 25.63 -3.35
N GLU A 65 -1.33 25.80 -3.56
CA GLU A 65 -0.60 26.87 -2.90
C GLU A 65 0.67 27.22 -3.69
N ASP A 66 1.05 28.49 -3.65
CA ASP A 66 2.24 28.95 -4.38
C ASP A 66 3.48 28.20 -3.91
N ASP A 67 3.91 28.48 -2.68
CA ASP A 67 5.10 27.83 -2.13
C ASP A 67 5.09 27.89 -0.60
N SER A 68 5.96 27.11 0.03
CA SER A 68 6.05 27.09 1.50
C SER A 68 7.42 26.61 1.94
N THR A 69 7.80 26.95 3.17
CA THR A 69 9.10 26.55 3.71
C THR A 69 8.97 26.15 5.19
N SER A 70 8.25 26.98 5.95
CA SER A 70 8.06 26.70 7.38
C SER A 70 9.41 26.44 8.05
N VAL A 71 9.36 25.83 9.23
CA VAL A 71 10.59 25.54 9.97
C VAL A 71 11.32 24.35 9.34
N GLU A 72 11.17 24.19 8.04
CA GLU A 72 11.82 23.10 7.33
C GLU A 72 11.47 21.76 7.97
N ASP A 73 10.26 21.28 7.69
CA ASP A 73 9.80 20.00 8.24
C ASP A 73 8.57 19.50 7.50
N VAL A 74 8.38 19.99 6.27
CA VAL A 74 7.23 19.58 5.47
C VAL A 74 7.24 18.07 5.27
N ASP A 75 6.24 17.40 5.84
CA ASP A 75 6.14 15.95 5.72
C ASP A 75 5.87 15.57 4.26
N PRO A 76 6.31 14.37 3.82
CA PRO A 76 6.09 13.93 2.43
C PRO A 76 4.63 13.51 2.20
N PRO A 77 4.14 13.55 0.94
CA PRO A 77 2.76 13.17 0.61
C PRO A 77 2.61 11.64 0.52
N THR A 78 1.78 11.16 -0.41
CA THR A 78 1.57 9.72 -0.57
C THR A 78 1.51 9.35 -2.05
N THR A 79 2.02 8.16 -2.38
CA THR A 79 2.01 7.66 -3.76
C THR A 79 0.96 6.57 -3.88
N TYR A 80 0.09 6.67 -4.89
CA TYR A 80 -0.99 5.70 -5.09
C TYR A 80 -0.91 5.07 -6.49
N TYR A 81 -0.58 3.77 -6.54
CA TYR A 81 -0.50 3.04 -7.81
C TYR A 81 -1.75 2.19 -8.00
N SER A 82 -2.49 2.44 -9.09
CA SER A 82 -3.71 1.72 -9.38
C SER A 82 -3.46 0.49 -10.25
N ILE A 83 -2.96 -0.58 -9.64
CA ILE A 83 -2.68 -1.80 -10.39
C ILE A 83 -3.99 -2.48 -10.78
N ILE A 84 -4.34 -2.40 -12.07
CA ILE A 84 -5.57 -3.01 -12.58
C ILE A 84 -5.26 -4.36 -13.21
N GLY A 85 -6.22 -5.29 -13.11
CA GLY A 85 -6.04 -6.63 -13.66
C GLY A 85 -6.82 -7.67 -12.87
N GLY A 86 -6.83 -8.89 -13.39
CA GLY A 86 -7.53 -9.98 -12.71
C GLY A 86 -8.99 -9.67 -12.49
N GLY A 87 -9.51 -8.69 -13.24
CA GLY A 87 -10.90 -8.29 -13.12
C GLY A 87 -11.14 -7.41 -11.91
N LEU A 88 -10.06 -7.07 -11.20
CA LEU A 88 -10.14 -6.20 -10.02
C LEU A 88 -9.13 -5.06 -10.12
N ARG A 89 -9.40 -3.98 -9.38
CA ARG A 89 -8.51 -2.81 -9.36
C ARG A 89 -8.13 -2.49 -7.91
N MET A 90 -6.86 -2.67 -7.60
CA MET A 90 -6.34 -2.43 -6.25
C MET A 90 -5.61 -1.08 -6.18
N ASN A 91 -6.19 -0.13 -5.46
CA ASN A 91 -5.60 1.19 -5.30
C ASN A 91 -4.89 1.29 -3.96
N PHE A 92 -3.60 1.63 -4.00
CA PHE A 92 -2.80 1.75 -2.77
C PHE A 92 -2.63 3.20 -2.38
N GLY A 93 -1.71 3.47 -1.45
CA GLY A 93 -1.45 4.82 -1.00
C GLY A 93 -0.47 4.86 0.16
N PHE A 94 0.81 4.59 -0.12
CA PHE A 94 1.82 4.59 0.94
C PHE A 94 2.21 6.02 1.29
N THR A 95 2.56 6.23 2.56
CA THR A 95 2.95 7.55 3.05
C THR A 95 4.18 7.45 3.94
N LYS A 96 5.29 8.03 3.47
CA LYS A 96 6.54 8.01 4.21
C LYS A 96 7.06 6.58 4.38
N CYS A 97 6.93 5.79 3.30
CA CYS A 97 7.42 4.40 3.30
C CYS A 97 8.39 4.21 2.12
N PRO A 98 9.39 3.31 2.24
CA PRO A 98 10.35 3.07 1.15
C PRO A 98 9.69 3.13 -0.23
N GLN A 99 10.45 3.57 -1.22
CA GLN A 99 9.93 3.68 -2.59
C GLN A 99 9.84 2.31 -3.24
N ILE A 100 8.62 1.83 -3.44
CA ILE A 100 8.43 0.53 -4.07
C ILE A 100 8.87 0.57 -5.52
N LYS A 101 9.64 -0.44 -5.93
CA LYS A 101 10.15 -0.52 -7.31
C LYS A 101 9.76 -1.85 -7.95
N SER A 102 9.29 -2.80 -7.13
CA SER A 102 8.89 -4.12 -7.62
C SER A 102 7.37 -4.24 -7.63
N ILE A 103 6.81 -4.52 -8.81
CA ILE A 103 5.36 -4.69 -8.98
C ILE A 103 5.08 -5.92 -9.84
N SER A 104 4.34 -6.88 -9.29
CA SER A 104 4.02 -8.11 -10.01
C SER A 104 2.56 -8.50 -9.79
N GLU A 105 2.14 -9.58 -10.44
CA GLU A 105 0.78 -10.07 -10.32
C GLU A 105 0.69 -11.53 -10.76
N SER A 106 -0.32 -12.24 -10.25
CA SER A 106 -0.50 -13.66 -10.58
C SER A 106 -1.98 -14.05 -10.40
N ALA A 107 -2.43 -15.02 -11.21
CA ALA A 107 -3.81 -15.52 -11.14
C ALA A 107 -3.81 -17.03 -11.13
N ASP A 108 -4.59 -17.61 -10.23
CA ASP A 108 -4.68 -19.07 -10.10
C ASP A 108 -6.08 -19.46 -9.62
N GLY A 109 -6.80 -20.17 -10.48
CA GLY A 109 -8.15 -20.61 -10.14
C GLY A 109 -9.14 -19.45 -10.15
N ASN A 110 -9.53 -19.00 -8.96
CA ASN A 110 -10.47 -17.89 -8.82
C ASN A 110 -9.92 -16.84 -7.87
N THR A 111 -8.59 -16.80 -7.75
CA THR A 111 -7.92 -15.83 -6.86
C THR A 111 -6.78 -15.14 -7.59
N VAL A 112 -6.38 -13.97 -7.08
CA VAL A 112 -5.28 -13.20 -7.68
C VAL A 112 -4.35 -12.67 -6.60
N ASN A 113 -3.04 -12.74 -6.87
CA ASN A 113 -2.02 -12.27 -5.94
C ASN A 113 -1.23 -11.11 -6.53
N ALA A 114 -0.80 -10.18 -5.68
CA ALA A 114 -0.02 -9.02 -6.13
C ALA A 114 1.03 -8.68 -5.09
N ARG A 115 2.29 -8.52 -5.54
CA ARG A 115 3.40 -8.20 -4.65
C ARG A 115 3.99 -6.82 -4.95
N LEU A 116 3.86 -5.93 -3.98
CA LEU A 116 4.40 -4.57 -4.09
C LEU A 116 5.48 -4.42 -3.01
N SER A 117 6.71 -4.13 -3.41
CA SER A 117 7.79 -4.02 -2.42
C SER A 117 8.96 -3.20 -2.96
N SER A 118 9.98 -3.08 -2.11
CA SER A 118 11.20 -2.37 -2.46
C SER A 118 12.22 -3.34 -3.05
N VAL A 119 13.18 -2.82 -3.79
CA VAL A 119 14.20 -3.65 -4.42
C VAL A 119 15.46 -3.75 -3.57
N SER A 120 16.13 -4.91 -3.64
CA SER A 120 17.36 -5.14 -2.89
C SER A 120 18.57 -4.65 -3.70
N PRO A 121 19.67 -4.25 -3.05
CA PRO A 121 20.87 -3.76 -3.76
C PRO A 121 21.46 -4.85 -4.66
N GLY A 122 22.29 -4.43 -5.60
CA GLY A 122 22.92 -5.38 -6.51
C GLY A 122 21.95 -5.84 -7.59
N GLN A 123 20.71 -5.37 -7.51
CA GLN A 123 19.70 -5.75 -8.49
C GLN A 123 19.84 -4.93 -9.77
N GLY A 124 19.81 -3.60 -9.62
CA GLY A 124 19.94 -2.71 -10.77
C GLY A 124 19.24 -1.38 -10.58
N LYS A 125 18.46 -1.27 -9.50
CA LYS A 125 17.73 -0.03 -9.19
C LYS A 125 18.28 0.58 -7.91
N ASP A 126 17.77 1.76 -7.55
CA ASP A 126 18.23 2.45 -6.34
C ASP A 126 17.63 1.83 -5.09
N SER A 127 18.35 1.95 -3.98
CA SER A 127 17.91 1.41 -2.69
C SER A 127 18.56 2.20 -1.55
N PRO A 128 18.25 3.51 -1.47
CA PRO A 128 18.82 4.39 -0.44
C PRO A 128 18.89 3.74 0.95
N ALA A 129 19.87 4.19 1.74
CA ALA A 129 20.08 3.69 3.11
C ALA A 129 19.96 4.84 4.08
N ILE A 130 19.52 4.55 5.31
CA ILE A 130 19.36 5.60 6.32
C ILE A 130 19.69 5.06 7.72
N THR A 131 19.90 5.95 8.68
CA THR A 131 20.26 5.56 10.04
C THR A 131 19.09 4.86 10.73
N HIS A 132 19.38 4.31 11.90
CA HIS A 132 18.36 3.62 12.67
C HIS A 132 17.32 4.62 13.19
N GLU A 133 17.78 5.84 13.49
CA GLU A 133 16.90 6.87 14.01
C GLU A 133 15.73 7.10 13.07
N GLU A 134 16.04 7.44 11.82
CA GLU A 134 15.00 7.69 10.83
C GLU A 134 14.19 6.43 10.59
N ALA A 135 14.86 5.29 10.48
CA ALA A 135 14.15 4.03 10.24
C ALA A 135 13.06 3.84 11.30
N LEU A 136 13.46 3.86 12.57
CA LEU A 136 12.52 3.71 13.66
C LEU A 136 11.43 4.77 13.56
N ALA A 137 11.80 5.95 13.09
CA ALA A 137 10.85 7.04 12.93
C ALA A 137 9.90 6.77 11.76
N MET A 138 10.41 6.05 10.76
CA MET A 138 9.61 5.72 9.58
C MET A 138 8.58 4.64 9.92
N ILE A 139 9.06 3.47 10.31
CA ILE A 139 8.15 2.35 10.62
C ILE A 139 7.00 2.80 11.52
N LYS A 140 7.20 3.91 12.23
CA LYS A 140 6.15 4.42 13.14
C LYS A 140 5.11 5.25 12.39
N ASP A 141 5.53 5.92 11.30
CA ASP A 141 4.62 6.77 10.52
C ASP A 141 4.12 6.07 9.25
N CYS A 142 4.90 5.15 8.72
CA CYS A 142 4.53 4.45 7.50
C CYS A 142 3.11 3.90 7.60
N GLU A 143 2.23 4.35 6.70
CA GLU A 143 0.83 3.90 6.68
C GLU A 143 0.38 3.64 5.24
N VAL A 144 0.02 2.39 4.95
CA VAL A 144 -0.42 1.99 3.61
C VAL A 144 -1.92 1.75 3.57
N SER A 145 -2.60 2.44 2.64
CA SER A 145 -4.06 2.31 2.49
C SER A 145 -4.38 1.39 1.32
N ILE A 146 -5.59 0.82 1.32
CA ILE A 146 -6.02 -0.07 0.25
C ILE A 146 -7.49 0.17 -0.07
N ASP A 147 -7.85 0.06 -1.36
CA ASP A 147 -9.23 0.26 -1.80
C ASP A 147 -9.48 -0.54 -3.07
N ILE A 148 -9.91 -1.80 -2.89
CA ILE A 148 -10.18 -2.69 -4.03
C ILE A 148 -11.60 -2.49 -4.55
N ARG A 149 -11.78 -2.69 -5.86
CA ARG A 149 -13.09 -2.55 -6.49
C ARG A 149 -13.18 -3.53 -7.67
N CYS A 150 -14.33 -3.55 -8.34
CA CYS A 150 -14.56 -4.45 -9.48
C CYS A 150 -14.19 -3.79 -10.80
N SER A 151 -13.31 -4.44 -11.58
CA SER A 151 -12.90 -3.92 -12.88
C SER A 151 -13.48 -4.79 -13.99
N GLU A 152 -13.51 -4.26 -15.22
CA GLU A 152 -14.06 -5.01 -16.35
C GLU A 152 -13.21 -4.81 -17.61
N GLU A 153 -11.96 -4.37 -17.41
CA GLU A 153 -11.07 -4.14 -18.54
C GLU A 153 -10.54 -5.47 -19.08
N GLU A 154 -11.09 -5.91 -20.21
CA GLU A 154 -10.68 -7.18 -20.81
C GLU A 154 -9.43 -7.00 -21.67
N LYS A 155 -8.80 -5.83 -21.58
CA LYS A 155 -7.60 -5.57 -22.36
C LYS A 155 -6.57 -6.67 -22.11
N ASP A 156 -5.46 -6.62 -22.86
CA ASP A 156 -4.40 -7.62 -22.71
C ASP A 156 -3.50 -7.29 -21.53
N SER A 157 -2.60 -8.21 -21.19
CA SER A 157 -1.68 -8.01 -20.07
C SER A 157 -0.34 -7.47 -20.56
N ASP A 158 0.26 -6.58 -19.76
CA ASP A 158 1.56 -5.98 -20.09
C ASP A 158 2.61 -6.44 -19.08
N ILE A 159 3.32 -7.52 -19.40
CA ILE A 159 4.34 -8.08 -18.51
C ILE A 159 5.70 -8.17 -19.23
N LYS A 160 6.76 -8.32 -18.44
CA LYS A 160 8.12 -8.46 -18.97
C LYS A 160 8.76 -9.74 -18.44
N THR A 161 9.46 -10.44 -19.32
CA THR A 161 10.11 -11.70 -18.96
C THR A 161 11.21 -11.49 -17.91
N HIS A 162 11.32 -10.26 -17.41
CA HIS A 162 12.34 -9.96 -16.40
C HIS A 162 11.92 -10.51 -15.03
N PRO A 163 12.68 -11.46 -14.42
CA PRO A 163 12.33 -12.01 -13.11
C PRO A 163 11.83 -10.93 -12.15
N VAL A 164 11.07 -11.35 -11.13
CA VAL A 164 10.53 -10.41 -10.15
C VAL A 164 11.59 -9.99 -9.14
N LEU A 165 11.74 -8.69 -8.96
CA LEU A 165 12.73 -8.17 -8.01
C LEU A 165 12.19 -8.23 -6.58
N GLY A 166 12.80 -9.09 -5.76
CA GLY A 166 12.36 -9.26 -4.38
C GLY A 166 13.02 -8.29 -3.44
N SER A 167 12.55 -8.25 -2.19
CA SER A 167 13.09 -7.36 -1.16
C SER A 167 13.96 -8.16 -0.19
N ASN A 168 14.21 -9.41 -0.54
CA ASN A 168 15.05 -10.29 0.28
C ASN A 168 14.46 -10.47 1.68
N ILE A 169 13.38 -9.76 2.00
CA ILE A 169 12.75 -9.91 3.32
C ILE A 169 11.87 -11.14 3.35
N SER A 170 11.49 -11.59 4.56
CA SER A 170 10.63 -12.76 4.71
C SER A 170 9.44 -12.39 5.59
N HIS A 171 8.25 -12.73 5.13
CA HIS A 171 7.03 -12.40 5.87
C HIS A 171 6.87 -13.28 7.12
N LYS A 172 7.99 -13.56 7.79
CA LYS A 172 7.95 -14.37 9.00
C LYS A 172 7.21 -13.62 10.11
N LYS A 173 7.20 -14.18 11.32
CA LYS A 173 6.53 -13.55 12.45
C LYS A 173 7.51 -12.74 13.28
N VAL A 174 7.26 -11.43 13.40
CA VAL A 174 8.12 -10.54 14.18
C VAL A 174 7.26 -9.50 14.91
N SER A 175 7.89 -8.45 15.42
CA SER A 175 7.17 -7.41 16.15
C SER A 175 5.98 -6.92 15.33
N TYR A 176 4.90 -6.57 16.02
CA TYR A 176 3.68 -6.07 15.36
C TYR A 176 3.63 -4.55 15.40
N GLU A 177 3.35 -3.94 14.23
CA GLU A 177 3.26 -2.49 14.13
C GLU A 177 2.15 -2.10 13.15
N ASP A 178 1.12 -1.46 13.68
CA ASP A 178 -0.01 -1.04 12.85
C ASP A 178 0.43 -0.06 11.77
N ILE A 179 0.64 -0.58 10.55
CA ILE A 179 1.06 0.24 9.41
C ILE A 179 0.08 0.11 8.26
N ILE A 180 -1.04 -0.59 8.51
CA ILE A 180 -2.09 -0.77 7.51
C ILE A 180 -3.22 0.20 7.80
N GLY A 181 -3.43 1.16 6.90
CA GLY A 181 -4.48 2.13 7.08
C GLY A 181 -5.86 1.55 6.82
N SER A 182 -6.69 2.31 6.13
CA SER A 182 -8.05 1.86 5.82
C SER A 182 -8.03 0.76 4.76
N THR A 183 -9.10 -0.02 4.72
CA THR A 183 -9.22 -1.12 3.75
C THR A 183 -10.67 -1.24 3.28
N ILE A 184 -11.01 -0.52 2.21
CA ILE A 184 -12.38 -0.55 1.67
C ILE A 184 -12.44 -1.54 0.51
N VAL A 185 -13.40 -2.45 0.59
CA VAL A 185 -13.56 -3.48 -0.46
C VAL A 185 -15.02 -3.81 -0.67
N ASP A 186 -15.48 -3.68 -1.93
CA ASP A 186 -16.86 -3.96 -2.29
C ASP A 186 -17.03 -5.46 -2.53
N THR A 187 -17.74 -6.11 -1.60
CA THR A 187 -17.97 -7.55 -1.71
C THR A 187 -18.40 -7.92 -3.12
N LYS A 188 -19.01 -6.96 -3.80
CA LYS A 188 -19.48 -7.16 -5.19
C LYS A 188 -18.56 -8.09 -5.99
N CYS A 189 -17.24 -7.98 -5.79
CA CYS A 189 -16.30 -8.82 -6.56
C CYS A 189 -15.11 -9.29 -5.72
N VAL A 190 -15.31 -9.48 -4.42
CA VAL A 190 -14.21 -9.95 -3.55
C VAL A 190 -14.77 -10.64 -2.30
N LYS A 191 -14.70 -11.97 -2.31
CA LYS A 191 -15.18 -12.76 -1.19
C LYS A 191 -14.22 -12.70 -0.01
N ASN A 192 -12.96 -13.07 -0.27
CA ASN A 192 -11.92 -13.04 0.75
C ASN A 192 -10.87 -12.00 0.36
N LEU A 193 -9.93 -11.73 1.26
CA LEU A 193 -8.88 -10.76 0.98
C LEU A 193 -7.97 -10.62 2.19
N GLU A 194 -6.76 -11.19 2.07
CA GLU A 194 -5.78 -11.16 3.15
C GLU A 194 -4.65 -10.20 2.81
N PHE A 195 -4.17 -9.48 3.82
CA PHE A 195 -3.09 -8.51 3.63
C PHE A 195 -1.96 -8.75 4.63
N SER A 196 -0.72 -8.56 4.17
CA SER A 196 0.46 -8.74 5.01
C SER A 196 1.52 -7.70 4.66
N VAL A 197 2.13 -7.11 5.68
CA VAL A 197 3.16 -6.09 5.47
C VAL A 197 4.39 -6.39 6.31
N ARG A 198 5.54 -5.85 5.92
CA ARG A 198 6.77 -6.09 6.65
C ARG A 198 7.87 -5.10 6.23
N ILE A 199 8.16 -4.15 7.10
CA ILE A 199 9.22 -3.15 6.84
C ILE A 199 10.40 -3.41 7.75
N GLY A 200 11.57 -3.58 7.15
CA GLY A 200 12.78 -3.84 7.90
C GLY A 200 14.02 -3.70 7.05
N ASP A 201 15.08 -4.43 7.41
CA ASP A 201 16.32 -4.39 6.66
C ASP A 201 16.32 -5.48 5.59
N MET A 202 16.40 -5.07 4.33
CA MET A 202 16.40 -6.03 3.21
C MET A 202 17.82 -6.55 2.96
N CYS A 203 18.76 -6.16 3.83
CA CYS A 203 20.15 -6.61 3.73
C CYS A 203 20.36 -7.75 4.73
N LYS A 204 19.97 -7.48 5.98
CA LYS A 204 20.09 -8.46 7.05
C LYS A 204 19.18 -8.08 8.20
N GLU A 205 18.35 -9.04 8.64
CA GLU A 205 17.41 -8.78 9.73
C GLU A 205 18.07 -8.01 10.87
N SER A 206 17.30 -7.14 11.53
CA SER A 206 17.82 -6.32 12.63
C SER A 206 16.87 -6.40 13.83
N SER A 207 15.86 -7.26 13.72
CA SER A 207 14.89 -7.42 14.80
C SER A 207 14.19 -6.12 15.16
N GLU A 208 14.90 -5.25 15.88
CA GLU A 208 14.34 -3.97 16.30
C GLU A 208 13.68 -3.23 15.14
N LEU A 209 14.40 -3.10 14.03
CA LEU A 209 13.88 -2.39 12.86
C LEU A 209 12.94 -3.28 12.05
N GLU A 210 12.73 -4.51 12.50
CA GLU A 210 11.85 -5.46 11.79
C GLU A 210 10.48 -5.55 12.48
N VAL A 211 9.42 -5.30 11.71
CA VAL A 211 8.05 -5.36 12.22
C VAL A 211 7.13 -5.97 11.16
N LYS A 212 5.85 -6.06 11.46
CA LYS A 212 4.90 -6.62 10.49
C LYS A 212 3.46 -6.30 10.89
N ASP A 213 2.55 -6.55 9.95
CA ASP A 213 1.13 -6.32 10.17
C ASP A 213 0.34 -7.15 9.16
N GLY A 214 -0.98 -7.23 9.35
CA GLY A 214 -1.82 -7.99 8.43
C GLY A 214 -2.99 -8.63 9.13
N PHE A 215 -4.14 -8.62 8.46
CA PHE A 215 -5.37 -9.21 9.00
C PHE A 215 -5.86 -10.31 8.07
N LYS A 216 -7.08 -10.79 8.29
CA LYS A 216 -7.65 -11.85 7.47
C LYS A 216 -9.16 -11.63 7.32
N TYR A 217 -9.57 -11.26 6.11
CA TYR A 217 -10.99 -11.02 5.84
C TYR A 217 -11.59 -12.19 5.06
N VAL A 218 -12.63 -12.80 5.63
CA VAL A 218 -13.30 -13.94 4.99
C VAL A 218 -14.81 -13.79 5.07
N ASP A 219 -15.45 -13.69 3.91
CA ASP A 219 -16.90 -13.55 3.84
C ASP A 219 -17.39 -12.41 4.73
N GLY A 220 -16.67 -11.29 4.72
CA GLY A 220 -17.06 -10.12 5.50
C GLY A 220 -16.63 -10.23 6.96
N SER A 221 -15.98 -11.32 7.32
CA SER A 221 -15.50 -11.53 8.70
C SER A 221 -14.03 -11.14 8.80
N ALA A 222 -13.74 -10.12 9.61
CA ALA A 222 -12.36 -9.66 9.80
C ALA A 222 -11.71 -10.40 10.96
N SER A 223 -10.37 -10.41 10.98
CA SER A 223 -9.65 -11.10 12.06
C SER A 223 -8.17 -10.74 12.04
N LYS A 224 -7.74 -9.98 13.05
CA LYS A 224 -6.34 -9.60 13.16
C LYS A 224 -5.55 -10.78 13.71
N GLY A 225 -4.33 -10.97 13.21
CA GLY A 225 -3.52 -12.08 13.68
C GLY A 225 -2.20 -12.18 12.95
N ALA A 226 -1.11 -12.14 13.71
CA ALA A 226 0.23 -12.23 13.14
C ALA A 226 0.63 -13.69 12.95
N THR A 227 0.58 -14.16 11.71
CA THR A 227 0.93 -15.55 11.38
C THR A 227 1.94 -15.60 10.24
N ASP A 228 2.75 -16.64 10.21
CA ASP A 228 3.75 -16.80 9.16
C ASP A 228 3.12 -16.66 7.78
N ASP A 229 3.18 -15.45 7.22
CA ASP A 229 2.62 -15.17 5.91
C ASP A 229 3.66 -15.41 4.81
N THR A 230 4.61 -16.30 5.09
CA THR A 230 5.67 -16.60 4.12
C THR A 230 5.12 -17.46 2.98
N SER A 231 4.14 -18.31 3.28
CA SER A 231 3.55 -19.20 2.27
C SER A 231 2.19 -18.68 1.81
N LEU A 232 1.72 -17.59 2.45
CA LEU A 232 0.41 -17.01 2.10
C LEU A 232 0.19 -17.02 0.58
N ILE A 233 1.29 -16.97 -0.17
CA ILE A 233 1.23 -16.98 -1.64
C ILE A 233 2.41 -17.76 -2.22
N ASP A 234 2.49 -17.78 -3.55
CA ASP A 234 3.58 -18.48 -4.25
C ASP A 234 4.38 -17.48 -5.07
N SER A 235 5.43 -16.95 -4.47
CA SER A 235 6.28 -15.98 -5.14
C SER A 235 6.95 -16.58 -6.38
N THR A 236 6.64 -17.84 -6.65
CA THR A 236 7.23 -18.53 -7.81
C THR A 236 6.38 -18.36 -9.06
N LYS A 237 5.09 -18.08 -8.87
CA LYS A 237 4.16 -17.89 -10.00
C LYS A 237 3.87 -16.42 -10.24
N LEU A 238 4.59 -15.54 -9.54
CA LEU A 238 4.40 -14.10 -9.69
C LEU A 238 5.26 -13.57 -10.84
N LYS A 239 4.66 -12.68 -11.64
CA LYS A 239 5.37 -12.09 -12.78
C LYS A 239 5.30 -10.56 -12.70
N ALA A 240 6.38 -9.90 -13.09
CA ALA A 240 6.43 -8.44 -13.05
C ALA A 240 5.26 -7.89 -13.84
N CYS A 241 5.00 -6.58 -13.70
CA CYS A 241 3.88 -5.94 -14.41
C CYS A 241 4.32 -4.64 -15.08
N VAL A 242 5.52 -4.17 -14.75
CA VAL A 242 6.06 -2.94 -15.32
C VAL A 242 5.01 -1.83 -15.36
N ALA B 1 -38.79 -0.30 -9.00
CA ALA B 1 -37.51 -0.01 -8.36
C ALA B 1 -37.37 -0.79 -7.06
N PRO B 2 -37.31 -2.13 -7.14
CA PRO B 2 -37.18 -2.99 -5.96
C PRO B 2 -35.74 -3.07 -5.47
N MET B 3 -35.51 -2.63 -4.23
CA MET B 3 -34.17 -2.64 -3.66
C MET B 3 -33.60 -4.06 -3.69
N GLY B 4 -32.30 -4.17 -3.95
CA GLY B 4 -31.65 -5.45 -4.01
C GLY B 4 -31.55 -6.11 -2.65
N SER B 5 -31.33 -7.43 -2.64
CA SER B 5 -31.22 -8.16 -1.39
C SER B 5 -29.92 -7.80 -0.67
N ASP B 6 -29.80 -8.25 0.59
CA ASP B 6 -28.62 -8.01 1.43
C ASP B 6 -27.36 -7.64 0.63
N PRO B 7 -27.19 -6.36 0.27
CA PRO B 7 -26.00 -5.90 -0.48
C PRO B 7 -24.71 -6.05 0.33
N PRO B 8 -23.58 -5.54 -0.21
CA PRO B 8 -22.25 -5.61 0.47
C PRO B 8 -22.28 -5.02 1.89
N THR B 9 -21.29 -4.18 2.19
CA THR B 9 -21.18 -3.57 3.51
C THR B 9 -19.93 -2.69 3.63
N ALA B 10 -19.66 -1.86 2.63
CA ALA B 10 -18.48 -0.99 2.68
C ALA B 10 -18.43 -0.28 4.04
N CYS B 11 -17.69 -0.87 4.99
CA CYS B 11 -17.57 -0.29 6.35
C CYS B 11 -16.13 -0.36 6.86
N CYS B 12 -15.63 0.79 7.31
CA CYS B 12 -14.27 0.89 7.85
C CYS B 12 -13.91 -0.33 8.70
N PHE B 13 -12.70 -0.84 8.49
CA PHE B 13 -12.21 -2.00 9.25
C PHE B 13 -10.99 -1.58 10.06
N SER B 14 -10.30 -0.54 9.58
CA SER B 14 -9.10 -0.03 10.25
C SER B 14 -8.92 1.46 9.95
N TYR B 15 -8.30 2.17 10.90
CA TYR B 15 -8.08 3.62 10.76
C TYR B 15 -6.60 3.91 10.50
N THR B 16 -6.32 5.08 9.90
CA THR B 16 -4.94 5.49 9.63
C THR B 16 -4.29 6.01 10.91
N ALA B 17 -3.06 5.60 11.16
CA ALA B 17 -2.34 6.01 12.35
C ALA B 17 -1.58 7.30 12.10
N ARG B 18 -2.04 8.07 11.12
CA ARG B 18 -1.39 9.33 10.79
C ARG B 18 -2.41 10.38 10.35
N LYS B 19 -2.36 11.55 10.97
CA LYS B 19 -3.27 12.64 10.65
C LYS B 19 -2.80 13.33 9.38
N LEU B 20 -3.67 13.38 8.36
CA LEU B 20 -3.31 14.01 7.09
C LEU B 20 -3.71 15.50 7.09
N PRO B 21 -2.73 16.44 7.11
CA PRO B 21 -3.06 17.89 7.12
C PRO B 21 -4.19 18.25 6.17
N ARG B 22 -4.96 19.26 6.54
CA ARG B 22 -6.08 19.70 5.74
C ARG B 22 -5.70 19.85 4.27
N ASN B 23 -4.57 20.51 4.00
CA ASN B 23 -4.12 20.75 2.63
C ASN B 23 -4.38 19.55 1.71
N PHE B 24 -4.29 18.33 2.24
CA PHE B 24 -4.54 17.12 1.43
C PHE B 24 -5.89 16.48 1.78
N VAL B 25 -6.93 17.31 1.92
CA VAL B 25 -8.27 16.84 2.24
C VAL B 25 -9.32 17.75 1.62
N VAL B 26 -9.82 17.35 0.44
CA VAL B 26 -10.80 18.15 -0.29
C VAL B 26 -12.24 17.90 0.19
N ASP B 27 -12.52 16.73 0.74
CA ASP B 27 -13.88 16.44 1.20
C ASP B 27 -13.97 15.17 2.05
N TYR B 28 -15.15 14.94 2.65
CA TYR B 28 -15.37 13.77 3.52
C TYR B 28 -16.57 12.93 3.06
N TYR B 29 -16.61 11.71 3.59
CA TYR B 29 -17.68 10.76 3.31
C TYR B 29 -17.76 9.78 4.48
N GLU B 30 -18.97 9.48 4.95
CA GLU B 30 -19.15 8.57 6.08
C GLU B 30 -19.53 7.17 5.61
N THR B 31 -19.12 6.17 6.38
CA THR B 31 -19.41 4.78 6.04
C THR B 31 -20.92 4.56 5.87
N SER B 32 -21.52 3.80 6.78
CA SER B 32 -22.96 3.51 6.72
C SER B 32 -23.53 3.29 8.12
N SER B 33 -24.46 2.33 8.24
CA SER B 33 -25.08 2.03 9.53
C SER B 33 -25.32 0.54 9.67
N LEU B 34 -25.42 -0.16 8.54
CA LEU B 34 -25.63 -1.60 8.56
C LEU B 34 -24.49 -2.28 9.33
N CYS B 35 -23.50 -1.48 9.70
CA CYS B 35 -22.34 -1.99 10.45
C CYS B 35 -22.32 -1.34 11.84
N SER B 36 -22.42 -2.16 12.88
CA SER B 36 -22.43 -1.66 14.25
C SER B 36 -21.05 -1.19 14.68
N GLN B 37 -20.32 -0.56 13.76
CA GLN B 37 -18.98 -0.06 14.06
C GLN B 37 -18.56 0.90 12.94
N PRO B 38 -19.35 1.98 12.73
CA PRO B 38 -19.08 2.95 11.66
C PRO B 38 -17.80 3.77 11.89
N ALA B 39 -17.64 4.79 11.04
CA ALA B 39 -16.49 5.69 11.12
C ALA B 39 -16.60 6.78 10.07
N VAL B 40 -15.64 7.70 10.08
CA VAL B 40 -15.61 8.81 9.12
C VAL B 40 -14.45 8.60 8.15
N VAL B 41 -14.75 8.70 6.86
CA VAL B 41 -13.75 8.52 5.80
C VAL B 41 -13.46 9.86 5.13
N PHE B 42 -12.18 10.21 5.04
CA PHE B 42 -11.78 11.47 4.41
C PHE B 42 -11.12 11.24 3.06
N GLN B 43 -11.35 12.18 2.14
CA GLN B 43 -10.79 12.12 0.80
C GLN B 43 -9.48 12.88 0.78
N THR B 44 -8.71 12.78 -0.31
CA THR B 44 -7.43 13.49 -0.38
C THR B 44 -7.20 14.06 -1.77
N ALA B 45 -5.94 14.02 -2.20
CA ALA B 45 -5.54 14.54 -3.52
C ALA B 45 -4.80 13.51 -4.35
N ALA B 46 -3.95 12.71 -3.70
CA ALA B 46 -3.17 11.67 -4.40
C ALA B 46 -3.40 10.29 -3.77
N SER B 47 -4.67 9.94 -3.50
CA SER B 47 -4.98 8.64 -2.90
C SER B 47 -6.38 8.18 -3.28
N ALA B 48 -7.39 8.68 -2.55
CA ALA B 48 -8.81 8.33 -2.80
C ALA B 48 -9.62 8.55 -1.52
N GLN B 49 -9.72 7.49 -0.69
CA GLN B 49 -10.47 7.56 0.56
C GLN B 49 -9.71 6.79 1.65
N VAL B 50 -9.83 7.24 2.90
CA VAL B 50 -9.14 6.59 4.02
C VAL B 50 -9.92 6.77 5.32
N CYS B 51 -10.35 5.65 5.89
CA CYS B 51 -11.10 5.65 7.15
C CYS B 51 -10.36 6.43 8.23
N ALA B 52 -11.10 6.89 9.25
CA ALA B 52 -10.53 7.64 10.36
C ALA B 52 -11.40 7.48 11.60
N ASP B 53 -10.79 7.08 12.71
CA ASP B 53 -11.54 6.90 13.94
C ASP B 53 -12.03 8.26 14.46
N PRO B 54 -13.36 8.46 14.67
CA PRO B 54 -13.87 9.75 15.17
C PRO B 54 -13.54 9.95 16.64
N SER B 55 -12.88 8.98 17.22
CA SER B 55 -12.51 9.03 18.63
C SER B 55 -11.50 10.15 18.89
N GLU B 56 -10.89 10.66 17.82
CA GLU B 56 -9.90 11.74 17.94
C GLU B 56 -10.54 13.09 17.63
N SER B 57 -10.45 14.00 18.59
CA SER B 57 -11.05 15.33 18.44
C SER B 57 -10.63 15.99 17.12
N TRP B 58 -9.38 15.81 16.72
CA TRP B 58 -8.89 16.41 15.49
C TRP B 58 -9.75 16.01 14.29
N VAL B 59 -10.28 14.79 14.33
CA VAL B 59 -11.12 14.29 13.25
C VAL B 59 -12.46 15.00 13.27
N GLN B 60 -12.94 15.29 14.46
CA GLN B 60 -14.21 15.98 14.63
C GLN B 60 -14.07 17.45 14.23
N GLU B 61 -12.94 18.05 14.60
CA GLU B 61 -12.70 19.45 14.28
C GLU B 61 -12.47 19.61 12.78
N TYR B 62 -11.77 18.65 12.19
CA TYR B 62 -11.49 18.68 10.76
C TYR B 62 -12.79 18.61 9.98
N VAL B 63 -13.72 17.78 10.44
CA VAL B 63 -15.00 17.64 9.76
C VAL B 63 -15.83 18.92 9.93
N TYR B 64 -15.82 19.46 11.14
CA TYR B 64 -16.58 20.67 11.44
C TYR B 64 -16.07 21.86 10.63
N ASP B 65 -14.82 21.78 10.16
CA ASP B 65 -14.24 22.90 9.40
C ASP B 65 -14.70 22.89 7.94
N LEU B 66 -14.85 21.71 7.36
CA LEU B 66 -15.31 21.63 5.97
C LEU B 66 -16.83 21.73 5.92
N GLU B 67 -17.47 21.48 7.04
CA GLU B 67 -18.92 21.61 7.11
C GLU B 67 -19.27 23.08 6.99
N LEU B 68 -18.41 23.92 7.57
CA LEU B 68 -18.61 25.37 7.52
C LEU B 68 -18.26 25.89 6.13
N ASN B 69 -16.96 25.87 5.81
CA ASN B 69 -16.48 26.35 4.50
C ASN B 69 -16.50 25.21 3.48
N MET A 1 29.06 -7.03 -24.47
CA MET A 1 28.19 -6.27 -23.58
C MET A 1 28.94 -5.12 -22.94
N PRO A 2 29.30 -4.09 -23.72
CA PRO A 2 30.03 -2.91 -23.23
C PRO A 2 29.39 -2.33 -21.97
N ALA A 3 29.90 -1.17 -21.55
CA ALA A 3 29.37 -0.50 -20.37
C ALA A 3 29.90 0.93 -20.27
N SER A 4 30.01 1.44 -19.05
CA SER A 4 30.50 2.80 -18.84
C SER A 4 30.76 3.05 -17.37
N LEU A 5 29.77 2.76 -16.53
CA LEU A 5 29.90 2.96 -15.10
C LEU A 5 30.88 1.94 -14.51
N GLN A 6 31.45 2.27 -13.36
CA GLN A 6 32.41 1.39 -12.70
C GLN A 6 32.63 1.82 -11.26
N GLN A 7 31.72 1.39 -10.37
CA GLN A 7 31.81 1.73 -8.95
C GLN A 7 31.32 0.56 -8.10
N SER A 8 30.97 0.86 -6.85
CA SER A 8 30.49 -0.18 -5.94
C SER A 8 29.87 0.44 -4.70
N SER A 9 30.09 1.75 -4.53
CA SER A 9 29.54 2.45 -3.37
C SER A 9 28.04 2.70 -3.55
N SER A 10 27.62 2.92 -4.79
CA SER A 10 26.22 3.16 -5.08
C SER A 10 25.34 2.09 -4.45
N SER A 11 24.37 2.51 -3.65
CA SER A 11 23.48 1.56 -2.99
C SER A 11 22.81 0.64 -4.00
N SER A 12 22.79 1.07 -5.25
CA SER A 12 22.19 0.26 -6.32
C SER A 12 23.10 -0.89 -6.70
N SER A 13 24.40 -0.70 -6.52
CA SER A 13 25.38 -1.73 -6.85
C SER A 13 25.50 -2.76 -5.72
N SER A 14 25.46 -2.28 -4.49
CA SER A 14 25.58 -3.17 -3.33
C SER A 14 25.16 -2.45 -2.05
N CYS A 15 25.09 -3.20 -0.95
CA CYS A 15 24.71 -2.63 0.33
C CYS A 15 25.83 -1.78 0.89
N THR A 16 25.48 -0.83 1.76
CA THR A 16 26.48 0.05 2.36
C THR A 16 27.31 -0.71 3.39
N GLU A 17 28.37 -0.05 3.89
CA GLU A 17 29.26 -0.66 4.88
C GLU A 17 29.28 0.19 6.15
N GLU A 18 28.45 1.22 6.19
CA GLU A 18 28.37 2.10 7.36
C GLU A 18 27.52 1.47 8.46
N GLU A 19 28.18 0.74 9.36
CA GLU A 19 27.52 0.04 10.46
C GLU A 19 26.29 0.79 10.98
N ASN A 20 26.29 2.12 10.89
CA ASN A 20 25.16 2.91 11.37
C ASN A 20 24.19 3.25 10.24
N LYS A 21 23.99 2.30 9.34
CA LYS A 21 23.07 2.52 8.21
C LYS A 21 22.51 1.19 7.72
N HIS A 22 21.22 1.19 7.39
CA HIS A 22 20.53 -0.02 6.91
C HIS A 22 19.66 0.32 5.71
N HIS A 23 19.33 -0.70 4.91
CA HIS A 23 18.49 -0.52 3.72
C HIS A 23 17.04 -0.85 4.04
N MET A 24 16.37 0.08 4.72
CA MET A 24 14.97 -0.13 5.08
C MET A 24 14.13 -0.38 3.84
N GLY A 25 13.54 -1.58 3.76
CA GLY A 25 12.69 -1.96 2.63
C GLY A 25 11.28 -2.30 3.07
N ILE A 26 10.34 -2.06 2.17
CA ILE A 26 8.92 -2.34 2.42
C ILE A 26 8.48 -3.49 1.52
N ASP A 27 7.74 -4.46 2.07
CA ASP A 27 7.26 -5.60 1.29
C ASP A 27 5.85 -5.94 1.71
N VAL A 28 4.98 -6.24 0.74
CA VAL A 28 3.58 -6.59 1.03
C VAL A 28 3.13 -7.75 0.15
N ILE A 29 2.31 -8.62 0.74
CA ILE A 29 1.75 -9.78 0.03
C ILE A 29 0.26 -9.87 0.29
N ILE A 30 -0.53 -10.06 -0.77
CA ILE A 30 -1.98 -10.17 -0.63
C ILE A 30 -2.53 -11.27 -1.52
N LYS A 31 -3.43 -12.08 -0.94
CA LYS A 31 -4.06 -13.20 -1.67
C LYS A 31 -5.56 -13.01 -1.69
N VAL A 32 -6.07 -12.40 -2.76
CA VAL A 32 -7.50 -12.12 -2.88
C VAL A 32 -8.24 -13.26 -3.57
N THR A 33 -9.11 -13.95 -2.82
CA THR A 33 -9.90 -15.03 -3.36
C THR A 33 -11.19 -14.48 -3.98
N LYS A 34 -11.45 -14.84 -5.21
CA LYS A 34 -12.64 -14.37 -5.92
C LYS A 34 -13.88 -15.16 -5.52
N GLN A 35 -15.03 -14.52 -5.60
CA GLN A 35 -16.29 -15.18 -5.25
C GLN A 35 -16.64 -16.22 -6.33
N ASP A 36 -17.56 -17.11 -6.00
CA ASP A 36 -17.95 -18.16 -6.94
C ASP A 36 -18.65 -17.57 -8.17
N GLN A 37 -19.42 -16.51 -7.96
CA GLN A 37 -20.15 -15.87 -9.06
C GLN A 37 -19.21 -15.04 -9.92
N THR A 38 -18.21 -14.43 -9.30
CA THR A 38 -17.24 -13.60 -10.02
C THR A 38 -16.79 -14.29 -11.32
N PRO A 39 -17.24 -13.82 -12.51
CA PRO A 39 -16.83 -14.43 -13.79
C PRO A 39 -15.33 -14.74 -13.84
N THR A 40 -14.94 -15.60 -14.76
CA THR A 40 -13.53 -15.97 -14.89
C THR A 40 -12.72 -14.82 -15.44
N ASN A 41 -11.45 -14.73 -15.03
CA ASN A 41 -10.58 -13.66 -15.49
C ASN A 41 -9.14 -13.91 -15.00
N ASP A 42 -8.29 -14.38 -15.90
CA ASP A 42 -6.88 -14.66 -15.58
C ASP A 42 -5.98 -13.54 -16.12
N LYS A 43 -6.59 -12.62 -16.85
CA LYS A 43 -5.85 -11.51 -17.43
C LYS A 43 -5.27 -10.62 -16.33
N ILE A 44 -4.06 -10.96 -15.89
CA ILE A 44 -3.37 -10.23 -14.82
C ILE A 44 -2.40 -9.19 -15.41
N CYS A 45 -1.96 -8.26 -14.56
CA CYS A 45 -1.04 -7.20 -14.98
C CYS A 45 -1.62 -6.37 -16.11
N GLN A 46 -2.86 -5.91 -15.95
CA GLN A 46 -3.48 -5.11 -17.00
C GLN A 46 -2.75 -3.77 -17.14
N SER A 47 -2.43 -3.14 -16.02
CA SER A 47 -1.71 -1.86 -16.05
C SER A 47 -1.19 -1.47 -14.67
N VAL A 48 -0.48 -0.35 -14.62
CA VAL A 48 0.10 0.16 -13.38
C VAL A 48 0.11 1.69 -13.41
N THR A 49 -0.82 2.32 -12.70
CA THR A 49 -0.91 3.79 -12.66
C THR A 49 -0.36 4.34 -11.35
N GLU A 50 0.90 4.76 -11.36
CA GLU A 50 1.53 5.34 -10.17
C GLU A 50 1.16 6.81 -10.02
N ILE A 51 0.95 7.24 -8.77
CA ILE A 51 0.58 8.63 -8.49
C ILE A 51 1.22 9.08 -7.18
N THR A 52 1.50 10.37 -7.07
CA THR A 52 2.09 10.94 -5.87
C THR A 52 1.66 12.39 -5.72
N GLU A 53 1.47 12.84 -4.48
CA GLU A 53 1.06 14.22 -4.25
C GLU A 53 1.98 15.17 -4.99
N SER A 54 1.69 16.47 -4.87
CA SER A 54 2.52 17.47 -5.51
C SER A 54 3.91 17.46 -4.88
N GLU A 55 3.94 17.19 -3.58
CA GLU A 55 5.20 17.13 -2.86
C GLU A 55 6.05 15.98 -3.37
N SER A 56 6.88 16.26 -4.37
CA SER A 56 7.74 15.26 -4.97
C SER A 56 8.49 15.84 -6.17
N ASP A 57 7.95 15.62 -7.38
CA ASP A 57 8.60 16.13 -8.58
C ASP A 57 7.76 16.03 -9.88
N PRO A 58 6.54 15.41 -9.90
CA PRO A 58 5.78 15.32 -11.14
C PRO A 58 5.05 16.63 -11.47
N ASP A 59 3.75 16.69 -11.13
CA ASP A 59 2.96 17.89 -11.41
C ASP A 59 1.76 18.03 -10.47
N PRO A 60 0.81 17.04 -10.41
CA PRO A 60 -0.38 17.09 -9.55
C PRO A 60 -0.27 18.07 -8.38
N GLU A 61 -1.07 19.13 -8.44
CA GLU A 61 -1.08 20.17 -7.42
C GLU A 61 -2.24 19.96 -6.46
N VAL A 62 -2.82 21.07 -5.97
CA VAL A 62 -3.94 21.01 -5.06
C VAL A 62 -4.61 22.40 -4.96
N GLU A 63 -4.28 23.17 -3.93
CA GLU A 63 -4.85 24.50 -3.74
C GLU A 63 -3.72 25.54 -3.61
N SER A 64 -3.20 25.97 -4.74
CA SER A 64 -2.12 26.95 -4.75
C SER A 64 -0.90 26.41 -4.00
N GLU A 65 0.10 27.28 -3.80
CA GLU A 65 1.33 26.90 -3.09
C GLU A 65 1.88 28.09 -2.31
N ASP A 66 1.35 28.30 -1.10
CA ASP A 66 1.77 29.41 -0.26
C ASP A 66 1.49 29.10 1.21
N ASP A 67 1.85 27.90 1.64
CA ASP A 67 1.63 27.51 3.02
C ASP A 67 2.36 28.45 3.98
N SER A 68 3.68 28.40 3.94
CA SER A 68 4.49 29.24 4.81
C SER A 68 4.25 28.91 6.29
N THR A 69 4.39 29.93 7.15
CA THR A 69 4.19 29.76 8.60
C THR A 69 4.62 28.37 9.08
N SER A 70 5.92 28.11 8.99
CA SER A 70 6.46 26.82 9.42
C SER A 70 7.98 26.88 9.51
N VAL A 71 8.57 25.86 10.14
CA VAL A 71 10.03 25.80 10.30
C VAL A 71 10.48 24.36 10.51
N GLU A 72 9.80 23.65 11.40
CA GLU A 72 10.14 22.27 11.69
C GLU A 72 10.38 21.47 10.41
N ASP A 73 9.35 20.76 9.95
CA ASP A 73 9.44 19.95 8.72
C ASP A 73 8.24 19.00 8.66
N VAL A 74 7.12 19.49 8.14
CA VAL A 74 5.90 18.68 8.03
C VAL A 74 5.40 18.67 6.58
N ASP A 75 5.64 17.54 5.90
CA ASP A 75 5.21 17.39 4.51
C ASP A 75 5.28 15.92 4.09
N PRO A 76 4.42 15.07 4.67
CA PRO A 76 4.38 13.64 4.36
C PRO A 76 3.43 13.33 3.18
N PRO A 77 3.95 12.92 2.00
CA PRO A 77 3.10 12.61 0.84
C PRO A 77 2.63 11.16 0.83
N THR A 78 1.61 10.87 0.03
CA THR A 78 1.06 9.52 -0.09
C THR A 78 1.08 9.06 -1.55
N THR A 79 1.67 7.88 -1.80
CA THR A 79 1.75 7.32 -3.15
C THR A 79 0.71 6.22 -3.30
N TYR A 80 -0.13 6.33 -4.33
CA TYR A 80 -1.20 5.33 -4.57
C TYR A 80 -1.12 4.78 -5.99
N TYR A 81 -0.93 3.45 -6.10
CA TYR A 81 -0.86 2.77 -7.41
C TYR A 81 -2.07 1.85 -7.58
N SER A 82 -2.85 2.10 -8.62
CA SER A 82 -4.06 1.31 -8.90
C SER A 82 -3.75 0.12 -9.80
N ILE A 83 -3.17 -0.93 -9.22
CA ILE A 83 -2.84 -2.13 -10.00
C ILE A 83 -4.12 -2.88 -10.38
N ILE A 84 -4.40 -2.92 -11.69
CA ILE A 84 -5.60 -3.62 -12.18
C ILE A 84 -5.20 -4.97 -12.76
N GLY A 85 -6.08 -5.97 -12.58
CA GLY A 85 -5.81 -7.32 -13.07
C GLY A 85 -6.61 -8.34 -12.30
N GLY A 86 -6.67 -9.56 -12.84
CA GLY A 86 -7.40 -10.63 -12.18
C GLY A 86 -8.86 -10.26 -11.99
N GLY A 87 -9.33 -9.31 -12.80
CA GLY A 87 -10.72 -8.88 -12.71
C GLY A 87 -10.97 -8.02 -11.49
N LEU A 88 -9.89 -7.55 -10.86
CA LEU A 88 -9.99 -6.70 -9.66
C LEU A 88 -9.10 -5.48 -9.78
N ARG A 89 -9.43 -4.44 -9.02
CA ARG A 89 -8.66 -3.18 -9.00
C ARG A 89 -8.25 -2.87 -7.57
N MET A 90 -6.96 -3.07 -7.25
CA MET A 90 -6.46 -2.81 -5.89
C MET A 90 -5.72 -1.48 -5.83
N ASN A 91 -6.19 -0.61 -4.93
CA ASN A 91 -5.58 0.71 -4.75
C ASN A 91 -4.78 0.75 -3.44
N PHE A 92 -3.53 1.19 -3.54
CA PHE A 92 -2.65 1.29 -2.36
C PHE A 92 -2.59 2.73 -1.86
N GLY A 93 -1.67 3.01 -0.94
CA GLY A 93 -1.53 4.33 -0.39
C GLY A 93 -0.52 4.39 0.74
N PHE A 94 0.77 4.19 0.41
CA PHE A 94 1.81 4.23 1.44
C PHE A 94 2.13 5.67 1.83
N THR A 95 2.45 5.88 3.11
CA THR A 95 2.77 7.22 3.62
C THR A 95 4.05 7.18 4.45
N LYS A 96 5.14 7.63 3.84
CA LYS A 96 6.44 7.66 4.51
C LYS A 96 7.01 6.25 4.70
N CYS A 97 6.93 5.44 3.63
CA CYS A 97 7.46 4.07 3.65
C CYS A 97 8.46 3.92 2.50
N PRO A 98 9.49 3.05 2.63
CA PRO A 98 10.48 2.87 1.55
C PRO A 98 9.85 2.89 0.16
N GLN A 99 10.56 3.48 -0.79
CA GLN A 99 10.06 3.58 -2.15
C GLN A 99 9.68 2.22 -2.71
N ILE A 100 8.62 2.20 -3.51
CA ILE A 100 8.15 0.96 -4.14
C ILE A 100 8.68 0.90 -5.57
N LYS A 101 9.18 -0.26 -5.99
CA LYS A 101 9.73 -0.42 -7.34
C LYS A 101 9.45 -1.82 -7.87
N SER A 102 8.94 -2.70 -7.02
CA SER A 102 8.61 -4.07 -7.42
C SER A 102 7.09 -4.27 -7.42
N ILE A 103 6.53 -4.42 -8.62
CA ILE A 103 5.08 -4.62 -8.78
C ILE A 103 4.81 -5.87 -9.61
N SER A 104 4.21 -6.89 -8.99
CA SER A 104 3.92 -8.15 -9.69
C SER A 104 2.58 -8.74 -9.29
N GLU A 105 2.08 -9.64 -10.13
CA GLU A 105 0.80 -10.30 -9.89
C GLU A 105 0.74 -11.65 -10.62
N SER A 106 -0.32 -12.39 -10.35
CA SER A 106 -0.53 -13.70 -10.97
C SER A 106 -1.94 -14.21 -10.65
N ALA A 107 -2.37 -15.24 -11.39
CA ALA A 107 -3.70 -15.82 -11.18
C ALA A 107 -3.60 -17.35 -11.11
N ASP A 108 -4.31 -17.94 -10.15
CA ASP A 108 -4.31 -19.40 -9.98
C ASP A 108 -5.70 -19.87 -9.56
N GLY A 109 -6.38 -20.58 -10.44
CA GLY A 109 -7.71 -21.07 -10.15
C GLY A 109 -8.73 -19.94 -10.09
N ASN A 110 -8.92 -19.39 -8.90
CA ASN A 110 -9.86 -18.29 -8.70
C ASN A 110 -9.28 -17.33 -7.68
N THR A 111 -7.96 -17.38 -7.51
CA THR A 111 -7.26 -16.52 -6.54
C THR A 111 -6.33 -15.55 -7.27
N VAL A 112 -6.30 -14.30 -6.80
CA VAL A 112 -5.45 -13.26 -7.38
C VAL A 112 -4.39 -12.83 -6.37
N ASN A 113 -3.13 -12.99 -6.74
CA ASN A 113 -2.01 -12.62 -5.86
C ASN A 113 -1.37 -11.32 -6.31
N ALA A 114 -0.56 -10.73 -5.44
CA ALA A 114 0.12 -9.48 -5.77
C ALA A 114 1.18 -9.14 -4.73
N ARG A 115 2.40 -8.94 -5.23
CA ARG A 115 3.54 -8.61 -4.35
C ARG A 115 4.03 -7.19 -4.63
N LEU A 116 3.88 -6.33 -3.63
CA LEU A 116 4.34 -4.94 -3.73
C LEU A 116 5.52 -4.79 -2.78
N SER A 117 6.70 -4.44 -3.31
CA SER A 117 7.86 -4.31 -2.45
C SER A 117 8.98 -3.49 -3.10
N SER A 118 10.01 -3.22 -2.31
CA SER A 118 11.17 -2.46 -2.77
C SER A 118 12.21 -3.42 -3.36
N VAL A 119 13.23 -2.85 -4.00
CA VAL A 119 14.27 -3.66 -4.63
C VAL A 119 15.54 -3.71 -3.76
N SER A 120 16.07 -4.91 -3.59
CA SER A 120 17.28 -5.12 -2.79
C SER A 120 18.49 -4.46 -3.47
N PRO A 121 19.59 -4.26 -2.74
CA PRO A 121 20.80 -3.64 -3.29
C PRO A 121 21.52 -4.58 -4.26
N GLY A 122 22.10 -4.01 -5.31
CA GLY A 122 22.81 -4.81 -6.30
C GLY A 122 21.85 -5.52 -7.24
N GLN A 123 20.86 -4.77 -7.75
CA GLN A 123 19.86 -5.33 -8.67
C GLN A 123 19.81 -4.51 -9.95
N GLY A 124 19.66 -3.19 -9.82
CA GLY A 124 19.61 -2.31 -10.97
C GLY A 124 18.86 -1.02 -10.70
N LYS A 125 18.13 -0.98 -9.58
CA LYS A 125 17.37 0.22 -9.20
C LYS A 125 18.03 0.88 -7.99
N ASP A 126 17.44 1.96 -7.51
CA ASP A 126 17.98 2.66 -6.36
C ASP A 126 17.91 1.76 -5.13
N SER A 127 18.36 2.28 -4.00
CA SER A 127 18.36 1.50 -2.77
C SER A 127 18.73 2.38 -1.57
N PRO A 128 17.93 3.43 -1.31
CA PRO A 128 18.19 4.36 -0.20
C PRO A 128 18.62 3.64 1.07
N ALA A 129 19.50 4.30 1.84
CA ALA A 129 20.00 3.75 3.10
C ALA A 129 20.09 4.88 4.11
N ILE A 130 19.48 4.70 5.30
CA ILE A 130 19.49 5.73 6.34
C ILE A 130 19.85 5.10 7.69
N THR A 131 20.15 5.96 8.67
CA THR A 131 20.52 5.50 10.00
C THR A 131 19.33 4.88 10.72
N HIS A 132 19.61 4.17 11.80
CA HIS A 132 18.57 3.52 12.58
C HIS A 132 17.55 4.55 13.08
N GLU A 133 18.04 5.75 13.39
CA GLU A 133 17.17 6.80 13.88
C GLU A 133 15.97 7.00 12.97
N GLU A 134 16.23 7.17 11.67
CA GLU A 134 15.15 7.36 10.71
C GLU A 134 14.29 6.09 10.59
N ALA A 135 14.95 4.95 10.45
CA ALA A 135 14.23 3.69 10.31
C ALA A 135 13.23 3.52 11.46
N LEU A 136 13.75 3.57 12.68
CA LEU A 136 12.90 3.43 13.86
C LEU A 136 11.73 4.41 13.78
N ALA A 137 12.04 5.63 13.35
CA ALA A 137 11.02 6.66 13.21
C ALA A 137 10.15 6.40 11.98
N MET A 138 10.70 5.60 11.04
CA MET A 138 9.98 5.31 9.80
C MET A 138 8.92 4.22 10.00
N ILE A 139 9.34 3.01 10.35
CA ILE A 139 8.39 1.92 10.53
C ILE A 139 7.30 2.31 11.53
N LYS A 140 7.59 3.30 12.36
CA LYS A 140 6.64 3.75 13.37
C LYS A 140 5.50 4.56 12.74
N ASP A 141 5.81 5.31 11.68
CA ASP A 141 4.82 6.15 11.00
C ASP A 141 4.32 5.51 9.70
N CYS A 142 5.12 4.60 9.15
CA CYS A 142 4.74 3.94 7.90
C CYS A 142 3.34 3.36 8.00
N GLU A 143 2.44 3.83 7.12
CA GLU A 143 1.05 3.36 7.11
C GLU A 143 0.58 3.17 5.67
N VAL A 144 0.08 1.97 5.37
CA VAL A 144 -0.40 1.63 4.02
C VAL A 144 -1.88 1.24 4.06
N SER A 145 -2.69 1.91 3.24
CA SER A 145 -4.13 1.63 3.18
C SER A 145 -4.44 0.80 1.93
N ILE A 146 -5.64 0.20 1.91
CA ILE A 146 -6.06 -0.63 0.77
C ILE A 146 -7.56 -0.43 0.50
N ASP A 147 -7.94 -0.51 -0.77
CA ASP A 147 -9.34 -0.36 -1.17
C ASP A 147 -9.55 -1.04 -2.52
N ILE A 148 -9.91 -2.33 -2.49
CA ILE A 148 -10.11 -3.08 -3.74
C ILE A 148 -11.56 -2.98 -4.24
N ARG A 149 -11.69 -2.98 -5.57
CA ARG A 149 -13.01 -2.91 -6.22
C ARG A 149 -13.11 -4.01 -7.28
N CYS A 150 -14.32 -4.18 -7.82
CA CYS A 150 -14.55 -5.22 -8.84
C CYS A 150 -14.36 -4.63 -10.24
N SER A 151 -13.25 -4.97 -10.88
CA SER A 151 -12.95 -4.47 -12.23
C SER A 151 -13.60 -5.35 -13.29
N GLU A 152 -13.59 -4.87 -14.54
CA GLU A 152 -14.19 -5.62 -15.65
C GLU A 152 -13.41 -5.35 -16.94
N GLU A 153 -12.23 -4.77 -16.81
CA GLU A 153 -11.39 -4.46 -17.98
C GLU A 153 -10.90 -5.76 -18.63
N GLU A 154 -11.42 -6.02 -19.83
CA GLU A 154 -11.03 -7.23 -20.56
C GLU A 154 -9.69 -7.04 -21.27
N LYS A 155 -9.08 -5.87 -21.09
CA LYS A 155 -7.80 -5.58 -21.73
C LYS A 155 -6.83 -6.74 -21.57
N ASP A 156 -5.82 -6.80 -22.45
CA ASP A 156 -4.82 -7.85 -22.40
C ASP A 156 -3.83 -7.61 -21.26
N SER A 157 -2.99 -8.60 -20.99
CA SER A 157 -2.00 -8.50 -19.92
C SER A 157 -0.72 -7.85 -20.44
N ASP A 158 -0.19 -6.91 -19.65
CA ASP A 158 1.05 -6.21 -19.99
C ASP A 158 2.16 -6.59 -19.02
N ILE A 159 2.90 -7.65 -19.34
CA ILE A 159 3.99 -8.14 -18.49
C ILE A 159 5.31 -8.11 -19.24
N LYS A 160 6.41 -8.35 -18.51
CA LYS A 160 7.76 -8.36 -19.09
C LYS A 160 8.29 -9.79 -19.12
N THR A 161 9.62 -9.95 -19.21
CA THR A 161 10.24 -11.28 -19.24
C THR A 161 11.37 -11.38 -18.22
N HIS A 162 11.65 -10.26 -17.54
CA HIS A 162 12.71 -10.22 -16.54
C HIS A 162 12.18 -10.70 -15.18
N PRO A 163 12.80 -11.73 -14.53
CA PRO A 163 12.34 -12.21 -13.22
C PRO A 163 11.90 -11.08 -12.30
N VAL A 164 11.02 -11.40 -11.35
CA VAL A 164 10.52 -10.39 -10.41
C VAL A 164 11.59 -10.06 -9.37
N LEU A 165 11.79 -8.77 -9.12
CA LEU A 165 12.79 -8.33 -8.16
C LEU A 165 12.24 -8.46 -6.73
N GLY A 166 13.07 -9.02 -5.84
CA GLY A 166 12.67 -9.22 -4.44
C GLY A 166 13.27 -8.18 -3.51
N SER A 167 12.95 -8.30 -2.22
CA SER A 167 13.45 -7.37 -1.18
C SER A 167 14.38 -8.13 -0.24
N ASN A 168 14.69 -9.37 -0.60
CA ASN A 168 15.58 -10.22 0.19
C ASN A 168 15.02 -10.51 1.58
N ILE A 169 13.96 -9.80 1.99
CA ILE A 169 13.36 -10.04 3.31
C ILE A 169 12.22 -11.04 3.21
N SER A 170 12.13 -11.94 4.19
CA SER A 170 11.08 -12.97 4.20
C SER A 170 9.97 -12.56 5.16
N HIS A 171 8.75 -13.01 4.86
CA HIS A 171 7.60 -12.69 5.70
C HIS A 171 7.56 -13.57 6.94
N LYS A 172 8.69 -13.70 7.61
CA LYS A 172 8.77 -14.50 8.83
C LYS A 172 8.04 -13.79 9.97
N LYS A 173 7.84 -14.49 11.09
CA LYS A 173 7.13 -13.91 12.23
C LYS A 173 8.09 -13.09 13.09
N VAL A 174 7.81 -11.80 13.22
CA VAL A 174 8.65 -10.91 14.03
C VAL A 174 7.81 -9.76 14.59
N SER A 175 8.35 -9.07 15.61
CA SER A 175 7.67 -7.95 16.30
C SER A 175 6.47 -7.41 15.52
N TYR A 176 5.36 -7.22 16.24
CA TYR A 176 4.12 -6.72 15.63
C TYR A 176 4.05 -5.20 15.69
N GLU A 177 3.67 -4.57 14.57
CA GLU A 177 3.54 -3.11 14.51
C GLU A 177 2.42 -2.74 13.54
N ASP A 178 1.56 -1.81 13.95
CA ASP A 178 0.44 -1.39 13.11
C ASP A 178 0.91 -0.60 11.89
N ILE A 179 0.96 -1.28 10.73
CA ILE A 179 1.38 -0.65 9.47
C ILE A 179 0.22 -0.58 8.48
N ILE A 180 -0.84 -1.34 8.76
CA ILE A 180 -2.02 -1.37 7.87
C ILE A 180 -3.06 -0.33 8.30
N GLY A 181 -3.48 0.50 7.35
CA GLY A 181 -4.47 1.53 7.61
C GLY A 181 -5.88 1.04 7.32
N SER A 182 -6.66 1.87 6.63
CA SER A 182 -8.04 1.50 6.30
C SER A 182 -8.07 0.38 5.28
N THR A 183 -9.13 -0.45 5.31
CA THR A 183 -9.24 -1.59 4.38
C THR A 183 -10.69 -1.80 3.92
N ILE A 184 -11.03 -1.21 2.78
CA ILE A 184 -12.38 -1.33 2.21
C ILE A 184 -12.40 -2.41 1.12
N VAL A 185 -13.43 -3.27 1.13
CA VAL A 185 -13.53 -4.33 0.14
C VAL A 185 -14.98 -4.71 -0.16
N ASP A 186 -15.41 -4.44 -1.39
CA ASP A 186 -16.77 -4.79 -1.80
C ASP A 186 -16.89 -6.30 -1.92
N THR A 187 -17.59 -6.90 -0.96
CA THR A 187 -17.77 -8.35 -0.96
C THR A 187 -18.22 -8.83 -2.34
N LYS A 188 -18.89 -7.95 -3.08
CA LYS A 188 -19.38 -8.29 -4.42
C LYS A 188 -18.37 -9.12 -5.20
N CYS A 189 -17.07 -8.82 -5.03
CA CYS A 189 -16.02 -9.57 -5.74
C CYS A 189 -14.84 -9.86 -4.81
N VAL A 190 -15.15 -10.16 -3.55
CA VAL A 190 -14.11 -10.47 -2.56
C VAL A 190 -14.64 -11.42 -1.50
N LYS A 191 -14.26 -12.69 -1.60
CA LYS A 191 -14.70 -13.68 -0.62
C LYS A 191 -13.75 -13.65 0.58
N ASN A 192 -12.47 -13.95 0.31
CA ASN A 192 -11.44 -13.95 1.35
C ASN A 192 -10.23 -13.12 0.88
N LEU A 193 -9.63 -12.38 1.80
CA LEU A 193 -8.47 -11.53 1.47
C LEU A 193 -7.43 -11.58 2.57
N GLU A 194 -6.26 -12.13 2.27
CA GLU A 194 -5.16 -12.21 3.23
C GLU A 194 -4.24 -11.03 3.03
N PHE A 195 -3.54 -10.60 4.10
CA PHE A 195 -2.64 -9.45 3.99
C PHE A 195 -1.45 -9.62 4.94
N SER A 196 -0.25 -9.39 4.39
CA SER A 196 0.99 -9.50 5.16
C SER A 196 1.99 -8.44 4.72
N VAL A 197 2.68 -7.82 5.69
CA VAL A 197 3.68 -6.79 5.40
C VAL A 197 4.89 -6.99 6.31
N ARG A 198 6.02 -6.37 5.97
CA ARG A 198 7.22 -6.53 6.77
C ARG A 198 8.28 -5.47 6.45
N ILE A 199 8.50 -4.56 7.39
CA ILE A 199 9.50 -3.50 7.24
C ILE A 199 10.83 -3.96 7.84
N GLY A 200 11.91 -3.91 7.08
CA GLY A 200 13.20 -4.32 7.59
C GLY A 200 14.33 -4.09 6.61
N ASP A 201 15.56 -4.32 7.04
CA ASP A 201 16.72 -4.14 6.19
C ASP A 201 16.80 -5.24 5.13
N MET A 202 16.99 -4.83 3.88
CA MET A 202 17.08 -5.79 2.77
C MET A 202 18.50 -6.31 2.62
N CYS A 203 19.38 -5.89 3.54
CA CYS A 203 20.78 -6.33 3.51
C CYS A 203 20.97 -7.48 4.49
N LYS A 204 20.71 -7.21 5.76
CA LYS A 204 20.83 -8.21 6.82
C LYS A 204 19.87 -7.87 7.96
N GLU A 205 18.99 -8.81 8.29
CA GLU A 205 18.02 -8.59 9.37
C GLU A 205 18.70 -7.94 10.58
N SER A 206 17.95 -7.12 11.32
CA SER A 206 18.50 -6.43 12.49
C SER A 206 17.53 -6.54 13.67
N SER A 207 16.56 -7.44 13.56
CA SER A 207 15.59 -7.64 14.63
C SER A 207 14.83 -6.35 14.97
N GLU A 208 15.49 -5.45 15.68
CA GLU A 208 14.85 -4.19 16.08
C GLU A 208 14.18 -3.50 14.89
N LEU A 209 14.94 -3.27 13.82
CA LEU A 209 14.39 -2.60 12.64
C LEU A 209 13.46 -3.52 11.86
N GLU A 210 13.22 -4.72 12.40
CA GLU A 210 12.33 -5.69 11.74
C GLU A 210 10.97 -5.74 12.42
N VAL A 211 9.91 -5.53 11.64
CA VAL A 211 8.54 -5.56 12.17
C VAL A 211 7.61 -6.24 11.16
N LYS A 212 6.39 -6.55 11.59
CA LYS A 212 5.43 -7.22 10.70
C LYS A 212 3.99 -6.99 11.15
N ASP A 213 3.06 -7.19 10.23
CA ASP A 213 1.63 -7.03 10.50
C ASP A 213 0.84 -7.90 9.53
N GLY A 214 -0.46 -8.03 9.76
CA GLY A 214 -1.28 -8.86 8.89
C GLY A 214 -2.65 -9.14 9.48
N PHE A 215 -3.54 -9.64 8.62
CA PHE A 215 -4.91 -9.97 9.02
C PHE A 215 -5.40 -11.14 8.18
N LYS A 216 -6.55 -11.69 8.56
CA LYS A 216 -7.15 -12.82 7.84
C LYS A 216 -8.62 -12.55 7.59
N TYR A 217 -8.94 -12.17 6.35
CA TYR A 217 -10.32 -11.88 5.97
C TYR A 217 -10.92 -13.08 5.25
N VAL A 218 -11.96 -13.68 5.83
CA VAL A 218 -12.60 -14.86 5.23
C VAL A 218 -14.12 -14.79 5.41
N ASP A 219 -14.83 -14.75 4.29
CA ASP A 219 -16.29 -14.70 4.32
C ASP A 219 -16.79 -13.58 5.24
N GLY A 220 -16.16 -12.41 5.17
CA GLY A 220 -16.56 -11.29 5.99
C GLY A 220 -16.03 -11.34 7.41
N SER A 221 -15.31 -12.42 7.72
CA SER A 221 -14.73 -12.59 9.06
C SER A 221 -13.26 -12.18 9.08
N ALA A 222 -12.95 -11.16 9.89
CA ALA A 222 -11.57 -10.67 10.01
C ALA A 222 -10.94 -11.23 11.28
N SER A 223 -9.61 -11.25 11.33
CA SER A 223 -8.92 -11.77 12.50
C SER A 223 -7.43 -11.47 12.45
N LYS A 224 -6.94 -10.81 13.49
CA LYS A 224 -5.51 -10.48 13.58
C LYS A 224 -4.75 -11.73 14.04
N GLY A 225 -3.59 -11.97 13.45
CA GLY A 225 -2.82 -13.14 13.83
C GLY A 225 -1.46 -13.16 13.16
N ALA A 226 -0.42 -12.92 13.94
CA ALA A 226 0.93 -12.94 13.42
C ALA A 226 1.36 -14.37 13.13
N THR A 227 1.38 -14.73 11.83
CA THR A 227 1.77 -16.08 11.41
C THR A 227 2.79 -16.00 10.28
N ASP A 228 3.62 -17.03 10.16
CA ASP A 228 4.62 -17.05 9.12
C ASP A 228 3.97 -17.02 7.73
N ASP A 229 3.85 -15.82 7.17
CA ASP A 229 3.26 -15.66 5.84
C ASP A 229 4.31 -15.84 4.76
N THR A 230 5.27 -16.72 5.03
CA THR A 230 6.34 -17.00 4.08
C THR A 230 5.83 -17.79 2.89
N SER A 231 4.87 -18.69 3.14
CA SER A 231 4.30 -19.54 2.08
C SER A 231 2.90 -19.05 1.70
N LEU A 232 2.44 -17.99 2.36
CA LEU A 232 1.10 -17.44 2.08
C LEU A 232 0.84 -17.41 0.57
N ILE A 233 1.91 -17.36 -0.20
CA ILE A 233 1.78 -17.34 -1.66
C ILE A 233 3.14 -17.65 -2.30
N ASP A 234 3.12 -18.47 -3.35
CA ASP A 234 4.35 -18.84 -4.03
C ASP A 234 4.85 -17.68 -4.90
N SER A 235 5.94 -17.05 -4.46
CA SER A 235 6.50 -15.91 -5.19
C SER A 235 7.25 -16.36 -6.43
N THR A 236 7.19 -17.65 -6.75
CA THR A 236 7.89 -18.19 -7.92
C THR A 236 7.05 -18.10 -9.19
N LYS A 237 5.72 -17.97 -9.04
CA LYS A 237 4.82 -17.89 -10.20
C LYS A 237 4.36 -16.45 -10.44
N LEU A 238 4.90 -15.51 -9.67
CA LEU A 238 4.53 -14.10 -9.81
C LEU A 238 5.32 -13.46 -10.96
N LYS A 239 4.70 -12.50 -11.64
CA LYS A 239 5.34 -11.81 -12.77
C LYS A 239 5.17 -10.29 -12.65
N ALA A 240 6.20 -9.55 -13.03
CA ALA A 240 6.14 -8.08 -12.95
C ALA A 240 5.16 -7.51 -13.98
N CYS A 241 4.32 -6.56 -13.55
CA CYS A 241 3.34 -5.95 -14.45
C CYS A 241 3.92 -4.70 -15.11
N VAL A 242 5.19 -4.40 -14.80
CA VAL A 242 5.88 -3.23 -15.35
C VAL A 242 4.93 -2.03 -15.51
N ALA B 1 -39.82 2.69 -10.13
CA ALA B 1 -38.57 2.98 -9.42
C ALA B 1 -38.41 2.05 -8.22
N PRO B 2 -38.41 0.73 -8.47
CA PRO B 2 -38.26 -0.29 -7.40
C PRO B 2 -36.83 -0.33 -6.87
N MET B 3 -36.67 -0.04 -5.58
CA MET B 3 -35.36 -0.05 -4.95
C MET B 3 -34.80 -1.46 -4.91
N GLY B 4 -33.48 -1.57 -4.77
CA GLY B 4 -32.84 -2.87 -4.71
C GLY B 4 -33.28 -3.67 -3.51
N SER B 5 -32.99 -4.97 -3.53
CA SER B 5 -33.37 -5.85 -2.42
C SER B 5 -32.43 -5.66 -1.24
N ASP B 6 -31.28 -6.36 -1.27
CA ASP B 6 -30.29 -6.28 -0.20
C ASP B 6 -28.92 -5.86 -0.75
N PRO B 7 -28.71 -4.55 -0.95
CA PRO B 7 -27.43 -4.03 -1.47
C PRO B 7 -26.25 -4.55 -0.63
N PRO B 8 -25.02 -3.99 -0.81
CA PRO B 8 -23.85 -4.45 -0.07
C PRO B 8 -23.70 -3.69 1.27
N THR B 9 -22.68 -2.86 1.39
CA THR B 9 -22.43 -2.09 2.61
C THR B 9 -20.97 -1.67 2.68
N ALA B 10 -20.56 -0.71 1.85
CA ALA B 10 -19.16 -0.28 1.86
C ALA B 10 -18.88 0.58 3.10
N CYS B 11 -18.84 -0.08 4.27
CA CYS B 11 -18.55 0.60 5.55
C CYS B 11 -17.13 0.24 5.97
N CYS B 12 -16.32 1.25 6.26
CA CYS B 12 -14.93 1.02 6.66
C CYS B 12 -14.86 0.31 8.01
N PHE B 13 -13.90 -0.61 8.13
CA PHE B 13 -13.70 -1.35 9.38
C PHE B 13 -12.36 -1.04 9.99
N SER B 14 -11.53 -0.37 9.20
CA SER B 14 -10.20 0.04 9.65
C SER B 14 -9.95 1.52 9.33
N TYR B 15 -9.23 2.21 10.21
CA TYR B 15 -8.93 3.64 10.02
C TYR B 15 -7.44 3.87 9.82
N THR B 16 -7.08 5.01 9.22
CA THR B 16 -5.67 5.35 8.99
C THR B 16 -5.09 5.98 10.24
N ALA B 17 -3.81 5.71 10.51
CA ALA B 17 -3.15 6.25 11.69
C ALA B 17 -2.66 7.66 11.45
N ARG B 18 -1.99 7.88 10.32
CA ARG B 18 -1.45 9.19 10.00
C ARG B 18 -2.55 10.20 9.66
N LYS B 19 -2.54 11.33 10.35
CA LYS B 19 -3.52 12.39 10.09
C LYS B 19 -3.02 13.25 8.94
N LEU B 20 -3.80 13.30 7.86
CA LEU B 20 -3.42 14.05 6.68
C LEU B 20 -3.60 15.56 6.91
N PRO B 21 -2.73 16.42 6.33
CA PRO B 21 -2.82 17.88 6.52
C PRO B 21 -3.94 18.51 5.69
N ARG B 22 -4.46 19.62 6.19
CA ARG B 22 -5.55 20.33 5.51
C ARG B 22 -5.27 20.47 4.01
N ASN B 23 -4.03 20.82 3.66
CA ASN B 23 -3.68 20.99 2.24
C ASN B 23 -3.69 19.68 1.48
N PHE B 24 -4.46 18.71 1.96
CA PHE B 24 -4.56 17.41 1.28
C PHE B 24 -5.94 16.80 1.56
N VAL B 25 -6.93 17.67 1.67
CA VAL B 25 -8.32 17.27 1.92
C VAL B 25 -9.26 18.32 1.32
N VAL B 26 -9.67 18.09 0.07
CA VAL B 26 -10.56 19.03 -0.63
C VAL B 26 -12.03 18.77 -0.33
N ASP B 27 -12.38 17.54 0.03
CA ASP B 27 -13.78 17.21 0.31
C ASP B 27 -13.88 15.99 1.23
N TYR B 28 -15.11 15.59 1.56
CA TYR B 28 -15.31 14.44 2.44
C TYR B 28 -16.76 13.93 2.34
N TYR B 29 -16.99 12.74 2.90
CA TYR B 29 -18.31 12.13 2.90
C TYR B 29 -18.41 11.11 4.03
N GLU B 30 -19.63 10.81 4.48
CA GLU B 30 -19.85 9.85 5.57
C GLU B 30 -20.24 8.48 5.03
N THR B 31 -19.79 7.45 5.72
CA THR B 31 -20.09 6.07 5.32
C THR B 31 -21.60 5.88 5.11
N SER B 32 -22.23 5.16 6.04
CA SER B 32 -23.68 4.90 5.96
C SER B 32 -24.29 4.83 7.36
N SER B 33 -25.04 3.76 7.64
CA SER B 33 -25.68 3.60 8.95
C SER B 33 -26.02 2.13 9.21
N LEU B 34 -26.52 1.46 8.18
CA LEU B 34 -26.90 0.06 8.32
C LEU B 34 -25.70 -0.78 8.75
N CYS B 35 -24.54 -0.14 8.89
CA CYS B 35 -23.31 -0.86 9.29
C CYS B 35 -23.28 -1.07 10.81
N SER B 36 -23.80 -0.12 11.57
CA SER B 36 -23.82 -0.20 13.03
C SER B 36 -22.43 0.07 13.58
N GLN B 37 -21.64 0.78 12.78
CA GLN B 37 -20.28 1.15 13.14
C GLN B 37 -19.72 2.09 12.08
N PRO B 38 -20.49 3.13 11.73
CA PRO B 38 -20.11 4.12 10.70
C PRO B 38 -18.79 4.82 10.99
N ALA B 39 -18.61 5.99 10.37
CA ALA B 39 -17.41 6.79 10.55
C ALA B 39 -17.39 7.90 9.49
N VAL B 40 -16.37 8.77 9.56
CA VAL B 40 -16.24 9.87 8.60
C VAL B 40 -15.14 9.56 7.60
N VAL B 41 -15.44 9.73 6.32
CA VAL B 41 -14.48 9.46 5.25
C VAL B 41 -14.07 10.78 4.61
N PHE B 42 -12.76 10.95 4.40
CA PHE B 42 -12.24 12.19 3.79
C PHE B 42 -11.64 11.91 2.43
N GLN B 43 -11.78 12.88 1.53
CA GLN B 43 -11.22 12.79 0.18
C GLN B 43 -9.85 13.45 0.18
N THR B 44 -9.09 13.28 -0.89
CA THR B 44 -7.76 13.88 -0.97
C THR B 44 -7.50 14.46 -2.36
N ALA B 45 -6.26 14.31 -2.82
CA ALA B 45 -5.85 14.81 -4.14
C ALA B 45 -5.15 13.74 -4.94
N ALA B 46 -4.35 12.90 -4.27
CA ALA B 46 -3.62 11.81 -4.93
C ALA B 46 -3.93 10.45 -4.30
N SER B 47 -5.22 10.17 -4.07
CA SER B 47 -5.61 8.89 -3.47
C SER B 47 -7.03 8.51 -3.86
N ALA B 48 -8.01 9.11 -3.18
CA ALA B 48 -9.43 8.85 -3.45
C ALA B 48 -10.25 9.17 -2.19
N GLN B 49 -10.29 8.20 -1.28
CA GLN B 49 -11.03 8.35 -0.03
C GLN B 49 -10.53 7.34 0.99
N VAL B 50 -10.51 7.76 2.26
CA VAL B 50 -10.06 6.88 3.35
C VAL B 50 -10.80 7.25 4.65
N CYS B 51 -11.24 6.21 5.35
CA CYS B 51 -11.99 6.37 6.59
C CYS B 51 -11.13 7.03 7.67
N ALA B 52 -11.81 7.56 8.70
CA ALA B 52 -11.13 8.21 9.81
C ALA B 52 -12.00 8.12 11.05
N ASP B 53 -11.46 7.56 12.14
CA ASP B 53 -12.22 7.44 13.37
C ASP B 53 -12.62 8.83 13.88
N PRO B 54 -13.92 9.12 14.08
CA PRO B 54 -14.35 10.45 14.56
C PRO B 54 -14.03 10.61 16.05
N SER B 55 -13.43 9.59 16.62
CA SER B 55 -13.07 9.62 18.04
C SER B 55 -11.97 10.64 18.31
N GLU B 56 -11.26 11.05 17.26
CA GLU B 56 -10.18 12.03 17.41
C GLU B 56 -10.69 13.44 17.11
N SER B 57 -10.48 14.35 18.05
CA SER B 57 -10.94 15.73 17.92
C SER B 57 -10.49 16.35 16.60
N TRP B 58 -9.27 16.06 16.18
CA TRP B 58 -8.75 16.62 14.93
C TRP B 58 -9.66 16.28 13.75
N VAL B 59 -10.25 15.10 13.79
CA VAL B 59 -11.15 14.67 12.72
C VAL B 59 -12.44 15.46 12.79
N GLN B 60 -12.86 15.78 14.01
CA GLN B 60 -14.08 16.54 14.21
C GLN B 60 -13.85 18.00 13.82
N GLU B 61 -12.65 18.50 14.08
CA GLU B 61 -12.31 19.87 13.74
C GLU B 61 -12.15 20.03 12.23
N TYR B 62 -11.62 19.00 11.60
CA TYR B 62 -11.42 19.03 10.15
C TYR B 62 -12.78 19.08 9.45
N VAL B 63 -13.76 18.39 10.02
CA VAL B 63 -15.10 18.38 9.44
C VAL B 63 -15.78 19.73 9.64
N TYR B 64 -15.64 20.28 10.84
CA TYR B 64 -16.24 21.57 11.16
C TYR B 64 -15.64 22.67 10.27
N ASP B 65 -14.39 22.48 9.85
CA ASP B 65 -13.73 23.47 9.01
C ASP B 65 -14.26 23.41 7.58
N LEU B 66 -14.48 22.20 7.08
CA LEU B 66 -14.99 22.03 5.73
C LEU B 66 -16.44 22.49 5.63
N GLU B 67 -17.13 22.52 6.77
CA GLU B 67 -18.52 22.96 6.79
C GLU B 67 -18.61 24.47 6.59
N LEU B 68 -17.57 25.19 7.03
CA LEU B 68 -17.54 26.64 6.88
C LEU B 68 -17.16 27.03 5.46
N ASN B 69 -15.85 27.07 5.20
CA ASN B 69 -15.36 27.43 3.86
C ASN B 69 -15.49 26.25 2.91
N MET A 1 33.23 -7.06 -26.85
CA MET A 1 31.97 -6.78 -26.18
C MET A 1 32.21 -6.41 -24.72
N PRO A 2 32.78 -5.22 -24.47
CA PRO A 2 33.07 -4.73 -23.11
C PRO A 2 31.84 -4.75 -22.21
N ALA A 3 31.86 -3.94 -21.15
CA ALA A 3 30.75 -3.86 -20.22
C ALA A 3 30.92 -2.69 -19.28
N SER A 4 32.14 -2.50 -18.79
CA SER A 4 32.45 -1.41 -17.88
C SER A 4 31.56 -1.48 -16.64
N LEU A 5 31.40 -0.34 -15.97
CA LEU A 5 30.58 -0.28 -14.77
C LEU A 5 31.10 -1.25 -13.71
N GLN A 6 31.71 -0.71 -12.65
CA GLN A 6 32.26 -1.53 -11.57
C GLN A 6 32.21 -0.77 -10.25
N GLN A 7 31.03 -0.25 -9.91
CA GLN A 7 30.86 0.48 -8.67
C GLN A 7 31.16 -0.42 -7.47
N SER A 8 30.79 0.04 -6.27
CA SER A 8 31.02 -0.74 -5.07
C SER A 8 30.18 -0.22 -3.91
N SER A 9 30.36 1.06 -3.58
CA SER A 9 29.63 1.67 -2.47
C SER A 9 28.17 1.95 -2.87
N SER A 10 27.93 2.05 -4.17
CA SER A 10 26.58 2.32 -4.67
C SER A 10 25.56 1.40 -3.99
N SER A 11 24.46 1.98 -3.54
CA SER A 11 23.41 1.19 -2.88
C SER A 11 22.87 0.13 -3.84
N SER A 12 22.91 0.43 -5.13
CA SER A 12 22.42 -0.50 -6.13
C SER A 12 23.41 -1.63 -6.35
N SER A 13 24.69 -1.35 -6.11
CA SER A 13 25.73 -2.35 -6.29
C SER A 13 25.67 -3.42 -5.21
N SER A 14 25.63 -3.00 -3.95
CA SER A 14 25.57 -3.96 -2.84
C SER A 14 25.27 -3.25 -1.53
N CYS A 15 25.18 -4.03 -0.46
CA CYS A 15 24.89 -3.49 0.86
C CYS A 15 25.99 -2.52 1.30
N THR A 16 25.67 -1.69 2.28
CA THR A 16 26.61 -0.74 2.82
C THR A 16 27.51 -1.43 3.84
N GLU A 17 28.62 -0.78 4.23
CA GLU A 17 29.57 -1.36 5.19
C GLU A 17 29.65 -0.52 6.46
N GLU A 18 28.83 0.52 6.56
CA GLU A 18 28.84 1.37 7.74
C GLU A 18 28.45 0.54 8.97
N GLU A 19 27.88 1.19 9.98
CA GLU A 19 27.47 0.51 11.22
C GLU A 19 25.98 0.68 11.45
N ASN A 20 25.59 1.89 11.84
CA ASN A 20 24.19 2.19 12.10
C ASN A 20 23.47 2.52 10.79
N LYS A 21 23.47 1.56 9.87
CA LYS A 21 22.81 1.73 8.56
C LYS A 21 21.90 0.55 8.24
N HIS A 22 20.70 0.85 7.74
CA HIS A 22 19.73 -0.20 7.39
C HIS A 22 19.12 0.03 6.01
N HIS A 23 19.25 -0.97 5.15
CA HIS A 23 18.69 -0.88 3.81
C HIS A 23 17.19 -1.08 3.88
N MET A 24 16.50 -0.03 4.33
CA MET A 24 15.05 -0.10 4.48
C MET A 24 14.38 -0.70 3.26
N GLY A 25 13.08 -0.96 3.39
CA GLY A 25 12.28 -1.54 2.32
C GLY A 25 11.05 -2.20 2.90
N ILE A 26 9.90 -1.92 2.30
CA ILE A 26 8.63 -2.48 2.79
C ILE A 26 8.07 -3.48 1.80
N ASP A 27 7.72 -4.66 2.32
CA ASP A 27 7.16 -5.74 1.49
C ASP A 27 5.67 -5.86 1.74
N VAL A 28 4.90 -5.99 0.66
CA VAL A 28 3.45 -6.10 0.75
C VAL A 28 2.91 -7.16 -0.21
N ILE A 29 2.10 -8.08 0.33
CA ILE A 29 1.50 -9.15 -0.48
C ILE A 29 -0.01 -9.10 -0.32
N ILE A 30 -0.72 -9.75 -1.22
CA ILE A 30 -2.18 -9.75 -1.17
C ILE A 30 -2.77 -10.86 -2.04
N LYS A 31 -3.75 -11.58 -1.50
CA LYS A 31 -4.43 -12.65 -2.22
C LYS A 31 -5.93 -12.38 -2.26
N VAL A 32 -6.38 -11.75 -3.35
CA VAL A 32 -7.79 -11.41 -3.52
C VAL A 32 -8.57 -12.54 -4.17
N THR A 33 -9.51 -13.11 -3.41
CA THR A 33 -10.36 -14.19 -3.91
C THR A 33 -11.62 -13.62 -4.56
N LYS A 34 -11.89 -14.03 -5.79
CA LYS A 34 -13.06 -13.55 -6.52
C LYS A 34 -14.30 -14.33 -6.10
N GLN A 35 -15.47 -13.70 -6.26
CA GLN A 35 -16.73 -14.36 -5.92
C GLN A 35 -16.99 -15.49 -6.91
N ASP A 36 -18.19 -16.06 -6.85
CA ASP A 36 -18.57 -17.16 -7.75
C ASP A 36 -19.17 -16.61 -9.05
N GLN A 37 -19.85 -15.47 -8.96
CA GLN A 37 -20.48 -14.86 -10.13
C GLN A 37 -19.46 -14.12 -10.99
N THR A 38 -18.52 -13.43 -10.34
CA THR A 38 -17.48 -12.68 -11.06
C THR A 38 -16.97 -13.47 -12.28
N PRO A 39 -17.33 -13.07 -13.53
CA PRO A 39 -16.86 -13.76 -14.74
C PRO A 39 -15.38 -14.12 -14.68
N THR A 40 -14.93 -14.91 -15.64
CA THR A 40 -13.53 -15.32 -15.68
C THR A 40 -12.63 -14.18 -16.18
N ASN A 41 -11.51 -13.98 -15.50
CA ASN A 41 -10.57 -12.92 -15.88
C ASN A 41 -9.19 -13.23 -15.31
N ASP A 42 -8.35 -13.86 -16.14
CA ASP A 42 -6.99 -14.22 -15.72
C ASP A 42 -5.97 -13.20 -16.24
N LYS A 43 -6.42 -12.28 -17.07
CA LYS A 43 -5.53 -11.26 -17.62
C LYS A 43 -4.99 -10.38 -16.51
N ILE A 44 -3.81 -10.74 -15.98
CA ILE A 44 -3.19 -9.97 -14.90
C ILE A 44 -2.25 -8.90 -15.46
N CYS A 45 -2.04 -7.86 -14.68
CA CYS A 45 -1.18 -6.76 -15.08
C CYS A 45 -1.61 -6.20 -16.43
N GLN A 46 -2.79 -5.61 -16.50
CA GLN A 46 -3.26 -5.02 -17.74
C GLN A 46 -2.61 -3.66 -17.91
N SER A 47 -2.20 -3.06 -16.79
CA SER A 47 -1.54 -1.76 -16.80
C SER A 47 -1.23 -1.29 -15.38
N VAL A 48 -0.36 -0.28 -15.27
CA VAL A 48 0.03 0.27 -13.97
C VAL A 48 0.39 1.75 -14.14
N THR A 49 -0.16 2.59 -13.26
CA THR A 49 0.10 4.05 -13.33
C THR A 49 0.43 4.61 -11.95
N GLU A 50 1.71 4.89 -11.72
CA GLU A 50 2.16 5.44 -10.44
C GLU A 50 1.97 6.95 -10.39
N ILE A 51 1.47 7.45 -9.26
CA ILE A 51 1.24 8.88 -9.06
C ILE A 51 1.81 9.31 -7.70
N THR A 52 2.00 10.61 -7.53
CA THR A 52 2.54 11.15 -6.28
C THR A 52 2.07 12.59 -6.11
N GLU A 53 1.94 13.03 -4.86
CA GLU A 53 1.52 14.40 -4.61
C GLU A 53 2.42 15.36 -5.39
N SER A 54 2.09 16.65 -5.35
CA SER A 54 2.89 17.63 -6.06
C SER A 54 4.30 17.66 -5.49
N GLU A 55 4.43 17.19 -4.26
CA GLU A 55 5.73 17.15 -3.59
C GLU A 55 6.81 16.61 -4.53
N SER A 56 8.07 16.83 -4.16
CA SER A 56 9.21 16.38 -4.96
C SER A 56 10.46 17.18 -4.58
N ASP A 57 10.25 18.37 -4.04
CA ASP A 57 11.36 19.24 -3.63
C ASP A 57 10.85 20.31 -2.65
N PRO A 58 11.72 20.82 -1.75
CA PRO A 58 11.34 21.86 -0.78
C PRO A 58 10.32 22.85 -1.35
N ASP A 59 10.36 23.03 -2.67
CA ASP A 59 9.44 23.95 -3.36
C ASP A 59 8.57 23.19 -4.35
N PRO A 60 7.44 22.61 -3.88
CA PRO A 60 6.52 21.83 -4.74
C PRO A 60 6.13 22.58 -6.02
N GLU A 61 5.07 22.10 -6.67
CA GLU A 61 4.57 22.71 -7.92
C GLU A 61 3.12 23.17 -7.72
N VAL A 62 2.18 22.58 -8.47
CA VAL A 62 0.77 22.96 -8.39
C VAL A 62 0.60 24.47 -8.29
N GLU A 63 0.46 25.09 -9.46
CA GLU A 63 0.29 26.54 -9.55
C GLU A 63 1.32 27.28 -8.68
N SER A 64 2.60 27.02 -8.95
CA SER A 64 3.67 27.68 -8.19
C SER A 64 3.50 27.42 -6.69
N GLU A 65 3.36 28.48 -5.91
CA GLU A 65 3.20 28.35 -4.46
C GLU A 65 2.61 29.63 -3.88
N ASP A 66 3.14 30.06 -2.73
CA ASP A 66 2.66 31.27 -2.06
C ASP A 66 1.23 31.06 -1.54
N ASP A 67 0.67 29.90 -1.84
CA ASP A 67 -0.69 29.56 -1.39
C ASP A 67 -0.88 28.06 -1.35
N SER A 68 -1.80 27.60 -0.51
CA SER A 68 -2.07 26.17 -0.37
C SER A 68 -0.93 25.48 0.38
N THR A 69 0.20 26.17 0.50
CA THR A 69 1.34 25.61 1.20
C THR A 69 1.08 25.53 2.70
N SER A 70 2.10 25.18 3.47
CA SER A 70 1.96 25.07 4.92
C SER A 70 3.33 24.97 5.59
N VAL A 71 3.40 25.40 6.85
CA VAL A 71 4.65 25.36 7.61
C VAL A 71 4.41 24.70 8.97
N GLU A 72 3.20 24.87 9.50
CA GLU A 72 2.85 24.28 10.78
C GLU A 72 3.23 22.81 10.82
N ASP A 73 2.63 22.02 9.93
CA ASP A 73 2.92 20.59 9.85
C ASP A 73 4.14 20.34 8.98
N VAL A 74 4.46 19.06 8.75
CA VAL A 74 5.61 18.69 7.92
C VAL A 74 5.21 18.68 6.44
N ASP A 75 5.54 17.60 5.74
CA ASP A 75 5.21 17.47 4.32
C ASP A 75 5.20 16.01 3.90
N PRO A 76 4.18 15.24 4.35
CA PRO A 76 4.07 13.81 4.03
C PRO A 76 3.39 13.57 2.67
N PRO A 77 4.11 13.05 1.65
CA PRO A 77 3.52 12.77 0.33
C PRO A 77 2.90 11.38 0.28
N THR A 78 1.88 11.22 -0.57
CA THR A 78 1.18 9.92 -0.71
C THR A 78 1.23 9.43 -2.14
N THR A 79 1.92 8.32 -2.37
CA THR A 79 2.02 7.73 -3.71
C THR A 79 0.98 6.63 -3.88
N TYR A 80 0.22 6.69 -4.97
CA TYR A 80 -0.83 5.70 -5.25
C TYR A 80 -0.69 5.18 -6.67
N TYR A 81 -0.92 3.87 -6.88
CA TYR A 81 -0.84 3.28 -8.23
C TYR A 81 -2.01 2.34 -8.49
N SER A 82 -2.62 2.47 -9.66
CA SER A 82 -3.79 1.67 -10.03
C SER A 82 -3.42 0.45 -10.85
N ILE A 83 -2.84 -0.55 -10.19
CA ILE A 83 -2.46 -1.77 -10.88
C ILE A 83 -3.72 -2.55 -11.24
N ILE A 84 -4.15 -2.41 -12.50
CA ILE A 84 -5.36 -3.10 -12.99
C ILE A 84 -4.98 -4.49 -13.49
N GLY A 85 -5.90 -5.46 -13.30
CA GLY A 85 -5.64 -6.82 -13.75
C GLY A 85 -6.48 -7.83 -13.00
N GLY A 86 -6.52 -9.06 -13.53
CA GLY A 86 -7.28 -10.12 -12.89
C GLY A 86 -8.73 -9.76 -12.72
N GLY A 87 -9.21 -8.83 -13.54
CA GLY A 87 -10.60 -8.41 -13.47
C GLY A 87 -10.86 -7.54 -12.25
N LEU A 88 -9.78 -7.18 -11.55
CA LEU A 88 -9.87 -6.34 -10.34
C LEU A 88 -8.93 -5.15 -10.46
N ARG A 89 -9.26 -4.07 -9.76
CA ARG A 89 -8.44 -2.85 -9.76
C ARG A 89 -8.06 -2.51 -8.33
N MET A 90 -6.75 -2.60 -8.04
CA MET A 90 -6.25 -2.31 -6.69
C MET A 90 -5.64 -0.91 -6.65
N ASN A 91 -5.67 -0.30 -5.47
CA ASN A 91 -5.12 1.03 -5.26
C ASN A 91 -4.61 1.15 -3.83
N PHE A 92 -3.35 1.56 -3.69
CA PHE A 92 -2.73 1.72 -2.35
C PHE A 92 -2.36 3.17 -2.09
N GLY A 93 -1.61 3.41 -1.02
CA GLY A 93 -1.21 4.78 -0.68
C GLY A 93 0.01 4.81 0.21
N PHE A 94 1.18 4.68 -0.40
CA PHE A 94 2.43 4.69 0.35
C PHE A 94 2.74 6.11 0.82
N THR A 95 2.73 6.30 2.15
CA THR A 95 3.01 7.61 2.74
C THR A 95 4.16 7.49 3.75
N LYS A 96 5.29 8.09 3.41
CA LYS A 96 6.46 8.03 4.28
C LYS A 96 6.97 6.59 4.39
N CYS A 97 6.78 5.81 3.32
CA CYS A 97 7.22 4.41 3.27
C CYS A 97 8.29 4.26 2.19
N PRO A 98 9.25 3.31 2.34
CA PRO A 98 10.31 3.10 1.34
C PRO A 98 9.77 3.25 -0.10
N GLN A 99 10.69 3.48 -1.03
CA GLN A 99 10.32 3.66 -2.44
C GLN A 99 10.10 2.31 -3.13
N ILE A 100 8.84 1.98 -3.40
CA ILE A 100 8.52 0.74 -4.09
C ILE A 100 9.03 0.79 -5.52
N LYS A 101 9.48 -0.37 -6.03
CA LYS A 101 9.99 -0.44 -7.40
C LYS A 101 9.68 -1.81 -7.99
N SER A 102 9.45 -2.80 -7.13
CA SER A 102 9.14 -4.16 -7.58
C SER A 102 7.64 -4.39 -7.55
N ILE A 103 7.07 -4.74 -8.71
CA ILE A 103 5.63 -5.00 -8.82
C ILE A 103 5.40 -6.19 -9.74
N SER A 104 4.56 -7.11 -9.30
CA SER A 104 4.25 -8.31 -10.09
C SER A 104 2.83 -8.78 -9.79
N GLU A 105 2.32 -9.67 -10.66
CA GLU A 105 0.96 -10.19 -10.49
C GLU A 105 0.87 -11.61 -11.01
N SER A 106 -0.17 -12.32 -10.58
CA SER A 106 -0.38 -13.70 -11.00
C SER A 106 -1.83 -14.11 -10.73
N ALA A 107 -2.30 -15.12 -11.47
CA ALA A 107 -3.68 -15.61 -11.31
C ALA A 107 -3.68 -17.13 -11.27
N ASP A 108 -4.49 -17.69 -10.36
CA ASP A 108 -4.59 -19.14 -10.21
C ASP A 108 -5.97 -19.52 -9.70
N GLY A 109 -6.77 -20.12 -10.59
CA GLY A 109 -8.12 -20.53 -10.22
C GLY A 109 -9.10 -19.38 -10.24
N ASN A 110 -9.45 -18.89 -9.06
CA ASN A 110 -10.41 -17.77 -8.92
C ASN A 110 -9.84 -16.70 -7.99
N THR A 111 -8.51 -16.67 -7.85
CA THR A 111 -7.85 -15.69 -7.00
C THR A 111 -6.77 -14.95 -7.77
N VAL A 112 -6.44 -13.74 -7.31
CA VAL A 112 -5.42 -12.90 -7.95
C VAL A 112 -4.39 -12.46 -6.92
N ASN A 113 -3.11 -12.65 -7.24
CA ASN A 113 -2.02 -12.27 -6.33
C ASN A 113 -1.29 -11.04 -6.87
N ALA A 114 -0.65 -10.30 -5.96
CA ALA A 114 0.09 -9.10 -6.33
C ALA A 114 1.17 -8.81 -5.31
N ARG A 115 2.42 -8.77 -5.78
CA ARG A 115 3.57 -8.51 -4.91
C ARG A 115 4.07 -7.08 -5.13
N LEU A 116 3.92 -6.25 -4.10
CA LEU A 116 4.38 -4.85 -4.14
C LEU A 116 5.44 -4.68 -3.06
N SER A 117 6.68 -4.42 -3.46
CA SER A 117 7.77 -4.28 -2.48
C SER A 117 8.95 -3.52 -3.05
N SER A 118 9.90 -3.20 -2.18
CA SER A 118 11.11 -2.48 -2.57
C SER A 118 12.18 -3.47 -3.03
N VAL A 119 13.19 -2.98 -3.73
CA VAL A 119 14.26 -3.83 -4.24
C VAL A 119 15.46 -3.85 -3.27
N SER A 120 16.06 -5.02 -3.12
CA SER A 120 17.23 -5.19 -2.25
C SER A 120 18.50 -4.77 -2.99
N PRO A 121 19.55 -4.30 -2.28
CA PRO A 121 20.80 -3.87 -2.93
C PRO A 121 21.39 -4.99 -3.80
N GLY A 122 22.13 -4.58 -4.83
CA GLY A 122 22.74 -5.54 -5.73
C GLY A 122 21.71 -6.18 -6.65
N GLN A 123 20.90 -5.34 -7.29
CA GLN A 123 19.85 -5.82 -8.19
C GLN A 123 19.85 -5.03 -9.49
N GLY A 124 19.77 -3.70 -9.38
CA GLY A 124 19.77 -2.85 -10.57
C GLY A 124 19.23 -1.46 -10.31
N LYS A 125 18.60 -1.26 -9.14
CA LYS A 125 18.04 0.06 -8.79
C LYS A 125 18.51 0.49 -7.40
N ASP A 126 18.60 1.79 -7.20
CA ASP A 126 19.05 2.33 -5.92
C ASP A 126 18.14 1.90 -4.77
N SER A 127 18.76 1.73 -3.61
CA SER A 127 18.05 1.34 -2.39
C SER A 127 18.62 2.11 -1.21
N PRO A 128 18.50 3.45 -1.24
CA PRO A 128 19.02 4.34 -0.20
C PRO A 128 18.88 3.76 1.21
N ALA A 129 19.99 3.78 1.95
CA ALA A 129 20.01 3.28 3.33
C ALA A 129 19.72 4.43 4.29
N ILE A 130 19.39 4.10 5.54
CA ILE A 130 19.09 5.12 6.54
C ILE A 130 19.58 4.71 7.92
N THR A 131 19.62 5.67 8.84
CA THR A 131 20.08 5.41 10.20
C THR A 131 18.95 4.83 11.05
N HIS A 132 19.33 4.09 12.09
CA HIS A 132 18.34 3.48 12.97
C HIS A 132 17.34 4.51 13.45
N GLU A 133 17.81 5.72 13.70
CA GLU A 133 16.94 6.80 14.18
C GLU A 133 15.83 7.07 13.17
N GLU A 134 16.22 7.27 11.92
CA GLU A 134 15.25 7.53 10.87
C GLU A 134 14.36 6.31 10.65
N ALA A 135 14.98 5.13 10.63
CA ALA A 135 14.23 3.89 10.44
C ALA A 135 13.15 3.76 11.50
N LEU A 136 13.55 3.80 12.76
CA LEU A 136 12.61 3.69 13.86
C LEU A 136 11.48 4.70 13.67
N ALA A 137 11.83 5.87 13.14
CA ALA A 137 10.83 6.91 12.90
C ALA A 137 9.93 6.53 11.72
N MET A 138 10.51 5.82 10.76
CA MET A 138 9.77 5.41 9.58
C MET A 138 8.76 4.31 9.92
N ILE A 139 9.26 3.16 10.38
CA ILE A 139 8.37 2.04 10.70
C ILE A 139 7.18 2.50 11.55
N LYS A 140 7.32 3.65 12.21
CA LYS A 140 6.25 4.19 13.04
C LYS A 140 5.34 5.11 12.24
N ASP A 141 5.90 5.76 11.21
CA ASP A 141 5.14 6.70 10.38
C ASP A 141 4.52 6.01 9.16
N CYS A 142 5.30 5.16 8.50
CA CYS A 142 4.84 4.47 7.30
C CYS A 142 3.42 3.92 7.48
N GLU A 143 2.51 4.38 6.61
CA GLU A 143 1.12 3.95 6.63
C GLU A 143 0.60 3.78 5.21
N VAL A 144 -0.08 2.66 4.93
CA VAL A 144 -0.62 2.39 3.59
C VAL A 144 -2.08 1.97 3.66
N SER A 145 -2.90 2.60 2.81
CA SER A 145 -4.33 2.28 2.74
C SER A 145 -4.59 1.42 1.51
N ILE A 146 -5.81 0.89 1.40
CA ILE A 146 -6.18 0.04 0.25
C ILE A 146 -7.60 0.38 -0.21
N ASP A 147 -7.88 0.11 -1.48
CA ASP A 147 -9.19 0.39 -2.05
C ASP A 147 -9.37 -0.36 -3.36
N ILE A 148 -9.87 -1.60 -3.28
CA ILE A 148 -10.07 -2.42 -4.47
C ILE A 148 -11.45 -2.19 -5.08
N ARG A 149 -11.52 -2.31 -6.40
CA ARG A 149 -12.78 -2.12 -7.14
C ARG A 149 -12.92 -3.20 -8.21
N CYS A 150 -14.10 -3.25 -8.84
CA CYS A 150 -14.36 -4.26 -9.87
C CYS A 150 -14.23 -3.65 -11.27
N SER A 151 -13.26 -4.14 -12.05
CA SER A 151 -13.05 -3.65 -13.42
C SER A 151 -13.57 -4.66 -14.43
N GLU A 152 -13.38 -4.35 -15.71
CA GLU A 152 -13.83 -5.23 -16.79
C GLU A 152 -12.90 -5.08 -18.00
N GLU A 153 -11.89 -4.24 -17.85
CA GLU A 153 -10.92 -4.01 -18.94
C GLU A 153 -10.30 -5.34 -19.38
N GLU A 154 -10.83 -5.89 -20.47
CA GLU A 154 -10.32 -7.16 -21.01
C GLU A 154 -8.99 -6.95 -21.72
N LYS A 155 -8.42 -5.76 -21.58
CA LYS A 155 -7.14 -5.46 -22.22
C LYS A 155 -6.14 -6.60 -22.03
N ASP A 156 -5.15 -6.68 -22.92
CA ASP A 156 -4.15 -7.73 -22.84
C ASP A 156 -3.23 -7.50 -21.64
N SER A 157 -2.39 -8.48 -21.34
CA SER A 157 -1.46 -8.39 -20.22
C SER A 157 -0.13 -7.80 -20.66
N ASP A 158 0.39 -6.87 -19.85
CA ASP A 158 1.67 -6.21 -20.15
C ASP A 158 2.70 -6.57 -19.08
N ILE A 159 3.42 -7.67 -19.30
CA ILE A 159 4.44 -8.14 -18.35
C ILE A 159 5.80 -8.28 -19.03
N LYS A 160 6.84 -8.47 -18.21
CA LYS A 160 8.21 -8.63 -18.73
C LYS A 160 8.70 -10.05 -18.43
N THR A 161 9.65 -10.52 -19.23
CA THR A 161 10.18 -11.87 -19.06
C THR A 161 11.28 -11.93 -18.00
N HIS A 162 11.64 -10.78 -17.44
CA HIS A 162 12.69 -10.75 -16.40
C HIS A 162 12.10 -11.23 -15.07
N PRO A 163 12.89 -11.89 -14.21
CA PRO A 163 12.40 -12.37 -12.91
C PRO A 163 11.97 -11.20 -12.02
N VAL A 164 11.15 -11.48 -11.01
CA VAL A 164 10.68 -10.44 -10.10
C VAL A 164 11.76 -10.12 -9.07
N LEU A 165 11.98 -8.83 -8.84
CA LEU A 165 12.98 -8.39 -7.87
C LEU A 165 12.39 -8.43 -6.45
N GLY A 166 12.97 -9.27 -5.59
CA GLY A 166 12.49 -9.41 -4.22
C GLY A 166 13.11 -8.41 -3.28
N SER A 167 12.59 -8.36 -2.05
CA SER A 167 13.10 -7.46 -1.02
C SER A 167 14.00 -8.24 -0.05
N ASN A 168 14.26 -9.50 -0.40
CA ASN A 168 15.12 -10.36 0.40
C ASN A 168 14.55 -10.58 1.82
N ILE A 169 13.43 -9.92 2.15
CA ILE A 169 12.83 -10.08 3.47
C ILE A 169 11.68 -11.09 3.41
N SER A 170 11.59 -11.95 4.43
CA SER A 170 10.53 -12.97 4.49
C SER A 170 9.38 -12.50 5.38
N HIS A 171 8.17 -12.89 5.01
CA HIS A 171 6.99 -12.50 5.77
C HIS A 171 6.88 -13.31 7.07
N LYS A 172 8.01 -13.53 7.72
CA LYS A 172 8.03 -14.29 8.97
C LYS A 172 7.25 -13.53 10.04
N LYS A 173 7.03 -14.16 11.19
CA LYS A 173 6.31 -13.51 12.29
C LYS A 173 7.27 -12.72 13.16
N VAL A 174 6.94 -11.45 13.40
CA VAL A 174 7.78 -10.58 14.21
C VAL A 174 6.94 -9.43 14.77
N SER A 175 7.57 -8.57 15.60
CA SER A 175 6.90 -7.43 16.22
C SER A 175 5.72 -6.92 15.39
N TYR A 176 4.64 -6.54 16.07
CA TYR A 176 3.43 -6.05 15.39
C TYR A 176 3.37 -4.54 15.42
N GLU A 177 3.04 -3.94 14.27
CA GLU A 177 2.94 -2.48 14.15
C GLU A 177 1.77 -2.11 13.25
N ASP A 178 1.02 -1.10 13.64
CA ASP A 178 -0.14 -0.65 12.85
C ASP A 178 0.31 0.10 11.61
N ILE A 179 0.57 -0.65 10.53
CA ILE A 179 1.01 -0.05 9.26
C ILE A 179 -0.16 0.05 8.29
N ILE A 180 -1.03 -0.96 8.31
CA ILE A 180 -2.20 -0.97 7.41
C ILE A 180 -3.22 0.07 7.85
N GLY A 181 -3.58 0.95 6.92
CA GLY A 181 -4.55 2.00 7.19
C GLY A 181 -5.95 1.53 6.88
N SER A 182 -6.64 2.29 6.04
CA SER A 182 -8.01 1.94 5.66
C SER A 182 -8.02 0.87 4.58
N THR A 183 -9.10 0.10 4.56
CA THR A 183 -9.26 -0.98 3.58
C THR A 183 -10.71 -1.05 3.09
N ILE A 184 -10.98 -0.40 1.95
CA ILE A 184 -12.33 -0.39 1.39
C ILE A 184 -12.44 -1.43 0.28
N VAL A 185 -13.32 -2.43 0.48
CA VAL A 185 -13.51 -3.49 -0.50
C VAL A 185 -14.99 -3.73 -0.79
N ASP A 186 -15.38 -3.51 -2.05
CA ASP A 186 -16.75 -3.71 -2.49
C ASP A 186 -17.03 -5.19 -2.71
N THR A 187 -17.87 -5.76 -1.85
CA THR A 187 -18.20 -7.18 -1.93
C THR A 187 -18.51 -7.59 -3.36
N LYS A 188 -19.09 -6.67 -4.12
CA LYS A 188 -19.45 -6.94 -5.53
C LYS A 188 -18.45 -7.87 -6.22
N CYS A 189 -17.16 -7.78 -5.88
CA CYS A 189 -16.16 -8.65 -6.52
C CYS A 189 -14.96 -8.91 -5.62
N VAL A 190 -15.20 -9.45 -4.44
CA VAL A 190 -14.13 -9.78 -3.50
C VAL A 190 -14.68 -10.52 -2.30
N LYS A 191 -14.69 -11.85 -2.39
CA LYS A 191 -15.20 -12.66 -1.29
C LYS A 191 -14.26 -12.64 -0.11
N ASN A 192 -12.99 -13.03 -0.35
CA ASN A 192 -11.98 -13.06 0.71
C ASN A 192 -10.73 -12.29 0.29
N LEU A 193 -10.19 -11.52 1.22
CA LEU A 193 -8.98 -10.71 0.96
C LEU A 193 -8.00 -10.87 2.11
N GLU A 194 -6.76 -11.21 1.76
CA GLU A 194 -5.69 -11.38 2.74
C GLU A 194 -4.64 -10.30 2.54
N PHE A 195 -4.17 -9.70 3.64
CA PHE A 195 -3.18 -8.62 3.55
C PHE A 195 -2.10 -8.79 4.61
N SER A 196 -0.84 -8.63 4.19
CA SER A 196 0.30 -8.75 5.10
C SER A 196 1.36 -7.71 4.73
N VAL A 197 2.00 -7.14 5.75
CA VAL A 197 3.04 -6.11 5.53
C VAL A 197 4.24 -6.40 6.43
N ARG A 198 5.39 -5.85 6.06
CA ARG A 198 6.60 -6.06 6.85
C ARG A 198 7.75 -5.21 6.31
N ILE A 199 8.23 -4.29 7.15
CA ILE A 199 9.33 -3.40 6.77
C ILE A 199 10.52 -3.58 7.71
N GLY A 200 11.72 -3.65 7.13
CA GLY A 200 12.94 -3.83 7.91
C GLY A 200 14.17 -3.67 7.05
N ASP A 201 15.25 -4.37 7.41
CA ASP A 201 16.49 -4.29 6.64
C ASP A 201 16.47 -5.34 5.53
N MET A 202 16.56 -4.87 4.29
CA MET A 202 16.53 -5.75 3.13
C MET A 202 17.89 -6.42 2.92
N CYS A 203 18.83 -6.17 3.83
CA CYS A 203 20.18 -6.77 3.74
C CYS A 203 20.39 -7.78 4.85
N LYS A 204 20.13 -7.37 6.08
CA LYS A 204 20.29 -8.26 7.25
C LYS A 204 19.24 -7.94 8.30
N GLU A 205 18.30 -8.86 8.48
CA GLU A 205 17.24 -8.67 9.46
C GLU A 205 17.77 -8.15 10.78
N SER A 206 16.96 -7.34 11.47
CA SER A 206 17.35 -6.76 12.75
C SER A 206 16.10 -6.58 13.62
N SER A 207 15.85 -7.57 14.49
CA SER A 207 14.68 -7.59 15.40
C SER A 207 14.11 -6.20 15.67
N GLU A 208 14.99 -5.23 15.89
CA GLU A 208 14.55 -3.87 16.18
C GLU A 208 13.68 -3.30 15.06
N LEU A 209 14.31 -2.97 13.94
CA LEU A 209 13.59 -2.38 12.81
C LEU A 209 12.70 -3.39 12.09
N GLU A 210 12.53 -4.57 12.68
CA GLU A 210 11.68 -5.61 12.08
C GLU A 210 10.28 -5.57 12.68
N VAL A 211 9.27 -5.46 11.83
CA VAL A 211 7.88 -5.41 12.27
C VAL A 211 6.98 -6.08 11.23
N LYS A 212 5.68 -6.14 11.52
CA LYS A 212 4.74 -6.76 10.59
C LYS A 212 3.30 -6.40 10.95
N ASP A 213 2.40 -6.64 10.01
CA ASP A 213 0.98 -6.36 10.21
C ASP A 213 0.16 -7.19 9.22
N GLY A 214 -1.15 -7.24 9.41
CA GLY A 214 -2.00 -8.00 8.51
C GLY A 214 -3.39 -8.23 9.06
N PHE A 215 -4.26 -8.76 8.21
CA PHE A 215 -5.65 -9.05 8.59
C PHE A 215 -6.16 -10.21 7.75
N LYS A 216 -7.37 -10.70 8.07
CA LYS A 216 -7.97 -11.81 7.34
C LYS A 216 -9.45 -11.53 7.09
N TYR A 217 -9.77 -11.15 5.86
CA TYR A 217 -11.16 -10.85 5.46
C TYR A 217 -11.73 -12.02 4.69
N VAL A 218 -12.85 -12.59 5.18
CA VAL A 218 -13.47 -13.73 4.53
C VAL A 218 -15.00 -13.62 4.54
N ASP A 219 -15.58 -13.53 3.35
CA ASP A 219 -17.04 -13.43 3.19
C ASP A 219 -17.64 -12.23 3.91
N GLY A 220 -16.83 -11.53 4.72
CA GLY A 220 -17.32 -10.37 5.46
C GLY A 220 -16.81 -10.34 6.88
N SER A 221 -16.04 -11.38 7.25
CA SER A 221 -15.48 -11.47 8.60
C SER A 221 -14.02 -11.07 8.60
N ALA A 222 -13.71 -9.99 9.34
CA ALA A 222 -12.33 -9.50 9.45
C ALA A 222 -11.74 -9.94 10.78
N SER A 223 -10.43 -10.14 10.81
CA SER A 223 -9.78 -10.56 12.05
C SER A 223 -8.26 -10.38 11.98
N LYS A 224 -7.73 -9.70 12.99
CA LYS A 224 -6.29 -9.47 13.06
C LYS A 224 -5.62 -10.75 13.56
N GLY A 225 -4.47 -11.09 12.98
CA GLY A 225 -3.77 -12.29 13.40
C GLY A 225 -2.37 -12.37 12.82
N ALA A 226 -1.37 -12.22 13.69
CA ALA A 226 0.02 -12.29 13.26
C ALA A 226 0.42 -13.75 13.05
N THR A 227 0.37 -14.20 11.79
CA THR A 227 0.72 -15.58 11.45
C THR A 227 1.78 -15.61 10.35
N ASP A 228 2.51 -16.72 10.26
CA ASP A 228 3.56 -16.87 9.26
C ASP A 228 2.97 -16.77 7.86
N ASP A 229 3.05 -15.57 7.28
CA ASP A 229 2.53 -15.33 5.93
C ASP A 229 3.61 -15.58 4.89
N THR A 230 4.53 -16.49 5.19
CA THR A 230 5.63 -16.79 4.28
C THR A 230 5.14 -17.59 3.07
N SER A 231 4.09 -18.39 3.28
CA SER A 231 3.54 -19.22 2.20
C SER A 231 2.15 -18.73 1.78
N LEU A 232 1.68 -17.65 2.41
CA LEU A 232 0.36 -17.11 2.09
C LEU A 232 0.15 -17.06 0.57
N ILE A 233 1.25 -16.91 -0.17
CA ILE A 233 1.18 -16.86 -1.63
C ILE A 233 2.47 -17.43 -2.23
N ASP A 234 2.33 -18.14 -3.36
CA ASP A 234 3.48 -18.73 -4.03
C ASP A 234 4.28 -17.65 -4.75
N SER A 235 5.34 -17.16 -4.12
CA SER A 235 6.16 -16.10 -4.69
C SER A 235 6.78 -16.55 -6.02
N THR A 236 6.54 -17.81 -6.39
CA THR A 236 7.09 -18.36 -7.63
C THR A 236 6.29 -17.92 -8.86
N LYS A 237 4.98 -18.15 -8.83
CA LYS A 237 4.12 -17.81 -9.97
C LYS A 237 4.00 -16.31 -10.19
N LEU A 238 4.87 -15.54 -9.54
CA LEU A 238 4.83 -14.07 -9.70
C LEU A 238 5.45 -13.67 -11.04
N LYS A 239 4.84 -12.68 -11.68
CA LYS A 239 5.32 -12.17 -12.96
C LYS A 239 5.38 -10.64 -12.93
N ALA A 240 6.51 -10.08 -13.36
CA ALA A 240 6.67 -8.64 -13.35
C ALA A 240 5.54 -7.98 -14.12
N CYS A 241 5.25 -6.71 -13.81
CA CYS A 241 4.17 -5.98 -14.47
C CYS A 241 4.66 -4.68 -15.11
N VAL A 242 5.92 -4.34 -14.83
CA VAL A 242 6.53 -3.11 -15.36
C VAL A 242 5.51 -1.95 -15.39
N ALA B 1 -39.15 -0.32 -7.53
CA ALA B 1 -37.83 -0.06 -7.00
C ALA B 1 -37.60 -0.82 -5.70
N PRO B 2 -37.73 -2.15 -5.74
CA PRO B 2 -37.54 -3.01 -4.56
C PRO B 2 -36.07 -3.12 -4.16
N MET B 3 -35.75 -2.60 -2.98
CA MET B 3 -34.37 -2.63 -2.49
C MET B 3 -33.83 -4.06 -2.53
N GLY B 4 -32.51 -4.17 -2.71
CA GLY B 4 -31.88 -5.47 -2.77
C GLY B 4 -32.12 -6.28 -1.51
N SER B 5 -31.58 -7.50 -1.47
CA SER B 5 -31.75 -8.37 -0.31
C SER B 5 -30.95 -7.84 0.87
N ASP B 6 -29.69 -8.28 0.95
CA ASP B 6 -28.81 -7.86 2.06
C ASP B 6 -27.35 -7.90 1.60
N PRO B 7 -26.98 -7.03 0.65
CA PRO B 7 -25.60 -6.97 0.12
C PRO B 7 -24.67 -6.17 1.05
N PRO B 8 -23.65 -6.82 1.69
CA PRO B 8 -22.73 -6.11 2.58
C PRO B 8 -22.23 -4.81 1.96
N THR B 9 -21.44 -4.03 2.70
CA THR B 9 -20.94 -2.78 2.15
C THR B 9 -19.58 -2.40 2.73
N ALA B 10 -19.16 -1.18 2.42
CA ALA B 10 -17.85 -0.69 2.88
C ALA B 10 -17.92 -0.24 4.34
N CYS B 11 -17.21 -0.96 5.21
CA CYS B 11 -17.18 -0.64 6.64
C CYS B 11 -15.73 -0.59 7.14
N CYS B 12 -15.33 0.57 7.66
CA CYS B 12 -13.98 0.76 8.17
C CYS B 12 -13.46 -0.48 8.89
N PHE B 13 -12.26 -0.91 8.50
CA PHE B 13 -11.62 -2.07 9.11
C PHE B 13 -10.43 -1.60 9.92
N SER B 14 -9.81 -0.51 9.45
CA SER B 14 -8.65 0.06 10.15
C SER B 14 -8.49 1.54 9.80
N TYR B 15 -7.79 2.26 10.69
CA TYR B 15 -7.56 3.70 10.52
C TYR B 15 -6.10 3.98 10.18
N THR B 16 -5.85 5.17 9.62
CA THR B 16 -4.48 5.57 9.26
C THR B 16 -3.77 6.13 10.49
N ALA B 17 -2.52 5.74 10.69
CA ALA B 17 -1.76 6.19 11.84
C ALA B 17 -1.12 7.54 11.58
N ARG B 18 -1.48 8.18 10.45
CA ARG B 18 -0.93 9.49 10.11
C ARG B 18 -2.03 10.44 9.64
N LYS B 19 -2.08 11.62 10.25
CA LYS B 19 -3.07 12.63 9.89
C LYS B 19 -2.58 13.43 8.68
N LEU B 20 -3.40 13.51 7.64
CA LEU B 20 -3.01 14.24 6.43
C LEU B 20 -3.45 15.72 6.54
N PRO B 21 -2.51 16.69 6.63
CA PRO B 21 -2.86 18.11 6.73
C PRO B 21 -4.01 18.48 5.81
N ARG B 22 -4.76 19.51 6.19
CA ARG B 22 -5.91 19.95 5.39
C ARG B 22 -5.55 20.02 3.91
N ASN B 23 -4.41 20.64 3.59
CA ASN B 23 -3.97 20.78 2.21
C ASN B 23 -4.29 19.56 1.34
N PHE B 24 -4.24 18.37 1.95
CA PHE B 24 -4.53 17.13 1.22
C PHE B 24 -5.88 16.54 1.67
N VAL B 25 -6.89 17.41 1.83
CA VAL B 25 -8.23 16.98 2.25
C VAL B 25 -9.27 17.97 1.72
N VAL B 26 -9.82 17.67 0.54
CA VAL B 26 -10.81 18.56 -0.09
C VAL B 26 -12.25 18.23 0.30
N ASP B 27 -12.50 16.97 0.70
CA ASP B 27 -13.87 16.58 1.08
C ASP B 27 -13.85 15.35 1.99
N TYR B 28 -15.03 14.86 2.38
CA TYR B 28 -15.13 13.69 3.25
C TYR B 28 -16.49 13.00 3.15
N TYR B 29 -16.58 11.82 3.76
CA TYR B 29 -17.80 11.03 3.77
C TYR B 29 -17.77 10.06 4.95
N GLU B 30 -18.96 9.69 5.46
CA GLU B 30 -19.05 8.77 6.59
C GLU B 30 -19.36 7.35 6.14
N THR B 31 -18.86 6.37 6.89
CA THR B 31 -19.08 4.97 6.56
C THR B 31 -20.58 4.67 6.42
N SER B 32 -21.13 3.93 7.39
CA SER B 32 -22.56 3.58 7.35
C SER B 32 -23.08 3.37 8.77
N SER B 33 -23.96 2.37 8.94
CA SER B 33 -24.54 2.06 10.24
C SER B 33 -24.78 0.56 10.39
N LEU B 34 -24.91 -0.11 9.25
CA LEU B 34 -25.13 -1.55 9.27
C LEU B 34 -24.00 -2.26 10.03
N CYS B 35 -22.95 -1.49 10.33
CA CYS B 35 -21.79 -2.00 11.05
C CYS B 35 -21.71 -1.34 12.43
N SER B 36 -21.74 -2.17 13.47
CA SER B 36 -21.70 -1.64 14.83
C SER B 36 -20.32 -1.11 15.21
N GLN B 37 -19.65 -0.46 14.25
CA GLN B 37 -18.33 0.10 14.51
C GLN B 37 -17.94 1.01 13.34
N PRO B 38 -18.74 2.07 13.10
CA PRO B 38 -18.51 3.01 11.98
C PRO B 38 -17.25 3.86 12.17
N ALA B 39 -17.16 4.93 11.38
CA ALA B 39 -16.03 5.84 11.43
C ALA B 39 -16.18 6.95 10.39
N VAL B 40 -15.24 7.89 10.39
CA VAL B 40 -15.25 9.01 9.44
C VAL B 40 -14.18 8.80 8.38
N VAL B 41 -14.57 8.97 7.11
CA VAL B 41 -13.65 8.81 5.99
C VAL B 41 -13.39 10.15 5.32
N PHE B 42 -12.12 10.47 5.06
CA PHE B 42 -11.75 11.74 4.41
C PHE B 42 -11.19 11.50 3.02
N GLN B 43 -11.38 12.49 2.14
CA GLN B 43 -10.89 12.41 0.77
C GLN B 43 -9.50 13.05 0.71
N THR B 44 -8.78 12.89 -0.41
CA THR B 44 -7.45 13.48 -0.53
C THR B 44 -7.27 14.11 -1.91
N ALA B 45 -6.04 14.01 -2.42
CA ALA B 45 -5.68 14.57 -3.73
C ALA B 45 -4.97 13.55 -4.60
N ALA B 46 -4.10 12.75 -3.97
CA ALA B 46 -3.34 11.71 -4.68
C ALA B 46 -3.57 10.34 -4.03
N SER B 47 -4.84 10.02 -3.74
CA SER B 47 -5.17 8.73 -3.12
C SER B 47 -6.61 8.30 -3.44
N ALA B 48 -7.57 8.83 -2.65
CA ALA B 48 -9.00 8.52 -2.84
C ALA B 48 -9.74 8.73 -1.53
N GLN B 49 -9.83 7.67 -0.72
CA GLN B 49 -10.52 7.72 0.57
C GLN B 49 -9.71 6.96 1.63
N VAL B 50 -9.80 7.40 2.88
CA VAL B 50 -9.05 6.75 3.97
C VAL B 50 -9.79 6.94 5.30
N CYS B 51 -10.28 5.83 5.84
CA CYS B 51 -10.98 5.83 7.12
C CYS B 51 -10.18 6.57 8.18
N ALA B 52 -10.85 6.97 9.26
CA ALA B 52 -10.21 7.68 10.36
C ALA B 52 -10.98 7.46 11.66
N ASP B 53 -10.23 7.27 12.76
CA ASP B 53 -10.87 7.06 14.06
C ASP B 53 -11.43 8.39 14.57
N PRO B 54 -12.76 8.55 14.73
CA PRO B 54 -13.33 9.82 15.21
C PRO B 54 -13.01 10.05 16.68
N SER B 55 -12.32 9.08 17.29
CA SER B 55 -11.96 9.18 18.69
C SER B 55 -10.83 10.17 18.91
N GLU B 56 -10.21 10.62 17.81
CA GLU B 56 -9.10 11.58 17.88
C GLU B 56 -9.61 13.00 17.61
N SER B 57 -9.32 13.90 18.54
CA SER B 57 -9.76 15.30 18.46
C SER B 57 -9.51 15.93 17.09
N TRP B 58 -8.30 15.83 16.58
CA TRP B 58 -7.98 16.47 15.30
C TRP B 58 -8.92 16.02 14.17
N VAL B 59 -9.50 14.83 14.32
CA VAL B 59 -10.42 14.33 13.30
C VAL B 59 -11.75 15.06 13.39
N GLN B 60 -12.15 15.37 14.62
CA GLN B 60 -13.41 16.09 14.83
C GLN B 60 -13.29 17.52 14.30
N GLU B 61 -12.17 18.16 14.61
CA GLU B 61 -11.92 19.52 14.16
C GLU B 61 -11.84 19.59 12.64
N TYR B 62 -11.29 18.53 12.06
CA TYR B 62 -11.16 18.46 10.61
C TYR B 62 -12.55 18.45 9.98
N VAL B 63 -13.42 17.62 10.52
CA VAL B 63 -14.78 17.52 10.02
C VAL B 63 -15.51 18.84 10.25
N TYR B 64 -15.40 19.36 11.47
CA TYR B 64 -16.04 20.62 11.83
C TYR B 64 -15.60 21.74 10.91
N ASP B 65 -14.34 21.70 10.47
CA ASP B 65 -13.81 22.74 9.60
C ASP B 65 -14.39 22.63 8.18
N LEU B 66 -14.62 21.38 7.76
CA LEU B 66 -15.18 21.14 6.43
C LEU B 66 -16.65 21.52 6.38
N GLU B 67 -17.29 21.57 7.55
CA GLU B 67 -18.70 21.93 7.63
C GLU B 67 -18.88 23.42 7.38
N LEU B 68 -17.86 24.21 7.75
CA LEU B 68 -17.93 25.66 7.55
C LEU B 68 -17.65 26.02 6.10
N ASN B 69 -16.37 25.98 5.73
CA ASN B 69 -15.96 26.31 4.36
C ASN B 69 -16.25 25.13 3.42
N MET A 1 18.02 9.70 -13.68
CA MET A 1 18.36 8.67 -12.69
C MET A 1 18.65 7.34 -13.38
N PRO A 2 19.72 7.29 -14.18
CA PRO A 2 20.12 6.07 -14.91
C PRO A 2 20.86 5.09 -14.00
N ALA A 3 21.87 5.59 -13.29
CA ALA A 3 22.65 4.75 -12.39
C ALA A 3 23.16 3.51 -13.13
N SER A 4 24.43 3.54 -13.52
CA SER A 4 25.03 2.41 -14.23
C SER A 4 26.55 2.55 -14.25
N LEU A 5 27.23 1.43 -14.53
CA LEU A 5 28.68 1.43 -14.58
C LEU A 5 29.26 1.95 -13.26
N GLN A 6 28.73 1.47 -12.15
CA GLN A 6 29.20 1.89 -10.83
C GLN A 6 30.37 1.02 -10.37
N GLN A 7 30.90 1.34 -9.20
CA GLN A 7 32.03 0.59 -8.64
C GLN A 7 31.51 -0.64 -7.90
N SER A 8 31.39 -0.52 -6.56
CA SER A 8 30.90 -1.63 -5.74
C SER A 8 30.28 -1.08 -4.46
N SER A 9 30.51 0.20 -4.20
CA SER A 9 29.95 0.84 -3.00
C SER A 9 28.50 1.20 -3.20
N SER A 10 28.12 1.44 -4.46
CA SER A 10 26.75 1.80 -4.78
C SER A 10 25.76 0.81 -4.14
N SER A 11 24.76 1.35 -3.46
CA SER A 11 23.77 0.49 -2.79
C SER A 11 23.11 -0.44 -3.80
N SER A 12 23.09 -0.03 -5.06
CA SER A 12 22.49 -0.84 -6.11
C SER A 12 23.38 -2.04 -6.43
N SER A 13 24.69 -1.86 -6.23
CA SER A 13 25.65 -2.93 -6.51
C SER A 13 25.60 -3.99 -5.41
N SER A 14 25.80 -3.56 -4.17
CA SER A 14 25.79 -4.48 -3.03
C SER A 14 25.52 -3.74 -1.74
N CYS A 15 25.13 -4.47 -0.70
CA CYS A 15 24.83 -3.86 0.59
C CYS A 15 26.07 -3.16 1.15
N THR A 16 25.84 -2.10 1.92
CA THR A 16 26.95 -1.33 2.50
C THR A 16 27.60 -2.11 3.65
N GLU A 17 28.73 -1.60 4.13
CA GLU A 17 29.48 -2.25 5.22
C GLU A 17 29.49 -1.34 6.47
N GLU A 18 28.59 -0.35 6.48
CA GLU A 18 28.49 0.57 7.61
C GLU A 18 27.50 0.04 8.63
N GLU A 19 28.01 -0.73 9.60
CA GLU A 19 27.17 -1.32 10.64
C GLU A 19 26.16 -0.33 11.21
N ASN A 20 26.46 0.97 11.09
CA ASN A 20 25.57 2.00 11.62
C ASN A 20 24.41 2.29 10.68
N LYS A 21 24.12 1.38 9.75
CA LYS A 21 23.00 1.60 8.83
C LYS A 21 22.68 0.34 8.02
N HIS A 22 21.52 0.35 7.39
CA HIS A 22 21.08 -0.79 6.58
C HIS A 22 20.13 -0.34 5.48
N HIS A 23 19.62 -1.30 4.70
CA HIS A 23 18.69 -0.99 3.60
C HIS A 23 17.26 -1.31 4.01
N MET A 24 16.57 -0.29 4.52
CA MET A 24 15.19 -0.46 4.92
C MET A 24 14.30 -0.56 3.69
N GLY A 25 13.59 -1.68 3.58
CA GLY A 25 12.69 -1.91 2.44
C GLY A 25 11.29 -2.24 2.91
N ILE A 26 10.31 -2.07 2.02
CA ILE A 26 8.91 -2.34 2.34
C ILE A 26 8.43 -3.58 1.58
N ASP A 27 7.75 -4.48 2.28
CA ASP A 27 7.23 -5.71 1.69
C ASP A 27 5.73 -5.82 1.92
N VAL A 28 4.97 -5.96 0.83
CA VAL A 28 3.52 -6.07 0.93
C VAL A 28 3.00 -7.15 -0.01
N ILE A 29 1.98 -7.89 0.44
CA ILE A 29 1.40 -8.95 -0.35
C ILE A 29 -0.10 -9.04 -0.06
N ILE A 30 -0.91 -9.23 -1.10
CA ILE A 30 -2.36 -9.32 -0.95
C ILE A 30 -2.93 -10.43 -1.82
N LYS A 31 -3.81 -11.24 -1.22
CA LYS A 31 -4.46 -12.34 -1.94
C LYS A 31 -5.97 -12.10 -1.95
N VAL A 32 -6.45 -11.48 -3.02
CA VAL A 32 -7.87 -11.16 -3.15
C VAL A 32 -8.66 -12.28 -3.83
N THR A 33 -9.82 -12.58 -3.26
CA THR A 33 -10.72 -13.61 -3.78
C THR A 33 -11.99 -12.94 -4.29
N LYS A 34 -12.41 -13.26 -5.51
CA LYS A 34 -13.62 -12.67 -6.08
C LYS A 34 -14.85 -13.48 -5.73
N GLN A 35 -16.03 -12.89 -5.92
CA GLN A 35 -17.28 -13.57 -5.64
C GLN A 35 -17.60 -14.54 -6.77
N ASP A 36 -18.32 -15.62 -6.44
CA ASP A 36 -18.67 -16.60 -7.45
C ASP A 36 -19.57 -15.98 -8.52
N GLN A 37 -19.93 -14.72 -8.32
CA GLN A 37 -20.80 -14.01 -9.28
C GLN A 37 -19.96 -13.28 -10.33
N THR A 38 -18.87 -12.65 -9.89
CA THR A 38 -18.02 -11.91 -10.81
C THR A 38 -17.69 -12.75 -12.05
N PRO A 39 -17.54 -12.12 -13.24
CA PRO A 39 -17.21 -12.84 -14.47
C PRO A 39 -15.73 -13.20 -14.53
N THR A 40 -15.38 -14.14 -15.40
CA THR A 40 -13.98 -14.55 -15.53
C THR A 40 -13.10 -13.34 -15.84
N ASN A 41 -11.87 -13.34 -15.33
CA ASN A 41 -10.97 -12.23 -15.54
C ASN A 41 -9.54 -12.62 -15.14
N ASP A 42 -8.77 -13.13 -16.11
CA ASP A 42 -7.39 -13.53 -15.86
C ASP A 42 -6.44 -12.43 -16.35
N LYS A 43 -7.02 -11.41 -16.98
CA LYS A 43 -6.23 -10.29 -17.49
C LYS A 43 -5.50 -9.58 -16.35
N ILE A 44 -4.35 -10.11 -15.97
CA ILE A 44 -3.54 -9.54 -14.89
C ILE A 44 -2.46 -8.62 -15.48
N CYS A 45 -1.92 -7.72 -14.65
CA CYS A 45 -0.89 -6.78 -15.10
C CYS A 45 -1.43 -5.89 -16.23
N GLN A 46 -2.68 -5.47 -16.09
CA GLN A 46 -3.29 -4.61 -17.10
C GLN A 46 -2.43 -3.37 -17.33
N SER A 47 -2.16 -2.64 -16.24
CA SER A 47 -1.35 -1.44 -16.33
C SER A 47 -1.16 -0.81 -14.95
N VAL A 48 -0.04 -0.12 -14.76
CA VAL A 48 0.27 0.53 -13.48
C VAL A 48 0.32 2.05 -13.65
N THR A 49 -0.17 2.78 -12.65
CA THR A 49 -0.18 4.25 -12.68
C THR A 49 0.47 4.81 -11.43
N GLU A 50 1.72 5.26 -11.57
CA GLU A 50 2.44 5.83 -10.44
C GLU A 50 2.09 7.30 -10.24
N ILE A 51 1.72 7.65 -9.00
CA ILE A 51 1.36 9.02 -8.66
C ILE A 51 1.97 9.37 -7.30
N THR A 52 2.29 10.64 -7.09
CA THR A 52 2.88 11.07 -5.83
C THR A 52 2.56 12.53 -5.58
N GLU A 53 2.37 12.89 -4.30
CA GLU A 53 2.10 14.26 -3.95
C GLU A 53 3.21 15.14 -4.53
N SER A 54 3.13 16.42 -4.22
CA SER A 54 4.07 17.44 -4.70
C SER A 54 3.39 18.18 -5.82
N GLU A 55 2.16 17.71 -6.13
CA GLU A 55 1.34 18.31 -7.17
C GLU A 55 1.95 18.17 -8.57
N SER A 56 1.13 18.47 -9.57
CA SER A 56 1.54 18.39 -10.97
C SER A 56 1.85 19.78 -11.54
N ASP A 57 1.06 20.76 -11.14
CA ASP A 57 1.27 22.13 -11.61
C ASP A 57 2.75 22.54 -11.44
N PRO A 58 3.31 22.37 -10.23
CA PRO A 58 4.71 22.73 -9.98
C PRO A 58 5.68 21.59 -10.34
N ASP A 59 5.60 21.12 -11.58
CA ASP A 59 6.48 20.05 -12.04
C ASP A 59 6.27 18.79 -11.20
N PRO A 60 5.61 17.72 -11.74
CA PRO A 60 5.38 16.48 -10.99
C PRO A 60 6.61 16.02 -10.20
N GLU A 61 6.63 16.35 -8.91
CA GLU A 61 7.73 15.96 -8.01
C GLU A 61 9.09 15.90 -8.72
N VAL A 62 9.26 16.72 -9.76
CA VAL A 62 10.54 16.73 -10.48
C VAL A 62 11.59 17.48 -9.68
N GLU A 63 11.55 18.81 -9.71
CA GLU A 63 12.50 19.61 -8.97
C GLU A 63 12.27 19.47 -7.47
N SER A 64 13.19 20.00 -6.66
CA SER A 64 13.07 19.91 -5.21
C SER A 64 11.63 20.14 -4.75
N GLU A 65 11.35 19.76 -3.50
CA GLU A 65 10.01 19.91 -2.96
C GLU A 65 9.59 21.38 -2.93
N ASP A 66 10.48 22.26 -3.38
CA ASP A 66 10.18 23.69 -3.41
C ASP A 66 9.71 24.16 -2.03
N ASP A 67 10.62 24.76 -1.28
CA ASP A 67 10.28 25.25 0.05
C ASP A 67 11.43 26.08 0.63
N SER A 68 11.15 26.77 1.74
CA SER A 68 12.15 27.61 2.40
C SER A 68 11.96 27.57 3.91
N THR A 69 10.78 27.98 4.38
CA THR A 69 10.50 27.99 5.81
C THR A 69 10.65 26.59 6.39
N SER A 70 9.82 25.66 5.93
CA SER A 70 9.87 24.29 6.41
C SER A 70 9.77 24.24 7.93
N VAL A 71 8.64 24.74 8.46
CA VAL A 71 8.43 24.75 9.90
C VAL A 71 8.13 23.34 10.41
N GLU A 72 6.91 22.87 10.18
CA GLU A 72 6.52 21.53 10.61
C GLU A 72 5.15 21.16 10.05
N ASP A 73 4.81 21.72 8.89
CA ASP A 73 3.51 21.45 8.24
C ASP A 73 3.69 20.62 6.98
N VAL A 74 2.61 20.50 6.21
CA VAL A 74 2.60 19.72 4.96
C VAL A 74 3.44 18.45 5.11
N ASP A 75 2.91 17.48 5.85
CA ASP A 75 3.60 16.22 6.07
C ASP A 75 4.13 15.64 4.74
N PRO A 76 5.24 14.87 4.79
CA PRO A 76 5.83 14.26 3.58
C PRO A 76 4.76 13.81 2.57
N PRO A 77 5.12 13.69 1.27
CA PRO A 77 4.18 13.27 0.21
C PRO A 77 3.82 11.78 0.32
N THR A 78 2.77 11.37 -0.40
CA THR A 78 2.33 9.97 -0.41
C THR A 78 2.30 9.42 -1.83
N THR A 79 2.77 8.18 -2.00
CA THR A 79 2.79 7.53 -3.31
C THR A 79 1.51 6.71 -3.48
N TYR A 80 0.79 6.94 -4.57
CA TYR A 80 -0.48 6.25 -4.83
C TYR A 80 -0.45 5.51 -6.17
N TYR A 81 -0.25 4.19 -6.11
CA TYR A 81 -0.22 3.35 -7.30
C TYR A 81 -1.62 2.81 -7.55
N SER A 82 -1.90 2.41 -8.79
CA SER A 82 -3.22 1.88 -9.14
C SER A 82 -3.08 0.76 -10.17
N ILE A 83 -2.51 -0.36 -9.74
CA ILE A 83 -2.33 -1.50 -10.63
C ILE A 83 -3.66 -2.19 -10.89
N ILE A 84 -4.18 -2.01 -12.10
CA ILE A 84 -5.45 -2.60 -12.50
C ILE A 84 -5.22 -4.00 -13.09
N GLY A 85 -6.18 -4.90 -12.91
CA GLY A 85 -6.05 -6.25 -13.43
C GLY A 85 -6.88 -7.24 -12.67
N GLY A 86 -6.98 -8.46 -13.21
CA GLY A 86 -7.76 -9.50 -12.56
C GLY A 86 -9.20 -9.07 -12.37
N GLY A 87 -9.64 -8.13 -13.18
CA GLY A 87 -11.00 -7.63 -13.10
C GLY A 87 -11.22 -6.76 -11.87
N LEU A 88 -10.12 -6.44 -11.18
CA LEU A 88 -10.18 -5.62 -9.96
C LEU A 88 -9.16 -4.48 -10.05
N ARG A 89 -9.42 -3.41 -9.29
CA ARG A 89 -8.53 -2.24 -9.25
C ARG A 89 -7.95 -2.09 -7.85
N MET A 90 -6.62 -2.19 -7.75
CA MET A 90 -5.95 -2.08 -6.44
C MET A 90 -5.31 -0.70 -6.28
N ASN A 91 -5.91 0.12 -5.41
CA ASN A 91 -5.40 1.47 -5.15
C ASN A 91 -4.61 1.49 -3.84
N PHE A 92 -3.34 1.86 -3.92
CA PHE A 92 -2.47 1.93 -2.73
C PHE A 92 -2.32 3.36 -2.24
N GLY A 93 -1.39 3.56 -1.30
CA GLY A 93 -1.16 4.89 -0.74
C GLY A 93 -0.04 4.88 0.29
N PHE A 94 1.20 4.70 -0.18
CA PHE A 94 2.35 4.65 0.72
C PHE A 94 2.73 6.06 1.18
N THR A 95 3.03 6.19 2.48
CA THR A 95 3.41 7.49 3.06
C THR A 95 4.58 7.31 4.03
N LYS A 96 5.69 7.95 3.72
CA LYS A 96 6.89 7.86 4.55
C LYS A 96 7.38 6.41 4.68
N CYS A 97 7.18 5.63 3.61
CA CYS A 97 7.61 4.23 3.57
C CYS A 97 8.59 4.02 2.43
N PRO A 98 9.55 3.06 2.55
CA PRO A 98 10.53 2.80 1.49
C PRO A 98 9.89 2.88 0.10
N GLN A 99 10.66 3.36 -0.88
CA GLN A 99 10.16 3.50 -2.24
C GLN A 99 9.98 2.13 -2.89
N ILE A 100 8.86 1.95 -3.59
CA ILE A 100 8.58 0.70 -4.28
C ILE A 100 9.33 0.66 -5.60
N LYS A 101 9.78 -0.53 -6.01
CA LYS A 101 10.53 -0.68 -7.25
C LYS A 101 10.16 -1.98 -7.94
N SER A 102 9.42 -2.84 -7.24
CA SER A 102 8.99 -4.13 -7.78
C SER A 102 7.47 -4.25 -7.71
N ILE A 103 6.85 -4.48 -8.87
CA ILE A 103 5.39 -4.62 -8.95
C ILE A 103 5.04 -5.84 -9.81
N SER A 104 4.58 -6.90 -9.16
CA SER A 104 4.23 -8.14 -9.87
C SER A 104 2.96 -8.75 -9.29
N GLU A 105 2.16 -9.38 -10.15
CA GLU A 105 0.92 -10.01 -9.72
C GLU A 105 0.69 -11.30 -10.50
N SER A 106 -0.48 -11.91 -10.30
CA SER A 106 -0.82 -13.15 -10.96
C SER A 106 -2.29 -13.50 -10.76
N ALA A 107 -2.80 -14.43 -11.57
CA ALA A 107 -4.20 -14.87 -11.48
C ALA A 107 -4.28 -16.38 -11.43
N ASP A 108 -4.75 -16.92 -10.30
CA ASP A 108 -4.88 -18.36 -10.11
C ASP A 108 -6.28 -18.71 -9.63
N GLY A 109 -7.06 -19.36 -10.50
CA GLY A 109 -8.41 -19.74 -10.15
C GLY A 109 -9.32 -18.53 -10.02
N ASN A 110 -10.02 -18.43 -8.89
CA ASN A 110 -10.93 -17.31 -8.64
C ASN A 110 -10.27 -16.29 -7.72
N THR A 111 -8.94 -16.30 -7.68
CA THR A 111 -8.19 -15.36 -6.82
C THR A 111 -7.10 -14.67 -7.62
N VAL A 112 -6.64 -13.52 -7.11
CA VAL A 112 -5.59 -12.74 -7.78
C VAL A 112 -4.52 -12.35 -6.75
N ASN A 113 -3.26 -12.48 -7.15
CA ASN A 113 -2.14 -12.16 -6.26
C ASN A 113 -1.70 -10.72 -6.45
N ALA A 114 -0.77 -10.27 -5.60
CA ALA A 114 -0.26 -8.92 -5.68
C ALA A 114 1.03 -8.79 -4.88
N ARG A 115 2.10 -8.36 -5.57
CA ARG A 115 3.42 -8.19 -4.93
C ARG A 115 3.91 -6.76 -5.09
N LEU A 116 3.79 -5.97 -4.01
CA LEU A 116 4.26 -4.57 -4.00
C LEU A 116 5.39 -4.48 -2.97
N SER A 117 6.62 -4.26 -3.44
CA SER A 117 7.76 -4.19 -2.52
C SER A 117 8.99 -3.59 -3.17
N SER A 118 9.97 -3.27 -2.33
CA SER A 118 11.25 -2.74 -2.80
C SER A 118 12.20 -3.90 -3.07
N VAL A 119 13.39 -3.61 -3.58
CA VAL A 119 14.37 -4.67 -3.88
C VAL A 119 15.64 -4.52 -3.04
N SER A 120 16.34 -5.63 -2.85
CA SER A 120 17.57 -5.66 -2.05
C SER A 120 18.80 -5.42 -2.94
N PRO A 121 19.87 -4.75 -2.43
CA PRO A 121 21.09 -4.49 -3.21
C PRO A 121 21.44 -5.63 -4.16
N GLY A 122 22.18 -5.30 -5.22
CA GLY A 122 22.57 -6.29 -6.21
C GLY A 122 21.39 -6.71 -7.07
N GLN A 123 20.94 -5.79 -7.92
CA GLN A 123 19.80 -6.07 -8.80
C GLN A 123 19.85 -5.19 -10.04
N GLY A 124 20.23 -3.93 -9.87
CA GLY A 124 20.32 -2.97 -10.98
C GLY A 124 19.49 -1.73 -10.73
N LYS A 125 18.95 -1.62 -9.52
CA LYS A 125 18.12 -0.47 -9.13
C LYS A 125 18.69 0.17 -7.86
N ASP A 126 18.18 1.33 -7.50
CA ASP A 126 18.65 2.02 -6.31
C ASP A 126 18.14 1.33 -5.04
N SER A 127 18.86 1.52 -3.94
CA SER A 127 18.49 0.93 -2.66
C SER A 127 19.07 1.75 -1.50
N PRO A 128 18.59 3.00 -1.34
CA PRO A 128 19.08 3.91 -0.29
C PRO A 128 19.15 3.25 1.10
N ALA A 129 20.27 3.47 1.79
CA ALA A 129 20.46 2.94 3.15
C ALA A 129 20.36 4.08 4.15
N ILE A 130 20.04 3.75 5.40
CA ILE A 130 19.91 4.77 6.44
C ILE A 130 20.26 4.21 7.82
N THR A 131 20.45 5.11 8.78
CA THR A 131 20.81 4.73 10.14
C THR A 131 19.62 4.10 10.87
N HIS A 132 19.91 3.45 11.98
CA HIS A 132 18.88 2.81 12.78
C HIS A 132 17.88 3.85 13.27
N GLU A 133 18.37 5.05 13.56
CA GLU A 133 17.51 6.12 14.05
C GLU A 133 16.38 6.37 13.06
N GLU A 134 16.75 6.68 11.83
CA GLU A 134 15.75 6.93 10.80
C GLU A 134 14.83 5.72 10.66
N ALA A 135 15.43 4.54 10.60
CA ALA A 135 14.66 3.31 10.47
C ALA A 135 13.57 3.28 11.55
N LEU A 136 13.98 3.41 12.80
CA LEU A 136 13.03 3.40 13.91
C LEU A 136 11.98 4.47 13.68
N ALA A 137 12.39 5.59 13.10
CA ALA A 137 11.46 6.68 12.82
C ALA A 137 10.53 6.33 11.67
N MET A 138 11.02 5.50 10.75
CA MET A 138 10.24 5.09 9.59
C MET A 138 9.21 4.03 9.98
N ILE A 139 9.67 2.88 10.45
CA ILE A 139 8.75 1.80 10.83
C ILE A 139 7.61 2.33 11.69
N LYS A 140 7.81 3.48 12.32
CA LYS A 140 6.79 4.09 13.17
C LYS A 140 5.78 4.89 12.36
N ASP A 141 6.28 5.85 11.58
CA ASP A 141 5.40 6.72 10.78
C ASP A 141 4.87 6.02 9.53
N CYS A 142 5.70 5.20 8.91
CA CYS A 142 5.30 4.48 7.69
C CYS A 142 3.86 3.98 7.77
N GLU A 143 3.04 4.45 6.83
CA GLU A 143 1.63 4.05 6.78
C GLU A 143 1.18 3.85 5.33
N VAL A 144 0.62 2.67 5.04
CA VAL A 144 0.15 2.34 3.70
C VAL A 144 -1.34 2.06 3.72
N SER A 145 -2.09 2.76 2.85
CA SER A 145 -3.55 2.58 2.78
C SER A 145 -3.90 1.73 1.57
N ILE A 146 -5.14 1.25 1.52
CA ILE A 146 -5.60 0.42 0.42
C ILE A 146 -7.11 0.57 0.21
N ASP A 147 -7.53 0.53 -1.06
CA ASP A 147 -8.94 0.66 -1.40
C ASP A 147 -9.21 -0.03 -2.73
N ILE A 148 -9.54 -1.33 -2.66
CA ILE A 148 -9.81 -2.10 -3.86
C ILE A 148 -11.20 -1.80 -4.41
N ARG A 149 -11.36 -1.94 -5.72
CA ARG A 149 -12.65 -1.70 -6.38
C ARG A 149 -12.82 -2.67 -7.55
N CYS A 150 -13.94 -2.52 -8.27
CA CYS A 150 -14.22 -3.39 -9.41
C CYS A 150 -13.67 -2.80 -10.71
N SER A 151 -13.03 -3.63 -11.52
CA SER A 151 -12.46 -3.20 -12.80
C SER A 151 -12.94 -4.11 -13.93
N GLU A 152 -13.44 -3.51 -15.01
CA GLU A 152 -13.93 -4.27 -16.17
C GLU A 152 -13.10 -3.95 -17.41
N GLU A 153 -11.79 -3.84 -17.22
CA GLU A 153 -10.88 -3.54 -18.33
C GLU A 153 -10.55 -4.82 -19.12
N GLU A 154 -11.21 -4.99 -20.26
CA GLU A 154 -10.98 -6.16 -21.11
C GLU A 154 -9.62 -6.06 -21.80
N LYS A 155 -8.92 -4.96 -21.58
CA LYS A 155 -7.60 -4.75 -22.18
C LYS A 155 -6.70 -5.96 -21.94
N ASP A 156 -5.65 -6.08 -22.74
CA ASP A 156 -4.70 -7.18 -22.59
C ASP A 156 -3.77 -6.94 -21.42
N SER A 157 -2.89 -7.92 -21.15
CA SER A 157 -1.94 -7.82 -20.05
C SER A 157 -0.58 -7.31 -20.54
N ASP A 158 0.06 -6.48 -19.72
CA ASP A 158 1.38 -5.91 -20.04
C ASP A 158 2.39 -6.37 -19.00
N ILE A 159 3.06 -7.49 -19.30
CA ILE A 159 4.07 -8.06 -18.39
C ILE A 159 5.47 -7.97 -19.00
N LYS A 160 6.46 -8.42 -18.22
CA LYS A 160 7.86 -8.41 -18.66
C LYS A 160 8.49 -9.77 -18.36
N THR A 161 9.22 -10.31 -19.33
CA THR A 161 9.86 -11.62 -19.16
C THR A 161 11.01 -11.55 -18.16
N HIS A 162 11.20 -10.39 -17.55
CA HIS A 162 12.28 -10.21 -16.57
C HIS A 162 11.84 -10.71 -15.19
N PRO A 163 12.54 -11.70 -14.58
CA PRO A 163 12.16 -12.22 -13.25
C PRO A 163 11.70 -11.10 -12.31
N VAL A 164 10.97 -11.47 -11.26
CA VAL A 164 10.49 -10.50 -10.28
C VAL A 164 11.56 -10.20 -9.25
N LEU A 165 11.75 -8.90 -8.95
CA LEU A 165 12.75 -8.49 -7.97
C LEU A 165 12.15 -8.57 -6.56
N GLY A 166 12.76 -9.36 -5.69
CA GLY A 166 12.28 -9.51 -4.32
C GLY A 166 13.00 -8.61 -3.34
N SER A 167 12.45 -8.52 -2.13
CA SER A 167 13.04 -7.70 -1.06
C SER A 167 13.93 -8.57 -0.17
N ASN A 168 14.11 -9.82 -0.58
CA ASN A 168 14.93 -10.76 0.16
C ASN A 168 14.43 -10.96 1.59
N ILE A 169 13.34 -10.29 1.97
CA ILE A 169 12.78 -10.43 3.32
C ILE A 169 11.58 -11.38 3.29
N SER A 170 11.49 -12.25 4.30
CA SER A 170 10.38 -13.22 4.39
C SER A 170 9.31 -12.72 5.34
N HIS A 171 8.05 -12.97 5.00
CA HIS A 171 6.93 -12.54 5.84
C HIS A 171 6.78 -13.43 7.07
N LYS A 172 7.90 -13.75 7.70
CA LYS A 172 7.88 -14.59 8.90
C LYS A 172 7.18 -13.84 10.04
N LYS A 173 7.19 -14.44 11.24
CA LYS A 173 6.56 -13.82 12.41
C LYS A 173 7.56 -12.92 13.13
N VAL A 174 7.20 -11.64 13.30
CA VAL A 174 8.08 -10.70 13.99
C VAL A 174 7.26 -9.67 14.77
N SER A 175 7.95 -8.69 15.35
CA SER A 175 7.27 -7.65 16.12
C SER A 175 6.04 -7.12 15.39
N TYR A 176 5.00 -6.79 16.15
CA TYR A 176 3.75 -6.28 15.57
C TYR A 176 3.72 -4.75 15.61
N GLU A 177 3.48 -4.14 14.44
CA GLU A 177 3.42 -2.69 14.35
C GLU A 177 2.30 -2.27 13.39
N ASP A 178 1.46 -1.33 13.82
CA ASP A 178 0.35 -0.87 12.99
C ASP A 178 0.85 -0.05 11.80
N ILE A 179 0.99 -0.70 10.65
CA ILE A 179 1.45 -0.03 9.43
C ILE A 179 0.30 0.15 8.44
N ILE A 180 -0.57 -0.85 8.37
CA ILE A 180 -1.72 -0.80 7.46
C ILE A 180 -2.71 0.27 7.91
N GLY A 181 -3.02 1.20 7.02
CA GLY A 181 -3.95 2.28 7.32
C GLY A 181 -5.39 1.84 7.09
N SER A 182 -6.15 2.66 6.37
CA SER A 182 -7.54 2.33 6.09
C SER A 182 -7.63 1.24 5.02
N THR A 183 -8.75 0.50 5.02
CA THR A 183 -8.96 -0.58 4.06
C THR A 183 -10.43 -0.65 3.62
N ILE A 184 -10.74 0.02 2.50
CA ILE A 184 -12.11 0.03 1.98
C ILE A 184 -12.25 -1.00 0.86
N VAL A 185 -13.10 -2.01 1.09
CA VAL A 185 -13.32 -3.09 0.10
C VAL A 185 -14.79 -3.24 -0.26
N ASP A 186 -15.06 -3.32 -1.57
CA ASP A 186 -16.43 -3.50 -2.07
C ASP A 186 -16.64 -4.98 -2.40
N THR A 187 -17.19 -5.74 -1.44
CA THR A 187 -17.39 -7.18 -1.64
C THR A 187 -18.03 -7.45 -2.99
N LYS A 188 -18.77 -6.48 -3.49
CA LYS A 188 -19.42 -6.63 -4.79
C LYS A 188 -18.46 -7.27 -5.82
N CYS A 189 -17.16 -7.26 -5.49
CA CYS A 189 -16.15 -7.84 -6.39
C CYS A 189 -14.96 -8.43 -5.61
N VAL A 190 -15.10 -8.59 -4.28
CA VAL A 190 -14.01 -9.15 -3.47
C VAL A 190 -14.59 -9.82 -2.21
N LYS A 191 -14.86 -11.10 -2.33
CA LYS A 191 -15.41 -11.89 -1.22
C LYS A 191 -14.47 -11.88 -0.01
N ASN A 192 -13.20 -12.26 -0.23
CA ASN A 192 -12.21 -12.31 0.84
C ASN A 192 -10.92 -11.63 0.41
N LEU A 193 -10.20 -11.02 1.36
CA LEU A 193 -8.95 -10.33 1.05
C LEU A 193 -7.97 -10.40 2.21
N GLU A 194 -6.88 -11.16 2.01
CA GLU A 194 -5.85 -11.30 3.03
C GLU A 194 -4.75 -10.27 2.78
N PHE A 195 -4.29 -9.60 3.84
CA PHE A 195 -3.26 -8.57 3.72
C PHE A 195 -2.14 -8.80 4.72
N SER A 196 -0.90 -8.66 4.24
CA SER A 196 0.29 -8.83 5.08
C SER A 196 1.37 -7.84 4.65
N VAL A 197 2.08 -7.27 5.63
CA VAL A 197 3.14 -6.30 5.35
C VAL A 197 4.35 -6.58 6.23
N ARG A 198 5.51 -6.01 5.86
CA ARG A 198 6.71 -6.22 6.64
C ARG A 198 7.85 -5.33 6.16
N ILE A 199 8.29 -4.42 7.03
CA ILE A 199 9.39 -3.50 6.73
C ILE A 199 10.57 -3.81 7.65
N GLY A 200 11.74 -4.04 7.06
CA GLY A 200 12.93 -4.35 7.84
C GLY A 200 14.19 -4.31 7.01
N ASP A 201 15.17 -5.13 7.37
CA ASP A 201 16.44 -5.18 6.65
C ASP A 201 16.33 -6.07 5.42
N MET A 202 16.95 -5.64 4.32
CA MET A 202 16.92 -6.39 3.06
C MET A 202 18.27 -7.09 2.85
N CYS A 203 19.19 -6.87 3.78
CA CYS A 203 20.52 -7.49 3.72
C CYS A 203 20.63 -8.57 4.77
N LYS A 204 20.40 -8.18 6.03
CA LYS A 204 20.45 -9.10 7.16
C LYS A 204 19.43 -8.69 8.22
N GLU A 205 18.57 -9.62 8.61
CA GLU A 205 17.56 -9.33 9.63
C GLU A 205 18.19 -8.63 10.82
N SER A 206 17.47 -7.70 11.44
CA SER A 206 17.98 -6.95 12.59
C SER A 206 17.02 -7.02 13.78
N SER A 207 16.01 -7.87 13.68
CA SER A 207 15.03 -8.03 14.75
C SER A 207 14.35 -6.71 15.09
N GLU A 208 15.05 -5.84 15.80
CA GLU A 208 14.50 -4.55 16.20
C GLU A 208 13.87 -3.82 15.01
N LEU A 209 14.61 -3.71 13.91
CA LEU A 209 14.12 -3.01 12.73
C LEU A 209 13.08 -3.86 11.98
N GLU A 210 12.81 -5.06 12.48
CA GLU A 210 11.84 -5.96 11.84
C GLU A 210 10.48 -5.86 12.52
N VAL A 211 9.43 -5.67 11.72
CA VAL A 211 8.06 -5.58 12.23
C VAL A 211 7.10 -6.27 11.27
N LYS A 212 5.82 -6.27 11.59
CA LYS A 212 4.85 -6.92 10.72
C LYS A 212 3.41 -6.62 11.15
N ASP A 213 2.49 -6.86 10.23
CA ASP A 213 1.06 -6.65 10.48
C ASP A 213 0.26 -7.47 9.47
N GLY A 214 -1.05 -7.59 9.67
CA GLY A 214 -1.86 -8.34 8.74
C GLY A 214 -3.25 -8.62 9.27
N PHE A 215 -4.23 -8.48 8.38
CA PHE A 215 -5.64 -8.73 8.70
C PHE A 215 -6.16 -9.87 7.85
N LYS A 216 -7.35 -10.38 8.18
CA LYS A 216 -7.96 -11.47 7.43
C LYS A 216 -9.42 -11.15 7.14
N TYR A 217 -9.68 -10.75 5.89
CA TYR A 217 -11.04 -10.40 5.47
C TYR A 217 -11.69 -11.58 4.77
N VAL A 218 -12.73 -12.14 5.37
CA VAL A 218 -13.43 -13.29 4.79
C VAL A 218 -14.94 -13.16 4.98
N ASP A 219 -15.65 -13.05 3.86
CA ASP A 219 -17.11 -12.93 3.89
C ASP A 219 -17.57 -11.79 4.81
N GLY A 220 -16.73 -10.77 4.97
CA GLY A 220 -17.09 -9.62 5.81
C GLY A 220 -16.57 -9.75 7.23
N SER A 221 -15.89 -10.86 7.53
CA SER A 221 -15.34 -11.09 8.87
C SER A 221 -13.86 -10.73 8.92
N ALA A 222 -13.53 -9.72 9.72
CA ALA A 222 -12.14 -9.25 9.85
C ALA A 222 -11.47 -9.85 11.09
N SER A 223 -10.14 -9.87 11.09
CA SER A 223 -9.39 -10.42 12.24
C SER A 223 -7.91 -10.08 12.13
N LYS A 224 -7.40 -9.31 13.11
CA LYS A 224 -6.00 -8.92 13.12
C LYS A 224 -5.15 -10.02 13.78
N GLY A 225 -4.56 -10.89 12.96
CA GLY A 225 -3.75 -11.99 13.47
C GLY A 225 -2.38 -12.06 12.80
N ALA A 226 -1.36 -12.25 13.64
CA ALA A 226 0.02 -12.34 13.14
C ALA A 226 0.40 -13.80 12.92
N THR A 227 0.30 -14.24 11.66
CA THR A 227 0.64 -15.64 11.31
C THR A 227 1.69 -15.66 10.20
N ASP A 228 2.43 -16.76 10.12
CA ASP A 228 3.48 -16.89 9.11
C ASP A 228 2.87 -16.71 7.72
N ASP A 229 2.95 -15.49 7.20
CA ASP A 229 2.41 -15.20 5.87
C ASP A 229 3.46 -15.47 4.79
N THR A 230 4.33 -16.45 5.06
CA THR A 230 5.38 -16.80 4.11
C THR A 230 4.78 -17.50 2.89
N SER A 231 3.93 -18.50 3.14
CA SER A 231 3.30 -19.25 2.06
C SER A 231 1.97 -18.61 1.66
N LEU A 232 1.63 -17.49 2.29
CA LEU A 232 0.37 -16.79 2.00
C LEU A 232 0.07 -16.81 0.50
N ILE A 233 1.12 -16.77 -0.31
CA ILE A 233 0.96 -16.79 -1.76
C ILE A 233 2.24 -17.30 -2.41
N ASP A 234 2.09 -18.04 -3.52
CA ASP A 234 3.24 -18.58 -4.22
C ASP A 234 3.95 -17.48 -5.01
N SER A 235 5.07 -17.00 -4.46
CA SER A 235 5.82 -15.93 -5.10
C SER A 235 6.48 -16.40 -6.40
N THR A 236 6.35 -17.69 -6.69
CA THR A 236 6.95 -18.26 -7.90
C THR A 236 6.05 -18.04 -9.12
N LYS A 237 4.79 -17.69 -8.88
CA LYS A 237 3.83 -17.47 -9.98
C LYS A 237 3.62 -15.98 -10.24
N LEU A 238 4.46 -15.13 -9.65
CA LEU A 238 4.34 -13.69 -9.85
C LEU A 238 4.87 -13.27 -11.21
N LYS A 239 4.36 -12.16 -11.73
CA LYS A 239 4.79 -11.64 -13.03
C LYS A 239 4.85 -10.11 -13.00
N ALA A 240 6.03 -9.56 -13.27
CA ALA A 240 6.20 -8.11 -13.26
C ALA A 240 5.28 -7.44 -14.27
N CYS A 241 4.45 -6.52 -13.80
CA CYS A 241 3.51 -5.81 -14.69
C CYS A 241 4.17 -4.57 -15.29
N VAL A 242 5.46 -4.38 -15.02
CA VAL A 242 6.20 -3.22 -15.54
C VAL A 242 5.37 -1.93 -15.45
N ALA B 1 -37.71 -3.75 -8.48
CA ALA B 1 -36.53 -3.22 -7.79
C ALA B 1 -36.30 -3.98 -6.49
N PRO B 2 -36.04 -5.30 -6.58
CA PRO B 2 -35.80 -6.14 -5.41
C PRO B 2 -34.38 -5.99 -4.87
N MET B 3 -34.26 -5.50 -3.64
CA MET B 3 -32.96 -5.30 -3.03
C MET B 3 -32.25 -6.64 -2.82
N GLY B 4 -30.93 -6.62 -2.90
CA GLY B 4 -30.15 -7.84 -2.72
C GLY B 4 -30.43 -8.50 -1.38
N SER B 5 -29.94 -9.72 -1.20
CA SER B 5 -30.15 -10.46 0.04
C SER B 5 -29.20 -9.96 1.13
N ASP B 6 -27.93 -10.37 1.03
CA ASP B 6 -26.90 -9.97 2.01
C ASP B 6 -25.78 -9.20 1.29
N PRO B 7 -25.96 -7.88 1.09
CA PRO B 7 -24.96 -7.06 0.39
C PRO B 7 -23.60 -7.03 1.10
N PRO B 8 -22.66 -6.20 0.60
CA PRO B 8 -21.31 -6.07 1.18
C PRO B 8 -21.29 -5.64 2.64
N THR B 9 -20.36 -4.75 2.96
CA THR B 9 -20.21 -4.27 4.32
C THR B 9 -19.09 -3.22 4.41
N ALA B 10 -18.89 -2.46 3.33
CA ALA B 10 -17.85 -1.43 3.30
C ALA B 10 -17.79 -0.68 4.64
N CYS B 11 -16.95 -1.18 5.56
CA CYS B 11 -16.80 -0.56 6.88
C CYS B 11 -15.34 -0.53 7.31
N CYS B 12 -14.87 0.65 7.69
CA CYS B 12 -13.49 0.83 8.12
C CYS B 12 -13.03 -0.27 9.06
N PHE B 13 -11.79 -0.68 8.89
CA PHE B 13 -11.16 -1.72 9.72
C PHE B 13 -10.05 -1.10 10.52
N SER B 14 -9.49 -0.02 9.97
CA SER B 14 -8.39 0.69 10.64
C SER B 14 -8.33 2.15 10.18
N TYR B 15 -7.72 3.00 11.01
CA TYR B 15 -7.61 4.43 10.72
C TYR B 15 -6.16 4.84 10.43
N THR B 16 -5.99 6.01 9.81
CA THR B 16 -4.66 6.54 9.50
C THR B 16 -4.11 7.28 10.70
N ALA B 17 -2.82 7.12 10.97
CA ALA B 17 -2.20 7.76 12.12
C ALA B 17 -1.80 9.20 11.80
N ARG B 18 -1.55 9.48 10.51
CA ARG B 18 -1.15 10.83 10.10
C ARG B 18 -2.34 11.66 9.61
N LYS B 19 -2.51 12.83 10.20
CA LYS B 19 -3.59 13.74 9.82
C LYS B 19 -3.21 14.46 8.53
N LEU B 20 -4.04 14.32 7.49
CA LEU B 20 -3.75 14.96 6.19
C LEU B 20 -4.29 16.41 6.16
N PRO B 21 -3.42 17.45 6.12
CA PRO B 21 -3.88 18.85 6.08
C PRO B 21 -5.03 19.05 5.09
N ARG B 22 -5.90 19.99 5.40
CA ARG B 22 -7.05 20.28 4.55
C ARG B 22 -6.64 20.34 3.07
N ASN B 23 -5.50 20.98 2.80
CA ASN B 23 -5.02 21.12 1.42
C ASN B 23 -5.19 19.83 0.62
N PHE B 24 -5.08 18.68 1.28
CA PHE B 24 -5.22 17.38 0.60
C PHE B 24 -6.53 16.71 1.00
N VAL B 25 -7.61 17.51 1.07
CA VAL B 25 -8.93 17.00 1.44
C VAL B 25 -10.02 17.86 0.78
N VAL B 26 -10.46 17.45 -0.41
CA VAL B 26 -11.48 18.20 -1.15
C VAL B 26 -12.91 17.75 -0.83
N ASP B 27 -13.07 16.51 -0.39
CA ASP B 27 -14.41 15.98 -0.07
C ASP B 27 -14.32 14.84 0.93
N TYR B 28 -15.46 14.27 1.30
CA TYR B 28 -15.48 13.17 2.27
C TYR B 28 -16.79 12.38 2.21
N TYR B 29 -16.82 11.28 2.97
CA TYR B 29 -17.99 10.42 3.05
C TYR B 29 -17.96 9.64 4.36
N GLU B 30 -18.97 8.80 4.59
CA GLU B 30 -19.05 8.00 5.83
C GLU B 30 -19.27 6.53 5.51
N THR B 31 -18.80 5.66 6.38
CA THR B 31 -18.95 4.22 6.17
C THR B 31 -20.43 3.85 6.00
N SER B 32 -20.96 3.10 6.97
CA SER B 32 -22.37 2.68 6.92
C SER B 32 -22.92 2.47 8.33
N SER B 33 -23.77 1.46 8.50
CA SER B 33 -24.37 1.16 9.80
C SER B 33 -24.48 -0.34 10.01
N LEU B 34 -24.37 -1.09 8.92
CA LEU B 34 -24.46 -2.54 9.00
C LEU B 34 -23.31 -3.09 9.85
N CYS B 35 -22.43 -2.19 10.28
CA CYS B 35 -21.28 -2.56 11.12
C CYS B 35 -21.32 -1.75 12.41
N SER B 36 -21.33 -2.46 13.54
CA SER B 36 -21.39 -1.80 14.84
C SER B 36 -20.05 -1.18 15.21
N GLN B 37 -19.41 -0.50 14.26
CA GLN B 37 -18.13 0.15 14.50
C GLN B 37 -17.75 0.97 13.28
N PRO B 38 -18.61 1.93 12.89
CA PRO B 38 -18.40 2.78 11.70
C PRO B 38 -17.30 3.82 11.91
N ALA B 39 -17.30 4.83 11.05
CA ALA B 39 -16.32 5.91 11.09
C ALA B 39 -16.50 6.84 9.89
N VAL B 40 -15.71 7.91 9.85
CA VAL B 40 -15.78 8.89 8.75
C VAL B 40 -14.54 8.77 7.87
N VAL B 41 -14.78 8.76 6.55
CA VAL B 41 -13.69 8.65 5.57
C VAL B 41 -13.56 9.96 4.80
N PHE B 42 -12.33 10.37 4.52
CA PHE B 42 -12.07 11.61 3.79
C PHE B 42 -11.42 11.31 2.45
N GLN B 43 -11.67 12.19 1.47
CA GLN B 43 -11.09 12.05 0.14
C GLN B 43 -9.80 12.86 0.10
N THR B 44 -9.00 12.72 -0.96
CA THR B 44 -7.75 13.47 -1.05
C THR B 44 -7.53 14.02 -2.46
N ALA B 45 -6.27 14.06 -2.86
CA ALA B 45 -5.88 14.57 -4.18
C ALA B 45 -5.06 13.54 -4.96
N ALA B 46 -4.19 12.82 -4.26
CA ALA B 46 -3.34 11.79 -4.90
C ALA B 46 -3.52 10.43 -4.22
N SER B 47 -4.76 10.02 -3.94
CA SER B 47 -5.00 8.73 -3.27
C SER B 47 -6.37 8.16 -3.62
N ALA B 48 -7.39 8.61 -2.89
CA ALA B 48 -8.77 8.14 -3.10
C ALA B 48 -9.61 8.40 -1.85
N GLN B 49 -9.59 7.44 -0.92
CA GLN B 49 -10.35 7.56 0.33
C GLN B 49 -9.56 6.90 1.46
N VAL B 50 -9.70 7.43 2.68
CA VAL B 50 -8.99 6.89 3.84
C VAL B 50 -9.80 7.13 5.12
N CYS B 51 -10.12 6.03 5.81
CA CYS B 51 -10.89 6.10 7.05
C CYS B 51 -10.21 6.98 8.09
N ALA B 52 -10.97 7.41 9.09
CA ALA B 52 -10.44 8.26 10.15
C ALA B 52 -11.26 8.08 11.42
N ASP B 53 -10.61 7.88 12.55
CA ASP B 53 -11.30 7.70 13.81
C ASP B 53 -11.97 9.03 14.21
N PRO B 54 -13.32 9.12 14.29
CA PRO B 54 -13.97 10.39 14.65
C PRO B 54 -13.77 10.71 16.13
N SER B 55 -13.04 9.83 16.81
CA SER B 55 -12.78 10.02 18.23
C SER B 55 -11.78 11.15 18.46
N GLU B 56 -11.24 11.70 17.36
CA GLU B 56 -10.27 12.81 17.45
C GLU B 56 -10.93 14.12 17.02
N SER B 57 -10.79 15.12 17.88
CA SER B 57 -11.39 16.44 17.63
C SER B 57 -11.11 16.99 16.23
N TRP B 58 -9.85 16.96 15.80
CA TRP B 58 -9.52 17.51 14.48
C TRP B 58 -10.34 16.86 13.37
N VAL B 59 -10.70 15.60 13.55
CA VAL B 59 -11.49 14.90 12.55
C VAL B 59 -12.90 15.47 12.50
N GLN B 60 -13.41 15.82 13.68
CA GLN B 60 -14.75 16.38 13.79
C GLN B 60 -14.77 17.81 13.26
N GLU B 61 -13.68 18.54 13.51
CA GLU B 61 -13.57 19.91 13.04
C GLU B 61 -13.47 19.95 11.52
N TYR B 62 -12.79 18.96 10.96
CA TYR B 62 -12.62 18.89 9.51
C TYR B 62 -13.99 18.69 8.85
N VAL B 63 -14.84 17.89 9.49
CA VAL B 63 -16.17 17.63 8.97
C VAL B 63 -17.02 18.90 9.01
N TYR B 64 -16.98 19.60 10.13
CA TYR B 64 -17.74 20.84 10.26
C TYR B 64 -17.31 21.85 9.19
N ASP B 65 -16.01 21.89 8.91
CA ASP B 65 -15.50 22.82 7.91
C ASP B 65 -16.05 22.47 6.52
N LEU B 66 -15.96 21.20 6.16
CA LEU B 66 -16.44 20.75 4.86
C LEU B 66 -17.96 20.93 4.75
N GLU B 67 -18.64 20.94 5.89
CA GLU B 67 -20.09 21.11 5.89
C GLU B 67 -20.45 22.54 5.52
N LEU B 68 -19.58 23.49 5.87
CA LEU B 68 -19.83 24.90 5.56
C LEU B 68 -19.41 25.20 4.13
N ASN B 69 -18.12 25.43 3.93
CA ASN B 69 -17.60 25.73 2.59
C ASN B 69 -17.66 24.49 1.70
N MET A 1 33.76 -8.40 -26.15
CA MET A 1 32.60 -8.50 -25.27
C MET A 1 32.95 -8.02 -23.86
N PRO A 2 33.33 -6.74 -23.72
CA PRO A 2 33.69 -6.16 -22.43
C PRO A 2 32.46 -5.80 -21.59
N ALA A 3 32.25 -6.54 -20.51
CA ALA A 3 31.10 -6.29 -19.64
C ALA A 3 31.20 -4.90 -19.01
N SER A 4 30.04 -4.28 -18.78
CA SER A 4 30.01 -2.95 -18.20
C SER A 4 30.41 -3.01 -16.72
N LEU A 5 31.51 -2.34 -16.39
CA LEU A 5 31.99 -2.31 -15.00
C LEU A 5 31.06 -1.48 -14.14
N GLN A 6 31.19 -1.62 -12.82
CA GLN A 6 30.36 -0.87 -11.87
C GLN A 6 31.13 -0.58 -10.59
N GLN A 7 30.69 0.42 -9.85
CA GLN A 7 31.35 0.80 -8.60
C GLN A 7 31.31 -0.36 -7.61
N SER A 8 31.07 -0.04 -6.34
CA SER A 8 31.00 -1.07 -5.30
C SER A 8 30.21 -0.55 -4.10
N SER A 9 30.47 0.68 -3.70
CA SER A 9 29.78 1.29 -2.56
C SER A 9 28.35 1.67 -2.95
N SER A 10 28.08 1.70 -4.25
CA SER A 10 26.76 2.06 -4.73
C SER A 10 25.68 1.23 -4.03
N SER A 11 24.71 1.91 -3.45
CA SER A 11 23.63 1.23 -2.75
C SER A 11 22.89 0.29 -3.70
N SER A 12 23.18 0.42 -4.99
CA SER A 12 22.54 -0.42 -6.00
C SER A 12 23.38 -1.66 -6.28
N SER A 13 24.68 -1.56 -6.02
CA SER A 13 25.59 -2.68 -6.25
C SER A 13 25.53 -3.67 -5.08
N SER A 14 25.57 -3.15 -3.86
CA SER A 14 25.52 -4.01 -2.68
C SER A 14 25.27 -3.18 -1.43
N CYS A 15 25.06 -3.86 -0.31
CA CYS A 15 24.81 -3.18 0.96
C CYS A 15 26.08 -2.50 1.45
N THR A 16 25.93 -1.35 2.11
CA THR A 16 27.08 -0.61 2.63
C THR A 16 27.64 -1.33 3.86
N GLU A 17 28.78 -0.86 4.35
CA GLU A 17 29.43 -1.46 5.53
C GLU A 17 29.42 -0.48 6.71
N GLU A 18 28.50 0.49 6.67
CA GLU A 18 28.39 1.48 7.74
C GLU A 18 27.45 0.94 8.84
N GLU A 19 28.05 0.18 9.77
CA GLU A 19 27.33 -0.45 10.89
C GLU A 19 25.97 0.17 11.17
N ASN A 20 25.94 1.46 11.50
CA ASN A 20 24.69 2.14 11.81
C ASN A 20 23.91 2.48 10.54
N LYS A 21 23.68 1.49 9.67
CA LYS A 21 22.93 1.73 8.43
C LYS A 21 22.24 0.46 7.93
N HIS A 22 21.10 0.64 7.27
CA HIS A 22 20.35 -0.48 6.71
C HIS A 22 19.26 0.01 5.78
N HIS A 23 19.32 -0.41 4.52
CA HIS A 23 18.32 0.03 3.53
C HIS A 23 16.94 -0.54 3.87
N MET A 24 16.27 0.08 4.82
CA MET A 24 14.94 -0.39 5.19
C MET A 24 14.04 -0.43 3.95
N GLY A 25 13.24 -1.50 3.84
CA GLY A 25 12.34 -1.69 2.71
C GLY A 25 11.03 -2.30 3.16
N ILE A 26 9.99 -2.20 2.33
CA ILE A 26 8.68 -2.76 2.67
C ILE A 26 8.36 -3.98 1.82
N ASP A 27 7.29 -4.69 2.20
CA ASP A 27 6.87 -5.87 1.47
C ASP A 27 5.37 -6.11 1.67
N VAL A 28 4.60 -5.80 0.62
CA VAL A 28 3.14 -5.96 0.66
C VAL A 28 2.72 -7.26 -0.01
N ILE A 29 1.92 -8.05 0.69
CA ILE A 29 1.42 -9.33 0.18
C ILE A 29 -0.12 -9.31 0.23
N ILE A 30 -0.75 -9.52 -0.92
CA ILE A 30 -2.23 -9.51 -1.00
C ILE A 30 -2.73 -10.67 -1.86
N LYS A 31 -3.76 -11.36 -1.34
CA LYS A 31 -4.36 -12.48 -2.07
C LYS A 31 -5.89 -12.32 -2.04
N VAL A 32 -6.42 -11.68 -3.06
CA VAL A 32 -7.86 -11.44 -3.16
C VAL A 32 -8.57 -12.62 -3.81
N THR A 33 -9.70 -13.01 -3.21
CA THR A 33 -10.52 -14.11 -3.71
C THR A 33 -11.74 -13.56 -4.41
N LYS A 34 -11.94 -13.97 -5.66
CA LYS A 34 -13.07 -13.51 -6.45
C LYS A 34 -14.35 -14.21 -6.02
N GLN A 35 -15.48 -13.53 -6.20
CA GLN A 35 -16.77 -14.11 -5.83
C GLN A 35 -17.18 -15.16 -6.85
N ASP A 36 -17.90 -16.19 -6.40
CA ASP A 36 -18.34 -17.26 -7.28
C ASP A 36 -19.48 -16.78 -8.19
N GLN A 37 -19.41 -15.52 -8.61
CA GLN A 37 -20.45 -14.94 -9.49
C GLN A 37 -19.80 -14.13 -10.60
N THR A 38 -18.84 -13.28 -10.24
CA THR A 38 -18.16 -12.46 -11.22
C THR A 38 -17.60 -13.35 -12.34
N PRO A 39 -17.47 -12.80 -13.57
CA PRO A 39 -16.96 -13.58 -14.73
C PRO A 39 -15.47 -13.89 -14.58
N THR A 40 -15.03 -14.93 -15.28
CA THR A 40 -13.63 -15.33 -15.24
C THR A 40 -12.74 -14.24 -15.84
N ASN A 41 -11.57 -14.03 -15.23
CA ASN A 41 -10.64 -13.02 -15.70
C ASN A 41 -9.23 -13.32 -15.21
N ASP A 42 -8.43 -13.97 -16.07
CA ASP A 42 -7.04 -14.30 -15.71
C ASP A 42 -6.12 -13.17 -16.16
N LYS A 43 -6.63 -12.35 -17.07
CA LYS A 43 -5.86 -11.23 -17.59
C LYS A 43 -5.31 -10.39 -16.44
N ILE A 44 -4.13 -10.78 -15.96
CA ILE A 44 -3.47 -10.10 -14.84
C ILE A 44 -2.46 -9.08 -15.37
N CYS A 45 -2.24 -8.02 -14.60
CA CYS A 45 -1.30 -6.97 -14.98
C CYS A 45 -1.70 -6.35 -16.32
N GLN A 46 -2.83 -5.65 -16.33
CA GLN A 46 -3.28 -4.98 -17.54
C GLN A 46 -2.47 -3.69 -17.69
N SER A 47 -2.27 -3.00 -16.58
CA SER A 47 -1.50 -1.75 -16.57
C SER A 47 -1.30 -1.24 -15.15
N VAL A 48 -0.35 -0.33 -14.98
CA VAL A 48 -0.04 0.26 -13.67
C VAL A 48 0.27 1.74 -13.85
N THR A 49 -0.32 2.58 -12.99
CA THR A 49 -0.11 4.04 -13.07
C THR A 49 0.43 4.60 -11.75
N GLU A 50 1.66 5.11 -11.80
CA GLU A 50 2.27 5.69 -10.61
C GLU A 50 1.80 7.14 -10.44
N ILE A 51 1.46 7.50 -9.20
CA ILE A 51 0.99 8.86 -8.89
C ILE A 51 1.72 9.40 -7.68
N THR A 52 1.88 10.73 -7.63
CA THR A 52 2.56 11.40 -6.52
C THR A 52 2.02 12.82 -6.39
N GLU A 53 1.49 13.18 -5.23
CA GLU A 53 0.94 14.54 -5.04
C GLU A 53 2.04 15.51 -4.63
N SER A 54 2.33 16.45 -5.52
CA SER A 54 3.33 17.48 -5.27
C SER A 54 4.75 16.88 -5.29
N GLU A 55 4.93 15.77 -4.56
CA GLU A 55 6.24 15.13 -4.50
C GLU A 55 6.82 14.95 -5.91
N SER A 56 6.45 13.86 -6.57
CA SER A 56 6.95 13.57 -7.91
C SER A 56 8.47 13.64 -7.97
N ASP A 57 9.00 14.81 -8.29
CA ASP A 57 10.46 14.97 -8.39
C ASP A 57 10.87 16.45 -8.37
N PRO A 58 10.44 17.27 -9.35
CA PRO A 58 10.81 18.70 -9.40
C PRO A 58 10.43 19.43 -8.11
N ASP A 59 9.25 20.05 -8.09
CA ASP A 59 8.80 20.78 -6.92
C ASP A 59 7.29 21.03 -6.99
N PRO A 60 6.59 21.15 -5.82
CA PRO A 60 5.15 21.41 -5.80
C PRO A 60 4.69 22.33 -6.92
N GLU A 61 3.43 22.19 -7.33
CA GLU A 61 2.89 23.01 -8.40
C GLU A 61 1.36 22.85 -8.48
N VAL A 62 0.69 23.12 -7.36
CA VAL A 62 -0.78 23.00 -7.30
C VAL A 62 -1.36 24.21 -6.56
N GLU A 63 -1.82 24.01 -5.32
CA GLU A 63 -2.39 25.09 -4.53
C GLU A 63 -1.30 25.79 -3.73
N SER A 64 -0.05 25.47 -4.04
CA SER A 64 1.08 26.07 -3.33
C SER A 64 0.96 27.59 -3.31
N GLU A 65 1.94 28.26 -2.70
CA GLU A 65 1.95 29.72 -2.58
C GLU A 65 0.55 30.26 -2.30
N ASP A 66 0.27 30.53 -1.03
CA ASP A 66 -1.02 31.04 -0.60
C ASP A 66 -1.00 31.35 0.89
N ASP A 67 -0.08 30.70 1.60
CA ASP A 67 0.04 30.89 3.04
C ASP A 67 0.84 32.16 3.35
N SER A 68 1.88 32.02 4.17
CA SER A 68 2.71 33.17 4.53
C SER A 68 3.98 32.71 5.25
N THR A 69 4.02 32.89 6.57
CA THR A 69 5.18 32.49 7.37
C THR A 69 5.12 30.99 7.66
N SER A 70 4.05 30.34 7.20
CA SER A 70 3.86 28.90 7.39
C SER A 70 4.06 28.15 6.08
N VAL A 71 5.16 27.41 5.97
CA VAL A 71 5.48 26.64 4.76
C VAL A 71 5.64 25.16 5.08
N GLU A 72 5.33 24.79 6.32
CA GLU A 72 5.45 23.39 6.74
C GLU A 72 6.74 22.76 6.24
N ASP A 73 7.84 23.04 6.95
CA ASP A 73 9.14 22.49 6.58
C ASP A 73 9.05 20.97 6.39
N VAL A 74 7.97 20.38 6.90
CA VAL A 74 7.76 18.93 6.79
C VAL A 74 6.34 18.65 6.32
N ASP A 75 6.21 17.89 5.23
CA ASP A 75 4.90 17.56 4.67
C ASP A 75 5.05 16.56 3.53
N PRO A 76 5.78 15.45 3.75
CA PRO A 76 6.01 14.40 2.73
C PRO A 76 4.69 13.83 2.17
N PRO A 77 4.30 14.17 0.91
CA PRO A 77 3.05 13.65 0.32
C PRO A 77 2.98 12.12 0.33
N THR A 78 2.13 11.56 -0.52
CA THR A 78 1.95 10.11 -0.61
C THR A 78 1.79 9.68 -2.07
N THR A 79 2.44 8.58 -2.43
CA THR A 79 2.37 8.06 -3.81
C THR A 79 1.41 6.89 -3.90
N TYR A 80 0.60 6.88 -4.97
CA TYR A 80 -0.39 5.81 -5.18
C TYR A 80 -0.11 5.05 -6.47
N TYR A 81 -0.69 3.85 -6.55
CA TYR A 81 -0.53 2.99 -7.73
C TYR A 81 -1.85 2.26 -8.00
N SER A 82 -2.42 2.50 -9.17
CA SER A 82 -3.69 1.86 -9.54
C SER A 82 -3.44 0.63 -10.41
N ILE A 83 -2.80 -0.37 -9.83
CA ILE A 83 -2.51 -1.60 -10.56
C ILE A 83 -3.80 -2.37 -10.82
N ILE A 84 -4.23 -2.39 -12.08
CA ILE A 84 -5.46 -3.08 -12.48
C ILE A 84 -5.12 -4.46 -13.03
N GLY A 85 -6.04 -5.42 -12.83
CA GLY A 85 -5.82 -6.77 -13.31
C GLY A 85 -6.72 -7.77 -12.61
N GLY A 86 -6.77 -8.98 -13.13
CA GLY A 86 -7.59 -10.03 -12.54
C GLY A 86 -9.03 -9.59 -12.38
N GLY A 87 -9.46 -8.68 -13.25
CA GLY A 87 -10.83 -8.19 -13.20
C GLY A 87 -11.10 -7.31 -12.00
N LEU A 88 -10.03 -6.88 -11.33
CA LEU A 88 -10.15 -6.03 -10.14
C LEU A 88 -9.20 -4.84 -10.23
N ARG A 89 -9.50 -3.78 -9.47
CA ARG A 89 -8.67 -2.57 -9.44
C ARG A 89 -8.21 -2.28 -8.02
N MET A 90 -6.92 -2.49 -7.76
CA MET A 90 -6.36 -2.27 -6.43
C MET A 90 -5.57 -0.96 -6.36
N ASN A 91 -6.14 0.03 -5.68
CA ASN A 91 -5.48 1.34 -5.53
C ASN A 91 -4.62 1.34 -4.26
N PHE A 92 -3.31 1.30 -4.46
CA PHE A 92 -2.36 1.29 -3.33
C PHE A 92 -1.93 2.70 -2.98
N GLY A 93 -1.36 2.86 -1.79
CA GLY A 93 -0.89 4.16 -1.35
C GLY A 93 -0.02 4.02 -0.12
N PHE A 94 1.02 4.86 -0.03
CA PHE A 94 1.92 4.82 1.12
C PHE A 94 2.45 6.22 1.42
N THR A 95 2.90 6.42 2.67
CA THR A 95 3.42 7.72 3.10
C THR A 95 4.61 7.54 4.04
N LYS A 96 5.71 8.20 3.71
CA LYS A 96 6.93 8.14 4.51
C LYS A 96 7.41 6.69 4.67
N CYS A 97 7.19 5.86 3.65
CA CYS A 97 7.62 4.46 3.68
C CYS A 97 8.46 4.14 2.42
N PRO A 98 9.53 3.33 2.54
CA PRO A 98 10.41 2.98 1.40
C PRO A 98 9.64 2.90 0.08
N GLN A 99 10.23 3.48 -0.96
CA GLN A 99 9.61 3.47 -2.28
C GLN A 99 9.64 2.07 -2.87
N ILE A 100 8.62 1.74 -3.66
CA ILE A 100 8.53 0.43 -4.30
C ILE A 100 9.17 0.47 -5.68
N LYS A 101 9.95 -0.56 -6.00
CA LYS A 101 10.63 -0.65 -7.29
C LYS A 101 10.27 -1.94 -8.00
N SER A 102 9.37 -2.71 -7.39
CA SER A 102 8.92 -3.98 -7.97
C SER A 102 7.41 -4.13 -7.82
N ILE A 103 6.74 -4.56 -8.89
CA ILE A 103 5.30 -4.74 -8.87
C ILE A 103 4.93 -5.96 -9.72
N SER A 104 4.71 -7.10 -9.05
CA SER A 104 4.37 -8.36 -9.73
C SER A 104 2.94 -8.79 -9.39
N GLU A 105 2.37 -9.63 -10.26
CA GLU A 105 1.02 -10.13 -10.06
C GLU A 105 0.86 -11.51 -10.68
N SER A 106 -0.26 -12.17 -10.39
CA SER A 106 -0.52 -13.50 -10.92
C SER A 106 -1.98 -13.89 -10.71
N ALA A 107 -2.43 -14.91 -11.45
CA ALA A 107 -3.81 -15.39 -11.36
C ALA A 107 -3.83 -16.92 -11.27
N ASP A 108 -4.62 -17.45 -10.34
CA ASP A 108 -4.72 -18.89 -10.16
C ASP A 108 -6.09 -19.26 -9.60
N GLY A 109 -6.88 -19.97 -10.40
CA GLY A 109 -8.21 -20.37 -9.99
C GLY A 109 -9.17 -19.20 -9.96
N ASN A 110 -9.77 -18.96 -8.79
CA ASN A 110 -10.72 -17.87 -8.62
C ASN A 110 -10.13 -16.77 -7.74
N THR A 111 -8.79 -16.70 -7.69
CA THR A 111 -8.10 -15.70 -6.88
C THR A 111 -6.98 -15.05 -7.68
N VAL A 112 -6.56 -13.86 -7.26
CA VAL A 112 -5.48 -13.13 -7.92
C VAL A 112 -4.56 -12.53 -6.86
N ASN A 113 -3.26 -12.65 -7.07
CA ASN A 113 -2.26 -12.14 -6.13
C ASN A 113 -1.63 -10.85 -6.62
N ALA A 114 -0.92 -10.17 -5.72
CA ALA A 114 -0.25 -8.93 -6.07
C ALA A 114 0.76 -8.56 -4.99
N ARG A 115 2.03 -8.47 -5.37
CA ARG A 115 3.11 -8.15 -4.44
C ARG A 115 3.78 -6.83 -4.79
N LEU A 116 3.78 -5.90 -3.84
CA LEU A 116 4.42 -4.59 -4.01
C LEU A 116 5.53 -4.47 -2.96
N SER A 117 6.77 -4.35 -3.43
CA SER A 117 7.89 -4.26 -2.50
C SER A 117 9.14 -3.68 -3.14
N SER A 118 9.97 -3.05 -2.33
CA SER A 118 11.22 -2.51 -2.82
C SER A 118 12.16 -3.67 -3.14
N VAL A 119 13.28 -3.39 -3.79
CA VAL A 119 14.23 -4.45 -4.16
C VAL A 119 15.50 -4.36 -3.32
N SER A 120 16.09 -5.53 -3.05
CA SER A 120 17.32 -5.61 -2.28
C SER A 120 18.49 -5.04 -3.07
N PRO A 121 19.52 -4.48 -2.39
CA PRO A 121 20.69 -3.91 -3.09
C PRO A 121 21.43 -4.98 -3.88
N GLY A 122 21.94 -4.60 -5.05
CA GLY A 122 22.67 -5.53 -5.91
C GLY A 122 21.75 -6.26 -6.86
N GLN A 123 20.96 -5.49 -7.61
CA GLN A 123 20.03 -6.08 -8.58
C GLN A 123 19.93 -5.22 -9.84
N GLY A 124 20.05 -3.89 -9.68
CA GLY A 124 20.00 -2.98 -10.82
C GLY A 124 19.18 -1.72 -10.55
N LYS A 125 18.98 -1.40 -9.27
CA LYS A 125 18.21 -0.22 -8.89
C LYS A 125 18.79 0.42 -7.62
N ASP A 126 18.21 1.55 -7.19
CA ASP A 126 18.70 2.27 -6.02
C ASP A 126 18.03 1.80 -4.73
N SER A 127 18.85 1.61 -3.68
CA SER A 127 18.36 1.18 -2.36
C SER A 127 19.01 2.05 -1.27
N PRO A 128 18.64 3.35 -1.23
CA PRO A 128 19.19 4.30 -0.25
C PRO A 128 19.29 3.72 1.17
N ALA A 129 20.46 3.88 1.78
CA ALA A 129 20.69 3.40 3.13
C ALA A 129 20.15 4.43 4.13
N ILE A 130 19.76 3.97 5.32
CA ILE A 130 19.23 4.86 6.36
C ILE A 130 19.74 4.42 7.74
N THR A 131 19.82 5.37 8.67
CA THR A 131 20.30 5.08 10.03
C THR A 131 19.17 4.55 10.90
N HIS A 132 19.53 4.00 12.06
CA HIS A 132 18.56 3.45 12.99
C HIS A 132 17.56 4.49 13.47
N GLU A 133 18.01 5.73 13.65
CA GLU A 133 17.11 6.78 14.14
C GLU A 133 16.03 7.11 13.13
N GLU A 134 16.42 7.39 11.89
CA GLU A 134 15.44 7.72 10.86
C GLU A 134 14.57 6.50 10.58
N ALA A 135 15.18 5.32 10.50
CA ALA A 135 14.41 4.11 10.25
C ALA A 135 13.34 3.95 11.32
N LEU A 136 13.78 3.91 12.58
CA LEU A 136 12.85 3.77 13.69
C LEU A 136 11.72 4.78 13.56
N ALA A 137 12.04 5.95 13.00
CA ALA A 137 11.04 6.99 12.81
C ALA A 137 10.07 6.59 11.71
N MET A 138 10.60 5.94 10.67
CA MET A 138 9.76 5.51 9.56
C MET A 138 8.77 4.47 10.05
N ILE A 139 9.27 3.46 10.77
CA ILE A 139 8.41 2.40 11.29
C ILE A 139 7.17 2.99 11.96
N LYS A 140 7.27 4.25 12.38
CA LYS A 140 6.14 4.91 13.06
C LYS A 140 5.18 5.56 12.07
N ASP A 141 5.72 6.31 11.12
CA ASP A 141 4.89 7.01 10.14
C ASP A 141 4.36 6.08 9.05
N CYS A 142 5.16 5.10 8.69
CA CYS A 142 4.77 4.15 7.64
C CYS A 142 3.30 3.75 7.74
N GLU A 143 2.50 4.22 6.78
CA GLU A 143 1.07 3.91 6.75
C GLU A 143 0.62 3.66 5.31
N VAL A 144 0.21 2.43 5.03
CA VAL A 144 -0.23 2.05 3.67
C VAL A 144 -1.74 1.84 3.61
N SER A 145 -2.39 2.47 2.63
CA SER A 145 -3.84 2.35 2.45
C SER A 145 -4.14 1.49 1.21
N ILE A 146 -5.38 1.03 1.09
CA ILE A 146 -5.78 0.21 -0.04
C ILE A 146 -7.28 0.30 -0.29
N ASP A 147 -7.67 0.17 -1.55
CA ASP A 147 -9.08 0.25 -1.94
C ASP A 147 -9.34 -0.65 -3.15
N ILE A 148 -9.79 -1.87 -2.89
CA ILE A 148 -10.07 -2.82 -3.95
C ILE A 148 -11.44 -2.54 -4.58
N ARG A 149 -11.51 -2.60 -5.91
CA ARG A 149 -12.77 -2.36 -6.63
C ARG A 149 -12.90 -3.35 -7.78
N CYS A 150 -14.04 -3.31 -8.47
CA CYS A 150 -14.30 -4.20 -9.59
C CYS A 150 -13.86 -3.57 -10.92
N SER A 151 -13.09 -4.33 -11.71
CA SER A 151 -12.62 -3.85 -13.02
C SER A 151 -13.12 -4.78 -14.12
N GLU A 152 -13.36 -4.22 -15.31
CA GLU A 152 -13.85 -5.00 -16.45
C GLU A 152 -13.01 -4.70 -17.70
N GLU A 153 -11.73 -4.47 -17.49
CA GLU A 153 -10.83 -4.17 -18.61
C GLU A 153 -10.37 -5.46 -19.30
N GLU A 154 -10.98 -5.76 -20.43
CA GLU A 154 -10.64 -6.98 -21.17
C GLU A 154 -9.28 -6.83 -21.84
N LYS A 155 -8.67 -5.65 -21.71
CA LYS A 155 -7.36 -5.41 -22.30
C LYS A 155 -6.38 -6.53 -21.96
N ASP A 156 -5.44 -6.78 -22.87
CA ASP A 156 -4.45 -7.84 -22.66
C ASP A 156 -3.55 -7.52 -21.48
N SER A 157 -2.65 -8.45 -21.16
CA SER A 157 -1.72 -8.27 -20.04
C SER A 157 -0.36 -7.80 -20.54
N ASP A 158 0.27 -6.91 -19.78
CA ASP A 158 1.59 -6.37 -20.13
C ASP A 158 2.60 -6.72 -19.04
N ILE A 159 3.28 -7.85 -19.22
CA ILE A 159 4.28 -8.32 -18.23
C ILE A 159 5.65 -8.47 -18.88
N LYS A 160 6.70 -8.51 -18.05
CA LYS A 160 8.07 -8.65 -18.53
C LYS A 160 8.60 -10.05 -18.20
N THR A 161 9.32 -10.64 -19.14
CA THR A 161 9.87 -11.97 -18.94
C THR A 161 11.05 -11.93 -17.97
N HIS A 162 11.31 -10.76 -17.40
CA HIS A 162 12.41 -10.60 -16.46
C HIS A 162 11.99 -11.09 -15.06
N PRO A 163 12.76 -12.00 -14.42
CA PRO A 163 12.42 -12.50 -13.07
C PRO A 163 11.85 -11.40 -12.16
N VAL A 164 11.18 -11.81 -11.09
CA VAL A 164 10.60 -10.85 -10.15
C VAL A 164 11.64 -10.40 -9.14
N LEU A 165 11.71 -9.09 -8.91
CA LEU A 165 12.66 -8.51 -7.96
C LEU A 165 12.06 -8.47 -6.56
N GLY A 166 12.74 -9.10 -5.60
CA GLY A 166 12.26 -9.14 -4.21
C GLY A 166 13.12 -8.29 -3.28
N SER A 167 12.67 -8.17 -2.02
CA SER A 167 13.39 -7.39 -1.01
C SER A 167 14.18 -8.33 -0.12
N ASN A 168 14.13 -9.61 -0.46
CA ASN A 168 14.84 -10.64 0.31
C ASN A 168 14.24 -10.80 1.70
N ILE A 169 13.36 -9.89 2.10
CA ILE A 169 12.73 -9.98 3.42
C ILE A 169 11.71 -11.13 3.45
N SER A 170 11.62 -11.82 4.58
CA SER A 170 10.66 -12.92 4.73
C SER A 170 9.46 -12.46 5.55
N HIS A 171 8.27 -12.91 5.16
CA HIS A 171 7.04 -12.51 5.85
C HIS A 171 6.89 -13.28 7.18
N LYS A 172 8.02 -13.58 7.82
CA LYS A 172 7.99 -14.29 9.09
C LYS A 172 7.24 -13.46 10.14
N LYS A 173 7.00 -14.06 11.30
CA LYS A 173 6.29 -13.35 12.38
C LYS A 173 7.27 -12.58 13.25
N VAL A 174 6.95 -11.31 13.52
CA VAL A 174 7.81 -10.46 14.34
C VAL A 174 6.99 -9.38 15.04
N SER A 175 7.67 -8.33 15.52
CA SER A 175 6.97 -7.24 16.21
C SER A 175 5.75 -6.79 15.41
N TYR A 176 4.73 -6.31 16.12
CA TYR A 176 3.49 -5.85 15.46
C TYR A 176 3.37 -4.33 15.51
N GLU A 177 2.98 -3.75 14.36
CA GLU A 177 2.82 -2.29 14.25
C GLU A 177 1.67 -1.96 13.31
N ASP A 178 0.90 -0.94 13.64
CA ASP A 178 -0.23 -0.52 12.81
C ASP A 178 0.25 0.25 11.58
N ILE A 179 0.38 -0.47 10.46
CA ILE A 179 0.84 0.14 9.20
C ILE A 179 -0.29 0.14 8.18
N ILE A 180 -1.18 -0.84 8.27
CA ILE A 180 -2.31 -0.91 7.36
C ILE A 180 -3.36 0.12 7.74
N GLY A 181 -3.53 1.13 6.89
CA GLY A 181 -4.49 2.20 7.15
C GLY A 181 -5.90 1.82 6.76
N SER A 182 -6.46 2.55 5.79
CA SER A 182 -7.81 2.29 5.34
C SER A 182 -7.87 1.10 4.41
N THR A 183 -8.94 0.30 4.53
CA THR A 183 -9.12 -0.87 3.68
C THR A 183 -10.59 -0.99 3.28
N ILE A 184 -10.96 -0.29 2.20
CA ILE A 184 -12.35 -0.32 1.72
C ILE A 184 -12.46 -1.21 0.48
N VAL A 185 -13.28 -2.25 0.57
CA VAL A 185 -13.44 -3.19 -0.56
C VAL A 185 -14.91 -3.57 -0.76
N ASP A 186 -15.37 -3.48 -2.01
CA ASP A 186 -16.75 -3.82 -2.35
C ASP A 186 -16.89 -5.31 -2.61
N THR A 187 -17.52 -6.01 -1.67
CA THR A 187 -17.69 -7.45 -1.79
C THR A 187 -18.20 -7.84 -3.17
N LYS A 188 -18.94 -6.93 -3.81
CA LYS A 188 -19.50 -7.20 -5.13
C LYS A 188 -18.50 -7.93 -6.04
N CYS A 189 -17.19 -7.76 -5.79
CA CYS A 189 -16.16 -8.41 -6.63
C CYS A 189 -14.98 -8.90 -5.80
N VAL A 190 -15.21 -9.20 -4.52
CA VAL A 190 -14.13 -9.67 -3.65
C VAL A 190 -14.72 -10.29 -2.38
N LYS A 191 -14.79 -11.62 -2.38
CA LYS A 191 -15.35 -12.35 -1.25
C LYS A 191 -14.40 -12.31 -0.04
N ASN A 192 -13.15 -12.76 -0.24
CA ASN A 192 -12.16 -12.81 0.84
C ASN A 192 -10.82 -12.23 0.40
N LEU A 193 -10.14 -11.51 1.30
CA LEU A 193 -8.82 -10.94 0.97
C LEU A 193 -7.88 -11.01 2.17
N GLU A 194 -6.64 -11.38 1.90
CA GLU A 194 -5.62 -11.49 2.94
C GLU A 194 -4.68 -10.29 2.82
N PHE A 195 -4.00 -9.93 3.90
CA PHE A 195 -3.09 -8.79 3.87
C PHE A 195 -1.91 -8.99 4.81
N SER A 196 -0.72 -8.70 4.30
CA SER A 196 0.51 -8.82 5.07
C SER A 196 1.45 -7.69 4.65
N VAL A 197 1.98 -6.96 5.62
CA VAL A 197 2.88 -5.85 5.33
C VAL A 197 4.06 -5.86 6.29
N ARG A 198 5.25 -6.13 5.75
CA ARG A 198 6.48 -6.18 6.56
C ARG A 198 7.35 -4.98 6.26
N ILE A 199 8.30 -4.71 7.15
CA ILE A 199 9.21 -3.59 6.98
C ILE A 199 10.45 -3.81 7.86
N GLY A 200 11.58 -4.08 7.20
CA GLY A 200 12.81 -4.32 7.93
C GLY A 200 14.01 -4.18 7.02
N ASP A 201 15.08 -4.92 7.34
CA ASP A 201 16.31 -4.88 6.54
C ASP A 201 16.26 -5.92 5.43
N MET A 202 16.76 -5.55 4.25
CA MET A 202 16.79 -6.44 3.09
C MET A 202 18.17 -7.10 2.96
N CYS A 203 19.06 -6.79 3.91
CA CYS A 203 20.42 -7.36 3.92
C CYS A 203 20.60 -8.23 5.16
N LYS A 204 20.42 -7.64 6.33
CA LYS A 204 20.55 -8.36 7.60
C LYS A 204 19.39 -8.02 8.53
N GLU A 205 18.50 -8.98 8.72
CA GLU A 205 17.34 -8.80 9.59
C GLU A 205 17.76 -8.41 11.00
N SER A 206 17.29 -7.24 11.45
CA SER A 206 17.60 -6.75 12.81
C SER A 206 16.30 -6.65 13.62
N SER A 207 16.19 -7.53 14.60
CA SER A 207 15.00 -7.60 15.48
C SER A 207 14.38 -6.22 15.72
N GLU A 208 15.22 -5.24 16.04
CA GLU A 208 14.73 -3.89 16.31
C GLU A 208 14.03 -3.29 15.10
N LEU A 209 14.59 -3.52 13.91
CA LEU A 209 14.00 -2.97 12.67
C LEU A 209 12.97 -3.93 12.09
N GLU A 210 12.74 -5.05 12.77
CA GLU A 210 11.75 -6.03 12.29
C GLU A 210 10.36 -5.68 12.82
N VAL A 211 9.36 -5.79 11.96
CA VAL A 211 7.99 -5.47 12.32
C VAL A 211 7.07 -5.94 11.20
N LYS A 212 5.81 -6.28 11.53
CA LYS A 212 4.89 -6.76 10.51
C LYS A 212 3.44 -6.66 10.98
N ASP A 213 2.53 -6.54 10.00
CA ASP A 213 1.10 -6.44 10.28
C ASP A 213 0.34 -7.36 9.33
N GLY A 214 -0.97 -7.50 9.54
CA GLY A 214 -1.77 -8.35 8.68
C GLY A 214 -3.12 -8.70 9.26
N PHE A 215 -4.12 -8.80 8.38
CA PHE A 215 -5.48 -9.14 8.78
C PHE A 215 -5.99 -10.24 7.86
N LYS A 216 -7.23 -10.67 8.06
CA LYS A 216 -7.81 -11.72 7.22
C LYS A 216 -9.33 -11.52 7.10
N TYR A 217 -9.74 -11.05 5.91
CA TYR A 217 -11.16 -10.80 5.63
C TYR A 217 -11.76 -12.00 4.92
N VAL A 218 -12.89 -12.51 5.44
CA VAL A 218 -13.54 -13.69 4.84
C VAL A 218 -15.06 -13.54 4.82
N ASP A 219 -15.60 -13.33 3.62
CA ASP A 219 -17.04 -13.20 3.43
C ASP A 219 -17.62 -11.97 4.12
N GLY A 220 -16.83 -11.34 5.00
CA GLY A 220 -17.29 -10.16 5.72
C GLY A 220 -16.78 -10.10 7.15
N SER A 221 -16.00 -11.11 7.55
CA SER A 221 -15.46 -11.16 8.92
C SER A 221 -13.97 -10.81 8.94
N ALA A 222 -13.63 -9.78 9.70
CA ALA A 222 -12.24 -9.34 9.84
C ALA A 222 -11.64 -9.95 11.11
N SER A 223 -10.33 -10.00 11.19
CA SER A 223 -9.68 -10.56 12.38
C SER A 223 -8.18 -10.39 12.32
N LYS A 224 -7.64 -9.69 13.33
CA LYS A 224 -6.21 -9.48 13.41
C LYS A 224 -5.54 -10.77 13.85
N GLY A 225 -4.43 -11.13 13.21
CA GLY A 225 -3.73 -12.35 13.57
C GLY A 225 -2.35 -12.42 12.94
N ALA A 226 -1.33 -12.18 13.76
CA ALA A 226 0.04 -12.22 13.28
C ALA A 226 0.47 -13.68 13.07
N THR A 227 0.36 -14.15 11.83
CA THR A 227 0.72 -15.54 11.48
C THR A 227 1.76 -15.55 10.37
N ASP A 228 2.60 -16.58 10.37
CA ASP A 228 3.64 -16.70 9.35
C ASP A 228 3.03 -16.65 7.95
N ASP A 229 3.03 -15.46 7.36
CA ASP A 229 2.48 -15.27 6.02
C ASP A 229 3.55 -15.52 4.96
N THR A 230 4.43 -16.49 5.21
CA THR A 230 5.50 -16.80 4.28
C THR A 230 4.96 -17.58 3.08
N SER A 231 4.06 -18.52 3.34
CA SER A 231 3.46 -19.34 2.29
C SER A 231 2.11 -18.77 1.85
N LEU A 232 1.72 -17.64 2.45
CA LEU A 232 0.45 -17.01 2.12
C LEU A 232 0.21 -17.01 0.61
N ILE A 233 1.29 -16.88 -0.16
CA ILE A 233 1.21 -16.88 -1.62
C ILE A 233 2.49 -17.49 -2.21
N ASP A 234 2.34 -18.19 -3.34
CA ASP A 234 3.49 -18.81 -4.00
C ASP A 234 4.31 -17.75 -4.72
N SER A 235 5.33 -17.25 -4.04
CA SER A 235 6.19 -16.20 -4.60
C SER A 235 6.80 -16.63 -5.94
N THR A 236 6.72 -17.93 -6.25
CA THR A 236 7.30 -18.45 -7.50
C THR A 236 6.33 -18.31 -8.67
N LYS A 237 5.09 -17.90 -8.41
CA LYS A 237 4.08 -17.74 -9.47
C LYS A 237 3.88 -16.26 -9.80
N LEU A 238 4.73 -15.40 -9.25
CA LEU A 238 4.62 -13.96 -9.49
C LEU A 238 5.34 -13.57 -10.77
N LYS A 239 4.75 -12.63 -11.51
CA LYS A 239 5.33 -12.15 -12.77
C LYS A 239 5.40 -10.62 -12.77
N ALA A 240 6.56 -10.09 -13.16
CA ALA A 240 6.74 -8.64 -13.19
C ALA A 240 5.66 -8.01 -14.06
N CYS A 241 5.15 -6.85 -13.63
CA CYS A 241 4.09 -6.16 -14.37
C CYS A 241 4.61 -4.90 -15.07
N VAL A 242 5.88 -4.59 -14.83
CA VAL A 242 6.51 -3.41 -15.44
C VAL A 242 5.56 -2.20 -15.43
N ALA B 1 -39.45 -0.44 -7.83
CA ALA B 1 -38.08 -0.17 -7.40
C ALA B 1 -37.77 -0.94 -6.12
N PRO B 2 -37.83 -2.28 -6.18
CA PRO B 2 -37.54 -3.14 -5.02
C PRO B 2 -36.05 -3.23 -4.73
N MET B 3 -35.63 -2.62 -3.62
CA MET B 3 -34.22 -2.63 -3.25
C MET B 3 -33.64 -4.04 -3.32
N GLY B 4 -32.34 -4.16 -3.11
CA GLY B 4 -31.68 -5.45 -3.14
C GLY B 4 -32.26 -6.40 -2.12
N SER B 5 -31.40 -7.24 -1.53
CA SER B 5 -31.86 -8.19 -0.52
C SER B 5 -30.69 -8.83 0.19
N ASP B 6 -29.54 -8.13 0.23
CA ASP B 6 -28.33 -8.62 0.90
C ASP B 6 -27.12 -7.83 0.37
N PRO B 7 -27.20 -6.49 0.39
CA PRO B 7 -26.10 -5.62 -0.10
C PRO B 7 -24.78 -5.95 0.59
N PRO B 8 -23.66 -5.44 0.04
CA PRO B 8 -22.32 -5.66 0.60
C PRO B 8 -22.20 -5.06 2.01
N THR B 9 -21.23 -4.17 2.25
CA THR B 9 -21.05 -3.57 3.57
C THR B 9 -19.81 -2.69 3.59
N ALA B 10 -19.65 -1.82 2.59
CA ALA B 10 -18.48 -0.96 2.54
C ALA B 10 -18.27 -0.27 3.90
N CYS B 11 -17.41 -0.86 4.72
CA CYS B 11 -17.10 -0.33 6.06
C CYS B 11 -15.61 -0.51 6.34
N CYS B 12 -15.03 0.47 7.03
CA CYS B 12 -13.61 0.44 7.36
C CYS B 12 -13.29 -0.65 8.37
N PHE B 13 -12.09 -1.21 8.26
CA PHE B 13 -11.63 -2.25 9.20
C PHE B 13 -10.32 -1.79 9.84
N SER B 14 -9.66 -0.82 9.20
CA SER B 14 -8.40 -0.28 9.72
C SER B 14 -8.30 1.21 9.43
N TYR B 15 -7.62 1.96 10.29
CA TYR B 15 -7.49 3.43 10.15
C TYR B 15 -6.05 3.86 9.87
N THR B 16 -5.91 4.96 9.11
CA THR B 16 -4.60 5.51 8.77
C THR B 16 -3.95 6.15 10.00
N ALA B 17 -2.68 5.85 10.24
CA ALA B 17 -1.98 6.37 11.40
C ALA B 17 -1.55 7.82 11.16
N ARG B 18 -1.04 8.09 9.96
CA ARG B 18 -0.58 9.43 9.64
C ARG B 18 -1.74 10.33 9.21
N LYS B 19 -1.83 11.49 9.87
CA LYS B 19 -2.87 12.46 9.55
C LYS B 19 -2.64 13.03 8.16
N LEU B 20 -3.72 13.47 7.51
CA LEU B 20 -3.63 14.04 6.15
C LEU B 20 -3.88 15.55 6.20
N PRO B 21 -2.82 16.38 6.28
CA PRO B 21 -2.99 17.85 6.34
C PRO B 21 -4.10 18.34 5.41
N ARG B 22 -4.70 19.46 5.78
CA ARG B 22 -5.79 20.05 5.00
C ARG B 22 -5.46 20.08 3.51
N ASN B 23 -4.30 20.62 3.17
CA ASN B 23 -3.89 20.75 1.76
C ASN B 23 -4.25 19.52 0.91
N PHE B 24 -4.11 18.32 1.47
CA PHE B 24 -4.43 17.09 0.71
C PHE B 24 -5.75 16.49 1.22
N VAL B 25 -6.76 17.36 1.39
CA VAL B 25 -8.08 16.94 1.87
C VAL B 25 -9.14 17.95 1.40
N VAL B 26 -9.76 17.66 0.24
CA VAL B 26 -10.76 18.58 -0.34
C VAL B 26 -12.20 18.18 0.02
N ASP B 27 -12.43 16.94 0.43
CA ASP B 27 -13.80 16.49 0.75
C ASP B 27 -13.78 15.28 1.67
N TYR B 28 -14.97 14.78 2.03
CA TYR B 28 -15.07 13.62 2.91
C TYR B 28 -16.48 13.02 2.90
N TYR B 29 -16.60 11.79 3.38
CA TYR B 29 -17.89 11.10 3.45
C TYR B 29 -17.88 10.17 4.66
N GLU B 30 -18.98 9.44 4.91
CA GLU B 30 -19.06 8.54 6.07
C GLU B 30 -19.38 7.11 5.64
N THR B 31 -18.88 6.16 6.41
CA THR B 31 -19.10 4.75 6.12
C THR B 31 -20.59 4.42 6.02
N SER B 32 -21.09 3.60 6.94
CA SER B 32 -22.51 3.21 6.94
C SER B 32 -23.00 2.97 8.37
N SER B 33 -24.06 2.18 8.50
CA SER B 33 -24.64 1.87 9.81
C SER B 33 -24.82 0.36 9.97
N LEU B 34 -24.95 -0.34 8.85
CA LEU B 34 -25.12 -1.79 8.89
C LEU B 34 -23.94 -2.44 9.59
N CYS B 35 -22.89 -1.64 9.83
CA CYS B 35 -21.68 -2.12 10.51
C CYS B 35 -21.62 -1.56 11.92
N SER B 36 -21.59 -2.45 12.91
CA SER B 36 -21.54 -2.02 14.31
C SER B 36 -20.17 -1.47 14.67
N GLN B 37 -19.52 -0.81 13.71
CA GLN B 37 -18.20 -0.23 13.94
C GLN B 37 -17.86 0.68 12.76
N PRO B 38 -18.64 1.76 12.58
CA PRO B 38 -18.45 2.71 11.46
C PRO B 38 -17.19 3.59 11.63
N ALA B 39 -17.17 4.68 10.88
CA ALA B 39 -16.05 5.62 10.91
C ALA B 39 -16.25 6.69 9.83
N VAL B 40 -15.33 7.67 9.78
CA VAL B 40 -15.40 8.75 8.80
C VAL B 40 -14.31 8.60 7.74
N VAL B 41 -14.70 8.74 6.47
CA VAL B 41 -13.75 8.62 5.36
C VAL B 41 -13.45 9.99 4.77
N PHE B 42 -12.17 10.19 4.44
CA PHE B 42 -11.72 11.47 3.87
C PHE B 42 -11.22 11.28 2.46
N GLN B 43 -11.40 12.33 1.65
CA GLN B 43 -10.95 12.32 0.27
C GLN B 43 -9.65 13.11 0.22
N THR B 44 -8.92 13.03 -0.89
CA THR B 44 -7.66 13.76 -1.02
C THR B 44 -7.49 14.28 -2.44
N ALA B 45 -6.25 14.22 -2.92
CA ALA B 45 -5.91 14.69 -4.27
C ALA B 45 -5.34 13.58 -5.15
N ALA B 46 -4.49 12.72 -4.56
CA ALA B 46 -3.87 11.61 -5.32
C ALA B 46 -4.11 10.27 -4.65
N SER B 47 -5.35 9.99 -4.24
CA SER B 47 -5.66 8.72 -3.58
C SER B 47 -7.07 8.25 -3.91
N ALA B 48 -8.04 8.75 -3.14
CA ALA B 48 -9.46 8.39 -3.32
C ALA B 48 -10.20 8.57 -1.99
N GLN B 49 -10.12 7.53 -1.15
CA GLN B 49 -10.76 7.54 0.17
C GLN B 49 -9.84 6.87 1.20
N VAL B 50 -9.87 7.38 2.43
CA VAL B 50 -9.03 6.84 3.50
C VAL B 50 -9.76 7.05 4.84
N CYS B 51 -10.07 5.94 5.51
CA CYS B 51 -10.78 5.98 6.79
C CYS B 51 -9.87 6.46 7.92
N ALA B 52 -10.49 7.14 8.89
CA ALA B 52 -9.79 7.66 10.06
C ALA B 52 -10.68 7.49 11.29
N ASP B 53 -10.10 6.99 12.38
CA ASP B 53 -10.87 6.80 13.60
C ASP B 53 -11.37 8.16 14.12
N PRO B 54 -12.69 8.35 14.36
CA PRO B 54 -13.20 9.63 14.84
C PRO B 54 -12.84 9.86 16.31
N SER B 55 -12.16 8.88 16.89
CA SER B 55 -11.76 8.97 18.30
C SER B 55 -10.68 10.02 18.49
N GLU B 56 -10.02 10.43 17.40
CA GLU B 56 -8.97 11.44 17.47
C GLU B 56 -9.57 12.83 17.26
N SER B 57 -9.29 13.72 18.20
CA SER B 57 -9.81 15.09 18.18
C SER B 57 -9.60 15.77 16.82
N TRP B 58 -8.39 15.72 16.28
CA TRP B 58 -8.12 16.40 15.01
C TRP B 58 -9.07 15.93 13.91
N VAL B 59 -9.57 14.72 14.03
CA VAL B 59 -10.50 14.19 13.02
C VAL B 59 -11.85 14.86 13.16
N GLN B 60 -12.23 15.15 14.39
CA GLN B 60 -13.50 15.81 14.67
C GLN B 60 -13.44 17.27 14.19
N GLU B 61 -12.27 17.89 14.34
CA GLU B 61 -12.09 19.27 13.91
C GLU B 61 -12.07 19.36 12.39
N TYR B 62 -11.51 18.34 11.75
CA TYR B 62 -11.43 18.30 10.30
C TYR B 62 -12.84 18.23 9.71
N VAL B 63 -13.72 17.52 10.40
CA VAL B 63 -15.11 17.39 9.94
C VAL B 63 -15.83 18.72 10.14
N TYR B 64 -15.65 19.30 11.33
CA TYR B 64 -16.28 20.57 11.66
C TYR B 64 -15.81 21.69 10.73
N ASP B 65 -14.56 21.57 10.26
CA ASP B 65 -14.01 22.58 9.37
C ASP B 65 -14.60 22.46 7.97
N LEU B 66 -14.79 21.22 7.52
CA LEU B 66 -15.36 20.98 6.20
C LEU B 66 -16.85 21.28 6.20
N GLU B 67 -17.46 21.23 7.39
CA GLU B 67 -18.89 21.50 7.52
C GLU B 67 -19.15 23.00 7.36
N LEU B 68 -18.19 23.79 7.82
CA LEU B 68 -18.30 25.25 7.75
C LEU B 68 -18.06 25.72 6.30
N ASN B 69 -16.80 25.69 5.88
CA ASN B 69 -16.44 26.12 4.53
C ASN B 69 -16.68 24.99 3.53
N MET A 1 23.22 -3.07 -21.37
CA MET A 1 23.26 -2.75 -19.94
C MET A 1 24.67 -2.34 -19.53
N PRO A 2 25.20 -1.26 -20.13
CA PRO A 2 26.55 -0.75 -19.82
C PRO A 2 26.59 -0.02 -18.48
N ALA A 3 27.79 0.18 -17.95
CA ALA A 3 27.96 0.87 -16.68
C ALA A 3 29.41 1.31 -16.48
N SER A 4 30.31 0.70 -17.24
CA SER A 4 31.72 1.03 -17.15
C SER A 4 32.19 0.94 -15.70
N LEU A 5 31.78 -0.11 -15.02
CA LEU A 5 32.17 -0.32 -13.62
C LEU A 5 31.79 0.90 -12.78
N GLN A 6 30.51 0.96 -12.39
CA GLN A 6 30.01 2.07 -11.58
C GLN A 6 30.38 1.87 -10.11
N GLN A 7 31.69 1.88 -9.83
CA GLN A 7 32.16 1.70 -8.46
C GLN A 7 31.57 0.41 -7.86
N SER A 8 31.25 0.46 -6.57
CA SER A 8 30.68 -0.70 -5.89
C SER A 8 29.97 -0.27 -4.61
N SER A 9 30.21 0.98 -4.20
CA SER A 9 29.59 1.50 -2.99
C SER A 9 28.12 1.86 -3.24
N SER A 10 27.79 2.07 -4.51
CA SER A 10 26.41 2.43 -4.88
C SER A 10 25.43 1.45 -4.24
N SER A 11 24.43 1.99 -3.55
CA SER A 11 23.43 1.15 -2.90
C SER A 11 22.80 0.19 -3.90
N SER A 12 22.84 0.54 -5.18
CA SER A 12 22.27 -0.29 -6.23
C SER A 12 23.18 -1.48 -6.52
N SER A 13 24.48 -1.27 -6.37
CA SER A 13 25.46 -2.33 -6.62
C SER A 13 25.44 -3.36 -5.50
N SER A 14 25.47 -2.90 -4.25
CA SER A 14 25.46 -3.80 -3.11
C SER A 14 25.18 -3.04 -1.82
N CYS A 15 24.86 -3.77 -0.76
CA CYS A 15 24.57 -3.16 0.53
C CYS A 15 25.81 -2.47 1.09
N THR A 16 25.61 -1.37 1.81
CA THR A 16 26.73 -0.63 2.37
C THR A 16 27.33 -1.38 3.56
N GLU A 17 28.42 -0.84 4.11
CA GLU A 17 29.11 -1.44 5.25
C GLU A 17 29.06 -0.49 6.44
N GLU A 18 28.17 0.48 6.39
CA GLU A 18 28.04 1.46 7.47
C GLU A 18 27.22 0.87 8.61
N GLU A 19 27.94 0.36 9.63
CA GLU A 19 27.32 -0.26 10.80
C GLU A 19 25.98 0.39 11.16
N ASN A 20 26.02 1.68 11.46
CA ASN A 20 24.79 2.41 11.84
C ASN A 20 23.98 2.80 10.60
N LYS A 21 23.68 1.82 9.75
CA LYS A 21 22.90 2.08 8.54
C LYS A 21 22.37 0.77 7.96
N HIS A 22 21.12 0.79 7.50
CA HIS A 22 20.50 -0.42 6.92
C HIS A 22 19.38 -0.05 5.95
N HIS A 23 19.50 -0.52 4.71
CA HIS A 23 18.50 -0.24 3.69
C HIS A 23 17.14 -0.75 4.14
N MET A 24 16.20 0.18 4.33
CA MET A 24 14.84 -0.16 4.76
C MET A 24 13.96 -0.44 3.54
N GLY A 25 13.36 -1.62 3.50
CA GLY A 25 12.49 -2.02 2.40
C GLY A 25 11.14 -2.50 2.92
N ILE A 26 10.08 -2.15 2.20
CA ILE A 26 8.71 -2.55 2.59
C ILE A 26 8.16 -3.56 1.60
N ASP A 27 7.28 -4.43 2.09
CA ASP A 27 6.66 -5.45 1.24
C ASP A 27 5.19 -5.60 1.58
N VAL A 28 4.36 -5.83 0.56
CA VAL A 28 2.93 -5.99 0.76
C VAL A 28 2.38 -7.14 -0.09
N ILE A 29 2.04 -8.23 0.58
CA ILE A 29 1.48 -9.41 -0.09
C ILE A 29 -0.03 -9.43 0.12
N ILE A 30 -0.80 -9.56 -0.96
CA ILE A 30 -2.27 -9.56 -0.86
C ILE A 30 -2.89 -10.66 -1.73
N LYS A 31 -3.77 -11.43 -1.10
CA LYS A 31 -4.51 -12.51 -1.78
C LYS A 31 -5.99 -12.17 -1.76
N VAL A 32 -6.62 -12.14 -2.94
CA VAL A 32 -8.04 -11.80 -3.04
C VAL A 32 -8.82 -12.89 -3.79
N THR A 33 -9.94 -13.30 -3.20
CA THR A 33 -10.82 -14.30 -3.82
C THR A 33 -12.06 -13.60 -4.34
N LYS A 34 -12.45 -13.90 -5.58
CA LYS A 34 -13.63 -13.27 -6.17
C LYS A 34 -14.88 -14.05 -5.81
N GLN A 35 -16.03 -13.42 -5.99
CA GLN A 35 -17.30 -14.08 -5.70
C GLN A 35 -17.64 -15.07 -6.80
N ASP A 36 -18.12 -16.25 -6.41
CA ASP A 36 -18.46 -17.28 -7.38
C ASP A 36 -19.36 -16.74 -8.49
N GLN A 37 -19.85 -15.51 -8.30
CA GLN A 37 -20.74 -14.89 -9.30
C GLN A 37 -19.92 -14.14 -10.35
N THR A 38 -18.89 -13.43 -9.91
CA THR A 38 -18.06 -12.66 -10.84
C THR A 38 -17.68 -13.50 -12.07
N PRO A 39 -17.51 -12.88 -13.25
CA PRO A 39 -17.15 -13.60 -14.48
C PRO A 39 -15.67 -13.98 -14.49
N THR A 40 -15.28 -14.86 -15.40
CA THR A 40 -13.89 -15.28 -15.50
C THR A 40 -13.03 -14.13 -16.02
N ASN A 41 -11.87 -13.94 -15.39
CA ASN A 41 -10.95 -12.87 -15.79
C ASN A 41 -9.54 -13.17 -15.31
N ASP A 42 -8.72 -13.71 -16.21
CA ASP A 42 -7.33 -14.05 -15.89
C ASP A 42 -6.40 -12.93 -16.35
N LYS A 43 -6.93 -12.03 -17.18
CA LYS A 43 -6.13 -10.93 -17.69
C LYS A 43 -5.53 -10.14 -16.53
N ILE A 44 -4.37 -10.61 -16.06
CA ILE A 44 -3.69 -9.97 -14.93
C ILE A 44 -2.73 -8.88 -15.45
N CYS A 45 -2.48 -7.88 -14.61
CA CYS A 45 -1.60 -6.78 -15.00
C CYS A 45 -2.14 -6.09 -16.24
N GLN A 46 -3.30 -5.47 -16.12
CA GLN A 46 -3.91 -4.77 -17.24
C GLN A 46 -3.12 -3.46 -17.46
N SER A 47 -2.64 -2.91 -16.36
CA SER A 47 -1.86 -1.67 -16.39
C SER A 47 -1.30 -1.38 -14.99
N VAL A 48 -0.71 -0.21 -14.82
CA VAL A 48 -0.14 0.15 -13.54
C VAL A 48 0.20 1.64 -13.49
N THR A 49 -0.76 2.45 -13.05
CA THR A 49 -0.55 3.90 -12.95
C THR A 49 0.18 4.23 -11.66
N GLU A 50 0.88 5.36 -11.63
CA GLU A 50 1.61 5.77 -10.44
C GLU A 50 1.74 7.28 -10.39
N ILE A 51 1.29 7.86 -9.28
CA ILE A 51 1.35 9.30 -9.06
C ILE A 51 1.77 9.59 -7.63
N THR A 52 2.10 10.83 -7.35
CA THR A 52 2.54 11.25 -6.02
C THR A 52 2.19 12.72 -5.83
N GLU A 53 2.02 13.14 -4.59
CA GLU A 53 1.69 14.55 -4.30
C GLU A 53 2.45 15.48 -5.23
N SER A 54 1.97 16.70 -5.38
CA SER A 54 2.64 17.67 -6.23
C SER A 54 3.88 18.20 -5.54
N GLU A 55 3.97 17.94 -4.24
CA GLU A 55 5.11 18.40 -3.45
C GLU A 55 6.34 17.53 -3.76
N SER A 56 6.50 17.19 -5.04
CA SER A 56 7.62 16.36 -5.47
C SER A 56 8.95 17.08 -5.25
N ASP A 57 9.40 17.80 -6.28
CA ASP A 57 10.68 18.53 -6.21
C ASP A 57 10.51 20.05 -6.38
N PRO A 58 9.51 20.52 -7.17
CA PRO A 58 9.31 21.96 -7.37
C PRO A 58 8.44 22.57 -6.27
N ASP A 59 7.14 22.71 -6.56
CA ASP A 59 6.21 23.29 -5.59
C ASP A 59 4.81 22.71 -5.79
N PRO A 60 3.99 22.64 -4.72
CA PRO A 60 2.62 22.10 -4.82
C PRO A 60 1.68 23.06 -5.56
N GLU A 61 0.43 22.64 -5.72
CA GLU A 61 -0.55 23.47 -6.42
C GLU A 61 -1.93 22.83 -6.36
N VAL A 62 -2.20 22.11 -5.28
CA VAL A 62 -3.49 21.43 -5.12
C VAL A 62 -4.59 22.44 -4.82
N GLU A 63 -4.34 23.72 -5.12
CA GLU A 63 -5.33 24.77 -4.87
C GLU A 63 -5.11 25.95 -5.80
N SER A 64 -3.89 26.51 -5.79
CA SER A 64 -3.58 27.64 -6.64
C SER A 64 -2.07 27.91 -6.64
N GLU A 65 -1.64 28.93 -5.90
CA GLU A 65 -0.23 29.30 -5.82
C GLU A 65 0.11 29.82 -4.43
N ASP A 66 1.25 29.39 -3.90
CA ASP A 66 1.70 29.83 -2.58
C ASP A 66 3.14 29.41 -2.33
N ASP A 67 3.74 29.97 -1.29
CA ASP A 67 5.12 29.65 -0.96
C ASP A 67 5.21 28.23 -0.41
N SER A 68 6.42 27.66 -0.45
CA SER A 68 6.62 26.29 0.04
C SER A 68 8.10 26.02 0.25
N THR A 69 8.68 26.59 1.30
CA THR A 69 10.09 26.39 1.60
C THR A 69 10.42 24.90 1.60
N SER A 70 9.56 24.11 2.23
CA SER A 70 9.75 22.66 2.31
C SER A 70 11.04 22.32 3.05
N VAL A 71 10.89 21.86 4.29
CA VAL A 71 12.05 21.50 5.11
C VAL A 71 11.61 20.63 6.29
N GLU A 72 10.42 20.89 6.80
CA GLU A 72 9.89 20.11 7.93
C GLU A 72 9.44 18.73 7.44
N ASP A 73 8.62 18.72 6.39
CA ASP A 73 8.13 17.47 5.83
C ASP A 73 7.56 16.56 6.92
N VAL A 74 6.31 16.81 7.32
CA VAL A 74 5.67 16.00 8.34
C VAL A 74 5.29 14.64 7.77
N ASP A 75 4.39 14.64 6.79
CA ASP A 75 3.97 13.41 6.13
C ASP A 75 2.99 13.70 4.96
N PRO A 76 3.12 14.85 4.25
CA PRO A 76 2.21 15.18 3.12
C PRO A 76 2.33 14.33 1.82
N PRO A 77 3.40 13.51 1.56
CA PRO A 77 3.49 12.77 0.29
C PRO A 77 2.92 11.36 0.35
N THR A 78 1.86 11.13 -0.44
CA THR A 78 1.21 9.83 -0.52
C THR A 78 1.30 9.27 -1.93
N THR A 79 1.98 8.13 -2.10
CA THR A 79 2.13 7.51 -3.42
C THR A 79 0.93 6.62 -3.70
N TYR A 80 0.31 6.80 -4.87
CA TYR A 80 -0.87 6.01 -5.26
C TYR A 80 -0.53 5.10 -6.44
N TYR A 81 -1.12 3.90 -6.44
CA TYR A 81 -0.90 2.93 -7.51
C TYR A 81 -2.23 2.26 -7.88
N SER A 82 -2.66 2.43 -9.13
CA SER A 82 -3.92 1.85 -9.61
C SER A 82 -3.65 0.60 -10.43
N ILE A 83 -3.15 -0.44 -9.75
CA ILE A 83 -2.85 -1.70 -10.42
C ILE A 83 -4.14 -2.44 -10.80
N ILE A 84 -4.41 -2.53 -12.10
CA ILE A 84 -5.60 -3.23 -12.60
C ILE A 84 -5.24 -4.64 -13.05
N GLY A 85 -6.16 -5.58 -12.86
CA GLY A 85 -5.90 -6.96 -13.27
C GLY A 85 -6.83 -7.96 -12.60
N GLY A 86 -6.92 -9.16 -13.18
CA GLY A 86 -7.76 -10.20 -12.64
C GLY A 86 -9.20 -9.75 -12.48
N GLY A 87 -9.62 -8.79 -13.30
CA GLY A 87 -10.98 -8.29 -13.25
C GLY A 87 -11.21 -7.41 -12.03
N LEU A 88 -10.14 -7.19 -11.27
CA LEU A 88 -10.20 -6.36 -10.05
C LEU A 88 -9.33 -5.12 -10.22
N ARG A 89 -9.73 -4.04 -9.57
CA ARG A 89 -8.99 -2.77 -9.60
C ARG A 89 -8.43 -2.52 -8.20
N MET A 90 -7.10 -2.53 -8.09
CA MET A 90 -6.46 -2.32 -6.78
C MET A 90 -5.94 -0.89 -6.65
N ASN A 91 -6.01 -0.38 -5.44
CA ASN A 91 -5.57 0.98 -5.14
C ASN A 91 -4.80 1.02 -3.83
N PHE A 92 -3.61 1.63 -3.84
CA PHE A 92 -2.76 1.72 -2.65
C PHE A 92 -2.67 3.16 -2.16
N GLY A 93 -1.73 3.43 -1.25
CA GLY A 93 -1.54 4.75 -0.71
C GLY A 93 -0.43 4.81 0.33
N PHE A 94 0.81 4.61 -0.12
CA PHE A 94 1.95 4.62 0.78
C PHE A 94 2.32 6.04 1.19
N THR A 95 2.52 6.25 2.50
CA THR A 95 2.89 7.56 3.02
C THR A 95 4.00 7.42 4.06
N LYS A 96 5.16 7.99 3.75
CA LYS A 96 6.31 7.94 4.66
C LYS A 96 6.87 6.52 4.74
N CYS A 97 6.76 5.77 3.64
CA CYS A 97 7.27 4.38 3.59
C CYS A 97 8.32 4.25 2.47
N PRO A 98 9.32 3.35 2.62
CA PRO A 98 10.34 3.15 1.58
C PRO A 98 9.75 3.19 0.18
N GLN A 99 10.53 3.67 -0.78
CA GLN A 99 10.06 3.75 -2.15
C GLN A 99 9.91 2.35 -2.75
N ILE A 100 8.83 2.14 -3.50
CA ILE A 100 8.59 0.84 -4.13
C ILE A 100 9.16 0.84 -5.54
N LYS A 101 9.40 -0.35 -6.08
CA LYS A 101 9.97 -0.46 -7.42
C LYS A 101 9.61 -1.82 -8.03
N SER A 102 9.34 -2.79 -7.16
CA SER A 102 8.97 -4.13 -7.62
C SER A 102 7.46 -4.32 -7.55
N ILE A 103 6.86 -4.63 -8.69
CA ILE A 103 5.43 -4.84 -8.77
C ILE A 103 5.15 -6.03 -9.70
N SER A 104 4.33 -6.95 -9.23
CA SER A 104 4.01 -8.15 -10.01
C SER A 104 2.64 -8.67 -9.63
N GLU A 105 2.05 -9.49 -10.52
CA GLU A 105 0.73 -10.06 -10.27
C GLU A 105 0.60 -11.43 -10.90
N SER A 106 -0.48 -12.12 -10.57
CA SER A 106 -0.75 -13.46 -11.11
C SER A 106 -2.21 -13.84 -10.87
N ALA A 107 -2.67 -14.85 -11.62
CA ALA A 107 -4.05 -15.32 -11.50
C ALA A 107 -4.07 -16.85 -11.39
N ASP A 108 -4.70 -17.35 -10.33
CA ASP A 108 -4.80 -18.80 -10.11
C ASP A 108 -6.19 -19.17 -9.62
N GLY A 109 -6.97 -19.79 -10.49
CA GLY A 109 -8.32 -20.20 -10.13
C GLY A 109 -9.24 -19.00 -9.98
N ASN A 110 -9.93 -18.94 -8.83
CA ASN A 110 -10.86 -17.85 -8.56
C ASN A 110 -10.21 -16.78 -7.69
N THR A 111 -8.87 -16.76 -7.67
CA THR A 111 -8.12 -15.79 -6.87
C THR A 111 -7.10 -15.06 -7.73
N VAL A 112 -6.72 -13.85 -7.30
CA VAL A 112 -5.72 -13.05 -8.02
C VAL A 112 -4.70 -12.53 -7.01
N ASN A 113 -3.42 -12.66 -7.35
CA ASN A 113 -2.33 -12.23 -6.47
C ASN A 113 -1.81 -10.85 -6.91
N ALA A 114 -1.04 -10.25 -6.01
CA ALA A 114 -0.44 -8.94 -6.28
C ALA A 114 0.66 -8.67 -5.28
N ARG A 115 1.88 -8.51 -5.78
CA ARG A 115 3.05 -8.25 -4.93
C ARG A 115 3.56 -6.83 -5.18
N LEU A 116 3.77 -6.11 -4.09
CA LEU A 116 4.27 -4.74 -4.14
C LEU A 116 5.31 -4.58 -3.04
N SER A 117 6.55 -4.31 -3.43
CA SER A 117 7.63 -4.18 -2.44
C SER A 117 8.81 -3.43 -3.01
N SER A 118 9.76 -3.09 -2.13
CA SER A 118 10.97 -2.40 -2.53
C SER A 118 11.99 -3.44 -3.00
N VAL A 119 13.02 -2.99 -3.70
CA VAL A 119 14.05 -3.90 -4.22
C VAL A 119 15.29 -3.85 -3.32
N SER A 120 16.00 -4.99 -3.26
CA SER A 120 17.23 -5.09 -2.43
C SER A 120 18.47 -4.89 -3.30
N PRO A 121 19.58 -4.35 -2.73
CA PRO A 121 20.83 -4.12 -3.48
C PRO A 121 21.17 -5.28 -4.43
N GLY A 122 22.18 -5.05 -5.28
CA GLY A 122 22.61 -6.06 -6.23
C GLY A 122 21.61 -6.21 -7.36
N GLN A 123 20.58 -5.38 -7.34
CA GLN A 123 19.54 -5.41 -8.36
C GLN A 123 20.01 -4.64 -9.60
N GLY A 124 19.30 -3.54 -9.89
CA GLY A 124 19.61 -2.69 -11.02
C GLY A 124 18.97 -1.33 -10.84
N LYS A 125 18.67 -0.99 -9.60
CA LYS A 125 18.05 0.31 -9.27
C LYS A 125 18.57 0.78 -7.91
N ASP A 126 18.10 1.94 -7.47
CA ASP A 126 18.54 2.52 -6.21
C ASP A 126 17.81 1.91 -5.00
N SER A 127 18.50 1.91 -3.86
CA SER A 127 17.96 1.39 -2.60
C SER A 127 18.54 2.23 -1.45
N PRO A 128 18.11 3.49 -1.35
CA PRO A 128 18.61 4.43 -0.32
C PRO A 128 18.81 3.81 1.06
N ALA A 129 19.96 4.11 1.66
CA ALA A 129 20.28 3.62 2.99
C ALA A 129 19.78 4.62 4.03
N ILE A 130 19.64 4.18 5.28
CA ILE A 130 19.15 5.07 6.34
C ILE A 130 19.68 4.61 7.70
N THR A 131 19.77 5.55 8.65
CA THR A 131 20.28 5.27 9.98
C THR A 131 19.21 4.67 10.88
N HIS A 132 19.66 4.05 11.97
CA HIS A 132 18.76 3.43 12.93
C HIS A 132 17.66 4.40 13.37
N GLU A 133 18.03 5.66 13.58
CA GLU A 133 17.07 6.67 14.02
C GLU A 133 15.97 6.87 13.00
N GLU A 134 16.35 7.21 11.78
CA GLU A 134 15.38 7.43 10.72
C GLU A 134 14.52 6.18 10.54
N ALA A 135 15.15 5.02 10.53
CA ALA A 135 14.42 3.77 10.38
C ALA A 135 13.31 3.69 11.43
N LEU A 136 13.69 3.80 12.69
CA LEU A 136 12.73 3.75 13.78
C LEU A 136 11.63 4.78 13.54
N ALA A 137 12.02 5.92 12.96
CA ALA A 137 11.06 6.98 12.67
C ALA A 137 10.19 6.61 11.47
N MET A 138 10.75 5.78 10.58
CA MET A 138 10.04 5.36 9.37
C MET A 138 8.95 4.32 9.69
N ILE A 139 9.35 3.16 10.20
CA ILE A 139 8.36 2.11 10.47
C ILE A 139 7.22 2.64 11.35
N LYS A 140 7.46 3.75 12.05
CA LYS A 140 6.45 4.33 12.93
C LYS A 140 5.40 5.11 12.13
N ASP A 141 5.86 6.07 11.33
CA ASP A 141 4.96 6.91 10.54
C ASP A 141 4.43 6.18 9.31
N CYS A 142 5.24 5.29 8.75
CA CYS A 142 4.85 4.53 7.56
C CYS A 142 3.41 4.04 7.66
N GLU A 143 2.57 4.49 6.74
CA GLU A 143 1.16 4.09 6.70
C GLU A 143 0.69 3.89 5.26
N VAL A 144 0.12 2.72 4.98
CA VAL A 144 -0.37 2.40 3.63
C VAL A 144 -1.85 2.06 3.67
N SER A 145 -2.63 2.71 2.80
CA SER A 145 -4.08 2.47 2.72
C SER A 145 -4.40 1.58 1.53
N ILE A 146 -5.62 1.07 1.47
CA ILE A 146 -6.01 0.19 0.37
C ILE A 146 -7.54 0.15 0.21
N ASP A 147 -7.97 0.00 -1.04
CA ASP A 147 -9.40 -0.06 -1.36
C ASP A 147 -9.57 -0.55 -2.79
N ILE A 148 -9.78 -1.86 -2.96
CA ILE A 148 -9.91 -2.45 -4.29
C ILE A 148 -11.37 -2.52 -4.75
N ARG A 149 -11.61 -1.99 -5.94
CA ARG A 149 -12.96 -1.99 -6.54
C ARG A 149 -13.04 -3.05 -7.63
N CYS A 150 -14.21 -3.16 -8.26
CA CYS A 150 -14.42 -4.15 -9.32
C CYS A 150 -14.12 -3.54 -10.69
N SER A 151 -13.30 -4.22 -11.49
CA SER A 151 -12.95 -3.74 -12.83
C SER A 151 -13.71 -4.52 -13.90
N GLU A 152 -13.46 -4.18 -15.15
CA GLU A 152 -14.12 -4.85 -16.28
C GLU A 152 -13.26 -4.72 -17.53
N GLU A 153 -12.15 -4.02 -17.38
CA GLU A 153 -11.23 -3.82 -18.50
C GLU A 153 -10.66 -5.16 -18.99
N GLU A 154 -11.23 -5.68 -20.08
CA GLU A 154 -10.79 -6.95 -20.64
C GLU A 154 -9.54 -6.76 -21.50
N LYS A 155 -8.93 -5.59 -21.42
CA LYS A 155 -7.72 -5.33 -22.20
C LYS A 155 -6.64 -6.38 -21.92
N ASP A 156 -5.81 -6.65 -22.92
CA ASP A 156 -4.75 -7.64 -22.77
C ASP A 156 -3.86 -7.29 -21.59
N SER A 157 -2.93 -8.20 -21.25
CA SER A 157 -2.01 -8.00 -20.15
C SER A 157 -0.66 -7.50 -20.64
N ASP A 158 -0.01 -6.65 -19.84
CA ASP A 158 1.30 -6.10 -20.18
C ASP A 158 2.31 -6.49 -19.12
N ILE A 159 3.02 -7.59 -19.35
CA ILE A 159 4.03 -8.09 -18.40
C ILE A 159 5.41 -8.14 -19.04
N LYS A 160 6.41 -8.50 -18.24
CA LYS A 160 7.80 -8.58 -18.72
C LYS A 160 8.40 -9.94 -18.31
N THR A 161 9.09 -10.57 -19.25
CA THR A 161 9.70 -11.87 -19.00
C THR A 161 10.89 -11.74 -18.03
N HIS A 162 11.12 -10.51 -17.55
CA HIS A 162 12.21 -10.28 -16.61
C HIS A 162 11.80 -10.67 -15.19
N PRO A 163 12.48 -11.66 -14.55
CA PRO A 163 12.11 -12.08 -13.18
C PRO A 163 11.77 -10.89 -12.29
N VAL A 164 10.98 -11.14 -11.24
CA VAL A 164 10.58 -10.07 -10.32
C VAL A 164 11.67 -9.79 -9.30
N LEU A 165 11.90 -8.51 -9.03
CA LEU A 165 12.92 -8.10 -8.05
C LEU A 165 12.33 -8.16 -6.64
N GLY A 166 12.86 -9.06 -5.81
CA GLY A 166 12.38 -9.21 -4.45
C GLY A 166 13.03 -8.24 -3.49
N SER A 167 12.54 -8.19 -2.25
CA SER A 167 13.08 -7.29 -1.23
C SER A 167 13.96 -8.10 -0.26
N ASN A 168 14.18 -9.35 -0.60
CA ASN A 168 15.01 -10.23 0.21
C ASN A 168 14.39 -10.48 1.59
N ILE A 169 13.32 -9.75 1.92
CA ILE A 169 12.67 -9.93 3.21
C ILE A 169 11.75 -11.15 3.18
N SER A 170 11.39 -11.65 4.36
CA SER A 170 10.50 -12.81 4.48
C SER A 170 9.30 -12.45 5.34
N HIS A 171 8.11 -12.88 4.91
CA HIS A 171 6.89 -12.57 5.64
C HIS A 171 6.78 -13.40 6.92
N LYS A 172 7.90 -13.60 7.60
CA LYS A 172 7.91 -14.38 8.84
C LYS A 172 7.15 -13.62 9.93
N LYS A 173 7.24 -14.12 11.16
CA LYS A 173 6.56 -13.49 12.31
C LYS A 173 7.56 -12.71 13.15
N VAL A 174 7.24 -11.43 13.41
CA VAL A 174 8.11 -10.56 14.20
C VAL A 174 7.27 -9.50 14.91
N SER A 175 7.94 -8.50 15.49
CA SER A 175 7.24 -7.42 16.19
C SER A 175 6.03 -6.95 15.37
N TYR A 176 4.95 -6.60 16.07
CA TYR A 176 3.71 -6.16 15.40
C TYR A 176 3.43 -4.67 15.64
N GLU A 177 2.92 -4.01 14.60
CA GLU A 177 2.54 -2.60 14.69
C GLU A 177 1.61 -2.23 13.54
N ASP A 178 0.76 -1.25 13.78
CA ASP A 178 -0.22 -0.83 12.77
C ASP A 178 0.43 -0.11 11.60
N ILE A 179 0.55 -0.81 10.47
CA ILE A 179 1.12 -0.23 9.25
C ILE A 179 0.00 0.02 8.25
N ILE A 180 -0.90 -0.95 8.13
CA ILE A 180 -2.03 -0.83 7.21
C ILE A 180 -3.03 0.20 7.74
N GLY A 181 -3.55 1.03 6.85
CA GLY A 181 -4.53 2.04 7.21
C GLY A 181 -5.94 1.62 6.85
N SER A 182 -6.57 2.39 5.98
CA SER A 182 -7.93 2.10 5.57
C SER A 182 -8.00 0.89 4.64
N THR A 183 -9.07 0.11 4.79
CA THR A 183 -9.29 -1.09 3.97
C THR A 183 -10.76 -1.15 3.56
N ILE A 184 -11.11 -0.44 2.48
CA ILE A 184 -12.49 -0.40 2.00
C ILE A 184 -12.64 -1.15 0.68
N VAL A 185 -13.21 -2.36 0.74
CA VAL A 185 -13.40 -3.18 -0.46
C VAL A 185 -14.87 -3.57 -0.64
N ASP A 186 -15.32 -3.61 -1.89
CA ASP A 186 -16.71 -3.97 -2.21
C ASP A 186 -16.84 -5.46 -2.41
N THR A 187 -17.51 -6.13 -1.48
CA THR A 187 -17.70 -7.57 -1.56
C THR A 187 -18.24 -7.97 -2.92
N LYS A 188 -18.98 -7.05 -3.54
CA LYS A 188 -19.55 -7.29 -4.87
C LYS A 188 -18.62 -8.11 -5.74
N CYS A 189 -17.31 -7.99 -5.49
CA CYS A 189 -16.31 -8.75 -6.26
C CYS A 189 -15.09 -9.03 -5.39
N VAL A 190 -15.29 -9.05 -4.07
CA VAL A 190 -14.21 -9.32 -3.12
C VAL A 190 -14.71 -10.14 -1.94
N LYS A 191 -14.81 -11.45 -2.12
CA LYS A 191 -15.27 -12.33 -1.05
C LYS A 191 -14.24 -12.39 0.06
N ASN A 192 -13.02 -12.81 -0.28
CA ASN A 192 -11.92 -12.92 0.68
C ASN A 192 -10.84 -11.87 0.40
N LEU A 193 -9.99 -11.62 1.40
CA LEU A 193 -8.90 -10.67 1.22
C LEU A 193 -7.93 -10.76 2.39
N GLU A 194 -6.76 -11.33 2.12
CA GLU A 194 -5.71 -11.47 3.12
C GLU A 194 -4.67 -10.39 2.88
N PHE A 195 -4.29 -9.67 3.94
CA PHE A 195 -3.31 -8.57 3.84
C PHE A 195 -2.16 -8.79 4.82
N SER A 196 -0.94 -8.64 4.33
CA SER A 196 0.26 -8.80 5.16
C SER A 196 1.33 -7.80 4.75
N VAL A 197 2.00 -7.20 5.74
CA VAL A 197 3.05 -6.22 5.49
C VAL A 197 4.27 -6.51 6.36
N ARG A 198 5.42 -5.98 5.97
CA ARG A 198 6.64 -6.19 6.73
C ARG A 198 7.78 -5.29 6.23
N ILE A 199 8.17 -4.32 7.06
CA ILE A 199 9.25 -3.41 6.72
C ILE A 199 10.46 -3.70 7.61
N GLY A 200 11.62 -3.87 6.97
CA GLY A 200 12.83 -4.15 7.71
C GLY A 200 14.06 -3.98 6.85
N ASP A 201 15.14 -4.68 7.22
CA ASP A 201 16.40 -4.59 6.48
C ASP A 201 16.47 -5.67 5.39
N MET A 202 16.59 -5.24 4.14
CA MET A 202 16.67 -6.16 3.02
C MET A 202 18.10 -6.69 2.86
N CYS A 203 18.98 -6.28 3.77
CA CYS A 203 20.39 -6.71 3.75
C CYS A 203 20.60 -7.81 4.77
N LYS A 204 20.26 -7.51 6.02
CA LYS A 204 20.39 -8.46 7.12
C LYS A 204 19.34 -8.19 8.18
N GLU A 205 18.53 -9.20 8.47
CA GLU A 205 17.46 -9.06 9.46
C GLU A 205 17.92 -8.29 10.69
N SER A 206 17.03 -7.45 11.22
CA SER A 206 17.31 -6.65 12.42
C SER A 206 16.06 -6.60 13.30
N SER A 207 15.93 -7.57 14.19
CA SER A 207 14.78 -7.68 15.08
C SER A 207 14.29 -6.30 15.55
N GLU A 208 15.20 -5.34 15.60
CA GLU A 208 14.84 -3.99 16.03
C GLU A 208 14.02 -3.27 14.97
N LEU A 209 14.53 -3.24 13.74
CA LEU A 209 13.83 -2.56 12.64
C LEU A 209 12.93 -3.54 11.88
N GLU A 210 12.76 -4.75 12.40
CA GLU A 210 11.90 -5.75 11.77
C GLU A 210 10.52 -5.75 12.43
N VAL A 211 9.49 -5.46 11.63
CA VAL A 211 8.12 -5.41 12.16
C VAL A 211 7.12 -5.90 11.11
N LYS A 212 5.87 -6.14 11.52
CA LYS A 212 4.85 -6.63 10.57
C LYS A 212 3.44 -6.27 11.01
N ASP A 213 2.51 -6.44 10.07
CA ASP A 213 1.10 -6.17 10.28
C ASP A 213 0.30 -7.11 9.38
N GLY A 214 -0.99 -7.26 9.65
CA GLY A 214 -1.81 -8.13 8.81
C GLY A 214 -3.19 -8.35 9.37
N PHE A 215 -4.09 -8.78 8.48
CA PHE A 215 -5.48 -9.06 8.86
C PHE A 215 -6.00 -10.20 7.99
N LYS A 216 -7.21 -10.68 8.30
CA LYS A 216 -7.81 -11.77 7.54
C LYS A 216 -9.31 -11.51 7.34
N TYR A 217 -9.67 -11.11 6.13
CA TYR A 217 -11.06 -10.82 5.79
C TYR A 217 -11.65 -11.97 4.98
N VAL A 218 -12.74 -12.53 5.48
CA VAL A 218 -13.39 -13.66 4.81
C VAL A 218 -14.91 -13.57 4.94
N ASP A 219 -15.59 -13.50 3.80
CA ASP A 219 -17.04 -13.42 3.77
C ASP A 219 -17.58 -12.36 4.75
N GLY A 220 -16.89 -11.24 4.86
CA GLY A 220 -17.33 -10.15 5.74
C GLY A 220 -16.79 -10.25 7.15
N SER A 221 -16.07 -11.32 7.46
CA SER A 221 -15.50 -11.52 8.80
C SER A 221 -14.02 -11.14 8.83
N ALA A 222 -13.69 -10.11 9.61
CA ALA A 222 -12.31 -9.64 9.73
C ALA A 222 -11.71 -10.10 11.06
N SER A 223 -10.39 -10.21 11.10
CA SER A 223 -9.72 -10.65 12.32
C SER A 223 -8.21 -10.47 12.22
N LYS A 224 -7.64 -9.79 13.22
CA LYS A 224 -6.20 -9.58 13.25
C LYS A 224 -5.50 -10.85 13.71
N GLY A 225 -4.36 -11.16 13.12
CA GLY A 225 -3.64 -12.36 13.49
C GLY A 225 -2.26 -12.42 12.88
N ALA A 226 -1.25 -12.30 13.73
CA ALA A 226 0.14 -12.36 13.27
C ALA A 226 0.57 -13.80 13.06
N THR A 227 0.58 -14.23 11.80
CA THR A 227 0.98 -15.61 11.45
C THR A 227 1.99 -15.60 10.31
N ASP A 228 2.63 -16.75 10.10
CA ASP A 228 3.62 -16.87 9.03
C ASP A 228 2.96 -16.76 7.66
N ASP A 229 3.00 -15.55 7.09
CA ASP A 229 2.40 -15.31 5.77
C ASP A 229 3.41 -15.61 4.67
N THR A 230 4.45 -16.36 5.01
CA THR A 230 5.49 -16.70 4.03
C THR A 230 4.92 -17.53 2.89
N SER A 231 3.99 -18.43 3.22
CA SER A 231 3.37 -19.30 2.20
C SER A 231 2.03 -18.75 1.75
N LEU A 232 1.60 -17.64 2.35
CA LEU A 232 0.31 -17.03 2.00
C LEU A 232 0.09 -17.06 0.47
N ILE A 233 1.18 -16.87 -0.27
CA ILE A 233 1.12 -16.90 -1.74
C ILE A 233 2.44 -17.43 -2.30
N ASP A 234 2.35 -18.21 -3.38
CA ASP A 234 3.54 -18.76 -4.01
C ASP A 234 4.27 -17.68 -4.82
N SER A 235 5.33 -17.15 -4.25
CA SER A 235 6.11 -16.11 -4.92
C SER A 235 6.78 -16.64 -6.18
N THR A 236 6.49 -17.90 -6.51
CA THR A 236 7.08 -18.54 -7.69
C THR A 236 6.21 -18.36 -8.94
N LYS A 237 4.93 -18.02 -8.75
CA LYS A 237 4.00 -17.86 -9.88
C LYS A 237 3.70 -16.39 -10.20
N LEU A 238 4.41 -15.48 -9.56
CA LEU A 238 4.19 -14.04 -9.82
C LEU A 238 4.87 -13.62 -11.11
N LYS A 239 4.46 -12.48 -11.67
CA LYS A 239 5.03 -11.97 -12.91
C LYS A 239 5.10 -10.44 -12.90
N ALA A 240 6.23 -9.89 -13.31
CA ALA A 240 6.41 -8.44 -13.35
C ALA A 240 5.33 -7.81 -14.23
N CYS A 241 4.73 -6.73 -13.72
CA CYS A 241 3.66 -6.04 -14.45
C CYS A 241 4.19 -4.78 -15.14
N VAL A 242 5.44 -4.43 -14.86
CA VAL A 242 6.09 -3.25 -15.44
C VAL A 242 5.10 -2.09 -15.62
N ALA B 1 -38.25 -1.06 -8.31
CA ALA B 1 -36.81 -1.23 -8.15
C ALA B 1 -36.52 -2.06 -6.90
N PRO B 2 -36.85 -3.36 -6.93
CA PRO B 2 -36.61 -4.27 -5.79
C PRO B 2 -35.17 -4.21 -5.29
N MET B 3 -34.99 -3.70 -4.08
CA MET B 3 -33.65 -3.60 -3.49
C MET B 3 -32.99 -4.97 -3.44
N GLY B 4 -31.66 -4.97 -3.36
CA GLY B 4 -30.91 -6.22 -3.30
C GLY B 4 -31.18 -6.97 -2.01
N SER B 5 -30.69 -8.20 -1.93
CA SER B 5 -30.88 -9.02 -0.74
C SER B 5 -29.99 -8.53 0.40
N ASP B 6 -28.74 -8.98 0.41
CA ASP B 6 -27.77 -8.59 1.44
C ASP B 6 -26.46 -8.17 0.77
N PRO B 7 -26.40 -6.94 0.22
CA PRO B 7 -25.21 -6.43 -0.46
C PRO B 7 -23.96 -6.45 0.43
N PRO B 8 -22.83 -5.91 -0.06
CA PRO B 8 -21.55 -5.87 0.68
C PRO B 8 -21.66 -5.24 2.07
N THR B 9 -20.74 -4.32 2.36
CA THR B 9 -20.69 -3.65 3.66
C THR B 9 -19.47 -2.74 3.75
N ALA B 10 -19.27 -1.89 2.74
CA ALA B 10 -18.12 -0.99 2.74
C ALA B 10 -17.95 -0.31 4.10
N CYS B 11 -17.06 -0.88 4.92
CA CYS B 11 -16.77 -0.34 6.25
C CYS B 11 -15.28 -0.49 6.54
N CYS B 12 -14.70 0.50 7.21
CA CYS B 12 -13.27 0.44 7.52
C CYS B 12 -13.00 -0.57 8.62
N PHE B 13 -11.84 -1.21 8.56
CA PHE B 13 -11.43 -2.19 9.55
C PHE B 13 -10.20 -1.66 10.28
N SER B 14 -9.52 -0.71 9.65
CA SER B 14 -8.30 -0.11 10.23
C SER B 14 -8.18 1.36 9.85
N TYR B 15 -7.57 2.17 10.73
CA TYR B 15 -7.41 3.61 10.49
C TYR B 15 -5.96 3.97 10.20
N THR B 16 -5.75 5.17 9.67
CA THR B 16 -4.39 5.66 9.36
C THR B 16 -3.80 6.33 10.59
N ALA B 17 -2.51 6.07 10.84
CA ALA B 17 -1.83 6.62 12.00
C ALA B 17 -1.16 7.95 11.65
N ARG B 18 -1.66 8.61 10.61
CA ARG B 18 -1.09 9.89 10.19
C ARG B 18 -2.19 10.87 9.78
N LYS B 19 -2.20 12.05 10.40
CA LYS B 19 -3.19 13.07 10.09
C LYS B 19 -2.79 13.82 8.82
N LEU B 20 -3.64 13.76 7.80
CA LEU B 20 -3.35 14.43 6.52
C LEU B 20 -3.69 15.92 6.61
N PRO B 21 -2.70 16.85 6.55
CA PRO B 21 -2.98 18.29 6.62
C PRO B 21 -4.16 18.68 5.71
N ARG B 22 -4.89 19.71 6.11
CA ARG B 22 -6.04 20.18 5.34
C ARG B 22 -5.71 20.24 3.85
N ASN B 23 -4.56 20.84 3.52
CA ASN B 23 -4.13 20.99 2.13
C ASN B 23 -4.48 19.77 1.27
N PHE B 24 -4.47 18.58 1.89
CA PHE B 24 -4.78 17.33 1.17
C PHE B 24 -6.12 16.76 1.63
N VAL B 25 -7.12 17.64 1.75
CA VAL B 25 -8.46 17.24 2.18
C VAL B 25 -9.50 18.17 1.56
N VAL B 26 -9.94 17.82 0.34
CA VAL B 26 -10.92 18.64 -0.39
C VAL B 26 -12.36 18.24 -0.08
N ASP B 27 -12.59 16.97 0.27
CA ASP B 27 -13.94 16.48 0.58
C ASP B 27 -13.90 15.31 1.53
N TYR B 28 -15.08 14.77 1.87
CA TYR B 28 -15.15 13.64 2.79
C TYR B 28 -16.51 12.96 2.75
N TYR B 29 -16.58 11.75 3.30
CA TYR B 29 -17.83 10.97 3.33
C TYR B 29 -17.82 10.11 4.59
N GLU B 30 -18.90 9.33 4.80
CA GLU B 30 -19.00 8.47 6.00
C GLU B 30 -19.20 7.01 5.60
N THR B 31 -18.70 6.12 6.45
CA THR B 31 -18.81 4.68 6.18
C THR B 31 -20.28 4.28 5.98
N SER B 32 -20.82 3.52 6.94
CA SER B 32 -22.21 3.07 6.84
C SER B 32 -22.81 2.86 8.24
N SER B 33 -23.80 1.98 8.33
CA SER B 33 -24.47 1.68 9.60
C SER B 33 -24.60 0.16 9.79
N LEU B 34 -24.62 -0.56 8.68
CA LEU B 34 -24.74 -2.02 8.73
C LEU B 34 -23.56 -2.60 9.53
N CYS B 35 -22.60 -1.74 9.87
CA CYS B 35 -21.42 -2.14 10.63
C CYS B 35 -21.46 -1.51 12.02
N SER B 36 -21.44 -2.35 13.05
CA SER B 36 -21.49 -1.87 14.43
C SER B 36 -20.15 -1.27 14.84
N GLN B 37 -19.48 -0.60 13.91
CA GLN B 37 -18.18 0.02 14.19
C GLN B 37 -17.79 0.91 13.01
N PRO B 38 -18.62 1.94 12.73
CA PRO B 38 -18.38 2.86 11.59
C PRO B 38 -17.21 3.83 11.82
N ALA B 39 -17.19 4.89 11.02
CA ALA B 39 -16.16 5.91 11.11
C ALA B 39 -16.32 6.91 9.96
N VAL B 40 -15.47 7.94 9.95
CA VAL B 40 -15.52 8.99 8.92
C VAL B 40 -14.35 8.86 7.97
N VAL B 41 -14.66 8.99 6.67
CA VAL B 41 -13.63 8.90 5.61
C VAL B 41 -13.40 10.25 4.97
N PHE B 42 -12.13 10.56 4.74
CA PHE B 42 -11.76 11.85 4.13
C PHE B 42 -11.10 11.61 2.77
N GLN B 43 -11.34 12.55 1.85
CA GLN B 43 -10.77 12.46 0.50
C GLN B 43 -9.46 13.23 0.48
N THR B 44 -8.70 13.11 -0.60
CA THR B 44 -7.42 13.81 -0.70
C THR B 44 -7.22 14.38 -2.10
N ALA B 45 -5.98 14.34 -2.57
CA ALA B 45 -5.61 14.87 -3.89
C ALA B 45 -4.83 13.84 -4.69
N ALA B 46 -3.95 13.10 -4.02
CA ALA B 46 -3.13 12.07 -4.67
C ALA B 46 -3.31 10.71 -3.98
N SER B 47 -4.54 10.38 -3.60
CA SER B 47 -4.80 9.09 -2.93
C SER B 47 -6.17 8.52 -3.30
N ALA B 48 -7.21 8.98 -2.58
CA ALA B 48 -8.60 8.53 -2.83
C ALA B 48 -9.44 8.72 -1.57
N GLN B 49 -9.48 7.69 -0.72
CA GLN B 49 -10.25 7.73 0.53
C GLN B 49 -9.52 7.00 1.64
N VAL B 50 -9.66 7.49 2.87
CA VAL B 50 -9.00 6.87 4.04
C VAL B 50 -9.80 7.16 5.30
N CYS B 51 -10.17 6.09 6.03
CA CYS B 51 -10.94 6.23 7.27
C CYS B 51 -10.05 6.68 8.42
N ALA B 52 -10.64 7.44 9.34
CA ALA B 52 -9.93 7.95 10.53
C ALA B 52 -10.80 7.79 11.76
N ASP B 53 -10.18 7.46 12.89
CA ASP B 53 -10.93 7.28 14.12
C ASP B 53 -11.55 8.62 14.52
N PRO B 54 -12.89 8.72 14.69
CA PRO B 54 -13.53 9.98 15.08
C PRO B 54 -13.26 10.30 16.54
N SER B 55 -12.52 9.41 17.20
CA SER B 55 -12.21 9.57 18.61
C SER B 55 -11.10 10.60 18.82
N GLU B 56 -10.52 11.11 17.74
CA GLU B 56 -9.45 12.09 17.82
C GLU B 56 -10.04 13.46 17.44
N SER B 57 -9.88 14.44 18.32
CA SER B 57 -10.41 15.78 18.09
C SER B 57 -10.14 16.29 16.68
N TRP B 58 -8.92 16.09 16.17
CA TRP B 58 -8.57 16.58 14.83
C TRP B 58 -9.52 16.06 13.75
N VAL B 59 -10.00 14.84 13.90
CA VAL B 59 -10.93 14.30 12.88
C VAL B 59 -12.25 15.03 12.98
N GLN B 60 -12.66 15.32 14.21
CA GLN B 60 -13.91 16.02 14.45
C GLN B 60 -13.86 17.43 13.88
N GLU B 61 -12.83 18.17 14.24
CA GLU B 61 -12.66 19.54 13.76
C GLU B 61 -12.57 19.58 12.24
N TYR B 62 -11.94 18.57 11.67
CA TYR B 62 -11.80 18.50 10.22
C TYR B 62 -13.19 18.39 9.58
N VAL B 63 -14.08 17.67 10.25
CA VAL B 63 -15.44 17.51 9.76
C VAL B 63 -16.21 18.82 9.93
N TYR B 64 -16.08 19.44 11.09
CA TYR B 64 -16.78 20.70 11.35
C TYR B 64 -16.29 21.79 10.40
N ASP B 65 -15.01 21.72 10.02
CA ASP B 65 -14.45 22.73 9.12
C ASP B 65 -14.98 22.55 7.70
N LEU B 66 -15.09 21.31 7.27
CA LEU B 66 -15.59 21.01 5.92
C LEU B 66 -17.09 21.31 5.86
N GLU B 67 -17.73 21.37 7.03
CA GLU B 67 -19.17 21.64 7.09
C GLU B 67 -19.44 23.10 6.76
N LEU B 68 -18.52 23.99 7.15
CA LEU B 68 -18.68 25.42 6.87
C LEU B 68 -18.34 25.72 5.42
N ASN B 69 -17.04 25.77 5.12
CA ASN B 69 -16.59 26.05 3.75
C ASN B 69 -16.75 24.81 2.87
N MET A 1 24.47 -5.85 -22.86
CA MET A 1 25.45 -4.91 -22.31
C MET A 1 26.40 -5.62 -21.35
N PRO A 2 27.22 -6.55 -21.86
CA PRO A 2 28.18 -7.30 -21.04
C PRO A 2 28.90 -6.41 -20.03
N ALA A 3 29.51 -5.34 -20.53
CA ALA A 3 30.23 -4.42 -19.66
C ALA A 3 29.34 -3.95 -18.51
N SER A 4 29.83 -4.10 -17.29
CA SER A 4 29.06 -3.69 -16.11
C SER A 4 29.96 -3.60 -14.89
N LEU A 5 30.64 -2.46 -14.74
CA LEU A 5 31.53 -2.25 -13.61
C LEU A 5 31.95 -0.78 -13.52
N GLN A 6 31.88 -0.23 -12.31
CA GLN A 6 32.23 1.17 -12.12
C GLN A 6 32.39 1.46 -10.62
N GLN A 7 31.58 0.81 -9.80
CA GLN A 7 31.64 1.01 -8.36
C GLN A 7 30.83 -0.06 -7.63
N SER A 8 31.33 -0.48 -6.47
CA SER A 8 30.65 -1.52 -5.67
C SER A 8 29.97 -0.90 -4.45
N SER A 9 30.41 0.29 -4.06
CA SER A 9 29.84 0.97 -2.91
C SER A 9 28.38 1.35 -3.17
N SER A 10 28.05 1.56 -4.44
CA SER A 10 26.69 1.95 -4.81
C SER A 10 25.67 1.01 -4.16
N SER A 11 24.64 1.59 -3.56
CA SER A 11 23.61 0.80 -2.90
C SER A 11 22.97 -0.17 -3.88
N SER A 12 23.04 0.17 -5.17
CA SER A 12 22.47 -0.68 -6.21
C SER A 12 23.36 -1.90 -6.44
N SER A 13 24.66 -1.73 -6.21
CA SER A 13 25.61 -2.82 -6.42
C SER A 13 25.52 -3.86 -5.30
N SER A 14 25.67 -3.42 -4.06
CA SER A 14 25.60 -4.32 -2.92
C SER A 14 25.30 -3.56 -1.63
N CYS A 15 25.07 -4.31 -0.55
CA CYS A 15 24.76 -3.70 0.73
C CYS A 15 25.92 -2.85 1.23
N THR A 16 25.64 -1.96 2.16
CA THR A 16 26.67 -1.10 2.73
C THR A 16 27.57 -1.90 3.67
N GLU A 17 28.74 -1.35 3.99
CA GLU A 17 29.69 -2.03 4.90
C GLU A 17 29.81 -1.26 6.20
N GLU A 18 28.96 -0.26 6.39
CA GLU A 18 29.00 0.53 7.60
C GLU A 18 28.57 -0.31 8.80
N GLU A 19 27.97 0.33 9.79
CA GLU A 19 27.49 -0.36 10.99
C GLU A 19 26.10 0.14 11.34
N ASN A 20 26.02 1.39 11.77
CA ASN A 20 24.74 1.99 12.11
C ASN A 20 24.01 2.41 10.84
N LYS A 21 23.90 1.47 9.90
CA LYS A 21 23.24 1.75 8.62
C LYS A 21 22.56 0.47 8.10
N HIS A 22 21.34 0.61 7.58
CA HIS A 22 20.60 -0.54 7.06
C HIS A 22 19.79 -0.17 5.82
N HIS A 23 19.46 -1.19 5.02
CA HIS A 23 18.68 -0.99 3.80
C HIS A 23 17.23 -1.35 4.07
N MET A 24 16.52 -0.44 4.74
CA MET A 24 15.12 -0.68 5.08
C MET A 24 14.25 -0.75 3.84
N GLY A 25 13.46 -1.81 3.74
CA GLY A 25 12.55 -2.02 2.62
C GLY A 25 11.21 -2.49 3.12
N ILE A 26 10.15 -2.13 2.39
CA ILE A 26 8.79 -2.52 2.78
C ILE A 26 8.23 -3.52 1.78
N ASP A 27 7.38 -4.42 2.27
CA ASP A 27 6.76 -5.45 1.43
C ASP A 27 5.28 -5.54 1.75
N VAL A 28 4.46 -5.69 0.71
CA VAL A 28 3.00 -5.78 0.89
C VAL A 28 2.40 -6.85 -0.01
N ILE A 29 2.12 -8.01 0.58
CA ILE A 29 1.52 -9.13 -0.16
C ILE A 29 0.02 -9.15 0.07
N ILE A 30 -0.76 -9.26 -1.00
CA ILE A 30 -2.22 -9.26 -0.91
C ILE A 30 -2.81 -10.36 -1.81
N LYS A 31 -3.85 -11.04 -1.31
CA LYS A 31 -4.51 -12.10 -2.07
C LYS A 31 -6.03 -11.94 -1.98
N VAL A 32 -6.59 -11.25 -2.97
CA VAL A 32 -8.03 -10.99 -3.00
C VAL A 32 -8.81 -12.16 -3.61
N THR A 33 -9.92 -12.54 -2.97
CA THR A 33 -10.77 -13.63 -3.45
C THR A 33 -12.01 -13.04 -4.13
N LYS A 34 -12.19 -13.36 -5.41
CA LYS A 34 -13.33 -12.86 -6.16
C LYS A 34 -14.62 -13.58 -5.76
N GLN A 35 -15.75 -12.90 -5.91
CA GLN A 35 -17.03 -13.49 -5.57
C GLN A 35 -17.41 -14.58 -6.57
N ASP A 36 -18.31 -15.47 -6.17
CA ASP A 36 -18.74 -16.56 -7.04
C ASP A 36 -19.75 -16.06 -8.07
N GLN A 37 -19.64 -14.77 -8.43
CA GLN A 37 -20.56 -14.17 -9.41
C GLN A 37 -19.81 -13.22 -10.31
N THR A 38 -18.63 -12.78 -9.87
CA THR A 38 -17.82 -11.86 -10.64
C THR A 38 -17.29 -12.56 -11.91
N PRO A 39 -17.68 -12.12 -13.13
CA PRO A 39 -17.22 -12.75 -14.37
C PRO A 39 -15.73 -13.14 -14.30
N THR A 40 -15.34 -14.10 -15.14
CA THR A 40 -13.95 -14.55 -15.17
C THR A 40 -13.06 -13.51 -15.83
N ASN A 41 -11.89 -13.26 -15.22
CA ASN A 41 -10.94 -12.28 -15.75
C ASN A 41 -9.54 -12.60 -15.25
N ASP A 42 -8.72 -13.20 -16.12
CA ASP A 42 -7.35 -13.57 -15.76
C ASP A 42 -6.37 -12.51 -16.27
N LYS A 43 -6.91 -11.42 -16.78
CA LYS A 43 -6.06 -10.34 -17.30
C LYS A 43 -5.29 -9.68 -16.16
N ILE A 44 -4.12 -10.23 -15.85
CA ILE A 44 -3.27 -9.69 -14.77
C ILE A 44 -2.40 -8.55 -15.27
N CYS A 45 -2.23 -7.54 -14.43
CA CYS A 45 -1.41 -6.38 -14.79
C CYS A 45 -1.91 -5.75 -16.09
N GLN A 46 -3.09 -5.17 -16.05
CA GLN A 46 -3.66 -4.52 -17.23
C GLN A 46 -3.01 -3.15 -17.40
N SER A 47 -2.54 -2.59 -16.29
CA SER A 47 -1.88 -1.28 -16.31
C SER A 47 -1.50 -0.85 -14.90
N VAL A 48 -0.55 0.09 -14.82
CA VAL A 48 -0.09 0.61 -13.52
C VAL A 48 0.25 2.10 -13.65
N THR A 49 -0.36 2.91 -12.79
CA THR A 49 -0.13 4.37 -12.80
C THR A 49 0.45 4.84 -11.47
N GLU A 50 1.61 5.51 -11.54
CA GLU A 50 2.29 6.01 -10.35
C GLU A 50 2.08 7.52 -10.21
N ILE A 51 1.65 7.94 -9.02
CA ILE A 51 1.42 9.36 -8.72
C ILE A 51 2.03 9.69 -7.37
N THR A 52 2.29 10.97 -7.12
CA THR A 52 2.87 11.41 -5.85
C THR A 52 2.47 12.84 -5.52
N GLU A 53 1.59 13.01 -4.52
CA GLU A 53 1.17 14.36 -4.14
C GLU A 53 2.41 15.22 -3.88
N SER A 54 2.51 16.32 -4.63
CA SER A 54 3.66 17.24 -4.61
C SER A 54 4.33 17.09 -5.97
N GLU A 55 3.73 16.17 -6.74
CA GLU A 55 4.20 15.82 -8.09
C GLU A 55 4.90 16.99 -8.77
N SER A 56 4.22 18.14 -8.82
CA SER A 56 4.78 19.36 -9.43
C SER A 56 5.76 19.05 -10.57
N ASP A 57 6.98 19.56 -10.47
CA ASP A 57 8.00 19.30 -11.48
C ASP A 57 9.36 19.83 -11.02
N PRO A 58 9.47 21.12 -10.63
CA PRO A 58 10.74 21.70 -10.16
C PRO A 58 10.96 21.46 -8.67
N ASP A 59 10.75 22.51 -7.86
CA ASP A 59 10.92 22.38 -6.42
C ASP A 59 9.87 21.42 -5.84
N PRO A 60 10.26 20.44 -4.99
CA PRO A 60 9.29 19.48 -4.42
C PRO A 60 8.48 20.06 -3.25
N GLU A 61 7.16 19.98 -3.37
CA GLU A 61 6.24 20.47 -2.36
C GLU A 61 6.23 22.00 -2.30
N VAL A 62 6.02 22.63 -3.47
CA VAL A 62 5.98 24.08 -3.56
C VAL A 62 5.02 24.51 -4.67
N GLU A 63 4.19 23.56 -5.12
CA GLU A 63 3.23 23.82 -6.20
C GLU A 63 2.55 25.18 -6.06
N SER A 64 3.22 26.21 -6.58
CA SER A 64 2.69 27.58 -6.54
C SER A 64 2.19 27.96 -5.15
N GLU A 65 2.93 28.84 -4.48
CA GLU A 65 2.59 29.32 -3.13
C GLU A 65 3.23 28.44 -2.07
N ASP A 66 4.38 28.88 -1.54
CA ASP A 66 5.09 28.14 -0.51
C ASP A 66 4.40 28.30 0.84
N ASP A 67 3.11 27.97 0.88
CA ASP A 67 2.33 28.09 2.11
C ASP A 67 2.33 29.53 2.60
N SER A 68 1.52 29.81 3.62
CA SER A 68 1.43 31.16 4.18
C SER A 68 1.13 31.10 5.67
N THR A 69 1.87 31.89 6.45
CA THR A 69 1.71 31.93 7.90
C THR A 69 2.30 30.69 8.56
N SER A 70 1.95 29.52 8.01
CA SER A 70 2.45 28.25 8.56
C SER A 70 3.94 28.34 8.88
N VAL A 71 4.39 27.50 9.81
CA VAL A 71 5.79 27.47 10.22
C VAL A 71 6.48 26.20 9.71
N GLU A 72 6.14 25.81 8.48
CA GLU A 72 6.72 24.62 7.89
C GLU A 72 6.53 23.42 8.82
N ASP A 73 5.35 22.79 8.74
CA ASP A 73 5.04 21.63 9.58
C ASP A 73 4.35 20.55 8.76
N VAL A 74 4.50 20.63 7.44
CA VAL A 74 3.90 19.65 6.53
C VAL A 74 4.81 19.42 5.33
N ASP A 75 4.81 18.19 4.82
CA ASP A 75 5.65 17.85 3.68
C ASP A 75 5.45 16.39 3.28
N PRO A 76 5.77 15.42 4.18
CA PRO A 76 5.61 13.98 3.91
C PRO A 76 4.50 13.66 2.91
N PRO A 77 4.83 13.51 1.61
CA PRO A 77 3.83 13.20 0.57
C PRO A 77 3.54 11.69 0.53
N THR A 78 2.60 11.29 -0.32
CA THR A 78 2.22 9.87 -0.44
C THR A 78 2.21 9.43 -1.91
N THR A 79 2.71 8.22 -2.17
CA THR A 79 2.75 7.69 -3.53
C THR A 79 1.57 6.75 -3.74
N TYR A 80 0.86 6.92 -4.86
CA TYR A 80 -0.32 6.10 -5.16
C TYR A 80 -0.05 5.23 -6.40
N TYR A 81 -0.58 4.00 -6.37
CA TYR A 81 -0.42 3.04 -7.46
C TYR A 81 -1.79 2.49 -7.86
N SER A 82 -2.13 2.61 -9.15
CA SER A 82 -3.42 2.12 -9.65
C SER A 82 -3.24 0.81 -10.42
N ILE A 83 -2.78 -0.24 -9.74
CA ILE A 83 -2.56 -1.52 -10.41
C ILE A 83 -3.92 -2.16 -10.73
N ILE A 84 -4.31 -2.07 -12.00
CA ILE A 84 -5.58 -2.63 -12.47
C ILE A 84 -5.33 -3.95 -13.20
N GLY A 85 -6.29 -4.87 -13.11
CA GLY A 85 -6.18 -6.17 -13.76
C GLY A 85 -6.56 -7.31 -12.83
N GLY A 86 -7.19 -8.34 -13.39
CA GLY A 86 -7.61 -9.50 -12.61
C GLY A 86 -9.06 -9.40 -12.19
N GLY A 87 -9.77 -8.41 -12.74
CA GLY A 87 -11.18 -8.20 -12.42
C GLY A 87 -11.42 -7.14 -11.37
N LEU A 88 -10.34 -6.49 -10.90
CA LEU A 88 -10.48 -5.44 -9.89
C LEU A 88 -9.36 -4.40 -10.01
N ARG A 89 -9.48 -3.34 -9.20
CA ARG A 89 -8.50 -2.26 -9.19
C ARG A 89 -8.05 -1.99 -7.76
N MET A 90 -6.76 -2.19 -7.50
CA MET A 90 -6.21 -1.98 -6.16
C MET A 90 -5.46 -0.66 -6.10
N ASN A 91 -5.88 0.23 -5.19
CA ASN A 91 -5.25 1.54 -5.02
C ASN A 91 -4.48 1.61 -3.71
N PHE A 92 -3.17 1.89 -3.80
CA PHE A 92 -2.32 1.99 -2.61
C PHE A 92 -2.05 3.45 -2.26
N GLY A 93 -1.32 3.66 -1.17
CA GLY A 93 -1.00 5.01 -0.73
C GLY A 93 -0.01 5.01 0.42
N PHE A 94 1.27 4.74 0.13
CA PHE A 94 2.28 4.70 1.19
C PHE A 94 2.67 6.12 1.59
N THR A 95 2.92 6.31 2.90
CA THR A 95 3.30 7.61 3.44
C THR A 95 4.58 7.49 4.26
N LYS A 96 5.68 7.97 3.69
CA LYS A 96 6.98 7.93 4.36
C LYS A 96 7.49 6.49 4.55
N CYS A 97 7.29 5.65 3.52
CA CYS A 97 7.75 4.26 3.57
C CYS A 97 8.76 4.02 2.43
N PRO A 98 9.75 3.12 2.61
CA PRO A 98 10.74 2.83 1.56
C PRO A 98 10.11 2.80 0.17
N GLN A 99 10.70 3.53 -0.77
CA GLN A 99 10.18 3.59 -2.13
C GLN A 99 9.93 2.19 -2.68
N ILE A 100 8.88 2.06 -3.48
CA ILE A 100 8.53 0.77 -4.10
C ILE A 100 9.12 0.70 -5.50
N LYS A 101 9.59 -0.48 -5.90
CA LYS A 101 10.18 -0.66 -7.23
C LYS A 101 9.75 -1.98 -7.84
N SER A 102 9.15 -2.86 -7.04
CA SER A 102 8.70 -4.18 -7.52
C SER A 102 7.18 -4.27 -7.50
N ILE A 103 6.59 -4.42 -8.68
CA ILE A 103 5.13 -4.53 -8.82
C ILE A 103 4.81 -5.77 -9.66
N SER A 104 4.06 -6.72 -9.08
CA SER A 104 3.72 -7.96 -9.79
C SER A 104 2.26 -8.33 -9.61
N GLU A 105 1.83 -9.36 -10.34
CA GLU A 105 0.45 -9.83 -10.28
C GLU A 105 0.33 -11.24 -10.85
N SER A 106 -0.68 -11.96 -10.37
CA SER A 106 -0.93 -13.33 -10.80
C SER A 106 -2.40 -13.69 -10.58
N ALA A 107 -2.91 -14.61 -11.40
CA ALA A 107 -4.32 -15.04 -11.30
C ALA A 107 -4.39 -16.56 -11.25
N ASP A 108 -4.98 -17.10 -10.18
CA ASP A 108 -5.13 -18.54 -10.01
C ASP A 108 -6.56 -18.88 -9.57
N GLY A 109 -7.32 -19.46 -10.48
CA GLY A 109 -8.69 -19.82 -10.19
C GLY A 109 -9.60 -18.60 -10.15
N ASN A 110 -10.21 -18.36 -9.00
CA ASN A 110 -11.11 -17.20 -8.82
C ASN A 110 -10.49 -16.20 -7.85
N THR A 111 -9.15 -16.21 -7.77
CA THR A 111 -8.43 -15.30 -6.88
C THR A 111 -7.31 -14.59 -7.62
N VAL A 112 -6.90 -13.44 -7.10
CA VAL A 112 -5.82 -12.65 -7.71
C VAL A 112 -4.90 -12.11 -6.62
N ASN A 113 -3.59 -12.19 -6.86
CA ASN A 113 -2.60 -11.72 -5.89
C ASN A 113 -1.67 -10.69 -6.53
N ALA A 114 -1.04 -9.88 -5.68
CA ALA A 114 -0.12 -8.84 -6.15
C ALA A 114 0.86 -8.49 -5.05
N ARG A 115 2.14 -8.37 -5.41
CA ARG A 115 3.19 -8.05 -4.44
C ARG A 115 3.81 -6.69 -4.71
N LEU A 116 3.77 -5.81 -3.71
CA LEU A 116 4.33 -4.47 -3.79
C LEU A 116 5.49 -4.40 -2.80
N SER A 117 6.71 -4.15 -3.30
CA SER A 117 7.86 -4.08 -2.41
C SER A 117 9.08 -3.49 -3.11
N SER A 118 10.04 -3.04 -2.30
CA SER A 118 11.28 -2.48 -2.83
C SER A 118 12.23 -3.62 -3.16
N VAL A 119 13.38 -3.29 -3.77
CA VAL A 119 14.37 -4.31 -4.14
C VAL A 119 15.61 -4.21 -3.27
N SER A 120 16.20 -5.36 -2.96
CA SER A 120 17.40 -5.41 -2.13
C SER A 120 18.64 -5.07 -2.98
N PRO A 121 19.70 -4.49 -2.38
CA PRO A 121 20.92 -4.15 -3.13
C PRO A 121 21.30 -5.23 -4.15
N GLY A 122 22.18 -4.88 -5.08
CA GLY A 122 22.60 -5.82 -6.10
C GLY A 122 21.44 -6.40 -6.88
N GLN A 123 20.71 -5.52 -7.57
CA GLN A 123 19.56 -5.94 -8.37
C GLN A 123 19.53 -5.18 -9.70
N GLY A 124 19.61 -3.85 -9.62
CA GLY A 124 19.60 -3.03 -10.82
C GLY A 124 19.12 -1.61 -10.56
N LYS A 125 18.53 -1.39 -9.39
CA LYS A 125 18.02 -0.06 -9.01
C LYS A 125 18.59 0.37 -7.66
N ASP A 126 18.33 1.62 -7.29
CA ASP A 126 18.83 2.16 -6.04
C ASP A 126 18.07 1.61 -4.84
N SER A 127 18.76 1.52 -3.70
CA SER A 127 18.17 1.03 -2.46
C SER A 127 18.74 1.82 -1.28
N PRO A 128 18.49 3.14 -1.25
CA PRO A 128 18.99 4.03 -0.20
C PRO A 128 18.93 3.41 1.20
N ALA A 129 20.04 3.50 1.93
CA ALA A 129 20.13 2.98 3.30
C ALA A 129 20.13 4.16 4.26
N ILE A 130 19.65 3.93 5.49
CA ILE A 130 19.62 5.00 6.51
C ILE A 130 20.09 4.47 7.87
N THR A 131 20.16 5.37 8.85
CA THR A 131 20.62 4.98 10.19
C THR A 131 19.51 4.34 11.01
N HIS A 132 19.87 3.82 12.17
CA HIS A 132 18.92 3.19 13.06
C HIS A 132 17.83 4.17 13.50
N GLU A 133 18.24 5.42 13.73
CA GLU A 133 17.29 6.45 14.15
C GLU A 133 16.24 6.69 13.08
N GLU A 134 16.71 7.05 11.88
CA GLU A 134 15.80 7.30 10.77
C GLU A 134 14.92 6.09 10.51
N ALA A 135 15.49 4.91 10.71
CA ALA A 135 14.74 3.66 10.52
C ALA A 135 13.60 3.56 11.53
N LEU A 136 13.97 3.63 12.81
CA LEU A 136 12.98 3.53 13.87
C LEU A 136 11.89 4.58 13.67
N ALA A 137 12.27 5.71 13.08
CA ALA A 137 11.30 6.78 12.83
C ALA A 137 10.29 6.37 11.77
N MET A 138 10.77 5.77 10.68
CA MET A 138 9.88 5.34 9.61
C MET A 138 8.95 4.22 10.09
N ILE A 139 9.53 3.18 10.67
CA ILE A 139 8.72 2.05 11.15
C ILE A 139 7.52 2.55 11.95
N LYS A 140 7.61 3.78 12.48
CA LYS A 140 6.51 4.34 13.28
C LYS A 140 5.48 5.07 12.41
N ASP A 141 5.94 6.01 11.60
CA ASP A 141 5.03 6.80 10.74
C ASP A 141 4.63 6.04 9.48
N CYS A 142 5.56 5.27 8.93
CA CYS A 142 5.31 4.50 7.71
C CYS A 142 3.94 3.81 7.75
N GLU A 143 3.05 4.20 6.83
CA GLU A 143 1.72 3.60 6.75
C GLU A 143 1.27 3.53 5.29
N VAL A 144 0.36 2.61 4.99
CA VAL A 144 -0.17 2.46 3.62
C VAL A 144 -1.65 2.10 3.66
N SER A 145 -2.43 2.74 2.80
CA SER A 145 -3.86 2.49 2.71
C SER A 145 -4.15 1.62 1.51
N ILE A 146 -5.35 1.02 1.47
CA ILE A 146 -5.74 0.15 0.36
C ILE A 146 -7.24 0.30 0.09
N ASP A 147 -7.59 0.36 -1.20
CA ASP A 147 -9.00 0.50 -1.60
C ASP A 147 -9.28 -0.30 -2.87
N ILE A 148 -9.73 -1.54 -2.71
CA ILE A 148 -10.03 -2.39 -3.85
C ILE A 148 -11.39 -2.04 -4.45
N ARG A 149 -11.46 -2.04 -5.78
CA ARG A 149 -12.71 -1.72 -6.48
C ARG A 149 -12.95 -2.74 -7.60
N CYS A 150 -14.17 -2.77 -8.12
CA CYS A 150 -14.53 -3.71 -9.19
C CYS A 150 -14.27 -3.08 -10.56
N SER A 151 -13.36 -3.69 -11.34
CA SER A 151 -13.03 -3.17 -12.67
C SER A 151 -13.77 -3.98 -13.74
N GLU A 152 -13.49 -3.67 -15.01
CA GLU A 152 -14.13 -4.38 -16.11
C GLU A 152 -13.34 -4.15 -17.40
N GLU A 153 -12.09 -3.70 -17.25
CA GLU A 153 -11.24 -3.45 -18.41
C GLU A 153 -10.69 -4.76 -18.98
N GLU A 154 -11.27 -5.19 -20.10
CA GLU A 154 -10.86 -6.44 -20.73
C GLU A 154 -9.55 -6.25 -21.50
N LYS A 155 -8.92 -5.10 -21.33
CA LYS A 155 -7.66 -4.82 -22.03
C LYS A 155 -6.64 -5.90 -21.71
N ASP A 156 -5.90 -6.32 -22.73
CA ASP A 156 -4.89 -7.36 -22.57
C ASP A 156 -3.97 -7.04 -21.38
N SER A 157 -3.08 -7.97 -21.06
CA SER A 157 -2.13 -7.80 -19.96
C SER A 157 -0.81 -7.25 -20.47
N ASP A 158 -0.18 -6.38 -19.67
CA ASP A 158 1.11 -5.77 -20.03
C ASP A 158 2.17 -6.19 -19.02
N ILE A 159 2.87 -7.29 -19.30
CA ILE A 159 3.92 -7.80 -18.42
C ILE A 159 5.24 -7.95 -19.17
N LYS A 160 6.30 -8.21 -18.42
CA LYS A 160 7.65 -8.38 -18.98
C LYS A 160 8.03 -9.87 -18.99
N THR A 161 9.33 -10.16 -19.09
CA THR A 161 9.81 -11.55 -19.10
C THR A 161 10.96 -11.71 -18.11
N HIS A 162 11.35 -10.60 -17.48
CA HIS A 162 12.44 -10.63 -16.50
C HIS A 162 11.91 -11.05 -15.12
N PRO A 163 12.56 -12.03 -14.44
CA PRO A 163 12.11 -12.47 -13.11
C PRO A 163 11.64 -11.31 -12.23
N VAL A 164 10.84 -11.62 -11.23
CA VAL A 164 10.33 -10.59 -10.32
C VAL A 164 11.38 -10.24 -9.27
N LEU A 165 11.55 -8.94 -9.02
CA LEU A 165 12.53 -8.47 -8.04
C LEU A 165 11.96 -8.55 -6.63
N GLY A 166 12.68 -9.26 -5.74
CA GLY A 166 12.24 -9.43 -4.36
C GLY A 166 12.98 -8.51 -3.40
N SER A 167 12.43 -8.36 -2.19
CA SER A 167 13.04 -7.51 -1.16
C SER A 167 13.92 -8.34 -0.23
N ASN A 168 14.08 -9.62 -0.57
CA ASN A 168 14.90 -10.53 0.22
C ASN A 168 14.39 -10.66 1.66
N ILE A 169 13.20 -10.12 1.94
CA ILE A 169 12.61 -10.22 3.27
C ILE A 169 11.61 -11.36 3.32
N SER A 170 11.38 -11.92 4.52
CA SER A 170 10.43 -13.03 4.69
C SER A 170 9.29 -12.58 5.61
N HIS A 171 8.05 -12.79 5.17
CA HIS A 171 6.90 -12.40 5.97
C HIS A 171 6.70 -13.32 7.16
N LYS A 172 7.80 -13.78 7.74
CA LYS A 172 7.72 -14.66 8.90
C LYS A 172 6.96 -13.95 10.04
N LYS A 173 7.06 -14.47 11.26
CA LYS A 173 6.39 -13.86 12.41
C LYS A 173 7.38 -13.01 13.21
N VAL A 174 7.09 -11.72 13.33
CA VAL A 174 7.95 -10.79 14.06
C VAL A 174 7.11 -9.69 14.71
N SER A 175 7.75 -8.89 15.57
CA SER A 175 7.07 -7.79 16.28
C SER A 175 5.93 -7.20 15.44
N TYR A 176 4.89 -6.71 16.13
CA TYR A 176 3.73 -6.13 15.45
C TYR A 176 3.71 -4.61 15.57
N GLU A 177 3.31 -3.94 14.50
CA GLU A 177 3.24 -2.48 14.47
C GLU A 177 2.12 -2.04 13.52
N ASP A 178 1.35 -1.04 13.94
CA ASP A 178 0.26 -0.54 13.11
C ASP A 178 0.80 0.11 11.84
N ILE A 179 0.83 -0.64 10.75
CA ILE A 179 1.32 -0.14 9.46
C ILE A 179 0.14 0.07 8.50
N ILE A 180 -0.66 -0.97 8.32
CA ILE A 180 -1.80 -0.87 7.42
C ILE A 180 -2.80 0.16 7.94
N GLY A 181 -3.13 1.13 7.08
CA GLY A 181 -4.06 2.19 7.46
C GLY A 181 -5.48 1.86 7.09
N SER A 182 -6.05 2.68 6.22
CA SER A 182 -7.42 2.47 5.77
C SER A 182 -7.53 1.30 4.82
N THR A 183 -8.59 0.50 4.97
CA THR A 183 -8.78 -0.67 4.10
C THR A 183 -10.26 -0.79 3.69
N ILE A 184 -10.59 -0.18 2.55
CA ILE A 184 -11.97 -0.19 2.02
C ILE A 184 -12.11 -1.24 0.93
N VAL A 185 -12.95 -2.25 1.18
CA VAL A 185 -13.18 -3.32 0.20
C VAL A 185 -14.58 -3.21 -0.43
N ASP A 186 -14.63 -3.44 -1.75
CA ASP A 186 -15.88 -3.41 -2.50
C ASP A 186 -16.44 -4.82 -2.58
N THR A 187 -17.29 -5.15 -1.62
CA THR A 187 -17.89 -6.49 -1.55
C THR A 187 -18.41 -6.92 -2.91
N LYS A 188 -19.09 -6.01 -3.61
CA LYS A 188 -19.64 -6.32 -4.93
C LYS A 188 -18.71 -7.21 -5.76
N CYS A 189 -17.40 -7.14 -5.49
CA CYS A 189 -16.43 -7.96 -6.24
C CYS A 189 -15.26 -8.37 -5.34
N VAL A 190 -15.53 -8.55 -4.05
CA VAL A 190 -14.48 -8.94 -3.10
C VAL A 190 -15.07 -9.77 -1.96
N LYS A 191 -14.90 -11.09 -2.05
CA LYS A 191 -15.40 -11.99 -1.01
C LYS A 191 -14.48 -11.94 0.20
N ASN A 192 -13.22 -12.32 -0.02
CA ASN A 192 -12.20 -12.32 1.05
C ASN A 192 -11.09 -11.34 0.69
N LEU A 193 -10.12 -11.20 1.59
CA LEU A 193 -8.99 -10.30 1.35
C LEU A 193 -7.95 -10.44 2.46
N GLU A 194 -6.81 -11.04 2.14
CA GLU A 194 -5.74 -11.23 3.11
C GLU A 194 -4.73 -10.08 3.05
N PHE A 195 -4.30 -9.60 4.22
CA PHE A 195 -3.34 -8.49 4.31
C PHE A 195 -2.05 -8.95 4.98
N SER A 196 -0.93 -8.64 4.35
CA SER A 196 0.39 -9.00 4.89
C SER A 196 1.39 -7.88 4.57
N VAL A 197 1.97 -7.28 5.61
CA VAL A 197 2.93 -6.20 5.44
C VAL A 197 4.18 -6.46 6.27
N ARG A 198 5.29 -5.83 5.90
CA ARG A 198 6.55 -6.01 6.63
C ARG A 198 7.51 -4.85 6.36
N ILE A 199 8.42 -4.64 7.31
CA ILE A 199 9.42 -3.56 7.20
C ILE A 199 10.70 -3.98 7.92
N GLY A 200 11.77 -4.18 7.15
CA GLY A 200 13.04 -4.57 7.73
C GLY A 200 14.16 -4.56 6.72
N ASP A 201 15.39 -4.67 7.21
CA ASP A 201 16.56 -4.66 6.32
C ASP A 201 16.38 -5.64 5.17
N MET A 202 16.83 -5.25 3.99
CA MET A 202 16.72 -6.10 2.79
C MET A 202 18.01 -6.89 2.56
N CYS A 203 18.96 -6.75 3.49
CA CYS A 203 20.26 -7.46 3.37
C CYS A 203 20.46 -8.41 4.55
N LYS A 204 20.22 -7.91 5.76
CA LYS A 204 20.38 -8.72 6.97
C LYS A 204 19.35 -8.32 8.01
N GLU A 205 18.38 -9.20 8.23
CA GLU A 205 17.32 -8.95 9.20
C GLU A 205 17.89 -8.47 10.53
N SER A 206 17.06 -7.77 11.28
CA SER A 206 17.45 -7.25 12.59
C SER A 206 16.20 -7.02 13.44
N SER A 207 16.07 -7.83 14.50
CA SER A 207 14.91 -7.76 15.39
C SER A 207 14.36 -6.34 15.54
N GLU A 208 15.20 -5.43 16.03
CA GLU A 208 14.79 -4.05 16.21
C GLU A 208 14.16 -3.50 14.93
N LEU A 209 14.89 -3.61 13.82
CA LEU A 209 14.40 -3.13 12.52
C LEU A 209 13.68 -4.26 11.79
N GLU A 210 12.60 -4.76 12.38
CA GLU A 210 11.83 -5.84 11.77
C GLU A 210 10.46 -5.96 12.42
N VAL A 211 9.42 -5.51 11.69
CA VAL A 211 8.04 -5.56 12.19
C VAL A 211 7.11 -5.99 11.06
N LYS A 212 5.84 -6.19 11.39
CA LYS A 212 4.87 -6.59 10.37
C LYS A 212 3.44 -6.56 10.92
N ASP A 213 2.50 -6.24 10.03
CA ASP A 213 1.08 -6.18 10.36
C ASP A 213 0.30 -7.14 9.47
N GLY A 214 -0.98 -7.34 9.76
CA GLY A 214 -1.79 -8.23 8.96
C GLY A 214 -3.22 -8.33 9.45
N PHE A 215 -4.10 -8.76 8.54
CA PHE A 215 -5.52 -8.91 8.86
C PHE A 215 -6.10 -10.03 8.00
N LYS A 216 -7.29 -10.50 8.36
CA LYS A 216 -7.96 -11.58 7.62
C LYS A 216 -9.43 -11.24 7.38
N TYR A 217 -9.74 -10.88 6.13
CA TYR A 217 -11.10 -10.54 5.73
C TYR A 217 -11.74 -11.70 4.98
N VAL A 218 -12.81 -12.26 5.53
CA VAL A 218 -13.50 -13.39 4.89
C VAL A 218 -15.01 -13.25 5.01
N ASP A 219 -15.64 -12.87 3.90
CA ASP A 219 -17.09 -12.69 3.87
C ASP A 219 -17.56 -11.72 4.96
N GLY A 220 -16.95 -10.54 5.00
CA GLY A 220 -17.33 -9.53 5.99
C GLY A 220 -16.69 -9.78 7.34
N SER A 221 -16.07 -10.94 7.53
CA SER A 221 -15.44 -11.28 8.81
C SER A 221 -13.99 -10.81 8.84
N ALA A 222 -13.71 -9.78 9.64
CA ALA A 222 -12.37 -9.24 9.77
C ALA A 222 -11.76 -9.71 11.10
N SER A 223 -10.44 -9.91 11.11
CA SER A 223 -9.77 -10.36 12.33
C SER A 223 -8.26 -10.20 12.22
N LYS A 224 -7.67 -9.58 13.24
CA LYS A 224 -6.23 -9.38 13.28
C LYS A 224 -5.57 -10.65 13.80
N GLY A 225 -4.43 -11.01 13.22
CA GLY A 225 -3.73 -12.20 13.65
C GLY A 225 -2.36 -12.32 13.02
N ALA A 226 -1.33 -12.12 13.84
CA ALA A 226 0.04 -12.21 13.37
C ALA A 226 0.43 -13.67 13.14
N THR A 227 0.33 -14.12 11.88
CA THR A 227 0.67 -15.50 11.52
C THR A 227 1.69 -15.52 10.39
N ASP A 228 2.47 -16.58 10.31
CA ASP A 228 3.48 -16.71 9.27
C ASP A 228 2.85 -16.62 7.89
N ASP A 229 2.85 -15.41 7.32
CA ASP A 229 2.28 -15.18 5.99
C ASP A 229 3.33 -15.42 4.91
N THR A 230 4.20 -16.40 5.14
CA THR A 230 5.25 -16.71 4.18
C THR A 230 4.68 -17.45 2.98
N SER A 231 3.76 -18.39 3.24
CA SER A 231 3.13 -19.18 2.17
C SER A 231 1.82 -18.55 1.72
N LEU A 232 1.51 -17.37 2.26
CA LEU A 232 0.28 -16.65 1.91
C LEU A 232 -0.03 -16.80 0.42
N ILE A 233 1.01 -16.79 -0.40
CA ILE A 233 0.87 -16.94 -1.85
C ILE A 233 2.19 -17.39 -2.46
N ASP A 234 2.10 -18.15 -3.54
CA ASP A 234 3.30 -18.64 -4.21
C ASP A 234 3.95 -17.53 -5.02
N SER A 235 5.01 -16.93 -4.46
CA SER A 235 5.72 -15.85 -5.13
C SER A 235 6.44 -16.36 -6.36
N THR A 236 6.34 -17.67 -6.62
CA THR A 236 7.01 -18.27 -7.76
C THR A 236 6.18 -18.10 -9.04
N LYS A 237 4.87 -17.85 -8.88
CA LYS A 237 3.97 -17.68 -10.02
C LYS A 237 3.61 -16.21 -10.21
N LEU A 238 4.28 -15.31 -9.49
CA LEU A 238 4.02 -13.88 -9.60
C LEU A 238 4.96 -13.26 -10.64
N LYS A 239 4.39 -12.51 -11.58
CA LYS A 239 5.17 -11.86 -12.64
C LYS A 239 5.11 -10.34 -12.48
N ALA A 240 6.22 -9.66 -12.79
CA ALA A 240 6.25 -8.20 -12.66
C ALA A 240 5.12 -7.62 -13.50
N CYS A 241 4.88 -6.30 -13.37
CA CYS A 241 3.80 -5.64 -14.12
C CYS A 241 4.31 -4.43 -14.91
N VAL A 242 5.59 -4.10 -14.71
CA VAL A 242 6.18 -2.97 -15.42
C VAL A 242 5.38 -1.70 -15.18
N ALA B 1 -38.50 -2.57 -8.01
CA ALA B 1 -37.25 -2.16 -7.40
C ALA B 1 -36.99 -2.95 -6.12
N PRO B 2 -36.93 -4.29 -6.24
CA PRO B 2 -36.69 -5.18 -5.08
C PRO B 2 -35.22 -5.12 -4.62
N MET B 3 -35.02 -4.67 -3.38
CA MET B 3 -33.66 -4.58 -2.83
C MET B 3 -32.99 -5.94 -2.82
N GLY B 4 -31.67 -5.94 -2.91
CA GLY B 4 -30.91 -7.17 -2.92
C GLY B 4 -31.17 -8.00 -1.67
N SER B 5 -30.63 -9.21 -1.64
CA SER B 5 -30.81 -10.10 -0.50
C SER B 5 -30.09 -9.54 0.72
N ASP B 6 -28.81 -9.90 0.86
CA ASP B 6 -28.02 -9.44 2.01
C ASP B 6 -26.55 -9.35 1.62
N PRO B 7 -26.22 -8.53 0.60
CA PRO B 7 -24.83 -8.35 0.13
C PRO B 7 -24.02 -7.50 1.12
N PRO B 8 -22.94 -8.05 1.73
CA PRO B 8 -22.12 -7.28 2.69
C PRO B 8 -21.86 -5.86 2.19
N THR B 9 -21.26 -5.01 3.02
CA THR B 9 -20.97 -3.62 2.63
C THR B 9 -19.56 -3.20 2.99
N ALA B 10 -19.18 -2.01 2.54
CA ALA B 10 -17.85 -1.46 2.79
C ALA B 10 -17.78 -0.85 4.18
N CYS B 11 -16.82 -1.34 4.98
CA CYS B 11 -16.62 -0.83 6.34
C CYS B 11 -15.15 -0.95 6.71
N CYS B 12 -14.50 0.18 6.92
CA CYS B 12 -13.08 0.16 7.28
C CYS B 12 -12.89 -0.55 8.60
N PHE B 13 -11.85 -1.38 8.65
CA PHE B 13 -11.52 -2.11 9.87
C PHE B 13 -10.18 -1.65 10.40
N SER B 14 -9.40 -1.06 9.51
CA SER B 14 -8.08 -0.51 9.87
C SER B 14 -8.06 0.97 9.54
N TYR B 15 -7.38 1.78 10.37
CA TYR B 15 -7.32 3.24 10.15
C TYR B 15 -5.88 3.74 10.01
N THR B 16 -5.72 4.84 9.28
CA THR B 16 -4.39 5.44 9.07
C THR B 16 -4.00 6.27 10.29
N ALA B 17 -2.72 6.22 10.67
CA ALA B 17 -2.24 6.96 11.83
C ALA B 17 -1.79 8.37 11.44
N ARG B 18 -1.33 8.54 10.20
CA ARG B 18 -0.88 9.85 9.74
C ARG B 18 -2.04 10.66 9.19
N LYS B 19 -2.22 11.88 9.72
CA LYS B 19 -3.29 12.76 9.27
C LYS B 19 -2.81 13.57 8.07
N LEU B 20 -3.44 13.32 6.91
CA LEU B 20 -3.05 14.01 5.68
C LEU B 20 -3.55 15.47 5.68
N PRO B 21 -2.64 16.48 5.68
CA PRO B 21 -3.06 17.90 5.68
C PRO B 21 -4.22 18.18 4.73
N ARG B 22 -5.01 19.19 5.07
CA ARG B 22 -6.16 19.57 4.26
C ARG B 22 -5.80 19.62 2.77
N ASN B 23 -4.70 20.33 2.45
CA ASN B 23 -4.24 20.50 1.08
C ASN B 23 -4.61 19.33 0.16
N PHE B 24 -4.49 18.09 0.65
CA PHE B 24 -4.82 16.91 -0.16
C PHE B 24 -6.10 16.25 0.37
N VAL B 25 -7.15 17.07 0.55
CA VAL B 25 -8.45 16.60 1.05
C VAL B 25 -9.57 17.48 0.48
N VAL B 26 -10.08 17.11 -0.71
CA VAL B 26 -11.12 17.89 -1.38
C VAL B 26 -12.55 17.40 -1.09
N ASP B 27 -12.70 16.14 -0.67
CA ASP B 27 -14.04 15.60 -0.41
C ASP B 27 -14.01 14.50 0.66
N TYR B 28 -15.18 13.96 1.00
CA TYR B 28 -15.24 12.92 2.02
C TYR B 28 -16.61 12.21 2.01
N TYR B 29 -16.63 11.04 2.67
CA TYR B 29 -17.85 10.23 2.79
C TYR B 29 -17.78 9.40 4.06
N GLU B 30 -18.90 8.80 4.47
CA GLU B 30 -18.95 7.98 5.69
C GLU B 30 -19.22 6.51 5.35
N THR B 31 -18.73 5.62 6.20
CA THR B 31 -18.91 4.19 5.99
C THR B 31 -20.40 3.83 5.84
N SER B 32 -20.92 3.05 6.80
CA SER B 32 -22.33 2.65 6.77
C SER B 32 -22.88 2.49 8.18
N SER B 33 -23.84 1.57 8.34
CA SER B 33 -24.46 1.32 9.65
C SER B 33 -24.57 -0.18 9.90
N LEU B 34 -24.60 -0.95 8.82
CA LEU B 34 -24.71 -2.40 8.94
C LEU B 34 -23.49 -2.95 9.67
N CYS B 35 -22.56 -2.05 9.98
CA CYS B 35 -21.32 -2.41 10.70
C CYS B 35 -21.31 -1.73 12.06
N SER B 36 -21.32 -2.53 13.12
CA SER B 36 -21.31 -1.99 14.47
C SER B 36 -19.93 -1.41 14.82
N GLN B 37 -19.28 -0.78 13.86
CA GLN B 37 -17.96 -0.20 14.07
C GLN B 37 -17.61 0.67 12.86
N PRO B 38 -18.39 1.76 12.64
CA PRO B 38 -18.18 2.66 11.48
C PRO B 38 -16.99 3.60 11.65
N ALA B 39 -16.98 4.65 10.83
CA ALA B 39 -15.90 5.66 10.85
C ALA B 39 -16.10 6.65 9.70
N VAL B 40 -15.24 7.67 9.65
CA VAL B 40 -15.32 8.69 8.59
C VAL B 40 -14.22 8.46 7.55
N VAL B 41 -14.55 8.74 6.30
CA VAL B 41 -13.62 8.55 5.18
C VAL B 41 -13.41 9.83 4.40
N PHE B 42 -12.15 10.19 4.16
CA PHE B 42 -11.81 11.40 3.39
C PHE B 42 -11.17 11.01 2.06
N GLN B 43 -11.47 11.79 1.01
CA GLN B 43 -10.95 11.52 -0.34
C GLN B 43 -9.95 12.59 -0.77
N THR B 44 -8.70 12.17 -0.95
CA THR B 44 -7.63 13.09 -1.32
C THR B 44 -7.61 13.45 -2.81
N ALA B 45 -6.39 13.53 -3.34
CA ALA B 45 -6.15 13.86 -4.75
C ALA B 45 -5.19 12.87 -5.39
N ALA B 46 -4.32 12.29 -4.57
CA ALA B 46 -3.33 11.30 -5.06
C ALA B 46 -3.47 9.99 -4.29
N SER B 47 -4.71 9.51 -4.13
CA SER B 47 -4.94 8.26 -3.40
C SER B 47 -6.27 7.64 -3.81
N ALA B 48 -7.35 8.08 -3.15
CA ALA B 48 -8.72 7.59 -3.44
C ALA B 48 -9.59 7.77 -2.20
N GLN B 49 -9.62 6.75 -1.35
CA GLN B 49 -10.42 6.76 -0.12
C GLN B 49 -9.55 6.32 1.06
N VAL B 50 -9.73 6.97 2.21
CA VAL B 50 -8.94 6.63 3.40
C VAL B 50 -9.74 6.91 4.68
N CYS B 51 -10.07 5.82 5.38
CA CYS B 51 -10.83 5.88 6.62
C CYS B 51 -9.97 6.39 7.77
N ALA B 52 -10.63 7.01 8.76
CA ALA B 52 -9.93 7.55 9.93
C ALA B 52 -10.83 7.44 11.16
N ASP B 53 -10.26 7.00 12.27
CA ASP B 53 -11.03 6.87 13.50
C ASP B 53 -11.57 8.24 13.93
N PRO B 54 -12.89 8.41 14.16
CA PRO B 54 -13.45 9.71 14.55
C PRO B 54 -13.10 10.04 16.00
N SER B 55 -12.33 9.16 16.63
CA SER B 55 -11.93 9.35 18.01
C SER B 55 -10.88 10.45 18.14
N GLU B 56 -10.44 11.01 17.00
CA GLU B 56 -9.42 12.07 17.01
C GLU B 56 -10.05 13.41 16.61
N SER B 57 -9.87 14.41 17.47
CA SER B 57 -10.43 15.74 17.24
C SER B 57 -10.09 16.26 15.83
N TRP B 58 -8.90 15.95 15.35
CA TRP B 58 -8.48 16.42 14.03
C TRP B 58 -9.48 15.98 12.96
N VAL B 59 -10.03 14.79 13.12
CA VAL B 59 -10.99 14.26 12.16
C VAL B 59 -12.30 15.02 12.26
N GLN B 60 -12.67 15.39 13.48
CA GLN B 60 -13.90 16.13 13.70
C GLN B 60 -13.75 17.55 13.16
N GLU B 61 -12.57 18.12 13.31
CA GLU B 61 -12.31 19.46 12.82
C GLU B 61 -12.25 19.47 11.29
N TYR B 62 -11.67 18.42 10.73
CA TYR B 62 -11.56 18.30 9.28
C TYR B 62 -12.95 18.18 8.66
N VAL B 63 -13.81 17.41 9.31
CA VAL B 63 -15.17 17.23 8.81
C VAL B 63 -15.95 18.53 8.95
N TYR B 64 -15.81 19.17 10.10
CA TYR B 64 -16.50 20.44 10.35
C TYR B 64 -16.09 21.49 9.32
N ASP B 65 -14.87 21.37 8.81
CA ASP B 65 -14.37 22.33 7.82
C ASP B 65 -15.00 22.06 6.45
N LEU B 66 -15.06 20.80 6.08
CA LEU B 66 -15.64 20.41 4.80
C LEU B 66 -17.15 20.64 4.80
N GLU B 67 -17.74 20.67 5.99
CA GLU B 67 -19.17 20.89 6.12
C GLU B 67 -19.51 22.35 5.81
N LEU B 68 -18.62 23.25 6.21
CA LEU B 68 -18.82 24.68 5.98
C LEU B 68 -18.52 25.02 4.52
N ASN B 69 -17.23 25.05 4.17
CA ASN B 69 -16.82 25.37 2.81
C ASN B 69 -16.97 24.15 1.91
N MET A 1 22.66 -3.62 -21.08
CA MET A 1 23.43 -2.40 -21.33
C MET A 1 24.92 -2.67 -21.15
N PRO A 2 25.80 -1.95 -21.88
CA PRO A 2 27.26 -2.14 -21.75
C PRO A 2 27.80 -1.54 -20.46
N ALA A 3 26.93 -0.87 -19.71
CA ALA A 3 27.31 -0.26 -18.45
C ALA A 3 26.10 0.26 -17.71
N SER A 4 26.16 0.25 -16.38
CA SER A 4 25.05 0.72 -15.56
C SER A 4 25.47 0.82 -14.10
N LEU A 5 26.77 0.74 -13.85
CA LEU A 5 27.29 0.82 -12.50
C LEU A 5 28.78 1.16 -12.50
N GLN A 6 29.35 1.37 -11.33
CA GLN A 6 30.77 1.69 -11.22
C GLN A 6 31.23 1.55 -9.77
N GLN A 7 30.83 2.50 -8.93
CA GLN A 7 31.21 2.48 -7.52
C GLN A 7 30.50 1.34 -6.78
N SER A 8 31.29 0.45 -6.19
CA SER A 8 30.72 -0.68 -5.45
C SER A 8 29.96 -0.20 -4.22
N SER A 9 30.22 1.04 -3.82
CA SER A 9 29.56 1.61 -2.66
C SER A 9 28.09 1.92 -2.97
N SER A 10 27.78 2.04 -4.25
CA SER A 10 26.41 2.32 -4.67
C SER A 10 25.43 1.37 -4.00
N SER A 11 24.35 1.91 -3.44
CA SER A 11 23.36 1.09 -2.77
C SER A 11 22.78 0.05 -3.72
N SER A 12 22.76 0.39 -5.02
CA SER A 12 22.23 -0.52 -6.02
C SER A 12 23.24 -1.62 -6.33
N SER A 13 24.52 -1.34 -6.08
CA SER A 13 25.58 -2.31 -6.33
C SER A 13 25.65 -3.37 -5.23
N SER A 14 25.63 -2.92 -3.98
CA SER A 14 25.69 -3.86 -2.86
C SER A 14 25.31 -3.17 -1.55
N CYS A 15 25.16 -3.96 -0.50
CA CYS A 15 24.80 -3.45 0.81
C CYS A 15 25.88 -2.52 1.34
N THR A 16 25.48 -1.52 2.12
CA THR A 16 26.43 -0.58 2.69
C THR A 16 27.27 -1.25 3.77
N GLU A 17 28.23 -0.50 4.31
CA GLU A 17 29.11 -1.01 5.36
C GLU A 17 29.11 -0.08 6.57
N GLU A 18 28.24 0.93 6.52
CA GLU A 18 28.14 1.90 7.62
C GLU A 18 27.23 1.36 8.72
N GLU A 19 27.86 0.70 9.70
CA GLU A 19 27.15 0.09 10.83
C GLU A 19 25.79 0.73 11.12
N ASN A 20 25.79 1.99 11.52
CA ASN A 20 24.55 2.69 11.83
C ASN A 20 23.81 3.10 10.55
N LYS A 21 23.63 2.15 9.64
CA LYS A 21 22.93 2.43 8.38
C LYS A 21 22.39 1.13 7.77
N HIS A 22 21.14 1.17 7.29
CA HIS A 22 20.52 -0.01 6.69
C HIS A 22 19.59 0.38 5.55
N HIS A 23 19.19 -0.62 4.75
CA HIS A 23 18.28 -0.37 3.62
C HIS A 23 16.84 -0.62 4.04
N MET A 24 16.07 0.44 4.19
CA MET A 24 14.67 0.32 4.59
C MET A 24 13.81 -0.07 3.40
N GLY A 25 13.35 -1.32 3.40
CA GLY A 25 12.51 -1.83 2.31
C GLY A 25 11.11 -2.15 2.79
N ILE A 26 10.15 -1.99 1.89
CA ILE A 26 8.74 -2.25 2.20
C ILE A 26 8.29 -3.47 1.41
N ASP A 27 7.31 -4.19 1.96
CA ASP A 27 6.77 -5.39 1.30
C ASP A 27 5.30 -5.51 1.62
N VAL A 28 4.47 -5.72 0.60
CA VAL A 28 3.02 -5.82 0.80
C VAL A 28 2.42 -6.94 -0.05
N ILE A 29 2.17 -8.09 0.58
CA ILE A 29 1.58 -9.24 -0.12
C ILE A 29 0.06 -9.22 0.13
N ILE A 30 -0.72 -9.53 -0.91
CA ILE A 30 -2.19 -9.55 -0.77
C ILE A 30 -2.81 -10.59 -1.69
N LYS A 31 -3.76 -11.34 -1.12
CA LYS A 31 -4.50 -12.38 -1.85
C LYS A 31 -5.96 -11.99 -1.92
N VAL A 32 -6.51 -11.90 -3.14
CA VAL A 32 -7.91 -11.50 -3.34
C VAL A 32 -8.72 -12.64 -3.96
N THR A 33 -9.62 -13.21 -3.15
CA THR A 33 -10.48 -14.30 -3.63
C THR A 33 -11.74 -13.72 -4.27
N LYS A 34 -11.97 -14.06 -5.53
CA LYS A 34 -13.15 -13.56 -6.26
C LYS A 34 -14.38 -14.37 -5.89
N GLN A 35 -15.55 -13.75 -6.03
CA GLN A 35 -16.81 -14.42 -5.71
C GLN A 35 -17.15 -15.43 -6.81
N ASP A 36 -17.90 -16.46 -6.46
CA ASP A 36 -18.28 -17.49 -7.42
C ASP A 36 -19.10 -16.92 -8.57
N GLN A 37 -19.69 -15.74 -8.35
CA GLN A 37 -20.51 -15.09 -9.38
C GLN A 37 -19.65 -14.33 -10.38
N THR A 38 -18.58 -13.71 -9.90
CA THR A 38 -17.70 -12.94 -10.76
C THR A 38 -17.33 -13.74 -12.02
N PRO A 39 -17.13 -13.07 -13.18
CA PRO A 39 -16.77 -13.75 -14.43
C PRO A 39 -15.31 -14.20 -14.42
N THR A 40 -14.94 -15.04 -15.39
CA THR A 40 -13.57 -15.53 -15.49
C THR A 40 -12.64 -14.45 -16.02
N ASN A 41 -11.54 -14.20 -15.31
CA ASN A 41 -10.57 -13.19 -15.72
C ASN A 41 -9.21 -13.47 -15.09
N ASP A 42 -8.30 -14.05 -15.88
CA ASP A 42 -6.95 -14.37 -15.40
C ASP A 42 -5.92 -13.44 -16.00
N LYS A 43 -6.38 -12.51 -16.84
CA LYS A 43 -5.49 -11.56 -17.49
C LYS A 43 -5.00 -10.52 -16.50
N ILE A 44 -4.12 -10.94 -15.58
CA ILE A 44 -3.58 -10.03 -14.58
C ILE A 44 -2.61 -9.05 -15.22
N CYS A 45 -2.21 -8.04 -14.45
CA CYS A 45 -1.30 -7.03 -14.95
C CYS A 45 -1.80 -6.47 -16.28
N GLN A 46 -3.01 -5.94 -16.27
CA GLN A 46 -3.58 -5.35 -17.48
C GLN A 46 -3.00 -3.97 -17.70
N SER A 47 -2.48 -3.39 -16.63
CA SER A 47 -1.87 -2.07 -16.68
C SER A 47 -1.52 -1.58 -15.28
N VAL A 48 -0.53 -0.70 -15.19
CA VAL A 48 -0.09 -0.16 -13.90
C VAL A 48 0.10 1.35 -13.98
N THR A 49 -0.41 2.07 -12.99
CA THR A 49 -0.30 3.53 -12.94
C THR A 49 0.58 3.96 -11.77
N GLU A 50 1.19 5.13 -11.91
CA GLU A 50 2.06 5.68 -10.86
C GLU A 50 1.76 7.16 -10.68
N ILE A 51 1.15 7.50 -9.54
CA ILE A 51 0.80 8.89 -9.23
C ILE A 51 1.48 9.30 -7.92
N THR A 52 1.71 10.60 -7.77
CA THR A 52 2.33 11.13 -6.57
C THR A 52 1.89 12.58 -6.39
N GLU A 53 1.84 13.05 -5.15
CA GLU A 53 1.44 14.43 -4.91
C GLU A 53 2.29 15.35 -5.77
N SER A 54 1.93 16.63 -5.80
CA SER A 54 2.69 17.60 -6.57
C SER A 54 3.89 18.08 -5.76
N GLU A 55 3.83 17.88 -4.44
CA GLU A 55 4.92 18.31 -3.57
C GLU A 55 6.26 17.83 -4.12
N SER A 56 6.47 16.51 -4.12
CA SER A 56 7.72 15.91 -4.62
C SER A 56 8.30 16.70 -5.78
N ASP A 57 9.48 17.28 -5.56
CA ASP A 57 10.17 18.08 -6.58
C ASP A 57 11.14 17.26 -7.44
N PRO A 58 11.68 16.12 -6.94
CA PRO A 58 12.64 15.30 -7.72
C PRO A 58 12.22 15.05 -9.18
N ASP A 59 11.02 15.49 -9.55
CA ASP A 59 10.56 15.32 -10.94
C ASP A 59 9.18 15.95 -11.14
N PRO A 60 8.19 15.65 -10.28
CA PRO A 60 6.84 16.21 -10.41
C PRO A 60 6.85 17.75 -10.34
N GLU A 61 5.82 18.31 -9.70
CA GLU A 61 5.67 19.77 -9.55
C GLU A 61 4.84 20.31 -10.72
N VAL A 62 4.26 21.50 -10.56
CA VAL A 62 3.44 22.11 -11.61
C VAL A 62 3.64 23.63 -11.65
N GLU A 63 2.66 24.38 -11.14
CA GLU A 63 2.75 25.84 -11.15
C GLU A 63 1.78 26.41 -10.11
N SER A 64 2.08 27.64 -9.65
CA SER A 64 1.25 28.32 -8.65
C SER A 64 1.62 27.87 -7.24
N GLU A 65 1.83 28.84 -6.36
CA GLU A 65 2.18 28.54 -4.97
C GLU A 65 1.86 29.72 -4.06
N ASP A 66 2.24 29.60 -2.79
CA ASP A 66 1.99 30.66 -1.81
C ASP A 66 2.88 30.47 -0.59
N ASP A 67 3.18 31.56 0.10
CA ASP A 67 4.03 31.51 1.30
C ASP A 67 3.17 31.24 2.54
N SER A 68 2.78 32.31 3.23
CA SER A 68 1.97 32.18 4.44
C SER A 68 2.62 31.20 5.42
N THR A 69 3.86 31.50 5.80
CA THR A 69 4.59 30.64 6.73
C THR A 69 4.54 29.18 6.27
N SER A 70 5.39 28.83 5.33
CA SER A 70 5.44 27.47 4.81
C SER A 70 5.43 26.44 5.93
N VAL A 71 4.70 25.35 5.71
CA VAL A 71 4.60 24.29 6.71
C VAL A 71 4.13 23.00 6.04
N GLU A 72 4.61 22.78 4.82
CA GLU A 72 4.24 21.60 4.03
C GLU A 72 5.33 20.52 4.17
N ASP A 73 5.84 20.35 5.39
CA ASP A 73 6.88 19.36 5.66
C ASP A 73 6.53 18.53 6.89
N VAL A 74 5.27 18.60 7.30
CA VAL A 74 4.82 17.85 8.47
C VAL A 74 4.67 16.37 8.14
N ASP A 75 3.77 16.06 7.20
CA ASP A 75 3.52 14.66 6.78
C ASP A 75 3.82 14.50 5.28
N PRO A 76 5.02 14.00 4.90
CA PRO A 76 5.37 13.80 3.48
C PRO A 76 4.19 13.28 2.66
N PRO A 77 4.20 13.49 1.32
CA PRO A 77 3.10 13.05 0.43
C PRO A 77 2.97 11.54 0.31
N THR A 78 2.15 11.07 -0.64
CA THR A 78 1.93 9.64 -0.84
C THR A 78 1.82 9.29 -2.32
N THR A 79 2.24 8.06 -2.67
CA THR A 79 2.18 7.57 -4.05
C THR A 79 0.98 6.65 -4.21
N TYR A 80 0.18 6.90 -5.24
CA TYR A 80 -1.04 6.09 -5.49
C TYR A 80 -0.99 5.38 -6.84
N TYR A 81 -0.68 4.07 -6.82
CA TYR A 81 -0.61 3.28 -8.05
C TYR A 81 -1.79 2.30 -8.13
N SER A 82 -2.61 2.47 -9.17
CA SER A 82 -3.81 1.64 -9.35
C SER A 82 -3.55 0.47 -10.31
N ILE A 83 -3.03 -0.63 -9.78
CA ILE A 83 -2.76 -1.81 -10.59
C ILE A 83 -4.07 -2.48 -10.99
N ILE A 84 -4.35 -2.55 -12.29
CA ILE A 84 -5.58 -3.17 -12.80
C ILE A 84 -5.26 -4.53 -13.44
N GLY A 85 -6.19 -5.48 -13.32
CA GLY A 85 -6.01 -6.81 -13.87
C GLY A 85 -6.47 -7.87 -12.90
N GLY A 86 -6.80 -9.05 -13.41
CA GLY A 86 -7.26 -10.15 -12.57
C GLY A 86 -8.75 -10.06 -12.31
N GLY A 87 -9.42 -9.15 -13.02
CA GLY A 87 -10.85 -8.96 -12.88
C GLY A 87 -11.21 -7.90 -11.85
N LEU A 88 -10.21 -7.15 -11.37
CA LEU A 88 -10.46 -6.11 -10.39
C LEU A 88 -9.36 -5.04 -10.42
N ARG A 89 -9.55 -3.98 -9.63
CA ARG A 89 -8.58 -2.88 -9.55
C ARG A 89 -8.00 -2.81 -8.15
N MET A 90 -6.67 -2.88 -8.04
CA MET A 90 -6.01 -2.82 -6.73
C MET A 90 -5.40 -1.45 -6.48
N ASN A 91 -6.12 -0.62 -5.75
CA ASN A 91 -5.66 0.72 -5.43
C ASN A 91 -4.79 0.71 -4.17
N PHE A 92 -3.65 1.40 -4.24
CA PHE A 92 -2.72 1.46 -3.10
C PHE A 92 -2.61 2.91 -2.61
N GLY A 93 -1.59 3.20 -1.80
CA GLY A 93 -1.40 4.54 -1.28
C GLY A 93 -0.39 4.60 -0.15
N PHE A 94 0.90 4.44 -0.48
CA PHE A 94 1.94 4.47 0.57
C PHE A 94 2.24 5.91 1.00
N THR A 95 2.44 6.08 2.30
CA THR A 95 2.74 7.39 2.88
C THR A 95 3.93 7.30 3.81
N LYS A 96 5.05 7.86 3.38
CA LYS A 96 6.27 7.85 4.19
C LYS A 96 6.84 6.43 4.30
N CYS A 97 6.73 5.65 3.23
CA CYS A 97 7.25 4.27 3.21
C CYS A 97 8.27 4.12 2.07
N PRO A 98 9.27 3.23 2.22
CA PRO A 98 10.29 3.00 1.17
C PRO A 98 9.71 3.13 -0.24
N GLN A 99 10.57 3.49 -1.19
CA GLN A 99 10.14 3.65 -2.58
C GLN A 99 9.94 2.29 -3.26
N ILE A 100 8.68 1.92 -3.46
CA ILE A 100 8.38 0.66 -4.12
C ILE A 100 8.92 0.66 -5.54
N LYS A 101 9.36 -0.52 -6.00
CA LYS A 101 9.92 -0.63 -7.36
C LYS A 101 9.59 -2.01 -7.96
N SER A 102 9.13 -2.93 -7.12
CA SER A 102 8.77 -4.28 -7.59
C SER A 102 7.25 -4.43 -7.64
N ILE A 103 6.71 -4.59 -8.85
CA ILE A 103 5.27 -4.73 -9.05
C ILE A 103 4.99 -6.02 -9.81
N SER A 104 4.42 -7.02 -9.12
CA SER A 104 4.13 -8.32 -9.75
C SER A 104 2.78 -8.88 -9.30
N GLU A 105 2.18 -9.72 -10.15
CA GLU A 105 0.89 -10.35 -9.85
C GLU A 105 0.83 -11.76 -10.44
N SER A 106 -0.21 -12.50 -10.04
CA SER A 106 -0.41 -13.86 -10.51
C SER A 106 -1.88 -14.24 -10.36
N ALA A 107 -2.34 -15.18 -11.19
CA ALA A 107 -3.73 -15.65 -11.15
C ALA A 107 -3.80 -17.16 -11.11
N ASP A 108 -4.36 -17.70 -10.03
CA ASP A 108 -4.51 -19.15 -9.85
C ASP A 108 -5.93 -19.47 -9.42
N GLY A 109 -6.72 -20.04 -10.33
CA GLY A 109 -8.09 -20.38 -10.02
C GLY A 109 -8.97 -19.13 -9.96
N ASN A 110 -9.86 -19.10 -8.98
CA ASN A 110 -10.76 -17.95 -8.81
C ASN A 110 -10.14 -16.94 -7.85
N THR A 111 -8.81 -16.92 -7.77
CA THR A 111 -8.10 -16.01 -6.88
C THR A 111 -6.99 -15.28 -7.64
N VAL A 112 -6.61 -14.11 -7.12
CA VAL A 112 -5.55 -13.29 -7.72
C VAL A 112 -4.72 -12.66 -6.62
N ASN A 113 -3.40 -12.64 -6.81
CA ASN A 113 -2.47 -12.08 -5.82
C ASN A 113 -1.69 -10.90 -6.39
N ALA A 114 -1.01 -10.16 -5.51
CA ALA A 114 -0.21 -9.02 -5.91
C ALA A 114 0.93 -8.80 -4.93
N ARG A 115 2.16 -8.71 -5.45
CA ARG A 115 3.36 -8.51 -4.63
C ARG A 115 3.97 -7.15 -4.90
N LEU A 116 3.88 -6.27 -3.91
CA LEU A 116 4.44 -4.91 -4.01
C LEU A 116 5.55 -4.78 -2.97
N SER A 117 6.75 -4.41 -3.40
CA SER A 117 7.86 -4.29 -2.47
C SER A 117 9.06 -3.58 -3.09
N SER A 118 9.94 -3.09 -2.23
CA SER A 118 11.15 -2.42 -2.68
C SER A 118 12.18 -3.44 -3.14
N VAL A 119 13.25 -2.98 -3.76
CA VAL A 119 14.31 -3.87 -4.26
C VAL A 119 15.51 -3.90 -3.31
N SER A 120 16.13 -5.08 -3.23
CA SER A 120 17.32 -5.26 -2.39
C SER A 120 18.54 -4.75 -3.15
N PRO A 121 19.67 -4.51 -2.45
CA PRO A 121 20.90 -4.03 -3.08
C PRO A 121 21.50 -5.08 -4.04
N GLY A 122 22.18 -4.61 -5.07
CA GLY A 122 22.81 -5.50 -6.04
C GLY A 122 21.82 -6.00 -7.08
N GLN A 123 20.62 -5.44 -7.08
CA GLN A 123 19.58 -5.83 -8.04
C GLN A 123 19.79 -5.12 -9.37
N GLY A 124 19.74 -3.79 -9.35
CA GLY A 124 19.92 -3.01 -10.56
C GLY A 124 19.32 -1.62 -10.43
N LYS A 125 18.44 -1.44 -9.43
CA LYS A 125 17.80 -0.15 -9.18
C LYS A 125 18.33 0.45 -7.88
N ASP A 126 17.85 1.64 -7.54
CA ASP A 126 18.30 2.32 -6.33
C ASP A 126 17.79 1.62 -5.08
N SER A 127 18.48 1.87 -3.96
CA SER A 127 18.11 1.27 -2.68
C SER A 127 18.60 2.15 -1.53
N PRO A 128 18.13 3.41 -1.47
CA PRO A 128 18.54 4.37 -0.42
C PRO A 128 18.66 3.73 0.96
N ALA A 129 19.75 4.08 1.66
CA ALA A 129 20.00 3.58 3.01
C ALA A 129 19.96 4.74 4.00
N ILE A 130 19.47 4.48 5.22
CA ILE A 130 19.37 5.54 6.23
C ILE A 130 19.74 4.99 7.63
N THR A 131 19.92 5.90 8.59
CA THR A 131 20.32 5.51 9.94
C THR A 131 19.16 4.85 10.68
N HIS A 132 19.42 4.43 11.91
CA HIS A 132 18.40 3.78 12.73
C HIS A 132 17.35 4.79 13.18
N GLU A 133 17.79 6.02 13.43
CA GLU A 133 16.89 7.09 13.88
C GLU A 133 15.73 7.27 12.90
N GLU A 134 16.07 7.56 11.66
CA GLU A 134 15.05 7.76 10.64
C GLU A 134 14.29 6.46 10.39
N ALA A 135 14.97 5.33 10.57
CA ALA A 135 14.33 4.03 10.39
C ALA A 135 13.27 3.84 11.46
N LEU A 136 13.57 4.35 12.65
CA LEU A 136 12.66 4.26 13.78
C LEU A 136 11.50 5.24 13.58
N ALA A 137 11.82 6.37 12.95
CA ALA A 137 10.82 7.40 12.70
C ALA A 137 9.82 6.98 11.63
N MET A 138 10.33 6.55 10.48
CA MET A 138 9.46 6.13 9.37
C MET A 138 8.64 4.91 9.73
N ILE A 139 9.29 3.85 10.17
CA ILE A 139 8.58 2.61 10.50
C ILE A 139 7.33 2.89 11.35
N LYS A 140 7.30 4.03 12.03
CA LYS A 140 6.14 4.38 12.87
C LYS A 140 5.12 5.22 12.08
N ASP A 141 5.60 5.95 11.07
CA ASP A 141 4.72 6.82 10.27
C ASP A 141 4.20 6.10 9.01
N CYS A 142 5.00 5.18 8.48
CA CYS A 142 4.63 4.45 7.28
C CYS A 142 3.20 3.92 7.36
N GLU A 143 2.34 4.40 6.46
CA GLU A 143 0.93 3.98 6.43
C GLU A 143 0.48 3.78 4.99
N VAL A 144 0.02 2.57 4.67
CA VAL A 144 -0.44 2.24 3.32
C VAL A 144 -1.95 2.00 3.29
N SER A 145 -2.64 2.74 2.41
CA SER A 145 -4.10 2.61 2.28
C SER A 145 -4.43 1.75 1.07
N ILE A 146 -5.64 1.19 1.05
CA ILE A 146 -6.08 0.34 -0.06
C ILE A 146 -7.59 0.46 -0.27
N ASP A 147 -8.03 0.15 -1.48
CA ASP A 147 -9.45 0.21 -1.82
C ASP A 147 -9.68 -0.52 -3.14
N ILE A 148 -9.87 -1.84 -3.06
CA ILE A 148 -10.07 -2.65 -4.26
C ILE A 148 -11.49 -2.52 -4.81
N ARG A 149 -11.61 -2.55 -6.14
CA ARG A 149 -12.89 -2.45 -6.83
C ARG A 149 -12.97 -3.48 -7.95
N CYS A 150 -14.12 -3.57 -8.60
CA CYS A 150 -14.32 -4.53 -9.69
C CYS A 150 -13.97 -3.90 -11.04
N SER A 151 -13.23 -4.64 -11.88
CA SER A 151 -12.81 -4.15 -13.20
C SER A 151 -13.53 -4.94 -14.28
N GLU A 152 -13.48 -4.42 -15.52
CA GLU A 152 -14.12 -5.08 -16.67
C GLU A 152 -13.23 -4.98 -17.89
N GLU A 153 -12.01 -4.47 -17.70
CA GLU A 153 -11.06 -4.30 -18.80
C GLU A 153 -10.46 -5.65 -19.20
N GLU A 154 -11.00 -6.22 -20.28
CA GLU A 154 -10.52 -7.51 -20.78
C GLU A 154 -9.29 -7.33 -21.66
N LYS A 155 -8.64 -6.18 -21.54
CA LYS A 155 -7.45 -5.89 -22.35
C LYS A 155 -6.33 -6.87 -22.02
N ASP A 156 -5.50 -7.18 -23.02
CA ASP A 156 -4.39 -8.11 -22.84
C ASP A 156 -3.54 -7.72 -21.63
N SER A 157 -2.59 -8.60 -21.28
CA SER A 157 -1.70 -8.35 -20.15
C SER A 157 -0.34 -7.85 -20.62
N ASP A 158 0.31 -7.04 -19.78
CA ASP A 158 1.63 -6.49 -20.08
C ASP A 158 2.63 -7.01 -19.06
N ILE A 159 3.24 -8.16 -19.35
CA ILE A 159 4.21 -8.78 -18.44
C ILE A 159 5.63 -8.57 -18.92
N LYS A 160 6.59 -9.05 -18.11
CA LYS A 160 8.01 -8.94 -18.41
C LYS A 160 8.57 -10.32 -18.78
N THR A 161 9.89 -10.39 -18.94
CA THR A 161 10.57 -11.64 -19.27
C THR A 161 11.64 -11.92 -18.23
N HIS A 162 11.90 -10.91 -17.38
CA HIS A 162 12.92 -11.02 -16.32
C HIS A 162 12.26 -11.34 -14.96
N PRO A 163 12.71 -12.39 -14.23
CA PRO A 163 12.13 -12.74 -12.93
C PRO A 163 11.80 -11.51 -12.07
N VAL A 164 10.93 -11.70 -11.09
CA VAL A 164 10.52 -10.61 -10.21
C VAL A 164 11.61 -10.30 -9.18
N LEU A 165 11.82 -9.02 -8.91
CA LEU A 165 12.83 -8.59 -7.94
C LEU A 165 12.26 -8.62 -6.52
N GLY A 166 12.94 -9.34 -5.63
CA GLY A 166 12.50 -9.45 -4.24
C GLY A 166 13.24 -8.50 -3.32
N SER A 167 12.65 -8.24 -2.15
CA SER A 167 13.26 -7.34 -1.17
C SER A 167 14.08 -8.14 -0.15
N ASN A 168 14.30 -9.42 -0.47
CA ASN A 168 15.09 -10.29 0.39
C ASN A 168 14.52 -10.41 1.80
N ILE A 169 13.31 -9.89 2.04
CA ILE A 169 12.69 -9.97 3.36
C ILE A 169 11.67 -11.11 3.38
N SER A 170 11.48 -11.74 4.55
CA SER A 170 10.52 -12.85 4.68
C SER A 170 9.37 -12.42 5.58
N HIS A 171 8.15 -12.82 5.21
CA HIS A 171 6.97 -12.46 5.99
C HIS A 171 6.87 -13.29 7.28
N LYS A 172 7.99 -13.43 7.97
CA LYS A 172 8.01 -14.17 9.22
C LYS A 172 7.30 -13.35 10.30
N LYS A 173 6.90 -13.99 11.40
CA LYS A 173 6.22 -13.28 12.48
C LYS A 173 7.21 -12.47 13.31
N VAL A 174 6.93 -11.19 13.49
CA VAL A 174 7.80 -10.30 14.27
C VAL A 174 6.98 -9.21 14.95
N SER A 175 7.64 -8.17 15.45
CA SER A 175 6.96 -7.08 16.12
C SER A 175 5.77 -6.60 15.27
N TYR A 176 4.69 -6.20 15.93
CA TYR A 176 3.48 -5.73 15.23
C TYR A 176 3.26 -4.24 15.46
N GLU A 177 2.75 -3.56 14.43
CA GLU A 177 2.46 -2.13 14.53
C GLU A 177 1.44 -1.74 13.46
N ASP A 178 0.66 -0.71 13.73
CA ASP A 178 -0.36 -0.26 12.79
C ASP A 178 0.26 0.34 11.53
N ILE A 179 0.20 -0.40 10.43
CA ILE A 179 0.74 0.05 9.15
C ILE A 179 -0.39 0.18 8.13
N ILE A 180 -1.08 -0.93 7.86
CA ILE A 180 -2.18 -0.92 6.91
C ILE A 180 -3.28 0.04 7.38
N GLY A 181 -3.60 1.01 6.55
CA GLY A 181 -4.61 2.00 6.90
C GLY A 181 -6.01 1.59 6.45
N SER A 182 -6.61 2.41 5.60
CA SER A 182 -7.96 2.14 5.12
C SER A 182 -7.99 0.97 4.14
N THR A 183 -9.04 0.16 4.22
CA THR A 183 -9.19 -0.98 3.32
C THR A 183 -10.68 -1.18 3.00
N ILE A 184 -11.17 -0.42 2.02
CA ILE A 184 -12.58 -0.48 1.62
C ILE A 184 -12.75 -1.27 0.32
N VAL A 185 -13.09 -2.55 0.45
CA VAL A 185 -13.29 -3.41 -0.73
C VAL A 185 -14.76 -3.81 -0.90
N ASP A 186 -15.27 -3.66 -2.13
CA ASP A 186 -16.66 -4.02 -2.43
C ASP A 186 -16.78 -5.52 -2.62
N THR A 187 -17.53 -6.16 -1.73
CA THR A 187 -17.71 -7.60 -1.81
C THR A 187 -18.18 -8.02 -3.20
N LYS A 188 -18.88 -7.11 -3.88
CA LYS A 188 -19.39 -7.37 -5.22
C LYS A 188 -18.38 -8.18 -6.06
N CYS A 189 -17.09 -7.97 -5.79
CA CYS A 189 -16.03 -8.69 -6.53
C CYS A 189 -14.87 -9.03 -5.60
N VAL A 190 -15.15 -9.16 -4.31
CA VAL A 190 -14.10 -9.50 -3.34
C VAL A 190 -14.69 -10.31 -2.18
N LYS A 191 -14.69 -11.63 -2.33
CA LYS A 191 -15.23 -12.50 -1.30
C LYS A 191 -14.34 -12.46 -0.04
N ASN A 192 -13.05 -12.77 -0.23
CA ASN A 192 -12.10 -12.76 0.90
C ASN A 192 -10.82 -12.04 0.51
N LEU A 193 -10.20 -11.36 1.48
CA LEU A 193 -8.97 -10.62 1.23
C LEU A 193 -8.03 -10.70 2.44
N GLU A 194 -6.83 -11.23 2.22
CA GLU A 194 -5.82 -11.35 3.27
C GLU A 194 -4.72 -10.30 3.04
N PHE A 195 -4.38 -9.56 4.10
CA PHE A 195 -3.34 -8.51 4.00
C PHE A 195 -2.07 -8.96 4.71
N SER A 196 -0.93 -8.68 4.09
CA SER A 196 0.37 -9.03 4.68
C SER A 196 1.39 -7.94 4.33
N VAL A 197 1.96 -7.32 5.37
CA VAL A 197 2.96 -6.27 5.16
C VAL A 197 4.18 -6.52 6.05
N ARG A 198 5.31 -5.92 5.69
CA ARG A 198 6.52 -6.11 6.47
C ARG A 198 7.63 -5.17 6.00
N ILE A 199 7.99 -4.22 6.87
CA ILE A 199 9.05 -3.26 6.58
C ILE A 199 10.25 -3.48 7.49
N GLY A 200 11.45 -3.58 6.91
CA GLY A 200 12.63 -3.81 7.71
C GLY A 200 13.92 -3.62 6.93
N ASP A 201 14.95 -4.37 7.31
CA ASP A 201 16.26 -4.29 6.63
C ASP A 201 16.39 -5.38 5.57
N MET A 202 16.58 -4.94 4.32
CA MET A 202 16.72 -5.88 3.20
C MET A 202 18.14 -6.40 3.10
N CYS A 203 18.98 -6.01 4.06
CA CYS A 203 20.38 -6.44 4.09
C CYS A 203 20.55 -7.53 5.14
N LYS A 204 20.13 -7.23 6.36
CA LYS A 204 20.22 -8.19 7.47
C LYS A 204 19.14 -7.89 8.50
N GLU A 205 18.27 -8.86 8.75
CA GLU A 205 17.19 -8.68 9.70
C GLU A 205 17.70 -8.11 11.02
N SER A 206 17.05 -7.04 11.49
CA SER A 206 17.41 -6.40 12.75
C SER A 206 16.20 -6.32 13.67
N SER A 207 16.27 -7.06 14.77
CA SER A 207 15.18 -7.13 15.75
C SER A 207 14.44 -5.80 15.91
N GLU A 208 15.19 -4.69 15.90
CA GLU A 208 14.59 -3.37 16.08
C GLU A 208 13.92 -2.85 14.80
N LEU A 209 14.61 -2.97 13.66
CA LEU A 209 14.05 -2.48 12.39
C LEU A 209 13.28 -3.58 11.67
N GLU A 210 12.23 -4.09 12.31
CA GLU A 210 11.39 -5.12 11.70
C GLU A 210 10.00 -5.09 12.31
N VAL A 211 8.99 -5.03 11.46
CA VAL A 211 7.59 -4.98 11.89
C VAL A 211 6.74 -5.78 10.91
N LYS A 212 5.52 -6.12 11.33
CA LYS A 212 4.63 -6.89 10.48
C LYS A 212 3.18 -6.75 10.94
N ASP A 213 2.31 -6.38 10.02
CA ASP A 213 0.88 -6.22 10.30
C ASP A 213 0.08 -7.02 9.27
N GLY A 214 -1.22 -7.13 9.49
CA GLY A 214 -2.07 -7.87 8.57
C GLY A 214 -3.33 -8.37 9.23
N PHE A 215 -4.32 -8.69 8.41
CA PHE A 215 -5.61 -9.20 8.91
C PHE A 215 -6.12 -10.29 7.97
N LYS A 216 -7.32 -10.79 8.27
CA LYS A 216 -7.93 -11.85 7.46
C LYS A 216 -9.40 -11.53 7.17
N TYR A 217 -9.69 -11.13 5.94
CA TYR A 217 -11.06 -10.79 5.54
C TYR A 217 -11.70 -11.99 4.83
N VAL A 218 -12.71 -12.58 5.45
CA VAL A 218 -13.39 -13.75 4.87
C VAL A 218 -14.91 -13.60 5.00
N ASP A 219 -15.59 -13.59 3.86
CA ASP A 219 -17.04 -13.46 3.83
C ASP A 219 -17.54 -12.35 4.75
N GLY A 220 -16.96 -11.16 4.60
CA GLY A 220 -17.36 -10.01 5.39
C GLY A 220 -16.87 -10.06 6.83
N SER A 221 -16.10 -11.09 7.17
CA SER A 221 -15.57 -11.23 8.54
C SER A 221 -14.09 -10.85 8.59
N ALA A 222 -13.76 -9.84 9.40
CA ALA A 222 -12.38 -9.37 9.55
C ALA A 222 -11.81 -9.87 10.87
N SER A 223 -10.48 -9.97 10.95
CA SER A 223 -9.84 -10.43 12.18
C SER A 223 -8.33 -10.25 12.11
N LYS A 224 -7.76 -9.64 13.14
CA LYS A 224 -6.32 -9.43 13.21
C LYS A 224 -5.65 -10.72 13.67
N GLY A 225 -4.49 -11.03 13.12
CA GLY A 225 -3.78 -12.23 13.49
C GLY A 225 -2.39 -12.29 12.89
N ALA A 226 -1.40 -11.98 13.72
CA ALA A 226 -0.01 -12.00 13.26
C ALA A 226 0.48 -13.44 13.12
N THR A 227 0.42 -13.97 11.89
CA THR A 227 0.86 -15.34 11.61
C THR A 227 1.88 -15.36 10.49
N ASP A 228 2.64 -16.45 10.41
CA ASP A 228 3.66 -16.58 9.37
C ASP A 228 3.03 -16.56 7.99
N ASP A 229 3.08 -15.40 7.33
CA ASP A 229 2.49 -15.24 6.00
C ASP A 229 3.53 -15.53 4.91
N THR A 230 4.57 -16.28 5.27
CA THR A 230 5.62 -16.62 4.31
C THR A 230 5.06 -17.46 3.17
N SER A 231 4.09 -18.32 3.49
CA SER A 231 3.47 -19.19 2.49
C SER A 231 2.15 -18.60 2.00
N LEU A 232 1.74 -17.49 2.61
CA LEU A 232 0.48 -16.84 2.23
C LEU A 232 0.33 -16.78 0.71
N ILE A 233 1.45 -16.68 0.01
CA ILE A 233 1.45 -16.61 -1.45
C ILE A 233 2.66 -17.35 -2.01
N ASP A 234 2.48 -18.00 -3.17
CA ASP A 234 3.57 -18.73 -3.81
C ASP A 234 4.39 -17.74 -4.63
N SER A 235 5.42 -17.18 -4.01
CA SER A 235 6.28 -16.20 -4.67
C SER A 235 6.90 -16.75 -5.95
N THR A 236 6.59 -18.01 -6.29
CA THR A 236 7.15 -18.63 -7.50
C THR A 236 6.28 -18.36 -8.73
N LYS A 237 5.02 -18.00 -8.52
CA LYS A 237 4.09 -17.74 -9.62
C LYS A 237 3.91 -16.23 -9.86
N LEU A 238 4.75 -15.42 -9.23
CA LEU A 238 4.67 -13.96 -9.38
C LEU A 238 5.42 -13.50 -10.61
N LYS A 239 4.78 -12.63 -11.41
CA LYS A 239 5.38 -12.09 -12.62
C LYS A 239 5.30 -10.57 -12.59
N ALA A 240 6.41 -9.89 -12.88
CA ALA A 240 6.43 -8.44 -12.86
C ALA A 240 5.34 -7.88 -13.78
N CYS A 241 5.05 -6.58 -13.63
CA CYS A 241 4.01 -5.94 -14.44
C CYS A 241 4.55 -4.69 -15.13
N VAL A 242 5.81 -4.36 -14.87
CA VAL A 242 6.43 -3.18 -15.50
C VAL A 242 5.49 -1.98 -15.43
N ALA B 1 -39.50 0.81 -7.36
CA ALA B 1 -38.07 0.58 -7.25
C ALA B 1 -37.76 -0.33 -6.07
N PRO B 2 -38.14 -1.62 -6.15
CA PRO B 2 -37.90 -2.59 -5.07
C PRO B 2 -36.43 -2.63 -4.65
N MET B 3 -36.16 -2.18 -3.43
CA MET B 3 -34.79 -2.17 -2.92
C MET B 3 -34.19 -3.57 -2.98
N GLY B 4 -32.86 -3.64 -3.07
CA GLY B 4 -32.19 -4.92 -3.11
C GLY B 4 -32.44 -5.75 -1.88
N SER B 5 -32.03 -7.01 -1.91
CA SER B 5 -32.23 -7.91 -0.78
C SER B 5 -31.27 -7.54 0.36
N ASP B 6 -30.04 -8.07 0.29
CA ASP B 6 -29.02 -7.80 1.31
C ASP B 6 -27.68 -7.52 0.62
N PRO B 7 -27.53 -6.31 0.06
CA PRO B 7 -26.30 -5.92 -0.65
C PRO B 7 -25.06 -5.96 0.25
N PRO B 8 -23.86 -5.68 -0.31
CA PRO B 8 -22.59 -5.68 0.45
C PRO B 8 -22.63 -4.83 1.73
N THR B 9 -21.71 -3.89 1.84
CA THR B 9 -21.62 -3.01 3.00
C THR B 9 -20.61 -1.90 2.73
N ALA B 10 -19.33 -2.25 2.77
CA ALA B 10 -18.22 -1.31 2.56
C ALA B 10 -18.06 -0.40 3.77
N CYS B 11 -17.69 -1.00 4.90
CA CYS B 11 -17.47 -0.28 6.15
C CYS B 11 -16.01 -0.40 6.57
N CYS B 12 -15.42 0.72 6.98
CA CYS B 12 -14.02 0.76 7.43
C CYS B 12 -13.71 -0.46 8.28
N PHE B 13 -12.53 -1.04 8.05
CA PHE B 13 -12.08 -2.21 8.80
C PHE B 13 -10.72 -1.91 9.42
N SER B 14 -9.97 -1.02 8.80
CA SER B 14 -8.64 -0.62 9.31
C SER B 14 -8.47 0.91 9.16
N TYR B 15 -7.82 1.55 10.15
CA TYR B 15 -7.63 3.02 10.13
C TYR B 15 -6.19 3.43 9.80
N THR B 16 -6.05 4.59 9.15
CA THR B 16 -4.73 5.13 8.79
C THR B 16 -4.04 5.70 10.03
N ALA B 17 -2.77 5.36 10.21
CA ALA B 17 -2.01 5.84 11.35
C ALA B 17 -1.55 7.27 11.13
N ARG B 18 -1.03 7.56 9.95
CA ARG B 18 -0.54 8.89 9.63
C ARG B 18 -1.67 9.85 9.28
N LYS B 19 -1.73 10.98 9.97
CA LYS B 19 -2.76 11.98 9.72
C LYS B 19 -2.54 12.62 8.35
N LEU B 20 -3.63 13.06 7.72
CA LEU B 20 -3.57 13.68 6.39
C LEU B 20 -3.77 15.20 6.51
N PRO B 21 -2.69 16.03 6.48
CA PRO B 21 -2.82 17.48 6.59
C PRO B 21 -4.00 18.02 5.75
N ARG B 22 -4.64 19.07 6.25
CA ARG B 22 -5.79 19.65 5.55
C ARG B 22 -5.51 19.82 4.06
N ASN B 23 -4.36 20.40 3.72
CA ASN B 23 -4.01 20.62 2.32
C ASN B 23 -4.20 19.36 1.49
N PHE B 24 -4.19 18.20 2.15
CA PHE B 24 -4.34 16.91 1.48
C PHE B 24 -5.71 16.30 1.84
N VAL B 25 -6.72 17.15 2.02
CA VAL B 25 -8.08 16.72 2.36
C VAL B 25 -9.09 17.75 1.88
N VAL B 26 -9.63 17.56 0.67
CA VAL B 26 -10.59 18.50 0.09
C VAL B 26 -12.04 18.18 0.48
N ASP B 27 -12.31 16.94 0.83
CA ASP B 27 -13.68 16.55 1.20
C ASP B 27 -13.69 15.31 2.09
N TYR B 28 -14.89 14.85 2.48
CA TYR B 28 -15.01 13.68 3.35
C TYR B 28 -16.40 13.04 3.23
N TYR B 29 -16.54 11.87 3.82
CA TYR B 29 -17.82 11.13 3.82
C TYR B 29 -17.87 10.23 5.04
N GLU B 30 -18.97 9.49 5.22
CA GLU B 30 -19.12 8.58 6.36
C GLU B 30 -19.41 7.15 5.89
N THR B 31 -18.93 6.17 6.64
CA THR B 31 -19.14 4.78 6.29
C THR B 31 -20.64 4.47 6.13
N SER B 32 -21.19 3.70 7.08
CA SER B 32 -22.60 3.35 7.03
C SER B 32 -23.13 3.05 8.44
N SER B 33 -24.10 2.13 8.53
CA SER B 33 -24.69 1.76 9.81
C SER B 33 -24.85 0.24 9.90
N LEU B 34 -25.10 -0.39 8.75
CA LEU B 34 -25.26 -1.83 8.71
C LEU B 34 -24.08 -2.53 9.39
N CYS B 35 -23.04 -1.75 9.70
CA CYS B 35 -21.85 -2.27 10.37
C CYS B 35 -21.78 -1.70 11.79
N SER B 36 -21.82 -2.59 12.77
CA SER B 36 -21.78 -2.17 14.18
C SER B 36 -20.41 -1.68 14.59
N GLN B 37 -19.71 -0.99 13.67
CA GLN B 37 -18.38 -0.48 13.96
C GLN B 37 -17.96 0.44 12.81
N PRO B 38 -18.71 1.53 12.59
CA PRO B 38 -18.43 2.47 11.48
C PRO B 38 -17.21 3.35 11.73
N ALA B 39 -17.08 4.38 10.89
CA ALA B 39 -15.98 5.32 10.97
C ALA B 39 -16.16 6.45 9.96
N VAL B 40 -15.25 7.42 10.00
CA VAL B 40 -15.28 8.56 9.07
C VAL B 40 -14.18 8.41 8.03
N VAL B 41 -14.54 8.59 6.76
CA VAL B 41 -13.59 8.47 5.65
C VAL B 41 -13.31 9.83 5.03
N PHE B 42 -12.04 10.14 4.82
CA PHE B 42 -11.62 11.42 4.24
C PHE B 42 -11.22 11.25 2.77
N GLN B 43 -11.48 12.29 1.99
CA GLN B 43 -11.10 12.33 0.59
C GLN B 43 -9.74 13.00 0.51
N THR B 44 -9.07 12.97 -0.64
CA THR B 44 -7.75 13.60 -0.74
C THR B 44 -7.56 14.27 -2.10
N ALA B 45 -6.32 14.23 -2.58
CA ALA B 45 -5.96 14.85 -3.88
C ALA B 45 -5.23 13.86 -4.77
N ALA B 46 -4.35 13.05 -4.19
CA ALA B 46 -3.59 12.04 -4.95
C ALA B 46 -3.80 10.65 -4.34
N SER B 47 -5.05 10.33 -3.97
CA SER B 47 -5.34 9.03 -3.38
C SER B 47 -6.76 8.56 -3.73
N ALA B 48 -7.76 9.03 -2.96
CA ALA B 48 -9.17 8.67 -3.18
C ALA B 48 -9.95 8.81 -1.88
N GLN B 49 -9.96 7.74 -1.08
CA GLN B 49 -10.67 7.71 0.20
C GLN B 49 -9.82 6.99 1.24
N VAL B 50 -9.93 7.41 2.51
CA VAL B 50 -9.14 6.78 3.58
C VAL B 50 -9.88 6.85 4.93
N CYS B 51 -10.18 5.69 5.48
CA CYS B 51 -10.86 5.57 6.77
C CYS B 51 -10.03 6.26 7.87
N ALA B 52 -10.72 6.64 8.95
CA ALA B 52 -10.05 7.28 10.08
C ALA B 52 -10.85 7.04 11.36
N ASP B 53 -10.16 6.68 12.44
CA ASP B 53 -10.84 6.43 13.70
C ASP B 53 -11.30 7.76 14.32
N PRO B 54 -12.61 7.96 14.58
CA PRO B 54 -13.09 9.24 15.14
C PRO B 54 -12.70 9.39 16.61
N SER B 55 -11.98 8.40 17.13
CA SER B 55 -11.57 8.41 18.53
C SER B 55 -10.40 9.36 18.76
N GLU B 56 -9.86 9.98 17.68
CA GLU B 56 -8.74 10.90 17.79
C GLU B 56 -9.26 12.33 17.58
N SER B 57 -8.99 13.19 18.55
CA SER B 57 -9.45 14.59 18.50
C SER B 57 -9.25 15.26 17.13
N TRP B 58 -8.07 15.10 16.54
CA TRP B 58 -7.78 15.74 15.26
C TRP B 58 -8.81 15.37 14.19
N VAL B 59 -9.41 14.19 14.31
CA VAL B 59 -10.43 13.76 13.33
C VAL B 59 -11.70 14.54 13.55
N GLN B 60 -12.06 14.68 14.81
CA GLN B 60 -13.27 15.41 15.18
C GLN B 60 -13.15 16.87 14.74
N GLU B 61 -11.97 17.45 14.93
CA GLU B 61 -11.75 18.84 14.56
C GLU B 61 -11.71 18.98 13.04
N TYR B 62 -11.17 17.96 12.38
CA TYR B 62 -11.07 17.97 10.93
C TYR B 62 -12.48 17.93 10.32
N VAL B 63 -13.37 17.16 10.94
CA VAL B 63 -14.74 17.06 10.46
C VAL B 63 -15.47 18.38 10.72
N TYR B 64 -15.33 18.89 11.93
CA TYR B 64 -15.98 20.14 12.30
C TYR B 64 -15.53 21.29 11.41
N ASP B 65 -14.28 21.23 10.96
CA ASP B 65 -13.73 22.28 10.11
C ASP B 65 -14.33 22.21 8.71
N LEU B 66 -14.55 21.00 8.22
CA LEU B 66 -15.13 20.81 6.89
C LEU B 66 -16.62 21.17 6.89
N GLU B 67 -17.23 21.14 8.07
CA GLU B 67 -18.65 21.48 8.18
C GLU B 67 -18.84 22.98 8.02
N LEU B 68 -17.86 23.76 8.46
CA LEU B 68 -17.93 25.22 8.35
C LEU B 68 -17.60 25.66 6.93
N ASN B 69 -16.31 25.67 6.61
CA ASN B 69 -15.87 26.07 5.28
C ASN B 69 -16.20 24.99 4.26
N MET A 1 21.29 4.33 -18.02
CA MET A 1 22.31 3.30 -18.19
C MET A 1 22.27 2.31 -17.03
N PRO A 2 22.63 1.03 -17.26
CA PRO A 2 22.63 0.00 -16.19
C PRO A 2 23.78 0.20 -15.21
N ALA A 3 24.99 0.31 -15.74
CA ALA A 3 26.17 0.51 -14.90
C ALA A 3 27.37 0.92 -15.75
N SER A 4 28.02 2.01 -15.37
CA SER A 4 29.18 2.50 -16.10
C SER A 4 30.35 1.53 -15.94
N LEU A 5 31.10 1.71 -14.85
CA LEU A 5 32.26 0.85 -14.59
C LEU A 5 32.75 1.05 -13.16
N GLN A 6 33.44 2.15 -12.93
CA GLN A 6 33.97 2.45 -11.60
C GLN A 6 32.83 2.61 -10.59
N GLN A 7 32.29 1.48 -10.14
CA GLN A 7 31.19 1.50 -9.17
C GLN A 7 31.27 0.29 -8.25
N SER A 8 30.99 0.50 -6.98
CA SER A 8 31.02 -0.58 -5.99
C SER A 8 30.32 -0.15 -4.71
N SER A 9 30.44 1.14 -4.39
CA SER A 9 29.81 1.68 -3.18
C SER A 9 28.32 1.93 -3.42
N SER A 10 27.95 2.13 -4.68
CA SER A 10 26.55 2.37 -5.02
C SER A 10 25.65 1.34 -4.35
N SER A 11 24.62 1.82 -3.65
CA SER A 11 23.69 0.93 -2.96
C SER A 11 23.00 0.01 -3.96
N SER A 12 23.00 0.39 -5.23
CA SER A 12 22.36 -0.41 -6.27
C SER A 12 23.26 -1.59 -6.64
N SER A 13 24.57 -1.39 -6.53
CA SER A 13 25.53 -2.43 -6.87
C SER A 13 25.61 -3.47 -5.75
N SER A 14 25.71 -2.99 -4.50
CA SER A 14 25.80 -3.89 -3.36
C SER A 14 25.50 -3.15 -2.07
N CYS A 15 25.12 -3.90 -1.04
CA CYS A 15 24.79 -3.31 0.26
C CYS A 15 25.97 -2.50 0.79
N THR A 16 25.67 -1.51 1.63
CA THR A 16 26.72 -0.67 2.20
C THR A 16 27.58 -1.46 3.18
N GLU A 17 28.73 -0.91 3.53
CA GLU A 17 29.66 -1.56 4.46
C GLU A 17 29.80 -0.74 5.74
N GLU A 18 28.96 0.28 5.86
CA GLU A 18 28.99 1.13 7.05
C GLU A 18 28.68 0.32 8.31
N GLU A 19 28.35 1.02 9.39
CA GLU A 19 28.03 0.37 10.67
C GLU A 19 26.58 0.62 11.02
N ASN A 20 26.27 1.85 11.43
CA ASN A 20 24.91 2.23 11.79
C ASN A 20 24.14 2.69 10.56
N LYS A 21 24.01 1.79 9.58
CA LYS A 21 23.29 2.11 8.36
C LYS A 21 22.81 0.82 7.68
N HIS A 22 21.61 0.88 7.11
CA HIS A 22 21.03 -0.29 6.42
C HIS A 22 20.12 0.16 5.29
N HIS A 23 19.54 -0.81 4.57
CA HIS A 23 18.62 -0.51 3.47
C HIS A 23 17.20 -0.86 3.85
N MET A 24 16.50 0.10 4.43
CA MET A 24 15.12 -0.12 4.83
C MET A 24 14.23 -0.19 3.59
N GLY A 25 13.45 -1.27 3.49
CA GLY A 25 12.55 -1.46 2.37
C GLY A 25 11.20 -1.95 2.83
N ILE A 26 10.22 -1.91 1.93
CA ILE A 26 8.87 -2.36 2.23
C ILE A 26 8.55 -3.64 1.47
N ASP A 27 7.68 -4.46 2.04
CA ASP A 27 7.28 -5.72 1.42
C ASP A 27 5.84 -6.02 1.80
N VAL A 28 4.98 -6.14 0.78
CA VAL A 28 3.57 -6.42 1.01
C VAL A 28 3.03 -7.44 0.00
N ILE A 29 2.09 -8.25 0.46
CA ILE A 29 1.44 -9.27 -0.39
C ILE A 29 -0.05 -9.26 -0.12
N ILE A 30 -0.84 -9.43 -1.17
CA ILE A 30 -2.31 -9.41 -1.05
C ILE A 30 -2.94 -10.60 -1.76
N LYS A 31 -3.70 -11.39 -0.99
CA LYS A 31 -4.40 -12.56 -1.53
C LYS A 31 -5.89 -12.25 -1.58
N VAL A 32 -6.43 -12.13 -2.80
CA VAL A 32 -7.85 -11.79 -2.98
C VAL A 32 -8.63 -12.96 -3.58
N THR A 33 -9.66 -13.40 -2.86
CA THR A 33 -10.51 -14.49 -3.34
C THR A 33 -11.75 -13.90 -3.99
N LYS A 34 -11.89 -14.12 -5.29
CA LYS A 34 -13.04 -13.61 -6.02
C LYS A 34 -14.32 -14.32 -5.58
N GLN A 35 -15.44 -13.63 -5.69
CA GLN A 35 -16.72 -14.23 -5.32
C GLN A 35 -17.04 -15.38 -6.27
N ASP A 36 -18.17 -16.03 -6.04
CA ASP A 36 -18.58 -17.17 -6.88
C ASP A 36 -19.21 -16.67 -8.17
N GLN A 37 -19.82 -15.49 -8.13
CA GLN A 37 -20.46 -14.91 -9.31
C GLN A 37 -19.47 -14.14 -10.17
N THR A 38 -18.50 -13.51 -9.52
CA THR A 38 -17.47 -12.72 -10.24
C THR A 38 -17.02 -13.45 -11.52
N PRO A 39 -17.47 -13.00 -12.71
CA PRO A 39 -17.07 -13.64 -13.99
C PRO A 39 -15.58 -13.96 -14.02
N THR A 40 -15.19 -14.85 -14.93
CA THR A 40 -13.80 -15.24 -15.06
C THR A 40 -12.96 -14.07 -15.59
N ASN A 41 -11.76 -13.91 -15.04
CA ASN A 41 -10.87 -12.84 -15.47
C ASN A 41 -9.46 -13.10 -14.97
N ASP A 42 -8.62 -13.68 -15.83
CA ASP A 42 -7.23 -13.97 -15.48
C ASP A 42 -6.31 -12.91 -16.04
N LYS A 43 -6.88 -11.82 -16.53
CA LYS A 43 -6.10 -10.72 -17.09
C LYS A 43 -5.25 -10.07 -16.01
N ILE A 44 -4.11 -10.67 -15.71
CA ILE A 44 -3.21 -10.15 -14.69
C ILE A 44 -2.36 -9.01 -15.25
N CYS A 45 -2.12 -7.99 -14.44
CA CYS A 45 -1.33 -6.86 -14.86
C CYS A 45 -1.91 -6.21 -16.11
N GLN A 46 -3.08 -5.62 -15.96
CA GLN A 46 -3.74 -4.96 -17.08
C GLN A 46 -3.10 -3.59 -17.31
N SER A 47 -2.63 -2.98 -16.22
CA SER A 47 -1.98 -1.67 -16.27
C SER A 47 -1.51 -1.27 -14.88
N VAL A 48 -0.68 -0.22 -14.81
CA VAL A 48 -0.18 0.27 -13.52
C VAL A 48 -0.01 1.78 -13.55
N THR A 49 -0.54 2.45 -12.53
CA THR A 49 -0.44 3.90 -12.42
C THR A 49 0.62 4.27 -11.39
N GLU A 50 0.91 5.56 -11.30
CA GLU A 50 1.90 6.06 -10.35
C GLU A 50 1.68 7.55 -10.12
N ILE A 51 1.32 7.92 -8.89
CA ILE A 51 1.06 9.32 -8.55
C ILE A 51 1.75 9.67 -7.23
N THR A 52 1.99 10.97 -7.01
CA THR A 52 2.64 11.44 -5.80
C THR A 52 2.17 12.85 -5.45
N GLU A 53 1.42 12.95 -4.37
CA GLU A 53 0.90 14.22 -3.91
C GLU A 53 2.05 15.18 -3.67
N SER A 54 2.43 15.81 -4.75
CA SER A 54 3.51 16.79 -4.78
C SER A 54 3.13 17.84 -5.79
N GLU A 55 1.83 17.82 -6.12
CA GLU A 55 1.26 18.75 -7.09
C GLU A 55 -0.06 19.32 -6.56
N SER A 56 -0.31 19.13 -5.27
CA SER A 56 -1.54 19.62 -4.64
C SER A 56 -1.41 19.59 -3.13
N ASP A 57 -0.18 19.79 -2.64
CA ASP A 57 0.08 19.80 -1.21
C ASP A 57 1.53 20.21 -0.95
N PRO A 58 1.82 20.85 0.20
CA PRO A 58 3.19 21.28 0.55
C PRO A 58 4.27 20.32 0.03
N ASP A 59 4.67 20.52 -1.22
CA ASP A 59 5.69 19.68 -1.86
C ASP A 59 5.64 19.91 -3.38
N PRO A 60 5.95 21.14 -3.83
CA PRO A 60 5.93 21.49 -5.25
C PRO A 60 7.24 21.09 -5.94
N GLU A 61 7.50 19.78 -6.01
CA GLU A 61 8.71 19.25 -6.64
C GLU A 61 8.39 18.00 -7.44
N VAL A 62 7.88 18.20 -8.65
CA VAL A 62 7.52 17.09 -9.51
C VAL A 62 7.12 17.56 -10.91
N GLU A 63 6.61 18.79 -11.01
CA GLU A 63 6.20 19.35 -12.29
C GLU A 63 5.83 20.82 -12.13
N SER A 64 6.47 21.49 -11.19
CA SER A 64 6.21 22.90 -10.92
C SER A 64 7.05 23.40 -9.75
N GLU A 65 6.86 24.67 -9.39
CA GLU A 65 7.60 25.27 -8.27
C GLU A 65 6.78 26.41 -7.65
N ASP A 66 7.05 26.71 -6.38
CA ASP A 66 6.33 27.77 -5.67
C ASP A 66 7.31 28.62 -4.87
N ASP A 67 7.05 28.80 -3.57
CA ASP A 67 7.91 29.60 -2.72
C ASP A 67 7.65 29.31 -1.25
N SER A 68 8.72 29.17 -0.47
CA SER A 68 8.61 28.90 0.95
C SER A 68 7.70 27.69 1.20
N THR A 69 8.15 26.52 0.75
CA THR A 69 7.39 25.29 0.92
C THR A 69 7.56 24.75 2.34
N SER A 70 8.55 25.26 3.05
CA SER A 70 8.82 24.82 4.42
C SER A 70 7.82 25.42 5.39
N VAL A 71 6.54 25.32 5.06
CA VAL A 71 5.49 25.85 5.93
C VAL A 71 5.67 25.31 7.35
N GLU A 72 5.89 24.01 7.47
CA GLU A 72 6.08 23.37 8.78
C GLU A 72 7.03 22.18 8.63
N ASP A 73 6.95 21.51 7.49
CA ASP A 73 7.81 20.36 7.20
C ASP A 73 7.40 19.17 8.07
N VAL A 74 6.10 18.89 8.11
CA VAL A 74 5.57 17.77 8.90
C VAL A 74 4.36 17.15 8.20
N ASP A 75 4.49 16.92 6.90
CA ASP A 75 3.41 16.33 6.12
C ASP A 75 3.95 15.70 4.84
N PRO A 76 4.74 14.62 4.97
CA PRO A 76 5.31 13.92 3.80
C PRO A 76 4.25 13.57 2.75
N PRO A 77 4.65 13.35 1.48
CA PRO A 77 3.72 13.01 0.40
C PRO A 77 3.31 11.53 0.46
N THR A 78 2.28 11.17 -0.31
CA THR A 78 1.78 9.79 -0.35
C THR A 78 1.89 9.21 -1.77
N THR A 79 2.45 8.00 -1.89
CA THR A 79 2.59 7.34 -3.18
C THR A 79 1.30 6.55 -3.42
N TYR A 80 0.66 6.78 -4.57
CA TYR A 80 -0.63 6.12 -4.86
C TYR A 80 -0.71 5.60 -6.29
N TYR A 81 -0.64 4.27 -6.47
CA TYR A 81 -0.80 3.66 -7.80
C TYR A 81 -2.16 2.99 -7.87
N SER A 82 -2.46 2.37 -9.01
CA SER A 82 -3.74 1.70 -9.18
C SER A 82 -3.60 0.57 -10.18
N ILE A 83 -2.99 -0.53 -9.74
CA ILE A 83 -2.78 -1.68 -10.59
C ILE A 83 -4.11 -2.40 -10.86
N ILE A 84 -4.48 -2.47 -12.14
CA ILE A 84 -5.72 -3.12 -12.55
C ILE A 84 -5.40 -4.51 -13.11
N GLY A 85 -6.30 -5.46 -12.87
CA GLY A 85 -6.10 -6.82 -13.35
C GLY A 85 -6.91 -7.83 -12.54
N GLY A 86 -7.03 -9.04 -13.06
CA GLY A 86 -7.77 -10.08 -12.37
C GLY A 86 -9.21 -9.66 -12.13
N GLY A 87 -9.69 -8.72 -12.93
CA GLY A 87 -11.05 -8.23 -12.79
C GLY A 87 -11.21 -7.39 -11.54
N LEU A 88 -10.08 -6.98 -10.95
CA LEU A 88 -10.09 -6.16 -9.73
C LEU A 88 -9.10 -5.00 -9.86
N ARG A 89 -9.34 -3.96 -9.07
CA ARG A 89 -8.48 -2.77 -9.07
C ARG A 89 -7.96 -2.53 -7.65
N MET A 90 -6.65 -2.65 -7.47
CA MET A 90 -6.04 -2.46 -6.15
C MET A 90 -5.39 -1.09 -6.06
N ASN A 91 -5.81 -0.33 -5.06
CA ASN A 91 -5.29 1.02 -4.82
C ASN A 91 -4.57 1.08 -3.48
N PHE A 92 -3.27 1.42 -3.52
CA PHE A 92 -2.45 1.53 -2.29
C PHE A 92 -2.16 2.99 -1.99
N GLY A 93 -1.62 3.27 -0.80
CA GLY A 93 -1.30 4.64 -0.42
C GLY A 93 -0.25 4.71 0.68
N PHE A 94 1.02 4.51 0.30
CA PHE A 94 2.12 4.53 1.28
C PHE A 94 2.56 5.98 1.57
N THR A 95 2.94 6.23 2.82
CA THR A 95 3.39 7.55 3.25
C THR A 95 4.56 7.45 4.23
N LYS A 96 5.68 8.07 3.87
CA LYS A 96 6.86 8.08 4.73
C LYS A 96 7.46 6.67 4.85
N CYS A 97 7.37 5.88 3.78
CA CYS A 97 7.91 4.51 3.78
C CYS A 97 8.73 4.29 2.49
N PRO A 98 9.86 3.53 2.54
CA PRO A 98 10.70 3.29 1.36
C PRO A 98 9.90 3.21 0.06
N GLN A 99 10.48 3.71 -1.02
CA GLN A 99 9.80 3.71 -2.30
C GLN A 99 9.65 2.30 -2.86
N ILE A 100 8.65 2.11 -3.71
CA ILE A 100 8.40 0.82 -4.34
C ILE A 100 9.09 0.77 -5.69
N LYS A 101 9.60 -0.41 -6.07
CA LYS A 101 10.30 -0.56 -7.34
C LYS A 101 9.98 -1.92 -7.96
N SER A 102 9.45 -2.83 -7.14
CA SER A 102 9.10 -4.18 -7.60
C SER A 102 7.58 -4.36 -7.56
N ILE A 103 6.99 -4.60 -8.73
CA ILE A 103 5.55 -4.81 -8.84
C ILE A 103 5.26 -6.00 -9.74
N SER A 104 4.43 -6.93 -9.25
CA SER A 104 4.08 -8.13 -10.01
C SER A 104 2.63 -8.52 -9.79
N GLU A 105 2.21 -9.59 -10.46
CA GLU A 105 0.83 -10.06 -10.33
C GLU A 105 0.70 -11.49 -10.86
N SER A 106 -0.29 -12.21 -10.35
CA SER A 106 -0.54 -13.59 -10.77
C SER A 106 -1.98 -13.99 -10.49
N ALA A 107 -2.49 -14.94 -11.29
CA ALA A 107 -3.87 -15.42 -11.13
C ALA A 107 -3.89 -16.94 -11.08
N ASP A 108 -4.47 -17.48 -10.00
CA ASP A 108 -4.57 -18.93 -9.82
C ASP A 108 -5.96 -19.30 -9.34
N GLY A 109 -6.75 -19.90 -10.22
CA GLY A 109 -8.10 -20.31 -9.89
C GLY A 109 -9.04 -19.12 -9.88
N ASN A 110 -9.73 -18.91 -8.75
CA ASN A 110 -10.68 -17.80 -8.61
C ASN A 110 -10.09 -16.72 -7.71
N THR A 111 -8.76 -16.63 -7.66
CA THR A 111 -8.08 -15.64 -6.83
C THR A 111 -6.98 -14.92 -7.62
N VAL A 112 -6.58 -13.75 -7.13
CA VAL A 112 -5.53 -12.97 -7.77
C VAL A 112 -4.56 -12.45 -6.71
N ASN A 113 -3.27 -12.56 -6.99
CA ASN A 113 -2.22 -12.13 -6.04
C ASN A 113 -1.43 -10.96 -6.63
N ALA A 114 -0.85 -10.16 -5.74
CA ALA A 114 -0.04 -9.01 -6.16
C ALA A 114 0.96 -8.66 -5.07
N ARG A 115 2.24 -8.54 -5.46
CA ARG A 115 3.31 -8.23 -4.52
C ARG A 115 3.82 -6.80 -4.72
N LEU A 116 3.75 -6.01 -3.65
CA LEU A 116 4.23 -4.62 -3.66
C LEU A 116 5.45 -4.56 -2.74
N SER A 117 6.63 -4.28 -3.28
CA SER A 117 7.83 -4.26 -2.44
C SER A 117 8.96 -3.44 -3.04
N SER A 118 10.00 -3.20 -2.23
CA SER A 118 11.17 -2.46 -2.66
C SER A 118 12.24 -3.42 -3.14
N VAL A 119 13.24 -2.89 -3.82
CA VAL A 119 14.34 -3.71 -4.35
C VAL A 119 15.50 -3.80 -3.37
N SER A 120 16.22 -4.91 -3.41
CA SER A 120 17.38 -5.12 -2.54
C SER A 120 18.67 -4.83 -3.31
N PRO A 121 19.76 -4.38 -2.63
CA PRO A 121 21.03 -4.08 -3.29
C PRO A 121 21.38 -5.10 -4.39
N GLY A 122 22.32 -4.74 -5.25
CA GLY A 122 22.74 -5.62 -6.33
C GLY A 122 21.56 -6.16 -7.12
N GLN A 123 20.95 -5.30 -7.93
CA GLN A 123 19.81 -5.70 -8.75
C GLN A 123 19.74 -4.84 -10.00
N GLY A 124 20.25 -3.61 -9.90
CA GLY A 124 20.27 -2.68 -11.02
C GLY A 124 19.34 -1.50 -10.79
N LYS A 125 18.88 -1.34 -9.55
CA LYS A 125 17.99 -0.23 -9.20
C LYS A 125 18.44 0.42 -7.89
N ASP A 126 18.08 1.69 -7.70
CA ASP A 126 18.46 2.42 -6.51
C ASP A 126 18.00 1.71 -5.24
N SER A 127 18.76 1.91 -4.16
CA SER A 127 18.44 1.31 -2.87
C SER A 127 19.00 2.19 -1.73
N PRO A 128 18.44 3.40 -1.57
CA PRO A 128 18.90 4.36 -0.55
C PRO A 128 19.01 3.74 0.85
N ALA A 129 20.17 3.96 1.49
CA ALA A 129 20.40 3.46 2.85
C ALA A 129 20.11 4.54 3.86
N ILE A 130 19.84 4.15 5.11
CA ILE A 130 19.54 5.12 6.17
C ILE A 130 20.09 4.65 7.51
N THR A 131 20.24 5.59 8.45
CA THR A 131 20.75 5.27 9.77
C THR A 131 19.70 4.58 10.62
N HIS A 132 20.09 4.22 11.85
CA HIS A 132 19.18 3.55 12.76
C HIS A 132 18.08 4.51 13.22
N GLU A 133 18.44 5.77 13.40
CA GLU A 133 17.47 6.77 13.85
C GLU A 133 16.38 6.97 12.82
N GLU A 134 16.76 7.34 11.60
CA GLU A 134 15.79 7.55 10.54
C GLU A 134 14.96 6.30 10.33
N ALA A 135 15.57 5.14 10.59
CA ALA A 135 14.88 3.88 10.43
C ALA A 135 13.79 3.75 11.50
N LEU A 136 14.19 3.85 12.75
CA LEU A 136 13.25 3.76 13.86
C LEU A 136 12.12 4.76 13.67
N ALA A 137 12.45 5.90 13.06
CA ALA A 137 11.45 6.95 12.83
C ALA A 137 10.48 6.52 11.73
N MET A 138 11.03 6.11 10.58
CA MET A 138 10.20 5.67 9.47
C MET A 138 9.30 4.52 9.90
N ILE A 139 9.90 3.49 10.48
CA ILE A 139 9.16 2.32 10.92
C ILE A 139 7.90 2.71 11.69
N LYS A 140 7.87 3.93 12.23
CA LYS A 140 6.71 4.41 12.99
C LYS A 140 5.71 5.14 12.10
N ASP A 141 6.21 5.97 11.18
CA ASP A 141 5.34 6.74 10.29
C ASP A 141 4.77 5.87 9.17
N CYS A 142 5.53 4.86 8.74
CA CYS A 142 5.10 3.98 7.66
C CYS A 142 3.62 3.62 7.79
N GLU A 143 2.80 4.13 6.87
CA GLU A 143 1.36 3.87 6.86
C GLU A 143 0.87 3.65 5.43
N VAL A 144 0.36 2.44 5.17
CA VAL A 144 -0.14 2.08 3.83
C VAL A 144 -1.63 1.76 3.88
N SER A 145 -2.39 2.42 3.02
CA SER A 145 -3.84 2.20 2.96
C SER A 145 -4.16 1.31 1.77
N ILE A 146 -5.36 0.73 1.76
CA ILE A 146 -5.77 -0.17 0.68
C ILE A 146 -7.26 -0.03 0.40
N ASP A 147 -7.60 0.00 -0.89
CA ASP A 147 -9.00 0.14 -1.31
C ASP A 147 -9.22 -0.62 -2.62
N ILE A 148 -9.59 -1.90 -2.51
CA ILE A 148 -9.81 -2.73 -3.68
C ILE A 148 -11.22 -2.52 -4.23
N ARG A 149 -11.34 -2.49 -5.56
CA ARG A 149 -12.64 -2.29 -6.21
C ARG A 149 -12.82 -3.31 -7.34
N CYS A 150 -14.04 -3.36 -7.90
CA CYS A 150 -14.35 -4.28 -8.99
C CYS A 150 -14.09 -3.63 -10.34
N SER A 151 -13.29 -4.29 -11.18
CA SER A 151 -12.96 -3.77 -12.51
C SER A 151 -13.41 -4.73 -13.60
N GLU A 152 -14.05 -4.18 -14.63
CA GLU A 152 -14.55 -4.99 -15.75
C GLU A 152 -13.61 -4.89 -16.95
N GLU A 153 -12.37 -4.51 -16.68
CA GLU A 153 -11.37 -4.38 -17.75
C GLU A 153 -11.35 -5.65 -18.60
N GLU A 154 -10.85 -5.52 -19.83
CA GLU A 154 -10.78 -6.68 -20.74
C GLU A 154 -9.52 -6.61 -21.62
N LYS A 155 -8.71 -5.57 -21.44
CA LYS A 155 -7.49 -5.43 -22.23
C LYS A 155 -6.53 -6.58 -21.93
N ASP A 156 -5.45 -6.67 -22.71
CA ASP A 156 -4.46 -7.72 -22.52
C ASP A 156 -3.54 -7.38 -21.35
N SER A 157 -2.67 -8.33 -20.99
CA SER A 157 -1.73 -8.14 -19.89
C SER A 157 -0.41 -7.57 -20.41
N ASP A 158 0.22 -6.70 -19.60
CA ASP A 158 1.50 -6.09 -19.96
C ASP A 158 2.56 -6.44 -18.92
N ILE A 159 3.26 -7.56 -19.15
CA ILE A 159 4.30 -8.02 -18.22
C ILE A 159 5.64 -8.11 -18.96
N LYS A 160 6.72 -8.36 -18.19
CA LYS A 160 8.06 -8.48 -18.76
C LYS A 160 8.68 -9.82 -18.37
N THR A 161 9.31 -10.47 -19.34
CA THR A 161 9.92 -11.78 -19.11
C THR A 161 11.07 -11.66 -18.09
N HIS A 162 11.31 -10.45 -17.60
CA HIS A 162 12.37 -10.23 -16.61
C HIS A 162 11.90 -10.66 -15.22
N PRO A 163 12.57 -11.65 -14.56
CA PRO A 163 12.16 -12.09 -13.22
C PRO A 163 11.76 -10.93 -12.31
N VAL A 164 10.96 -11.23 -11.29
CA VAL A 164 10.50 -10.20 -10.36
C VAL A 164 11.59 -9.87 -9.34
N LEU A 165 11.79 -8.58 -9.10
CA LEU A 165 12.81 -8.13 -8.16
C LEU A 165 12.30 -8.29 -6.72
N GLY A 166 13.02 -9.09 -5.93
CA GLY A 166 12.66 -9.33 -4.54
C GLY A 166 13.41 -8.42 -3.59
N SER A 167 12.91 -8.28 -2.36
CA SER A 167 13.56 -7.44 -1.34
C SER A 167 14.41 -8.30 -0.43
N ASN A 168 14.50 -9.59 -0.76
CA ASN A 168 15.30 -10.52 0.03
C ASN A 168 14.80 -10.63 1.46
N ILE A 169 13.76 -9.87 1.82
CA ILE A 169 13.21 -9.92 3.18
C ILE A 169 12.13 -11.00 3.24
N SER A 170 12.18 -11.84 4.29
CA SER A 170 11.19 -12.91 4.42
C SER A 170 9.89 -12.34 4.98
N HIS A 171 8.92 -13.23 5.23
CA HIS A 171 7.61 -12.82 5.76
C HIS A 171 7.31 -13.60 7.04
N LYS A 172 8.38 -14.09 7.69
CA LYS A 172 8.23 -14.85 8.92
C LYS A 172 7.55 -14.01 10.00
N LYS A 173 7.53 -14.53 11.22
CA LYS A 173 6.91 -13.84 12.35
C LYS A 173 7.93 -13.01 13.12
N VAL A 174 7.66 -11.71 13.24
CA VAL A 174 8.57 -10.79 13.96
C VAL A 174 7.76 -9.70 14.66
N SER A 175 8.44 -8.75 15.30
CA SER A 175 7.78 -7.66 16.02
C SER A 175 6.54 -7.17 15.26
N TYR A 176 5.50 -6.80 16.00
CA TYR A 176 4.25 -6.33 15.40
C TYR A 176 4.12 -4.81 15.52
N GLU A 177 3.61 -4.18 14.47
CA GLU A 177 3.43 -2.73 14.46
C GLU A 177 2.26 -2.34 13.57
N ASP A 178 1.52 -1.30 13.97
CA ASP A 178 0.38 -0.85 13.18
C ASP A 178 0.83 -0.11 11.93
N ILE A 179 1.03 -0.85 10.84
CA ILE A 179 1.47 -0.25 9.58
C ILE A 179 0.27 -0.11 8.62
N ILE A 180 -0.56 -1.16 8.57
CA ILE A 180 -1.73 -1.14 7.70
C ILE A 180 -2.69 -0.04 8.15
N GLY A 181 -3.03 0.86 7.22
CA GLY A 181 -3.93 1.96 7.53
C GLY A 181 -5.37 1.62 7.28
N SER A 182 -6.06 2.47 6.52
CA SER A 182 -7.47 2.26 6.22
C SER A 182 -7.68 1.13 5.23
N THR A 183 -8.81 0.42 5.35
CA THR A 183 -9.14 -0.68 4.46
C THR A 183 -10.55 -0.51 3.92
N ILE A 184 -10.71 -0.69 2.61
CA ILE A 184 -12.02 -0.57 1.95
C ILE A 184 -12.16 -1.70 0.93
N VAL A 185 -13.27 -2.44 1.01
CA VAL A 185 -13.48 -3.57 0.11
C VAL A 185 -14.96 -3.72 -0.28
N ASP A 186 -15.22 -3.73 -1.59
CA ASP A 186 -16.58 -3.90 -2.11
C ASP A 186 -16.84 -5.39 -2.29
N THR A 187 -17.51 -6.00 -1.31
CA THR A 187 -17.81 -7.43 -1.35
C THR A 187 -18.32 -7.85 -2.72
N LYS A 188 -18.95 -6.92 -3.42
CA LYS A 188 -19.51 -7.21 -4.73
C LYS A 188 -18.52 -8.00 -5.61
N CYS A 189 -17.22 -7.96 -5.29
CA CYS A 189 -16.23 -8.68 -6.10
C CYS A 189 -15.06 -9.21 -5.27
N VAL A 190 -15.20 -9.27 -3.95
CA VAL A 190 -14.11 -9.77 -3.10
C VAL A 190 -14.65 -10.47 -1.86
N LYS A 191 -14.50 -11.79 -1.84
CA LYS A 191 -14.97 -12.61 -0.74
C LYS A 191 -13.98 -12.56 0.43
N ASN A 192 -12.72 -12.92 0.14
CA ASN A 192 -11.67 -12.92 1.17
C ASN A 192 -10.67 -11.80 0.91
N LEU A 193 -9.79 -11.56 1.89
CA LEU A 193 -8.77 -10.51 1.75
C LEU A 193 -7.75 -10.65 2.89
N GLU A 194 -6.56 -11.14 2.55
CA GLU A 194 -5.49 -11.31 3.54
C GLU A 194 -4.40 -10.27 3.30
N PHE A 195 -4.00 -9.57 4.35
CA PHE A 195 -2.96 -8.53 4.25
C PHE A 195 -1.72 -8.94 5.04
N SER A 196 -0.55 -8.65 4.47
CA SER A 196 0.72 -8.96 5.12
C SER A 196 1.72 -7.85 4.82
N VAL A 197 2.29 -7.25 5.87
CA VAL A 197 3.28 -6.18 5.71
C VAL A 197 4.54 -6.54 6.49
N ARG A 198 5.70 -6.08 6.02
CA ARG A 198 6.94 -6.38 6.71
C ARG A 198 8.09 -5.50 6.22
N ILE A 199 8.51 -4.58 7.10
CA ILE A 199 9.61 -3.66 6.81
C ILE A 199 10.86 -4.12 7.57
N GLY A 200 12.03 -3.87 7.00
CA GLY A 200 13.26 -4.26 7.65
C GLY A 200 14.49 -4.03 6.79
N ASP A 201 15.59 -4.67 7.14
CA ASP A 201 16.84 -4.54 6.39
C ASP A 201 16.90 -5.58 5.27
N MET A 202 17.01 -5.10 4.04
CA MET A 202 17.07 -5.99 2.88
C MET A 202 18.47 -6.58 2.72
N CYS A 203 19.36 -6.23 3.64
CA CYS A 203 20.74 -6.74 3.62
C CYS A 203 20.89 -7.89 4.59
N LYS A 204 20.39 -7.68 5.81
CA LYS A 204 20.46 -8.69 6.85
C LYS A 204 19.56 -8.29 8.02
N GLU A 205 18.68 -9.20 8.42
CA GLU A 205 17.76 -8.93 9.52
C GLU A 205 18.49 -8.25 10.69
N SER A 206 17.77 -7.39 11.42
CA SER A 206 18.37 -6.67 12.54
C SER A 206 17.41 -6.65 13.74
N SER A 207 16.37 -7.48 13.67
CA SER A 207 15.40 -7.57 14.76
C SER A 207 14.74 -6.21 15.04
N GLU A 208 15.47 -5.33 15.70
CA GLU A 208 14.95 -4.01 16.04
C GLU A 208 14.24 -3.36 14.85
N LEU A 209 14.94 -3.26 13.73
CA LEU A 209 14.37 -2.63 12.53
C LEU A 209 13.38 -3.55 11.81
N GLU A 210 13.21 -4.76 12.34
CA GLU A 210 12.28 -5.73 11.73
C GLU A 210 10.91 -5.65 12.40
N VAL A 211 9.86 -5.64 11.57
CA VAL A 211 8.48 -5.57 12.09
C VAL A 211 7.51 -6.19 11.09
N LYS A 212 6.22 -6.18 11.42
CA LYS A 212 5.21 -6.72 10.52
C LYS A 212 3.80 -6.41 10.99
N ASP A 213 2.85 -6.64 10.09
CA ASP A 213 1.43 -6.42 10.37
C ASP A 213 0.61 -7.31 9.46
N GLY A 214 -0.69 -7.43 9.71
CA GLY A 214 -1.52 -8.26 8.88
C GLY A 214 -2.92 -8.43 9.43
N PHE A 215 -3.81 -8.97 8.59
CA PHE A 215 -5.19 -9.21 8.96
C PHE A 215 -5.73 -10.37 8.13
N LYS A 216 -6.89 -10.90 8.51
CA LYS A 216 -7.51 -12.01 7.80
C LYS A 216 -8.99 -11.72 7.57
N TYR A 217 -9.34 -11.36 6.34
CA TYR A 217 -10.72 -11.05 5.98
C TYR A 217 -11.35 -12.25 5.26
N VAL A 218 -12.40 -12.81 5.84
CA VAL A 218 -13.07 -13.97 5.23
C VAL A 218 -14.60 -13.84 5.38
N ASP A 219 -15.26 -13.63 4.26
CA ASP A 219 -16.71 -13.50 4.24
C ASP A 219 -17.19 -12.43 5.22
N GLY A 220 -16.56 -11.27 5.20
CA GLY A 220 -16.95 -10.17 6.08
C GLY A 220 -16.37 -10.28 7.48
N SER A 221 -15.69 -11.39 7.77
CA SER A 221 -15.09 -11.59 9.09
C SER A 221 -13.61 -11.20 9.09
N ALA A 222 -13.27 -10.18 9.87
CA ALA A 222 -11.88 -9.70 9.97
C ALA A 222 -11.26 -10.16 11.28
N SER A 223 -9.94 -10.31 11.30
CA SER A 223 -9.26 -10.75 12.52
C SER A 223 -7.75 -10.55 12.40
N LYS A 224 -7.16 -9.92 13.41
CA LYS A 224 -5.72 -9.68 13.43
C LYS A 224 -5.04 -10.93 13.98
N GLY A 225 -3.88 -11.27 13.43
CA GLY A 225 -3.17 -12.44 13.88
C GLY A 225 -1.80 -12.58 13.25
N ALA A 226 -0.77 -12.51 14.09
CA ALA A 226 0.60 -12.64 13.60
C ALA A 226 0.88 -14.10 13.24
N THR A 227 1.05 -14.37 11.95
CA THR A 227 1.33 -15.72 11.46
C THR A 227 2.36 -15.70 10.33
N ASP A 228 3.09 -16.80 10.19
CA ASP A 228 4.10 -16.90 9.14
C ASP A 228 3.46 -16.81 7.77
N ASP A 229 3.45 -15.60 7.20
CA ASP A 229 2.87 -15.37 5.87
C ASP A 229 3.91 -15.64 4.78
N THR A 230 4.83 -16.55 5.06
CA THR A 230 5.87 -16.87 4.09
C THR A 230 5.30 -17.66 2.91
N SER A 231 4.36 -18.57 3.22
CA SER A 231 3.73 -19.39 2.18
C SER A 231 2.39 -18.80 1.76
N LEU A 232 2.05 -17.64 2.32
CA LEU A 232 0.79 -16.98 1.98
C LEU A 232 0.55 -17.00 0.46
N ILE A 233 1.62 -16.76 -0.30
CA ILE A 233 1.54 -16.76 -1.77
C ILE A 233 2.79 -17.41 -2.35
N ASP A 234 2.61 -18.10 -3.49
CA ASP A 234 3.74 -18.74 -4.15
C ASP A 234 4.54 -17.69 -4.92
N SER A 235 5.57 -17.16 -4.27
CA SER A 235 6.40 -16.12 -4.88
C SER A 235 7.00 -16.61 -6.20
N THR A 236 6.81 -17.88 -6.52
CA THR A 236 7.36 -18.45 -7.75
C THR A 236 6.41 -18.24 -8.93
N LYS A 237 5.15 -17.93 -8.65
CA LYS A 237 4.15 -17.71 -9.71
C LYS A 237 3.95 -16.22 -9.99
N LEU A 238 4.80 -15.38 -9.38
CA LEU A 238 4.69 -13.93 -9.60
C LEU A 238 5.31 -13.54 -10.92
N LYS A 239 4.71 -12.54 -11.57
CA LYS A 239 5.19 -12.03 -12.85
C LYS A 239 5.24 -10.50 -12.82
N ALA A 240 6.35 -9.93 -13.28
CA ALA A 240 6.49 -8.48 -13.29
C ALA A 240 5.33 -7.86 -14.07
N CYS A 241 5.03 -6.59 -13.77
CA CYS A 241 3.94 -5.87 -14.44
C CYS A 241 4.41 -4.56 -15.06
N VAL A 242 5.64 -4.16 -14.73
CA VAL A 242 6.18 -2.91 -15.27
C VAL A 242 5.23 -1.76 -15.00
N ALA B 1 -40.45 1.22 -8.60
CA ALA B 1 -39.14 1.48 -8.03
C ALA B 1 -38.91 0.61 -6.79
N PRO B 2 -39.06 -0.72 -6.93
CA PRO B 2 -38.87 -1.67 -5.82
C PRO B 2 -37.40 -1.78 -5.42
N MET B 3 -37.10 -1.38 -4.19
CA MET B 3 -35.73 -1.44 -3.69
C MET B 3 -35.17 -2.85 -3.85
N GLY B 4 -33.84 -2.94 -3.93
CA GLY B 4 -33.19 -4.23 -4.08
C GLY B 4 -33.52 -5.17 -2.94
N SER B 5 -32.59 -6.07 -2.62
CA SER B 5 -32.79 -7.03 -1.53
C SER B 5 -31.45 -7.42 -0.92
N ASP B 6 -31.29 -7.15 0.36
CA ASP B 6 -30.06 -7.49 1.08
C ASP B 6 -28.80 -7.22 0.24
N PRO B 7 -28.47 -5.94 0.02
CA PRO B 7 -27.28 -5.55 -0.73
C PRO B 7 -26.05 -5.45 0.18
N PRO B 8 -24.83 -5.56 -0.37
CA PRO B 8 -23.57 -5.47 0.40
C PRO B 8 -23.60 -4.46 1.58
N THR B 9 -22.76 -3.44 1.49
CA THR B 9 -22.68 -2.41 2.55
C THR B 9 -21.52 -1.48 2.25
N ALA B 10 -20.31 -1.97 2.47
CA ALA B 10 -19.08 -1.20 2.22
C ALA B 10 -18.82 -0.23 3.38
N CYS B 11 -18.57 -0.81 4.57
CA CYS B 11 -18.28 -0.01 5.77
C CYS B 11 -16.80 -0.11 6.12
N CYS B 12 -16.34 0.83 6.93
CA CYS B 12 -14.94 0.87 7.34
C CYS B 12 -14.57 -0.37 8.16
N PHE B 13 -13.42 -0.96 7.85
CA PHE B 13 -12.91 -2.12 8.58
C PHE B 13 -11.65 -1.74 9.32
N SER B 14 -10.96 -0.73 8.78
CA SER B 14 -9.72 -0.24 9.39
C SER B 14 -9.55 1.24 9.10
N TYR B 15 -8.82 1.93 9.98
CA TYR B 15 -8.58 3.38 9.83
C TYR B 15 -7.12 3.66 9.50
N THR B 16 -6.86 4.80 8.86
CA THR B 16 -5.49 5.18 8.51
C THR B 16 -4.78 5.73 9.75
N ALA B 17 -3.52 5.33 9.95
CA ALA B 17 -2.76 5.77 11.11
C ALA B 17 -2.22 7.18 10.90
N ARG B 18 -2.00 7.55 9.65
CA ARG B 18 -1.46 8.87 9.32
C ARG B 18 -2.58 9.88 9.06
N LYS B 19 -2.52 11.01 9.76
CA LYS B 19 -3.52 12.06 9.60
C LYS B 19 -3.23 12.85 8.32
N LEU B 20 -4.15 12.79 7.37
CA LEU B 20 -3.97 13.49 6.10
C LEU B 20 -3.92 15.01 6.33
N PRO B 21 -3.03 15.76 5.63
CA PRO B 21 -2.94 17.22 5.80
C PRO B 21 -4.10 17.93 5.11
N ARG B 22 -4.53 19.05 5.68
CA ARG B 22 -5.63 19.82 5.12
C ARG B 22 -5.52 19.97 3.60
N ASN B 23 -4.35 20.38 3.13
CA ASN B 23 -4.13 20.58 1.69
C ASN B 23 -4.11 19.26 0.91
N PHE B 24 -4.84 18.28 1.40
CA PHE B 24 -4.92 16.97 0.74
C PHE B 24 -6.23 16.29 1.13
N VAL B 25 -7.26 17.11 1.34
CA VAL B 25 -8.60 16.65 1.71
C VAL B 25 -9.63 17.71 1.28
N VAL B 26 -10.26 17.51 0.11
CA VAL B 26 -11.21 18.49 -0.43
C VAL B 26 -12.68 18.14 -0.09
N ASP B 27 -12.94 16.96 0.47
CA ASP B 27 -14.32 16.58 0.79
C ASP B 27 -14.35 15.37 1.70
N TYR B 28 -15.56 14.92 2.04
CA TYR B 28 -15.72 13.77 2.93
C TYR B 28 -17.09 13.11 2.76
N TYR B 29 -17.20 11.87 3.26
CA TYR B 29 -18.45 11.11 3.18
C TYR B 29 -18.50 10.08 4.29
N GLU B 30 -19.68 9.87 4.88
CA GLU B 30 -19.83 8.91 5.98
C GLU B 30 -20.18 7.52 5.45
N THR B 31 -19.62 6.50 6.10
CA THR B 31 -19.86 5.12 5.70
C THR B 31 -21.36 4.82 5.57
N SER B 32 -21.90 4.05 6.51
CA SER B 32 -23.32 3.69 6.50
C SER B 32 -23.81 3.38 7.91
N SER B 33 -25.02 2.79 7.98
CA SER B 33 -25.63 2.44 9.27
C SER B 33 -25.82 0.92 9.37
N LEU B 34 -26.03 0.28 8.23
CA LEU B 34 -26.23 -1.16 8.17
C LEU B 34 -25.14 -1.88 8.96
N CYS B 35 -24.08 -1.14 9.31
CA CYS B 35 -22.95 -1.70 10.06
C CYS B 35 -22.91 -1.11 11.47
N SER B 36 -22.87 -1.97 12.47
CA SER B 36 -22.85 -1.52 13.86
C SER B 36 -21.45 -1.01 14.25
N GLN B 37 -20.78 -0.37 13.29
CA GLN B 37 -19.44 0.15 13.54
C GLN B 37 -19.08 1.14 12.43
N PRO B 38 -19.88 2.22 12.27
CA PRO B 38 -19.66 3.23 11.22
C PRO B 38 -18.29 3.93 11.34
N ALA B 39 -18.16 5.05 10.63
CA ALA B 39 -16.92 5.83 10.64
C ALA B 39 -17.04 7.01 9.68
N VAL B 40 -16.00 7.84 9.63
CA VAL B 40 -15.97 9.01 8.74
C VAL B 40 -14.88 8.81 7.69
N VAL B 41 -15.26 8.97 6.43
CA VAL B 41 -14.33 8.80 5.30
C VAL B 41 -13.99 10.14 4.67
N PHE B 42 -12.71 10.36 4.40
CA PHE B 42 -12.25 11.61 3.79
C PHE B 42 -11.89 11.41 2.32
N GLN B 43 -12.04 12.48 1.54
CA GLN B 43 -11.69 12.47 0.13
C GLN B 43 -10.25 12.96 0.02
N THR B 44 -9.59 12.76 -1.11
CA THR B 44 -8.20 13.19 -1.27
C THR B 44 -7.96 13.85 -2.62
N ALA B 45 -6.69 14.06 -2.94
CA ALA B 45 -6.28 14.68 -4.20
C ALA B 45 -5.61 13.65 -5.11
N ALA B 46 -4.75 12.81 -4.52
CA ALA B 46 -4.02 11.78 -5.28
C ALA B 46 -4.30 10.38 -4.72
N SER B 47 -5.58 10.05 -4.49
CA SER B 47 -5.91 8.72 -3.96
C SER B 47 -7.37 8.34 -4.25
N ALA B 48 -8.29 8.86 -3.44
CA ALA B 48 -9.73 8.58 -3.60
C ALA B 48 -10.46 8.79 -2.27
N GLN B 49 -10.55 7.72 -1.48
CA GLN B 49 -11.21 7.77 -0.18
C GLN B 49 -10.41 7.01 0.87
N VAL B 50 -10.53 7.43 2.14
CA VAL B 50 -9.80 6.80 3.25
C VAL B 50 -10.61 6.92 4.54
N CYS B 51 -10.88 5.77 5.16
CA CYS B 51 -11.63 5.73 6.40
C CYS B 51 -10.85 6.43 7.52
N ALA B 52 -11.56 6.84 8.57
CA ALA B 52 -10.92 7.52 9.70
C ALA B 52 -11.74 7.31 10.97
N ASP B 53 -11.07 6.90 12.04
CA ASP B 53 -11.76 6.69 13.31
C ASP B 53 -12.25 8.02 13.87
N PRO B 54 -13.58 8.24 14.03
CA PRO B 54 -14.08 9.52 14.54
C PRO B 54 -13.76 9.71 16.02
N SER B 55 -13.09 8.73 16.61
CA SER B 55 -12.72 8.78 18.01
C SER B 55 -11.57 9.77 18.24
N GLU B 56 -10.89 10.15 17.16
CA GLU B 56 -9.76 11.09 17.24
C GLU B 56 -10.25 12.52 17.05
N SER B 57 -9.89 13.38 17.99
CA SER B 57 -10.31 14.79 17.96
C SER B 57 -10.10 15.46 16.60
N TRP B 58 -8.90 15.32 16.02
CA TRP B 58 -8.62 15.98 14.74
C TRP B 58 -9.63 15.59 13.65
N VAL B 59 -10.24 14.42 13.80
CA VAL B 59 -11.21 13.96 12.81
C VAL B 59 -12.51 14.74 12.96
N GLN B 60 -12.86 15.03 14.20
CA GLN B 60 -14.08 15.79 14.48
C GLN B 60 -13.94 17.22 14.01
N GLU B 61 -12.75 17.79 14.17
CA GLU B 61 -12.50 19.16 13.75
C GLU B 61 -12.44 19.25 12.23
N TYR B 62 -11.92 18.20 11.61
CA TYR B 62 -11.81 18.14 10.16
C TYR B 62 -13.20 18.17 9.55
N VAL B 63 -14.15 17.52 10.22
CA VAL B 63 -15.52 17.48 9.73
C VAL B 63 -16.18 18.85 9.92
N TYR B 64 -15.97 19.43 11.10
CA TYR B 64 -16.56 20.74 11.40
C TYR B 64 -16.00 21.81 10.46
N ASP B 65 -14.78 21.60 9.98
CA ASP B 65 -14.15 22.57 9.08
C ASP B 65 -14.77 22.50 7.69
N LEU B 66 -15.06 21.29 7.23
CA LEU B 66 -15.66 21.10 5.92
C LEU B 66 -17.12 21.54 5.93
N GLU B 67 -17.76 21.41 7.09
CA GLU B 67 -19.16 21.80 7.22
C GLU B 67 -19.29 23.32 7.14
N LEU B 68 -18.27 24.01 7.64
CA LEU B 68 -18.27 25.47 7.62
C LEU B 68 -18.05 25.99 6.19
N ASN B 69 -16.81 25.90 5.73
CA ASN B 69 -16.45 26.35 4.37
C ASN B 69 -16.52 25.20 3.38
N MET A 1 21.46 -5.36 -21.37
CA MET A 1 22.80 -5.64 -20.87
C MET A 1 23.74 -4.47 -21.16
N PRO A 2 23.48 -3.31 -20.54
CA PRO A 2 24.31 -2.11 -20.74
C PRO A 2 25.59 -2.15 -19.90
N ALA A 3 26.41 -1.11 -20.04
CA ALA A 3 27.67 -1.05 -19.29
C ALA A 3 28.26 0.35 -19.38
N SER A 4 28.79 0.84 -18.26
CA SER A 4 29.38 2.17 -18.22
C SER A 4 30.20 2.36 -16.95
N LEU A 5 30.67 1.24 -16.38
CA LEU A 5 31.47 1.27 -15.16
C LEU A 5 30.69 1.94 -14.03
N GLN A 6 30.96 1.52 -12.80
CA GLN A 6 30.29 2.09 -11.63
C GLN A 6 30.96 1.62 -10.35
N GLN A 7 30.89 2.47 -9.32
CA GLN A 7 31.50 2.14 -8.03
C GLN A 7 30.68 1.08 -7.32
N SER A 8 31.36 0.17 -6.63
CA SER A 8 30.69 -0.89 -5.89
C SER A 8 30.03 -0.35 -4.62
N SER A 9 30.32 0.91 -4.31
CA SER A 9 29.74 1.54 -3.13
C SER A 9 28.28 1.89 -3.36
N SER A 10 27.90 2.07 -4.62
CA SER A 10 26.53 2.42 -4.96
C SER A 10 25.55 1.47 -4.29
N SER A 11 24.49 2.03 -3.70
CA SER A 11 23.49 1.22 -3.02
C SER A 11 22.89 0.19 -3.98
N SER A 12 22.85 0.54 -5.26
CA SER A 12 22.30 -0.35 -6.28
C SER A 12 23.26 -1.50 -6.56
N SER A 13 24.54 -1.26 -6.32
CA SER A 13 25.56 -2.28 -6.57
C SER A 13 25.52 -3.36 -5.49
N SER A 14 25.67 -2.96 -4.24
CA SER A 14 25.65 -3.90 -3.12
C SER A 14 25.31 -3.19 -1.81
N CYS A 15 25.19 -3.98 -0.74
CA CYS A 15 24.87 -3.43 0.57
C CYS A 15 25.96 -2.48 1.03
N THR A 16 25.61 -1.62 1.99
CA THR A 16 26.57 -0.66 2.54
C THR A 16 27.53 -1.38 3.48
N GLU A 17 28.64 -0.73 3.83
CA GLU A 17 29.65 -1.31 4.72
C GLU A 17 29.71 -0.52 6.03
N GLU A 18 28.85 0.47 6.17
CA GLU A 18 28.83 1.28 7.38
C GLU A 18 28.35 0.45 8.57
N GLU A 19 27.99 1.13 9.67
CA GLU A 19 27.52 0.45 10.88
C GLU A 19 26.07 0.83 11.16
N ASN A 20 25.87 2.04 11.67
CA ASN A 20 24.54 2.52 11.98
C ASN A 20 23.80 2.95 10.72
N LYS A 21 23.74 2.05 9.74
CA LYS A 21 23.06 2.36 8.47
C LYS A 21 22.59 1.06 7.81
N HIS A 22 21.33 1.05 7.38
CA HIS A 22 20.77 -0.16 6.74
C HIS A 22 19.87 0.21 5.57
N HIS A 23 19.56 -0.80 4.76
CA HIS A 23 18.69 -0.61 3.59
C HIS A 23 17.26 -1.02 3.93
N MET A 24 16.57 -0.16 4.67
CA MET A 24 15.19 -0.45 5.04
C MET A 24 14.29 -0.40 3.82
N GLY A 25 13.43 -1.40 3.69
CA GLY A 25 12.51 -1.49 2.56
C GLY A 25 11.13 -1.93 2.99
N ILE A 26 10.16 -1.79 2.09
CA ILE A 26 8.77 -2.18 2.35
C ILE A 26 8.43 -3.38 1.49
N ASP A 27 7.65 -4.32 2.02
CA ASP A 27 7.26 -5.50 1.28
C ASP A 27 5.88 -6.00 1.74
N VAL A 28 4.87 -5.76 0.90
CA VAL A 28 3.50 -6.16 1.21
C VAL A 28 2.92 -7.10 0.16
N ILE A 29 2.27 -8.16 0.63
CA ILE A 29 1.64 -9.14 -0.24
C ILE A 29 0.14 -9.08 -0.02
N ILE A 30 -0.63 -9.63 -0.94
CA ILE A 30 -2.09 -9.60 -0.80
C ILE A 30 -2.76 -10.61 -1.72
N LYS A 31 -3.70 -11.36 -1.15
CA LYS A 31 -4.47 -12.37 -1.88
C LYS A 31 -5.94 -12.02 -1.79
N VAL A 32 -6.65 -12.05 -2.92
CA VAL A 32 -8.08 -11.71 -2.94
C VAL A 32 -8.91 -12.84 -3.57
N THR A 33 -9.80 -13.42 -2.76
CA THR A 33 -10.67 -14.49 -3.24
C THR A 33 -11.87 -13.89 -3.97
N LYS A 34 -11.92 -14.12 -5.27
CA LYS A 34 -13.00 -13.59 -6.10
C LYS A 34 -14.32 -14.27 -5.75
N GLN A 35 -15.41 -13.53 -5.92
CA GLN A 35 -16.74 -14.08 -5.64
C GLN A 35 -16.98 -15.31 -6.51
N ASP A 36 -18.05 -16.04 -6.21
CA ASP A 36 -18.39 -17.25 -6.96
C ASP A 36 -19.34 -16.92 -8.11
N GLN A 37 -19.61 -15.63 -8.31
CA GLN A 37 -20.52 -15.18 -9.38
C GLN A 37 -19.80 -14.24 -10.34
N THR A 38 -18.87 -13.46 -9.81
CA THR A 38 -18.12 -12.52 -10.65
C THR A 38 -17.47 -13.25 -11.84
N PRO A 39 -17.81 -12.89 -13.10
CA PRO A 39 -17.23 -13.56 -14.29
C PRO A 39 -15.75 -13.87 -14.12
N THR A 40 -15.26 -14.84 -14.88
CA THR A 40 -13.85 -15.23 -14.81
C THR A 40 -12.98 -14.20 -15.51
N ASN A 41 -11.79 -13.97 -14.96
CA ASN A 41 -10.86 -13.00 -15.53
C ASN A 41 -9.43 -13.31 -15.09
N ASP A 42 -8.63 -13.83 -16.02
CA ASP A 42 -7.23 -14.18 -15.74
C ASP A 42 -6.30 -13.09 -16.28
N LYS A 43 -6.90 -12.09 -16.93
CA LYS A 43 -6.12 -11.00 -17.49
C LYS A 43 -5.44 -10.24 -16.35
N ILE A 44 -4.28 -10.76 -15.93
CA ILE A 44 -3.52 -10.15 -14.84
C ILE A 44 -2.52 -9.12 -15.36
N CYS A 45 -2.23 -8.12 -14.54
CA CYS A 45 -1.29 -7.07 -14.93
C CYS A 45 -1.73 -6.40 -16.22
N GLN A 46 -2.90 -5.78 -16.20
CA GLN A 46 -3.41 -5.08 -17.38
C GLN A 46 -2.70 -3.75 -17.53
N SER A 47 -2.48 -3.06 -16.40
CA SER A 47 -1.81 -1.76 -16.43
C SER A 47 -1.52 -1.27 -15.01
N VAL A 48 -0.61 -0.28 -14.92
CA VAL A 48 -0.23 0.30 -13.63
C VAL A 48 -0.12 1.82 -13.78
N THR A 49 -0.58 2.55 -12.76
CA THR A 49 -0.54 4.02 -12.79
C THR A 49 0.08 4.57 -11.52
N GLU A 50 1.32 5.04 -11.62
CA GLU A 50 2.03 5.60 -10.48
C GLU A 50 1.68 7.08 -10.30
N ILE A 51 1.29 7.45 -9.09
CA ILE A 51 0.92 8.83 -8.77
C ILE A 51 1.61 9.27 -7.49
N THR A 52 1.82 10.57 -7.34
CA THR A 52 2.47 11.12 -6.15
C THR A 52 2.00 12.54 -5.92
N GLU A 53 1.83 12.91 -4.66
CA GLU A 53 1.39 14.25 -4.33
C GLU A 53 2.27 15.26 -5.05
N SER A 54 1.97 16.54 -4.92
CA SER A 54 2.77 17.56 -5.56
C SER A 54 4.23 17.40 -5.14
N GLU A 55 4.39 17.09 -3.85
CA GLU A 55 5.70 16.86 -3.18
C GLU A 55 5.98 17.95 -2.14
N SER A 56 7.28 18.22 -1.92
CA SER A 56 7.72 19.24 -0.97
C SER A 56 8.88 20.05 -1.55
N ASP A 57 10.03 19.39 -1.74
CA ASP A 57 11.24 20.05 -2.28
C ASP A 57 11.81 19.37 -3.54
N PRO A 58 11.56 18.05 -3.79
CA PRO A 58 12.12 17.36 -4.97
C PRO A 58 12.14 18.23 -6.23
N ASP A 59 10.96 18.54 -6.79
CA ASP A 59 10.90 19.39 -8.00
C ASP A 59 9.49 19.42 -8.61
N PRO A 60 8.98 18.27 -9.12
CA PRO A 60 7.67 18.17 -9.79
C PRO A 60 6.67 19.27 -9.37
N GLU A 61 5.68 18.92 -8.55
CA GLU A 61 4.69 19.90 -8.12
C GLU A 61 4.10 20.63 -9.33
N VAL A 62 3.10 20.03 -9.96
CA VAL A 62 2.46 20.63 -11.12
C VAL A 62 1.43 21.67 -10.65
N GLU A 63 1.46 21.96 -9.35
CA GLU A 63 0.54 22.93 -8.77
C GLU A 63 1.02 24.35 -9.08
N SER A 64 0.18 25.34 -8.79
CA SER A 64 0.51 26.73 -9.04
C SER A 64 -0.40 27.66 -8.26
N GLU A 65 -0.79 27.22 -7.06
CA GLU A 65 -1.66 28.02 -6.21
C GLU A 65 -1.77 27.39 -4.82
N ASP A 66 -0.67 27.38 -4.10
CA ASP A 66 -0.65 26.80 -2.75
C ASP A 66 0.66 27.11 -2.05
N ASP A 67 0.99 28.40 -1.94
CA ASP A 67 2.23 28.82 -1.29
C ASP A 67 2.15 28.56 0.21
N SER A 68 2.64 27.39 0.62
CA SER A 68 2.63 27.03 2.04
C SER A 68 3.49 28.00 2.84
N THR A 69 3.58 27.75 4.15
CA THR A 69 4.39 28.61 5.02
C THR A 69 4.68 27.88 6.34
N SER A 70 4.71 26.56 6.29
CA SER A 70 4.98 25.75 7.47
C SER A 70 6.47 25.80 7.82
N VAL A 71 6.81 26.52 8.89
CA VAL A 71 8.21 26.64 9.33
C VAL A 71 8.46 25.75 10.55
N GLU A 72 8.23 24.45 10.38
CA GLU A 72 8.44 23.51 11.48
C GLU A 72 8.45 22.08 10.96
N ASP A 73 7.77 21.86 9.83
CA ASP A 73 7.71 20.52 9.24
C ASP A 73 7.37 20.62 7.75
N VAL A 74 7.89 19.68 6.97
CA VAL A 74 7.64 19.67 5.54
C VAL A 74 6.19 19.28 5.23
N ASP A 75 5.97 18.41 4.25
CA ASP A 75 4.62 17.99 3.88
C ASP A 75 4.63 16.53 3.39
N PRO A 76 4.62 15.55 4.31
CA PRO A 76 4.64 14.13 3.95
C PRO A 76 3.69 13.79 2.79
N PRO A 77 4.21 13.54 1.56
CA PRO A 77 3.38 13.21 0.41
C PRO A 77 3.03 11.71 0.37
N THR A 78 2.04 11.34 -0.45
CA THR A 78 1.61 9.94 -0.56
C THR A 78 1.70 9.46 -2.01
N THR A 79 2.12 8.21 -2.18
CA THR A 79 2.24 7.61 -3.52
C THR A 79 1.13 6.58 -3.72
N TYR A 80 0.39 6.74 -4.82
CA TYR A 80 -0.72 5.82 -5.13
C TYR A 80 -0.39 4.98 -6.38
N TYR A 81 -0.91 3.75 -6.39
CA TYR A 81 -0.71 2.84 -7.52
C TYR A 81 -2.01 2.09 -7.79
N SER A 82 -2.57 2.30 -8.98
CA SER A 82 -3.84 1.67 -9.36
C SER A 82 -3.58 0.51 -10.32
N ILE A 83 -2.98 -0.56 -9.82
CA ILE A 83 -2.70 -1.72 -10.64
C ILE A 83 -3.98 -2.52 -10.92
N ILE A 84 -4.50 -2.34 -12.13
CA ILE A 84 -5.74 -3.02 -12.54
C ILE A 84 -5.40 -4.39 -13.13
N GLY A 85 -6.29 -5.35 -12.95
CA GLY A 85 -6.10 -6.70 -13.47
C GLY A 85 -6.84 -7.74 -12.67
N GLY A 86 -6.89 -8.96 -13.19
CA GLY A 86 -7.58 -10.03 -12.49
C GLY A 86 -9.04 -9.70 -12.26
N GLY A 87 -9.55 -8.73 -13.03
CA GLY A 87 -10.94 -8.32 -12.91
C GLY A 87 -11.18 -7.42 -11.71
N LEU A 88 -10.09 -6.96 -11.08
CA LEU A 88 -10.20 -6.08 -9.91
C LEU A 88 -9.26 -4.88 -10.04
N ARG A 89 -9.56 -3.82 -9.28
CA ARG A 89 -8.75 -2.60 -9.28
C ARG A 89 -8.17 -2.39 -7.89
N MET A 90 -6.86 -2.58 -7.72
CA MET A 90 -6.21 -2.41 -6.42
C MET A 90 -5.48 -1.07 -6.34
N ASN A 91 -6.00 -0.19 -5.48
CA ASN A 91 -5.40 1.14 -5.29
C ASN A 91 -4.64 1.18 -3.96
N PHE A 92 -3.36 1.54 -4.03
CA PHE A 92 -2.52 1.63 -2.83
C PHE A 92 -2.36 3.08 -2.39
N GLY A 93 -1.55 3.31 -1.36
CA GLY A 93 -1.33 4.64 -0.86
C GLY A 93 -0.23 4.69 0.18
N PHE A 94 1.01 4.51 -0.26
CA PHE A 94 2.15 4.53 0.65
C PHE A 94 2.48 5.96 1.06
N THR A 95 2.78 6.14 2.34
CA THR A 95 3.12 7.46 2.88
C THR A 95 4.19 7.34 3.95
N LYS A 96 5.33 7.99 3.72
CA LYS A 96 6.43 7.96 4.68
C LYS A 96 7.00 6.54 4.77
N CYS A 97 6.86 5.77 3.68
CA CYS A 97 7.38 4.39 3.62
C CYS A 97 8.39 4.27 2.48
N PRO A 98 9.41 3.37 2.60
CA PRO A 98 10.40 3.17 1.53
C PRO A 98 9.76 3.22 0.14
N GLN A 99 10.55 3.58 -0.86
CA GLN A 99 10.05 3.66 -2.23
C GLN A 99 9.89 2.26 -2.82
N ILE A 100 8.79 2.04 -3.53
CA ILE A 100 8.52 0.74 -4.16
C ILE A 100 8.99 0.77 -5.60
N LYS A 101 9.62 -0.33 -6.05
CA LYS A 101 10.12 -0.41 -7.42
C LYS A 101 9.82 -1.78 -8.01
N SER A 102 9.38 -2.72 -7.17
CA SER A 102 9.04 -4.07 -7.61
C SER A 102 7.53 -4.29 -7.50
N ILE A 103 6.90 -4.64 -8.62
CA ILE A 103 5.46 -4.89 -8.64
C ILE A 103 5.15 -6.06 -9.56
N SER A 104 4.37 -7.02 -9.04
CA SER A 104 4.02 -8.20 -9.82
C SER A 104 2.75 -8.84 -9.27
N GLU A 105 2.23 -9.84 -9.99
CA GLU A 105 1.03 -10.53 -9.55
C GLU A 105 0.80 -11.79 -10.38
N SER A 106 -0.35 -12.42 -10.18
CA SER A 106 -0.69 -13.65 -10.89
C SER A 106 -2.14 -14.03 -10.62
N ALA A 107 -2.66 -14.97 -11.43
CA ALA A 107 -4.04 -15.44 -11.29
C ALA A 107 -4.07 -16.95 -11.19
N ASP A 108 -4.53 -17.46 -10.04
CA ASP A 108 -4.61 -18.91 -9.81
C ASP A 108 -6.01 -19.29 -9.34
N GLY A 109 -6.77 -19.93 -10.22
CA GLY A 109 -8.13 -20.33 -9.89
C GLY A 109 -9.06 -19.14 -9.81
N ASN A 110 -9.78 -19.04 -8.69
CA ASN A 110 -10.71 -17.93 -8.48
C ASN A 110 -10.11 -16.88 -7.54
N THR A 111 -8.78 -16.85 -7.47
CA THR A 111 -8.07 -15.91 -6.60
C THR A 111 -6.96 -15.21 -7.36
N VAL A 112 -6.55 -14.05 -6.84
CA VAL A 112 -5.48 -13.26 -7.47
C VAL A 112 -4.53 -12.75 -6.39
N ASN A 113 -3.23 -12.86 -6.66
CA ASN A 113 -2.19 -12.43 -5.71
C ASN A 113 -1.45 -11.21 -6.25
N ALA A 114 -0.75 -10.50 -5.37
CA ALA A 114 -0.01 -9.33 -5.76
C ALA A 114 1.06 -8.99 -4.73
N ARG A 115 2.29 -8.80 -5.20
CA ARG A 115 3.42 -8.48 -4.33
C ARG A 115 3.98 -7.11 -4.67
N LEU A 116 3.83 -6.17 -3.74
CA LEU A 116 4.34 -4.81 -3.90
C LEU A 116 5.50 -4.65 -2.92
N SER A 117 6.68 -4.29 -3.41
CA SER A 117 7.83 -4.17 -2.53
C SER A 117 8.97 -3.39 -3.17
N SER A 118 10.01 -3.15 -2.37
CA SER A 118 11.20 -2.44 -2.83
C SER A 118 12.25 -3.45 -3.26
N VAL A 119 13.32 -2.98 -3.86
CA VAL A 119 14.40 -3.87 -4.33
C VAL A 119 15.53 -3.94 -3.30
N SER A 120 16.20 -5.09 -3.25
CA SER A 120 17.32 -5.30 -2.34
C SER A 120 18.63 -4.96 -3.07
N PRO A 121 19.64 -4.37 -2.38
CA PRO A 121 20.91 -4.02 -3.02
C PRO A 121 21.37 -5.07 -4.05
N GLY A 122 22.00 -4.60 -5.13
CA GLY A 122 22.47 -5.49 -6.16
C GLY A 122 21.33 -6.08 -6.99
N GLN A 123 20.52 -5.20 -7.58
CA GLN A 123 19.38 -5.62 -8.41
C GLN A 123 19.29 -4.75 -9.66
N GLY A 124 20.14 -3.73 -9.73
CA GLY A 124 20.16 -2.83 -10.87
C GLY A 124 19.36 -1.55 -10.64
N LYS A 125 18.64 -1.49 -9.52
CA LYS A 125 17.85 -0.31 -9.17
C LYS A 125 18.39 0.32 -7.89
N ASP A 126 17.93 1.52 -7.57
CA ASP A 126 18.39 2.23 -6.38
C ASP A 126 17.77 1.65 -5.12
N SER A 127 18.53 1.68 -4.03
CA SER A 127 18.07 1.18 -2.74
C SER A 127 18.71 1.98 -1.60
N PRO A 128 18.38 3.27 -1.51
CA PRO A 128 18.94 4.17 -0.48
C PRO A 128 18.97 3.54 0.91
N ALA A 129 19.97 3.91 1.70
CA ALA A 129 20.13 3.41 3.07
C ALA A 129 20.02 4.58 4.04
N ILE A 130 19.47 4.32 5.23
CA ILE A 130 19.32 5.36 6.26
C ILE A 130 19.80 4.85 7.62
N THR A 131 19.89 5.76 8.59
CA THR A 131 20.34 5.40 9.93
C THR A 131 19.20 4.81 10.73
N HIS A 132 19.54 4.12 11.82
CA HIS A 132 18.53 3.50 12.67
C HIS A 132 17.55 4.55 13.17
N GLU A 133 18.07 5.75 13.46
CA GLU A 133 17.22 6.83 13.96
C GLU A 133 16.05 7.07 13.01
N GLU A 134 16.36 7.15 11.72
CA GLU A 134 15.33 7.38 10.72
C GLU A 134 14.49 6.12 10.52
N ALA A 135 15.12 4.96 10.65
CA ALA A 135 14.39 3.70 10.48
C ALA A 135 13.30 3.58 11.53
N LEU A 136 13.68 3.64 12.80
CA LEU A 136 12.70 3.54 13.88
C LEU A 136 11.65 4.63 13.70
N ALA A 137 12.07 5.77 13.15
CA ALA A 137 11.15 6.87 12.89
C ALA A 137 10.26 6.52 11.71
N MET A 138 10.81 5.75 10.77
CA MET A 138 10.08 5.36 9.58
C MET A 138 8.98 4.35 9.91
N ILE A 139 9.37 3.18 10.40
CA ILE A 139 8.41 2.13 10.74
C ILE A 139 7.25 2.69 11.57
N LYS A 140 7.48 3.82 12.22
CA LYS A 140 6.45 4.43 13.06
C LYS A 140 5.41 5.20 12.24
N ASP A 141 5.88 6.14 11.42
CA ASP A 141 4.97 6.96 10.61
C ASP A 141 4.48 6.22 9.36
N CYS A 142 5.29 5.31 8.84
CA CYS A 142 4.93 4.56 7.65
C CYS A 142 3.49 4.02 7.73
N GLU A 143 2.64 4.49 6.81
CA GLU A 143 1.24 4.06 6.76
C GLU A 143 0.79 3.89 5.32
N VAL A 144 0.28 2.69 5.00
CA VAL A 144 -0.18 2.38 3.64
C VAL A 144 -1.68 2.08 3.62
N SER A 145 -2.39 2.73 2.70
CA SER A 145 -3.84 2.54 2.56
C SER A 145 -4.15 1.63 1.38
N ILE A 146 -5.34 1.01 1.40
CA ILE A 146 -5.76 0.11 0.32
C ILE A 146 -7.25 0.31 0.03
N ASP A 147 -7.63 0.18 -1.25
CA ASP A 147 -9.02 0.34 -1.67
C ASP A 147 -9.28 -0.47 -2.92
N ILE A 148 -9.76 -1.72 -2.75
CA ILE A 148 -10.02 -2.60 -3.88
C ILE A 148 -11.45 -2.41 -4.39
N ARG A 149 -11.61 -2.48 -5.71
CA ARG A 149 -12.92 -2.33 -6.35
C ARG A 149 -13.04 -3.34 -7.49
N CYS A 150 -14.20 -3.38 -8.13
CA CYS A 150 -14.43 -4.31 -9.24
C CYS A 150 -14.07 -3.67 -10.57
N SER A 151 -13.32 -4.40 -11.41
CA SER A 151 -12.91 -3.91 -12.72
C SER A 151 -13.75 -4.58 -13.81
N GLU A 152 -13.40 -4.31 -15.06
CA GLU A 152 -14.11 -4.90 -16.19
C GLU A 152 -13.31 -4.69 -17.46
N GLU A 153 -12.06 -4.27 -17.30
CA GLU A 153 -11.18 -4.03 -18.44
C GLU A 153 -10.58 -5.33 -18.96
N GLU A 154 -11.12 -5.81 -20.09
CA GLU A 154 -10.64 -7.06 -20.68
C GLU A 154 -9.32 -6.84 -21.43
N LYS A 155 -8.74 -5.65 -21.29
CA LYS A 155 -7.48 -5.33 -21.96
C LYS A 155 -6.45 -6.45 -21.71
N ASP A 156 -5.61 -6.70 -22.70
CA ASP A 156 -4.59 -7.73 -22.59
C ASP A 156 -3.66 -7.46 -21.41
N SER A 157 -2.77 -8.41 -21.12
CA SER A 157 -1.83 -8.28 -20.02
C SER A 157 -0.49 -7.73 -20.51
N ASP A 158 0.11 -6.86 -19.69
CA ASP A 158 1.40 -6.26 -20.01
C ASP A 158 2.43 -6.63 -18.95
N ILE A 159 3.14 -7.73 -19.18
CA ILE A 159 4.17 -8.21 -18.24
C ILE A 159 5.54 -8.28 -18.91
N LYS A 160 6.58 -8.47 -18.11
CA LYS A 160 7.96 -8.57 -18.62
C LYS A 160 8.55 -9.92 -18.27
N THR A 161 9.29 -10.49 -19.21
CA THR A 161 9.93 -11.79 -19.00
C THR A 161 11.09 -11.67 -18.03
N HIS A 162 11.26 -10.47 -17.47
CA HIS A 162 12.35 -10.22 -16.52
C HIS A 162 11.96 -10.73 -15.12
N PRO A 163 12.74 -11.66 -14.52
CA PRO A 163 12.42 -12.18 -13.18
C PRO A 163 11.93 -11.08 -12.24
N VAL A 164 11.15 -11.46 -11.23
CA VAL A 164 10.62 -10.50 -10.26
C VAL A 164 11.68 -10.16 -9.23
N LEU A 165 11.84 -8.86 -8.95
CA LEU A 165 12.82 -8.41 -7.96
C LEU A 165 12.23 -8.46 -6.56
N GLY A 166 12.90 -9.20 -5.66
CA GLY A 166 12.45 -9.33 -4.28
C GLY A 166 13.19 -8.43 -3.33
N SER A 167 12.62 -8.22 -2.14
CA SER A 167 13.24 -7.37 -1.12
C SER A 167 14.12 -8.22 -0.21
N ASN A 168 14.32 -9.46 -0.60
CA ASN A 168 15.16 -10.38 0.17
C ASN A 168 14.66 -10.55 1.61
N ILE A 169 13.51 -9.94 1.92
CA ILE A 169 12.94 -10.04 3.27
C ILE A 169 11.80 -11.07 3.27
N SER A 170 11.70 -11.85 4.35
CA SER A 170 10.65 -12.87 4.45
C SER A 170 9.52 -12.37 5.35
N HIS A 171 8.30 -12.81 5.06
CA HIS A 171 7.12 -12.40 5.84
C HIS A 171 6.99 -13.25 7.10
N LYS A 172 8.12 -13.56 7.74
CA LYS A 172 8.13 -14.35 8.96
C LYS A 172 7.42 -13.59 10.09
N LYS A 173 7.24 -14.25 11.24
CA LYS A 173 6.58 -13.62 12.37
C LYS A 173 7.59 -12.81 13.18
N VAL A 174 7.31 -11.52 13.38
CA VAL A 174 8.21 -10.64 14.14
C VAL A 174 7.39 -9.55 14.84
N SER A 175 8.08 -8.55 15.42
CA SER A 175 7.39 -7.46 16.11
C SER A 175 6.20 -6.95 15.30
N TYR A 176 5.15 -6.52 15.99
CA TYR A 176 3.94 -6.02 15.32
C TYR A 176 3.75 -4.52 15.55
N GLU A 177 3.21 -3.84 14.54
CA GLU A 177 2.95 -2.41 14.63
C GLU A 177 1.87 -2.01 13.61
N ASP A 178 1.06 -1.04 13.97
CA ASP A 178 -0.03 -0.60 13.09
C ASP A 178 0.52 0.15 11.87
N ILE A 179 0.59 -0.54 10.73
CA ILE A 179 1.08 0.05 9.49
C ILE A 179 -0.07 0.23 8.51
N ILE A 180 -0.83 -0.84 8.30
CA ILE A 180 -1.96 -0.81 7.38
C ILE A 180 -3.00 0.20 7.86
N GLY A 181 -3.35 1.14 6.97
CA GLY A 181 -4.33 2.17 7.29
C GLY A 181 -5.74 1.75 6.93
N SER A 182 -6.39 2.57 6.10
CA SER A 182 -7.75 2.29 5.67
C SER A 182 -7.80 1.13 4.69
N THR A 183 -8.81 0.27 4.81
CA THR A 183 -8.96 -0.87 3.91
C THR A 183 -10.44 -1.07 3.54
N ILE A 184 -10.87 -0.38 2.49
CA ILE A 184 -12.26 -0.46 2.02
C ILE A 184 -12.36 -1.34 0.79
N VAL A 185 -13.27 -2.32 0.80
CA VAL A 185 -13.44 -3.23 -0.34
C VAL A 185 -14.90 -3.60 -0.57
N ASP A 186 -15.32 -3.61 -1.83
CA ASP A 186 -16.70 -3.95 -2.19
C ASP A 186 -16.84 -5.46 -2.35
N THR A 187 -17.54 -6.08 -1.41
CA THR A 187 -17.74 -7.53 -1.46
C THR A 187 -18.27 -7.95 -2.81
N LYS A 188 -18.98 -7.03 -3.49
CA LYS A 188 -19.54 -7.32 -4.81
C LYS A 188 -18.59 -8.16 -5.66
N CYS A 189 -17.28 -8.02 -5.40
CA CYS A 189 -16.28 -8.78 -6.15
C CYS A 189 -15.08 -9.07 -5.27
N VAL A 190 -15.32 -9.17 -3.96
CA VAL A 190 -14.24 -9.44 -3.00
C VAL A 190 -14.78 -10.29 -1.85
N LYS A 191 -14.72 -11.60 -2.00
CA LYS A 191 -15.20 -12.51 -0.97
C LYS A 191 -14.29 -12.43 0.25
N ASN A 192 -13.00 -12.72 0.05
CA ASN A 192 -12.02 -12.66 1.14
C ASN A 192 -10.89 -11.71 0.79
N LEU A 193 -9.93 -11.56 1.69
CA LEU A 193 -8.78 -10.69 1.45
C LEU A 193 -7.75 -10.83 2.56
N GLU A 194 -6.64 -11.48 2.26
CA GLU A 194 -5.55 -11.65 3.22
C GLU A 194 -4.50 -10.58 2.97
N PHE A 195 -4.10 -9.86 4.02
CA PHE A 195 -3.12 -8.79 3.90
C PHE A 195 -1.98 -8.96 4.90
N SER A 196 -0.75 -8.79 4.43
CA SER A 196 0.44 -8.92 5.27
C SER A 196 1.48 -7.88 4.85
N VAL A 197 2.22 -7.34 5.82
CA VAL A 197 3.23 -6.32 5.52
C VAL A 197 4.48 -6.52 6.38
N ARG A 198 5.55 -5.83 6.01
CA ARG A 198 6.80 -5.91 6.76
C ARG A 198 7.71 -4.75 6.38
N ILE A 199 8.63 -4.42 7.28
CA ILE A 199 9.58 -3.33 7.06
C ILE A 199 10.89 -3.66 7.78
N GLY A 200 11.99 -3.74 7.02
CA GLY A 200 13.27 -4.05 7.63
C GLY A 200 14.38 -4.07 6.60
N ASP A 201 15.61 -4.23 7.08
CA ASP A 201 16.77 -4.25 6.21
C ASP A 201 16.63 -5.33 5.14
N MET A 202 16.84 -4.94 3.88
CA MET A 202 16.73 -5.88 2.76
C MET A 202 18.06 -6.60 2.54
N CYS A 203 18.99 -6.42 3.47
CA CYS A 203 20.31 -7.05 3.38
C CYS A 203 20.48 -8.07 4.51
N LYS A 204 20.15 -7.65 5.73
CA LYS A 204 20.26 -8.52 6.89
C LYS A 204 19.38 -8.01 8.03
N GLU A 205 18.36 -8.79 8.37
CA GLU A 205 17.45 -8.40 9.44
C GLU A 205 18.22 -7.92 10.67
N SER A 206 17.56 -7.15 11.53
CA SER A 206 18.21 -6.61 12.73
C SER A 206 17.23 -6.58 13.90
N SER A 207 16.19 -7.40 13.83
CA SER A 207 15.20 -7.48 14.91
C SER A 207 14.54 -6.12 15.17
N GLU A 208 15.27 -5.23 15.82
CA GLU A 208 14.75 -3.90 16.14
C GLU A 208 14.10 -3.23 14.92
N LEU A 209 14.81 -3.25 13.80
CA LEU A 209 14.30 -2.61 12.57
C LEU A 209 13.25 -3.49 11.89
N GLU A 210 12.96 -4.65 12.47
CA GLU A 210 11.96 -5.55 11.89
C GLU A 210 10.57 -5.23 12.43
N VAL A 211 9.55 -5.60 11.65
CA VAL A 211 8.17 -5.34 12.04
C VAL A 211 7.24 -5.97 11.01
N LYS A 212 5.98 -6.22 11.40
CA LYS A 212 5.03 -6.82 10.46
C LYS A 212 3.60 -6.77 11.00
N ASP A 213 2.67 -6.41 10.12
CA ASP A 213 1.24 -6.33 10.46
C ASP A 213 0.44 -7.20 9.50
N GLY A 214 -0.85 -7.35 9.76
CA GLY A 214 -1.68 -8.16 8.89
C GLY A 214 -3.07 -8.38 9.45
N PHE A 215 -3.97 -8.82 8.57
CA PHE A 215 -5.36 -9.11 8.95
C PHE A 215 -5.89 -10.24 8.08
N LYS A 216 -7.07 -10.74 8.42
CA LYS A 216 -7.69 -11.84 7.67
C LYS A 216 -9.17 -11.56 7.45
N TYR A 217 -9.51 -11.16 6.22
CA TYR A 217 -10.90 -10.85 5.86
C TYR A 217 -11.51 -12.04 5.10
N VAL A 218 -12.57 -12.61 5.64
CA VAL A 218 -13.23 -13.74 4.99
C VAL A 218 -14.75 -13.67 5.20
N ASP A 219 -15.48 -13.67 4.10
CA ASP A 219 -16.93 -13.61 4.16
C ASP A 219 -17.41 -12.44 5.01
N GLY A 220 -16.71 -11.30 4.90
CA GLY A 220 -17.08 -10.12 5.65
C GLY A 220 -16.61 -10.15 7.09
N SER A 221 -15.88 -11.21 7.46
CA SER A 221 -15.37 -11.35 8.83
C SER A 221 -13.88 -11.01 8.89
N ALA A 222 -13.54 -10.01 9.71
CA ALA A 222 -12.14 -9.59 9.86
C ALA A 222 -11.53 -10.26 11.08
N SER A 223 -10.20 -10.22 11.18
CA SER A 223 -9.53 -10.85 12.32
C SER A 223 -8.03 -10.57 12.30
N LYS A 224 -7.54 -9.92 13.35
CA LYS A 224 -6.12 -9.63 13.47
C LYS A 224 -5.39 -10.89 13.92
N GLY A 225 -4.25 -11.19 13.31
CA GLY A 225 -3.51 -12.38 13.68
C GLY A 225 -2.12 -12.40 13.12
N ALA A 226 -1.12 -12.37 14.00
CA ALA A 226 0.27 -12.41 13.59
C ALA A 226 0.69 -13.84 13.30
N THR A 227 0.65 -14.23 12.02
CA THR A 227 1.01 -15.60 11.61
C THR A 227 2.02 -15.57 10.46
N ASP A 228 2.85 -16.60 10.39
CA ASP A 228 3.86 -16.70 9.34
C ASP A 228 3.20 -16.64 7.97
N ASP A 229 3.20 -15.45 7.36
CA ASP A 229 2.61 -15.26 6.04
C ASP A 229 3.64 -15.42 4.94
N THR A 230 4.64 -16.27 5.18
CA THR A 230 5.69 -16.49 4.19
C THR A 230 5.18 -17.33 3.03
N SER A 231 4.28 -18.27 3.34
CA SER A 231 3.70 -19.16 2.31
C SER A 231 2.32 -18.67 1.88
N LEU A 232 1.85 -17.59 2.52
CA LEU A 232 0.53 -17.04 2.20
C LEU A 232 0.31 -16.99 0.69
N ILE A 233 1.40 -16.84 -0.06
CA ILE A 233 1.33 -16.78 -1.53
C ILE A 233 2.59 -17.36 -2.15
N ASP A 234 2.43 -18.04 -3.28
CA ASP A 234 3.57 -18.64 -3.98
C ASP A 234 4.33 -17.54 -4.71
N SER A 235 5.45 -17.11 -4.12
CA SER A 235 6.27 -16.05 -4.71
C SER A 235 6.86 -16.46 -6.06
N THR A 236 6.67 -17.72 -6.45
CA THR A 236 7.22 -18.21 -7.70
C THR A 236 6.33 -17.85 -8.90
N LYS A 237 5.03 -18.08 -8.78
CA LYS A 237 4.10 -17.81 -9.89
C LYS A 237 3.89 -16.32 -10.13
N LEU A 238 4.68 -15.46 -9.49
CA LEU A 238 4.54 -14.02 -9.69
C LEU A 238 5.06 -13.60 -11.06
N LYS A 239 4.51 -12.52 -11.61
CA LYS A 239 4.91 -12.01 -12.93
C LYS A 239 5.05 -10.49 -12.90
N ALA A 240 6.13 -9.98 -13.48
CA ALA A 240 6.37 -8.54 -13.52
C ALA A 240 5.18 -7.82 -14.15
N CYS A 241 4.87 -6.62 -13.65
CA CYS A 241 3.74 -5.82 -14.15
C CYS A 241 4.24 -4.67 -15.04
N VAL A 242 5.52 -4.34 -14.92
CA VAL A 242 6.14 -3.26 -15.69
C VAL A 242 5.42 -1.92 -15.42
N ALA B 1 -38.49 0.01 -9.68
CA ALA B 1 -37.99 0.44 -8.39
C ALA B 1 -38.02 -0.71 -7.39
N PRO B 2 -37.10 -1.69 -7.52
CA PRO B 2 -37.05 -2.85 -6.62
C PRO B 2 -36.42 -2.47 -5.28
N MET B 3 -35.19 -2.94 -5.02
CA MET B 3 -34.48 -2.65 -3.77
C MET B 3 -33.32 -3.63 -3.59
N GLY B 4 -32.88 -4.25 -4.69
CA GLY B 4 -31.80 -5.21 -4.61
C GLY B 4 -32.16 -6.37 -3.68
N SER B 5 -31.25 -6.67 -2.75
CA SER B 5 -31.48 -7.75 -1.79
C SER B 5 -30.55 -7.60 -0.60
N ASP B 6 -29.43 -8.32 -0.63
CA ASP B 6 -28.44 -8.29 0.45
C ASP B 6 -27.11 -7.75 -0.09
N PRO B 7 -27.09 -6.51 -0.59
CA PRO B 7 -25.86 -5.92 -1.17
C PRO B 7 -24.70 -5.89 -0.16
N PRO B 8 -23.45 -5.69 -0.65
CA PRO B 8 -22.23 -5.62 0.17
C PRO B 8 -22.39 -4.91 1.54
N THR B 9 -21.55 -3.89 1.75
CA THR B 9 -21.54 -3.11 2.99
C THR B 9 -20.19 -2.41 3.13
N ALA B 10 -19.92 -1.45 2.25
CA ALA B 10 -18.66 -0.74 2.30
C ALA B 10 -18.46 -0.09 3.67
N CYS B 11 -17.61 -0.73 4.48
CA CYS B 11 -17.29 -0.24 5.83
C CYS B 11 -15.83 -0.52 6.15
N CYS B 12 -15.05 0.54 6.36
CA CYS B 12 -13.63 0.38 6.67
C CYS B 12 -13.43 -0.36 7.97
N PHE B 13 -12.57 -1.35 7.94
CA PHE B 13 -12.28 -2.14 9.14
C PHE B 13 -11.06 -1.57 9.86
N SER B 14 -10.19 -0.91 9.09
CA SER B 14 -8.97 -0.31 9.65
C SER B 14 -8.90 1.19 9.34
N TYR B 15 -8.16 1.93 10.19
CA TYR B 15 -8.03 3.38 10.05
C TYR B 15 -6.57 3.80 9.84
N THR B 16 -6.36 4.99 9.28
CA THR B 16 -5.00 5.52 9.04
C THR B 16 -4.46 6.16 10.31
N ALA B 17 -3.18 5.93 10.59
CA ALA B 17 -2.56 6.47 11.79
C ALA B 17 -2.14 7.93 11.59
N ARG B 18 -1.56 8.22 10.44
CA ARG B 18 -1.10 9.58 10.15
C ARG B 18 -2.24 10.48 9.71
N LYS B 19 -2.37 11.64 10.38
CA LYS B 19 -3.41 12.61 10.03
C LYS B 19 -2.94 13.45 8.84
N LEU B 20 -3.78 13.54 7.82
CA LEU B 20 -3.42 14.30 6.60
C LEU B 20 -3.87 15.77 6.73
N PRO B 21 -2.92 16.75 6.82
CA PRO B 21 -3.28 18.18 6.94
C PRO B 21 -4.42 18.58 6.01
N ARG B 22 -5.15 19.61 6.43
CA ARG B 22 -6.28 20.12 5.65
C ARG B 22 -5.93 20.24 4.17
N ASN B 23 -4.80 20.90 3.88
CA ASN B 23 -4.37 21.13 2.49
C ASN B 23 -4.69 19.96 1.58
N PHE B 24 -4.60 18.73 2.10
CA PHE B 24 -4.88 17.52 1.30
C PHE B 24 -6.24 16.94 1.70
N VAL B 25 -7.23 17.83 1.87
CA VAL B 25 -8.59 17.41 2.26
C VAL B 25 -9.60 18.41 1.72
N VAL B 26 -10.14 18.15 0.52
CA VAL B 26 -11.12 19.05 -0.11
C VAL B 26 -12.57 18.61 0.11
N ASP B 27 -12.79 17.32 0.40
CA ASP B 27 -14.15 16.82 0.62
C ASP B 27 -14.15 15.64 1.58
N TYR B 28 -15.33 15.07 1.85
CA TYR B 28 -15.42 13.94 2.76
C TYR B 28 -16.77 13.24 2.67
N TYR B 29 -16.86 12.07 3.30
CA TYR B 29 -18.09 11.28 3.32
C TYR B 29 -18.06 10.34 4.53
N GLU B 30 -19.13 9.57 4.72
CA GLU B 30 -19.20 8.64 5.86
C GLU B 30 -19.55 7.23 5.38
N THR B 31 -19.05 6.23 6.11
CA THR B 31 -19.30 4.83 5.76
C THR B 31 -20.80 4.56 5.60
N SER B 32 -21.35 3.77 6.52
CA SER B 32 -22.78 3.43 6.48
C SER B 32 -23.30 3.08 7.87
N SER B 33 -24.28 2.17 7.91
CA SER B 33 -24.88 1.75 9.19
C SER B 33 -25.04 0.23 9.20
N LEU B 34 -25.13 -0.36 8.01
CA LEU B 34 -25.29 -1.79 7.90
C LEU B 34 -24.19 -2.50 8.68
N CYS B 35 -23.17 -1.75 9.08
CA CYS B 35 -22.04 -2.28 9.85
C CYS B 35 -22.01 -1.63 11.23
N SER B 36 -22.07 -2.45 12.27
CA SER B 36 -22.06 -1.94 13.63
C SER B 36 -20.68 -1.45 14.04
N GLN B 37 -19.98 -0.82 13.12
CA GLN B 37 -18.64 -0.30 13.39
C GLN B 37 -18.27 0.70 12.29
N PRO B 38 -19.06 1.79 12.16
CA PRO B 38 -18.85 2.81 11.13
C PRO B 38 -17.65 3.72 11.40
N ALA B 39 -17.64 4.87 10.72
CA ALA B 39 -16.57 5.85 10.85
C ALA B 39 -16.74 6.93 9.78
N VAL B 40 -15.88 7.95 9.81
CA VAL B 40 -15.94 9.03 8.83
C VAL B 40 -14.72 8.98 7.92
N VAL B 41 -14.96 9.16 6.62
CA VAL B 41 -13.89 9.13 5.62
C VAL B 41 -13.69 10.49 4.99
N PHE B 42 -12.43 10.83 4.71
CA PHE B 42 -12.08 12.11 4.12
C PHE B 42 -11.48 11.91 2.72
N GLN B 43 -11.69 12.88 1.86
CA GLN B 43 -11.16 12.84 0.50
C GLN B 43 -9.82 13.55 0.48
N THR B 44 -9.07 13.43 -0.61
CA THR B 44 -7.75 14.08 -0.69
C THR B 44 -7.54 14.70 -2.06
N ALA B 45 -6.30 14.65 -2.53
CA ALA B 45 -5.93 15.22 -3.83
C ALA B 45 -5.21 14.18 -4.70
N ALA B 46 -4.36 13.37 -4.07
CA ALA B 46 -3.61 12.32 -4.80
C ALA B 46 -3.84 10.95 -4.18
N SER B 47 -5.10 10.61 -3.88
CA SER B 47 -5.42 9.30 -3.30
C SER B 47 -6.84 8.85 -3.65
N ALA B 48 -7.82 9.35 -2.89
CA ALA B 48 -9.23 9.01 -3.11
C ALA B 48 -10.01 9.18 -1.80
N GLN B 49 -10.02 8.13 -0.99
CA GLN B 49 -10.73 8.16 0.30
C GLN B 49 -9.95 7.33 1.33
N VAL B 50 -10.04 7.75 2.59
CA VAL B 50 -9.36 7.05 3.68
C VAL B 50 -10.15 7.24 4.98
N CYS B 51 -10.65 6.12 5.50
CA CYS B 51 -11.45 6.13 6.72
C CYS B 51 -10.60 6.50 7.95
N ALA B 52 -11.22 7.22 8.89
CA ALA B 52 -10.54 7.65 10.11
C ALA B 52 -11.46 7.45 11.31
N ASP B 53 -10.90 6.99 12.41
CA ASP B 53 -11.69 6.77 13.61
C ASP B 53 -12.12 8.12 14.20
N PRO B 54 -13.44 8.36 14.45
CA PRO B 54 -13.89 9.64 15.00
C PRO B 54 -13.53 9.78 16.48
N SER B 55 -12.89 8.75 17.02
CA SER B 55 -12.50 8.76 18.43
C SER B 55 -11.46 9.83 18.69
N GLU B 56 -10.86 10.37 17.63
CA GLU B 56 -9.83 11.40 17.77
C GLU B 56 -10.43 12.78 17.47
N SER B 57 -10.21 13.71 18.40
CA SER B 57 -10.75 15.07 18.29
C SER B 57 -10.44 15.74 16.95
N TRP B 58 -9.20 15.66 16.49
CA TRP B 58 -8.84 16.32 15.23
C TRP B 58 -9.74 15.85 14.08
N VAL B 59 -10.24 14.63 14.17
CA VAL B 59 -11.13 14.11 13.14
C VAL B 59 -12.47 14.80 13.21
N GLN B 60 -12.91 15.09 14.43
CA GLN B 60 -14.17 15.76 14.65
C GLN B 60 -14.05 17.23 14.26
N GLU B 61 -12.91 17.83 14.58
CA GLU B 61 -12.66 19.24 14.26
C GLU B 61 -12.55 19.42 12.76
N TYR B 62 -11.96 18.43 12.08
CA TYR B 62 -11.79 18.49 10.64
C TYR B 62 -13.16 18.45 9.96
N VAL B 63 -14.02 17.58 10.46
CA VAL B 63 -15.36 17.44 9.90
C VAL B 63 -16.16 18.71 10.19
N TYR B 64 -16.10 19.17 11.43
CA TYR B 64 -16.81 20.37 11.83
C TYR B 64 -16.40 21.56 10.96
N ASP B 65 -15.15 21.56 10.50
CA ASP B 65 -14.68 22.66 9.66
C ASP B 65 -15.25 22.54 8.25
N LEU B 66 -15.41 21.32 7.78
CA LEU B 66 -15.95 21.07 6.46
C LEU B 66 -17.43 21.45 6.40
N GLU B 67 -18.05 21.53 7.58
CA GLU B 67 -19.48 21.87 7.66
C GLU B 67 -19.70 23.34 7.32
N LEU B 68 -18.76 24.21 7.71
CA LEU B 68 -18.90 25.64 7.41
C LEU B 68 -18.48 25.90 5.96
N ASN B 69 -17.18 26.05 5.77
CA ASN B 69 -16.65 26.30 4.44
C ASN B 69 -16.73 25.05 3.57
N MET A 1 19.67 0.56 -21.39
CA MET A 1 20.13 0.28 -20.03
C MET A 1 21.62 0.58 -19.91
N PRO A 2 22.00 1.87 -19.94
CA PRO A 2 23.42 2.28 -19.82
C PRO A 2 24.14 1.53 -18.72
N ALA A 3 24.98 0.57 -19.12
CA ALA A 3 25.74 -0.22 -18.16
C ALA A 3 26.74 0.65 -17.41
N SER A 4 26.29 1.27 -16.34
CA SER A 4 27.15 2.14 -15.53
C SER A 4 28.20 1.30 -14.80
N LEU A 5 29.22 0.87 -15.54
CA LEU A 5 30.28 0.06 -14.95
C LEU A 5 30.92 0.82 -13.78
N GLN A 6 32.13 0.40 -13.39
CA GLN A 6 32.83 1.04 -12.29
C GLN A 6 31.93 1.14 -11.06
N GLN A 7 32.34 1.96 -10.10
CA GLN A 7 31.57 2.14 -8.87
C GLN A 7 31.39 0.80 -8.16
N SER A 8 31.09 0.86 -6.85
CA SER A 8 30.89 -0.35 -6.07
C SER A 8 30.17 -0.02 -4.77
N SER A 9 30.34 1.21 -4.29
CA SER A 9 29.70 1.64 -3.05
C SER A 9 28.23 2.00 -3.29
N SER A 10 27.89 2.23 -4.55
CA SER A 10 26.52 2.58 -4.91
C SER A 10 25.53 1.60 -4.29
N SER A 11 24.47 2.12 -3.70
CA SER A 11 23.45 1.28 -3.07
C SER A 11 22.86 0.31 -4.09
N SER A 12 22.88 0.70 -5.36
CA SER A 12 22.35 -0.14 -6.42
C SER A 12 23.29 -1.31 -6.71
N SER A 13 24.56 -1.12 -6.37
CA SER A 13 25.57 -2.17 -6.60
C SER A 13 25.51 -3.23 -5.51
N SER A 14 25.59 -2.81 -4.26
CA SER A 14 25.55 -3.75 -3.14
C SER A 14 25.36 -3.01 -1.82
N CYS A 15 25.09 -3.77 -0.75
CA CYS A 15 24.90 -3.18 0.56
C CYS A 15 26.10 -2.32 0.96
N THR A 16 25.87 -1.37 1.85
CA THR A 16 26.95 -0.50 2.31
C THR A 16 27.82 -1.25 3.31
N GLU A 17 28.93 -0.63 3.71
CA GLU A 17 29.86 -1.24 4.67
C GLU A 17 29.86 -0.47 5.98
N GLU A 18 28.96 0.51 6.08
CA GLU A 18 28.87 1.33 7.27
C GLU A 18 28.49 0.46 8.47
N GLU A 19 28.10 1.10 9.57
CA GLU A 19 27.70 0.39 10.79
C GLU A 19 26.27 0.74 11.14
N ASN A 20 26.05 2.01 11.48
CA ASN A 20 24.71 2.49 11.83
C ASN A 20 23.95 2.91 10.58
N LYS A 21 23.86 2.00 9.60
CA LYS A 21 23.15 2.29 8.35
C LYS A 21 22.58 1.00 7.77
N HIS A 22 21.37 1.08 7.23
CA HIS A 22 20.72 -0.09 6.64
C HIS A 22 19.87 0.30 5.43
N HIS A 23 19.60 -0.67 4.57
CA HIS A 23 18.77 -0.45 3.39
C HIS A 23 17.34 -0.85 3.70
N MET A 24 16.64 0.00 4.45
CA MET A 24 15.27 -0.31 4.83
C MET A 24 14.35 -0.37 3.61
N GLY A 25 13.54 -1.42 3.55
CA GLY A 25 12.60 -1.63 2.45
C GLY A 25 11.27 -2.15 2.96
N ILE A 26 10.23 -2.01 2.14
CA ILE A 26 8.88 -2.46 2.50
C ILE A 26 8.43 -3.60 1.59
N ASP A 27 7.47 -4.38 2.08
CA ASP A 27 6.94 -5.49 1.29
C ASP A 27 5.50 -5.76 1.68
N VAL A 28 4.65 -6.00 0.69
CA VAL A 28 3.23 -6.26 0.93
C VAL A 28 2.70 -7.39 0.05
N ILE A 29 2.41 -8.54 0.67
CA ILE A 29 1.87 -9.69 -0.04
C ILE A 29 0.36 -9.71 0.13
N ILE A 30 -0.37 -9.93 -0.97
CA ILE A 30 -1.84 -9.93 -0.90
C ILE A 30 -2.45 -11.05 -1.75
N LYS A 31 -3.41 -11.75 -1.16
CA LYS A 31 -4.15 -12.82 -1.84
C LYS A 31 -5.62 -12.45 -1.83
N VAL A 32 -6.26 -12.46 -3.00
CA VAL A 32 -7.66 -12.07 -3.12
C VAL A 32 -8.50 -13.17 -3.75
N THR A 33 -9.40 -13.76 -2.95
CA THR A 33 -10.28 -14.81 -3.46
C THR A 33 -11.50 -14.17 -4.11
N LYS A 34 -11.70 -14.47 -5.39
CA LYS A 34 -12.82 -13.90 -6.13
C LYS A 34 -14.12 -14.59 -5.73
N GLN A 35 -15.23 -13.85 -5.86
CA GLN A 35 -16.53 -14.38 -5.52
C GLN A 35 -16.92 -15.48 -6.51
N ASP A 36 -17.61 -16.50 -6.02
CA ASP A 36 -18.05 -17.61 -6.87
C ASP A 36 -19.24 -17.20 -7.72
N GLN A 37 -19.18 -15.99 -8.28
CA GLN A 37 -20.27 -15.48 -9.12
C GLN A 37 -19.73 -14.49 -10.14
N THR A 38 -18.64 -13.81 -9.79
CA THR A 38 -18.03 -12.83 -10.68
C THR A 38 -17.37 -13.53 -11.87
N PRO A 39 -17.71 -13.18 -13.14
CA PRO A 39 -17.11 -13.81 -14.33
C PRO A 39 -15.62 -14.09 -14.14
N THR A 40 -15.11 -15.06 -14.91
CA THR A 40 -13.70 -15.43 -14.82
C THR A 40 -12.84 -14.38 -15.54
N ASN A 41 -11.69 -14.07 -14.95
CA ASN A 41 -10.78 -13.09 -15.53
C ASN A 41 -9.36 -13.30 -15.01
N ASP A 42 -8.49 -13.83 -15.89
CA ASP A 42 -7.09 -14.09 -15.53
C ASP A 42 -6.18 -13.02 -16.13
N LYS A 43 -6.80 -11.98 -16.69
CA LYS A 43 -6.03 -10.90 -17.31
C LYS A 43 -5.29 -10.10 -16.24
N ILE A 44 -4.15 -10.61 -15.81
CA ILE A 44 -3.34 -9.94 -14.80
C ILE A 44 -2.59 -8.75 -15.39
N CYS A 45 -1.79 -8.08 -14.55
CA CYS A 45 -0.97 -6.93 -14.98
C CYS A 45 -1.66 -6.12 -16.08
N GLN A 46 -2.96 -5.92 -15.97
CA GLN A 46 -3.67 -5.15 -16.99
C GLN A 46 -3.03 -3.78 -17.15
N SER A 47 -2.53 -3.22 -16.05
CA SER A 47 -1.89 -1.90 -16.11
C SER A 47 -1.35 -1.49 -14.74
N VAL A 48 -0.56 -0.42 -14.72
CA VAL A 48 0.03 0.09 -13.48
C VAL A 48 0.20 1.61 -13.58
N THR A 49 -0.57 2.35 -12.78
CA THR A 49 -0.51 3.82 -12.78
C THR A 49 0.09 4.34 -11.47
N GLU A 50 1.25 4.99 -11.57
CA GLU A 50 1.93 5.55 -10.40
C GLU A 50 1.56 7.03 -10.24
N ILE A 51 1.25 7.42 -9.00
CA ILE A 51 0.88 8.80 -8.70
C ILE A 51 1.53 9.22 -7.39
N THR A 52 1.79 10.52 -7.24
CA THR A 52 2.41 11.04 -6.02
C THR A 52 1.97 12.48 -5.81
N GLU A 53 1.88 12.88 -4.55
CA GLU A 53 1.45 14.24 -4.23
C GLU A 53 2.29 15.25 -5.03
N SER A 54 1.90 16.51 -4.97
CA SER A 54 2.61 17.56 -5.69
C SER A 54 3.98 17.82 -5.06
N GLU A 55 4.13 17.44 -3.79
CA GLU A 55 5.39 17.66 -3.08
C GLU A 55 6.58 17.37 -4.00
N SER A 56 7.75 17.91 -3.67
CA SER A 56 8.98 17.75 -4.46
C SER A 56 8.98 16.43 -5.26
N ASP A 57 9.75 15.45 -4.78
CA ASP A 57 9.83 14.15 -5.45
C ASP A 57 10.25 14.31 -6.92
N PRO A 58 10.89 13.30 -7.52
CA PRO A 58 11.31 13.36 -8.93
C PRO A 58 10.11 13.21 -9.87
N ASP A 59 8.99 13.84 -9.49
CA ASP A 59 7.77 13.78 -10.29
C ASP A 59 6.70 14.70 -9.70
N PRO A 60 6.86 16.03 -9.84
CA PRO A 60 5.91 17.00 -9.31
C PRO A 60 4.68 17.14 -10.21
N GLU A 61 3.76 18.03 -9.82
CA GLU A 61 2.53 18.25 -10.59
C GLU A 61 2.26 19.75 -10.78
N VAL A 62 3.03 20.59 -10.09
CA VAL A 62 2.85 22.03 -10.21
C VAL A 62 4.05 22.77 -9.63
N GLU A 63 4.64 22.21 -8.57
CA GLU A 63 5.79 22.84 -7.92
C GLU A 63 5.37 24.09 -7.15
N SER A 64 5.69 24.11 -5.86
CA SER A 64 5.34 25.25 -5.01
C SER A 64 3.83 25.30 -4.78
N GLU A 65 3.41 24.92 -3.58
CA GLU A 65 1.99 24.92 -3.23
C GLU A 65 1.50 26.34 -2.93
N ASP A 66 2.04 26.93 -1.87
CA ASP A 66 1.66 28.28 -1.48
C ASP A 66 2.70 28.90 -0.55
N ASP A 67 2.68 30.23 -0.44
CA ASP A 67 3.62 30.94 0.41
C ASP A 67 3.83 30.23 1.75
N SER A 68 4.88 30.62 2.47
CA SER A 68 5.20 30.02 3.76
C SER A 68 3.94 29.85 4.61
N THR A 69 3.28 28.70 4.46
CA THR A 69 2.06 28.42 5.20
C THR A 69 2.21 28.81 6.68
N SER A 70 3.34 28.44 7.28
CA SER A 70 3.58 28.77 8.68
C SER A 70 5.06 28.53 9.04
N VAL A 71 5.30 27.63 10.00
CA VAL A 71 6.66 27.32 10.44
C VAL A 71 7.12 25.99 9.84
N GLU A 72 6.74 25.74 8.59
CA GLU A 72 7.13 24.50 7.92
C GLU A 72 6.87 23.29 8.82
N ASP A 73 5.72 22.65 8.61
CA ASP A 73 5.36 21.47 9.40
C ASP A 73 4.35 20.62 8.66
N VAL A 74 4.59 20.43 7.36
CA VAL A 74 3.69 19.63 6.54
C VAL A 74 3.85 18.16 6.86
N ASP A 75 3.04 17.32 6.20
CA ASP A 75 3.08 15.86 6.40
C ASP A 75 3.59 15.17 5.13
N PRO A 76 4.50 14.17 5.24
CA PRO A 76 5.03 13.46 4.07
C PRO A 76 3.97 13.26 2.97
N PRO A 77 4.39 13.07 1.71
CA PRO A 77 3.46 12.85 0.59
C PRO A 77 2.96 11.40 0.56
N THR A 78 1.97 11.13 -0.30
CA THR A 78 1.41 9.78 -0.41
C THR A 78 1.46 9.30 -1.87
N THR A 79 1.97 8.08 -2.07
CA THR A 79 2.05 7.48 -3.40
C THR A 79 0.99 6.39 -3.52
N TYR A 80 0.12 6.49 -4.52
CA TYR A 80 -0.97 5.51 -4.70
C TYR A 80 -0.88 4.85 -6.08
N TYR A 81 -0.59 3.54 -6.08
CA TYR A 81 -0.49 2.77 -7.32
C TYR A 81 -1.84 2.10 -7.61
N SER A 82 -2.36 2.31 -8.82
CA SER A 82 -3.65 1.74 -9.23
C SER A 82 -3.46 0.53 -10.14
N ILE A 83 -2.95 -0.57 -9.58
CA ILE A 83 -2.73 -1.79 -10.37
C ILE A 83 -4.07 -2.48 -10.66
N ILE A 84 -4.36 -2.66 -11.95
CA ILE A 84 -5.60 -3.32 -12.38
C ILE A 84 -5.28 -4.69 -12.96
N GLY A 85 -6.21 -5.65 -12.79
CA GLY A 85 -6.00 -6.99 -13.32
C GLY A 85 -6.81 -8.03 -12.57
N GLY A 86 -6.85 -9.23 -13.12
CA GLY A 86 -7.60 -10.32 -12.49
C GLY A 86 -9.05 -9.95 -12.25
N GLY A 87 -9.55 -8.96 -13.00
CA GLY A 87 -10.92 -8.52 -12.85
C GLY A 87 -11.13 -7.70 -11.60
N LEU A 88 -10.04 -7.44 -10.87
CA LEU A 88 -10.09 -6.64 -9.64
C LEU A 88 -9.26 -5.36 -9.81
N ARG A 89 -9.68 -4.29 -9.12
CA ARG A 89 -8.98 -3.00 -9.17
C ARG A 89 -8.42 -2.66 -7.80
N MET A 90 -7.10 -2.81 -7.62
CA MET A 90 -6.46 -2.52 -6.34
C MET A 90 -5.77 -1.16 -6.37
N ASN A 91 -5.96 -0.39 -5.31
CA ASN A 91 -5.37 0.94 -5.18
C ASN A 91 -4.61 1.06 -3.86
N PHE A 92 -3.31 1.34 -3.95
CA PHE A 92 -2.48 1.48 -2.75
C PHE A 92 -2.46 2.93 -2.29
N GLY A 93 -1.57 3.25 -1.36
CA GLY A 93 -1.47 4.61 -0.85
C GLY A 93 -0.58 4.69 0.37
N PHE A 94 0.72 4.47 0.19
CA PHE A 94 1.66 4.51 1.33
C PHE A 94 2.22 5.92 1.52
N THR A 95 2.77 6.14 2.72
CA THR A 95 3.35 7.43 3.07
C THR A 95 4.47 7.24 4.09
N LYS A 96 5.61 7.87 3.83
CA LYS A 96 6.77 7.76 4.70
C LYS A 96 7.27 6.30 4.76
N CYS A 97 7.13 5.60 3.62
CA CYS A 97 7.56 4.21 3.52
C CYS A 97 8.54 4.07 2.35
N PRO A 98 9.57 3.19 2.45
CA PRO A 98 10.54 3.00 1.36
C PRO A 98 9.90 3.06 -0.02
N GLN A 99 10.72 3.28 -1.05
CA GLN A 99 10.23 3.37 -2.41
C GLN A 99 9.78 2.00 -2.92
N ILE A 100 8.70 2.00 -3.69
CA ILE A 100 8.16 0.76 -4.28
C ILE A 100 8.68 0.63 -5.71
N LYS A 101 9.43 -0.44 -5.98
CA LYS A 101 10.02 -0.66 -7.32
C LYS A 101 9.62 -2.02 -7.89
N SER A 102 9.23 -2.96 -7.02
CA SER A 102 8.85 -4.31 -7.48
C SER A 102 7.32 -4.44 -7.53
N ILE A 103 6.78 -4.54 -8.74
CA ILE A 103 5.34 -4.69 -8.94
C ILE A 103 5.06 -5.92 -9.80
N SER A 104 4.28 -6.87 -9.27
CA SER A 104 3.95 -8.09 -10.01
C SER A 104 2.53 -8.53 -9.76
N GLU A 105 2.12 -9.60 -10.43
CA GLU A 105 0.77 -10.12 -10.30
C GLU A 105 0.68 -11.53 -10.88
N SER A 106 -0.37 -12.25 -10.49
CA SER A 106 -0.58 -13.62 -10.98
C SER A 106 -2.01 -14.07 -10.71
N ALA A 107 -2.46 -15.07 -11.47
CA ALA A 107 -3.82 -15.61 -11.33
C ALA A 107 -3.77 -17.13 -11.21
N ASP A 108 -4.50 -17.67 -10.23
CA ASP A 108 -4.54 -19.12 -10.01
C ASP A 108 -5.93 -19.53 -9.54
N GLY A 109 -6.64 -20.26 -10.38
CA GLY A 109 -7.99 -20.71 -10.05
C GLY A 109 -8.98 -19.57 -10.08
N ASN A 110 -9.49 -19.19 -8.91
CA ASN A 110 -10.45 -18.09 -8.79
C ASN A 110 -9.91 -17.00 -7.87
N THR A 111 -8.59 -16.95 -7.74
CA THR A 111 -7.92 -15.96 -6.88
C THR A 111 -6.84 -15.22 -7.65
N VAL A 112 -6.52 -14.01 -7.19
CA VAL A 112 -5.49 -13.18 -7.81
C VAL A 112 -4.59 -12.60 -6.72
N ASN A 113 -3.27 -12.69 -6.93
CA ASN A 113 -2.29 -12.19 -5.95
C ASN A 113 -1.45 -11.08 -6.57
N ALA A 114 -0.90 -10.22 -5.71
CA ALA A 114 -0.06 -9.12 -6.14
C ALA A 114 0.91 -8.73 -5.04
N ARG A 115 2.18 -8.56 -5.40
CA ARG A 115 3.23 -8.21 -4.44
C ARG A 115 3.86 -6.85 -4.77
N LEU A 116 3.85 -5.95 -3.78
CA LEU A 116 4.46 -4.63 -3.92
C LEU A 116 5.58 -4.53 -2.89
N SER A 117 6.81 -4.30 -3.34
CA SER A 117 7.94 -4.24 -2.43
C SER A 117 9.15 -3.60 -3.09
N SER A 118 10.04 -3.06 -2.26
CA SER A 118 11.27 -2.48 -2.76
C SER A 118 12.19 -3.62 -3.17
N VAL A 119 13.33 -3.29 -3.77
CA VAL A 119 14.28 -4.33 -4.22
C VAL A 119 15.60 -4.23 -3.46
N SER A 120 16.09 -5.36 -3.00
CA SER A 120 17.35 -5.39 -2.27
C SER A 120 18.47 -4.84 -3.15
N PRO A 121 19.55 -4.31 -2.56
CA PRO A 121 20.67 -3.75 -3.33
C PRO A 121 21.30 -4.80 -4.26
N GLY A 122 21.97 -4.33 -5.30
CA GLY A 122 22.60 -5.22 -6.25
C GLY A 122 21.57 -5.88 -7.15
N GLN A 123 20.82 -5.05 -7.89
CA GLN A 123 19.79 -5.54 -8.80
C GLN A 123 19.77 -4.71 -10.08
N GLY A 124 20.00 -3.41 -9.94
CA GLY A 124 20.02 -2.51 -11.09
C GLY A 124 19.21 -1.25 -10.84
N LYS A 125 18.71 -1.08 -9.62
CA LYS A 125 17.91 0.10 -9.26
C LYS A 125 18.44 0.73 -7.98
N ASP A 126 17.73 1.74 -7.48
CA ASP A 126 18.14 2.44 -6.27
C ASP A 126 17.69 1.70 -5.00
N SER A 127 18.41 1.96 -3.91
CA SER A 127 18.09 1.34 -2.62
C SER A 127 18.71 2.17 -1.50
N PRO A 128 18.25 3.44 -1.36
CA PRO A 128 18.76 4.36 -0.33
C PRO A 128 18.98 3.71 1.03
N ALA A 129 20.05 4.13 1.70
CA ALA A 129 20.39 3.62 3.03
C ALA A 129 20.09 4.70 4.08
N ILE A 130 19.70 4.28 5.28
CA ILE A 130 19.36 5.24 6.35
C ILE A 130 19.85 4.71 7.70
N THR A 131 19.94 5.61 8.67
CA THR A 131 20.39 5.24 10.01
C THR A 131 19.28 4.57 10.80
N HIS A 132 19.66 3.91 11.88
CA HIS A 132 18.70 3.22 12.73
C HIS A 132 17.67 4.20 13.29
N GLU A 133 18.12 5.42 13.57
CA GLU A 133 17.23 6.44 14.12
C GLU A 133 16.12 6.78 13.11
N GLU A 134 16.52 7.15 11.91
CA GLU A 134 15.55 7.50 10.88
C GLU A 134 14.63 6.32 10.59
N ALA A 135 15.22 5.13 10.47
CA ALA A 135 14.44 3.93 10.22
C ALA A 135 13.42 3.71 11.33
N LEU A 136 13.90 3.63 12.56
CA LEU A 136 13.02 3.43 13.71
C LEU A 136 11.87 4.42 13.66
N ALA A 137 12.15 5.64 13.18
CA ALA A 137 11.14 6.68 13.09
C ALA A 137 10.15 6.36 11.97
N MET A 138 10.68 6.02 10.80
CA MET A 138 9.83 5.69 9.66
C MET A 138 8.94 4.50 9.97
N ILE A 139 9.57 3.36 10.26
CA ILE A 139 8.83 2.13 10.55
C ILE A 139 7.66 2.42 11.50
N LYS A 140 7.72 3.53 12.22
CA LYS A 140 6.67 3.89 13.17
C LYS A 140 5.57 4.71 12.48
N ASP A 141 5.94 5.53 11.51
CA ASP A 141 4.97 6.39 10.80
C ASP A 141 4.45 5.74 9.51
N CYS A 142 5.23 4.82 8.95
CA CYS A 142 4.82 4.16 7.72
C CYS A 142 3.41 3.58 7.84
N GLU A 143 2.52 4.02 6.93
CA GLU A 143 1.13 3.56 6.94
C GLU A 143 0.66 3.29 5.51
N VAL A 144 0.20 2.07 5.25
CA VAL A 144 -0.28 1.69 3.91
C VAL A 144 -1.78 1.39 3.93
N SER A 145 -2.51 2.03 3.01
CA SER A 145 -3.96 1.84 2.90
C SER A 145 -4.27 1.06 1.62
N ILE A 146 -5.51 0.58 1.50
CA ILE A 146 -5.91 -0.18 0.32
C ILE A 146 -7.40 -0.01 0.05
N ASP A 147 -7.76 -0.08 -1.23
CA ASP A 147 -9.16 0.06 -1.65
C ASP A 147 -9.40 -0.79 -2.90
N ILE A 148 -9.76 -2.05 -2.69
CA ILE A 148 -10.01 -2.96 -3.82
C ILE A 148 -11.44 -2.78 -4.34
N ARG A 149 -11.60 -2.93 -5.66
CA ARG A 149 -12.92 -2.77 -6.30
C ARG A 149 -13.03 -3.75 -7.47
N CYS A 150 -14.14 -3.69 -8.19
CA CYS A 150 -14.37 -4.58 -9.34
C CYS A 150 -13.86 -3.94 -10.63
N SER A 151 -13.13 -4.72 -11.43
CA SER A 151 -12.59 -4.24 -12.71
C SER A 151 -13.20 -5.04 -13.87
N GLU A 152 -13.88 -4.34 -14.76
CA GLU A 152 -14.50 -4.98 -15.92
C GLU A 152 -13.55 -4.92 -17.12
N GLU A 153 -12.29 -4.61 -16.84
CA GLU A 153 -11.28 -4.51 -17.87
C GLU A 153 -11.27 -5.74 -18.77
N GLU A 154 -10.89 -5.55 -20.03
CA GLU A 154 -10.83 -6.64 -21.01
C GLU A 154 -9.49 -6.63 -21.74
N LYS A 155 -8.72 -5.56 -21.55
CA LYS A 155 -7.43 -5.43 -22.20
C LYS A 155 -6.50 -6.58 -21.81
N ASP A 156 -5.50 -6.83 -22.65
CA ASP A 156 -4.55 -7.92 -22.39
C ASP A 156 -3.61 -7.51 -21.25
N SER A 157 -2.74 -8.44 -20.85
CA SER A 157 -1.80 -8.19 -19.77
C SER A 157 -0.49 -7.64 -20.33
N ASP A 158 0.13 -6.72 -19.59
CA ASP A 158 1.40 -6.09 -19.98
C ASP A 158 2.49 -6.50 -19.00
N ILE A 159 3.20 -7.59 -19.31
CA ILE A 159 4.26 -8.11 -18.45
C ILE A 159 5.61 -8.11 -19.16
N LYS A 160 6.67 -8.27 -18.38
CA LYS A 160 8.04 -8.32 -18.90
C LYS A 160 8.66 -9.66 -18.55
N THR A 161 9.31 -10.28 -19.54
CA THR A 161 9.95 -11.58 -19.33
C THR A 161 11.25 -11.42 -18.55
N HIS A 162 11.16 -10.78 -17.39
CA HIS A 162 12.33 -10.56 -16.52
C HIS A 162 12.00 -11.00 -15.08
N PRO A 163 12.77 -11.92 -14.46
CA PRO A 163 12.48 -12.38 -13.09
C PRO A 163 12.01 -11.23 -12.19
N VAL A 164 11.14 -11.56 -11.23
CA VAL A 164 10.63 -10.55 -10.32
C VAL A 164 11.70 -10.14 -9.31
N LEU A 165 11.89 -8.84 -9.16
CA LEU A 165 12.90 -8.31 -8.24
C LEU A 165 12.38 -8.35 -6.81
N GLY A 166 13.02 -9.16 -5.96
CA GLY A 166 12.62 -9.29 -4.56
C GLY A 166 13.41 -8.38 -3.66
N SER A 167 12.86 -8.11 -2.47
CA SER A 167 13.52 -7.24 -1.48
C SER A 167 14.33 -8.08 -0.49
N ASN A 168 14.47 -9.37 -0.80
CA ASN A 168 15.22 -10.28 0.07
C ASN A 168 14.63 -10.33 1.47
N ILE A 169 13.35 -9.96 1.59
CA ILE A 169 12.67 -9.99 2.88
C ILE A 169 12.29 -11.42 3.24
N SER A 170 11.60 -11.58 4.37
CA SER A 170 11.15 -12.88 4.83
C SER A 170 9.83 -12.69 5.57
N HIS A 171 8.76 -13.23 5.02
CA HIS A 171 7.44 -13.07 5.64
C HIS A 171 7.35 -13.85 6.97
N LYS A 172 8.47 -14.02 7.64
CA LYS A 172 8.49 -14.75 8.92
C LYS A 172 7.74 -13.93 9.98
N LYS A 173 7.58 -14.52 11.17
CA LYS A 173 6.89 -13.83 12.26
C LYS A 173 7.87 -13.04 13.12
N VAL A 174 7.60 -11.75 13.28
CA VAL A 174 8.46 -10.86 14.08
C VAL A 174 7.60 -9.88 14.87
N SER A 175 8.23 -8.83 15.41
CA SER A 175 7.50 -7.84 16.19
C SER A 175 6.28 -7.34 15.41
N TYR A 176 5.21 -7.04 16.15
CA TYR A 176 3.96 -6.56 15.53
C TYR A 176 3.90 -5.04 15.54
N GLU A 177 3.54 -4.46 14.40
CA GLU A 177 3.44 -3.00 14.27
C GLU A 177 2.25 -2.63 13.39
N ASP A 178 1.38 -1.77 13.90
CA ASP A 178 0.20 -1.34 13.15
C ASP A 178 0.61 -0.49 11.96
N ILE A 179 0.73 -1.13 10.79
CA ILE A 179 1.12 -0.43 9.56
C ILE A 179 -0.08 -0.31 8.61
N ILE A 180 -0.87 -1.37 8.53
CA ILE A 180 -2.05 -1.36 7.66
C ILE A 180 -3.09 -0.36 8.17
N GLY A 181 -3.32 0.69 7.38
CA GLY A 181 -4.29 1.71 7.76
C GLY A 181 -5.71 1.29 7.40
N SER A 182 -6.38 2.11 6.61
CA SER A 182 -7.76 1.81 6.21
C SER A 182 -7.76 0.74 5.12
N THR A 183 -8.84 -0.04 5.08
CA THR A 183 -8.96 -1.11 4.07
C THR A 183 -10.43 -1.31 3.70
N ILE A 184 -10.86 -0.62 2.64
CA ILE A 184 -12.24 -0.71 2.16
C ILE A 184 -12.32 -1.68 0.98
N VAL A 185 -13.31 -2.58 1.01
CA VAL A 185 -13.46 -3.57 -0.07
C VAL A 185 -14.93 -3.91 -0.32
N ASP A 186 -15.32 -3.88 -1.59
CA ASP A 186 -16.69 -4.20 -1.99
C ASP A 186 -16.84 -5.70 -2.18
N THR A 187 -17.46 -6.36 -1.19
CA THR A 187 -17.65 -7.81 -1.24
C THR A 187 -18.17 -8.24 -2.61
N LYS A 188 -18.87 -7.33 -3.27
CA LYS A 188 -19.44 -7.63 -4.58
C LYS A 188 -18.46 -8.40 -5.47
N CYS A 189 -17.16 -8.24 -5.23
CA CYS A 189 -16.14 -8.94 -6.06
C CYS A 189 -14.95 -9.40 -5.23
N VAL A 190 -15.19 -9.84 -4.00
CA VAL A 190 -14.11 -10.33 -3.15
C VAL A 190 -14.66 -10.99 -1.89
N LYS A 191 -14.60 -12.33 -1.89
CA LYS A 191 -15.09 -13.10 -0.74
C LYS A 191 -14.10 -12.98 0.42
N ASN A 192 -12.83 -13.31 0.15
CA ASN A 192 -11.78 -13.25 1.17
C ASN A 192 -10.71 -12.25 0.75
N LEU A 193 -9.75 -11.99 1.65
CA LEU A 193 -8.67 -11.06 1.36
C LEU A 193 -7.64 -11.08 2.49
N GLU A 194 -6.48 -11.69 2.22
CA GLU A 194 -5.41 -11.76 3.20
C GLU A 194 -4.46 -10.59 2.99
N PHE A 195 -3.85 -10.13 4.08
CA PHE A 195 -2.92 -8.99 4.00
C PHE A 195 -1.72 -9.22 4.92
N SER A 196 -0.53 -8.95 4.40
CA SER A 196 0.71 -9.11 5.16
C SER A 196 1.68 -8.01 4.80
N VAL A 197 2.24 -7.35 5.82
CA VAL A 197 3.20 -6.26 5.62
C VAL A 197 4.50 -6.57 6.34
N ARG A 198 5.60 -6.02 5.85
CA ARG A 198 6.91 -6.23 6.46
C ARG A 198 7.84 -5.08 6.15
N ILE A 199 8.68 -4.74 7.12
CA ILE A 199 9.64 -3.64 6.95
C ILE A 199 10.90 -3.92 7.78
N GLY A 200 12.03 -4.03 7.11
CA GLY A 200 13.28 -4.30 7.81
C GLY A 200 14.48 -4.13 6.89
N ASP A 201 15.58 -4.79 7.25
CA ASP A 201 16.81 -4.71 6.45
C ASP A 201 16.71 -5.63 5.24
N MET A 202 16.88 -5.04 4.05
CA MET A 202 16.81 -5.81 2.81
C MET A 202 18.13 -6.53 2.55
N CYS A 203 19.11 -6.31 3.42
CA CYS A 203 20.43 -6.95 3.30
C CYS A 203 20.60 -8.03 4.36
N LYS A 204 20.33 -7.68 5.60
CA LYS A 204 20.46 -8.63 6.72
C LYS A 204 19.58 -8.19 7.89
N GLU A 205 18.55 -8.97 8.18
CA GLU A 205 17.63 -8.66 9.28
C GLU A 205 18.41 -8.21 10.52
N SER A 206 17.76 -7.45 11.39
CA SER A 206 18.41 -6.97 12.62
C SER A 206 17.36 -6.64 13.69
N SER A 207 16.68 -7.68 14.18
CA SER A 207 15.67 -7.54 15.24
C SER A 207 14.95 -6.20 15.21
N GLU A 208 15.51 -5.21 15.89
CA GLU A 208 14.90 -3.88 15.95
C GLU A 208 14.33 -3.45 14.60
N LEU A 209 15.13 -3.57 13.55
CA LEU A 209 14.70 -3.20 12.21
C LEU A 209 13.90 -4.35 11.59
N GLU A 210 12.87 -4.81 12.29
CA GLU A 210 12.05 -5.91 11.79
C GLU A 210 10.66 -5.86 12.42
N VAL A 211 9.64 -5.74 11.58
CA VAL A 211 8.25 -5.68 12.04
C VAL A 211 7.36 -6.49 11.11
N LYS A 212 6.07 -6.54 11.40
CA LYS A 212 5.14 -7.28 10.59
C LYS A 212 3.70 -7.01 11.01
N ASP A 213 2.81 -7.02 10.02
CA ASP A 213 1.38 -6.79 10.26
C ASP A 213 0.57 -7.67 9.32
N GLY A 214 -0.73 -7.75 9.55
CA GLY A 214 -1.59 -8.55 8.69
C GLY A 214 -2.89 -8.93 9.35
N PHE A 215 -3.90 -9.17 8.52
CA PHE A 215 -5.24 -9.55 9.00
C PHE A 215 -5.74 -10.72 8.15
N LYS A 216 -6.93 -11.23 8.49
CA LYS A 216 -7.53 -12.35 7.77
C LYS A 216 -8.98 -12.04 7.44
N TYR A 217 -9.25 -11.69 6.19
CA TYR A 217 -10.60 -11.37 5.73
C TYR A 217 -11.21 -12.59 5.05
N VAL A 218 -12.25 -13.16 5.66
CA VAL A 218 -12.91 -14.34 5.10
C VAL A 218 -14.43 -14.22 5.22
N ASP A 219 -15.09 -14.08 4.08
CA ASP A 219 -16.54 -13.96 4.06
C ASP A 219 -17.01 -12.87 5.01
N GLY A 220 -16.33 -11.73 5.00
CA GLY A 220 -16.69 -10.61 5.86
C GLY A 220 -16.13 -10.74 7.26
N SER A 221 -15.50 -11.88 7.54
CA SER A 221 -14.92 -12.12 8.87
C SER A 221 -13.46 -11.64 8.92
N ALA A 222 -13.22 -10.60 9.72
CA ALA A 222 -11.86 -10.04 9.88
C ALA A 222 -11.24 -10.57 11.17
N SER A 223 -9.92 -10.71 11.18
CA SER A 223 -9.25 -11.21 12.38
C SER A 223 -7.74 -10.99 12.32
N LYS A 224 -7.21 -10.31 13.33
CA LYS A 224 -5.78 -10.05 13.40
C LYS A 224 -5.06 -11.30 13.87
N GLY A 225 -3.91 -11.59 13.28
CA GLY A 225 -3.16 -12.77 13.67
C GLY A 225 -1.82 -12.87 12.98
N ALA A 226 -0.75 -12.64 13.75
CA ALA A 226 0.59 -12.71 13.20
C ALA A 226 1.00 -14.16 12.98
N THR A 227 0.99 -14.60 11.73
CA THR A 227 1.36 -15.98 11.38
C THR A 227 2.38 -16.00 10.26
N ASP A 228 3.11 -17.11 10.15
CA ASP A 228 4.12 -17.24 9.12
C ASP A 228 3.50 -17.16 7.74
N ASP A 229 3.52 -15.96 7.15
CA ASP A 229 2.94 -15.75 5.82
C ASP A 229 3.94 -16.16 4.74
N THR A 230 4.99 -16.87 5.16
CA THR A 230 6.02 -17.32 4.24
C THR A 230 5.43 -17.91 2.97
N SER A 231 4.50 -18.86 3.14
CA SER A 231 3.88 -19.53 1.99
C SER A 231 2.53 -18.91 1.64
N LEU A 232 2.18 -17.80 2.29
CA LEU A 232 0.90 -17.14 2.02
C LEU A 232 0.61 -17.09 0.52
N ILE A 233 1.68 -17.15 -0.28
CA ILE A 233 1.53 -17.11 -1.73
C ILE A 233 2.84 -17.60 -2.38
N ASP A 234 2.72 -18.32 -3.49
CA ASP A 234 3.89 -18.83 -4.19
C ASP A 234 4.57 -17.70 -4.95
N SER A 235 5.65 -17.18 -4.38
CA SER A 235 6.39 -16.07 -4.99
C SER A 235 7.03 -16.48 -6.32
N THR A 236 6.94 -17.77 -6.67
CA THR A 236 7.53 -18.26 -7.92
C THR A 236 6.55 -18.13 -9.09
N LYS A 237 5.29 -17.82 -8.79
CA LYS A 237 4.27 -17.68 -9.84
C LYS A 237 3.99 -16.21 -10.16
N LEU A 238 4.71 -15.32 -9.48
CA LEU A 238 4.53 -13.88 -9.69
C LEU A 238 5.28 -13.41 -10.94
N LYS A 239 4.66 -12.47 -11.67
CA LYS A 239 5.25 -11.91 -12.89
C LYS A 239 5.18 -10.39 -12.84
N ALA A 240 6.27 -9.73 -13.24
CA ALA A 240 6.32 -8.28 -13.24
C ALA A 240 5.23 -7.70 -14.14
N CYS A 241 4.57 -6.64 -13.67
CA CYS A 241 3.50 -5.99 -14.44
C CYS A 241 4.02 -4.74 -15.14
N VAL A 242 5.24 -4.32 -14.81
CA VAL A 242 5.83 -3.13 -15.41
C VAL A 242 5.00 -1.89 -15.05
N ALA B 1 -38.90 0.88 -9.57
CA ALA B 1 -37.62 1.15 -8.93
C ALA B 1 -37.49 0.36 -7.64
N PRO B 2 -37.55 -0.98 -7.72
CA PRO B 2 -37.44 -1.85 -6.54
C PRO B 2 -35.99 -1.95 -6.05
N MET B 3 -35.77 -1.56 -4.81
CA MET B 3 -34.43 -1.60 -4.23
C MET B 3 -33.83 -3.00 -4.41
N GLY B 4 -32.56 -3.14 -4.02
CA GLY B 4 -31.89 -4.42 -4.14
C GLY B 4 -32.58 -5.50 -3.33
N SER B 5 -31.81 -6.24 -2.55
CA SER B 5 -32.38 -7.31 -1.73
C SER B 5 -31.31 -7.94 -0.85
N ASP B 6 -30.21 -7.20 -0.63
CA ASP B 6 -29.06 -7.64 0.19
C ASP B 6 -27.78 -7.04 -0.37
N PRO B 7 -27.59 -5.72 -0.22
CA PRO B 7 -26.38 -5.03 -0.72
C PRO B 7 -25.17 -5.43 0.12
N PRO B 8 -23.95 -4.96 -0.24
CA PRO B 8 -22.74 -5.29 0.51
C PRO B 8 -22.70 -4.52 1.83
N THR B 9 -21.77 -3.55 1.95
CA THR B 9 -21.65 -2.76 3.18
C THR B 9 -20.27 -2.10 3.25
N ALA B 10 -20.00 -1.18 2.32
CA ALA B 10 -18.70 -0.51 2.32
C ALA B 10 -18.55 0.30 3.61
N CYS B 11 -18.09 -0.36 4.68
CA CYS B 11 -17.90 0.30 5.98
C CYS B 11 -16.43 0.22 6.41
N CYS B 12 -16.03 1.17 7.26
CA CYS B 12 -14.65 1.22 7.76
C CYS B 12 -14.32 0.02 8.64
N PHE B 13 -13.14 -0.58 8.40
CA PHE B 13 -12.67 -1.71 9.20
C PHE B 13 -11.46 -1.26 10.02
N SER B 14 -10.75 -0.27 9.48
CA SER B 14 -9.57 0.26 10.16
C SER B 14 -9.34 1.73 9.80
N TYR B 15 -8.65 2.46 10.68
CA TYR B 15 -8.37 3.89 10.49
C TYR B 15 -6.88 4.12 10.21
N THR B 16 -6.56 5.28 9.63
CA THR B 16 -5.17 5.64 9.34
C THR B 16 -4.53 6.25 10.58
N ALA B 17 -3.28 5.89 10.86
CA ALA B 17 -2.58 6.38 12.03
C ALA B 17 -1.88 7.70 11.75
N ARG B 18 -2.10 8.25 10.55
CA ARG B 18 -1.47 9.53 10.16
C ARG B 18 -2.52 10.56 9.77
N LYS B 19 -2.44 11.74 10.41
CA LYS B 19 -3.37 12.83 10.11
C LYS B 19 -2.97 13.52 8.81
N LEU B 20 -3.94 13.75 7.93
CA LEU B 20 -3.67 14.38 6.63
C LEU B 20 -3.88 15.92 6.71
N PRO B 21 -2.80 16.74 6.62
CA PRO B 21 -2.93 18.21 6.68
C PRO B 21 -4.07 18.73 5.81
N ARG B 22 -4.67 19.84 6.24
CA ARG B 22 -5.77 20.46 5.51
C ARG B 22 -5.50 20.51 4.00
N ASN B 23 -4.28 20.89 3.62
CA ASN B 23 -3.93 21.01 2.21
C ASN B 23 -3.84 19.64 1.54
N PHE B 24 -4.57 18.67 2.09
CA PHE B 24 -4.57 17.30 1.55
C PHE B 24 -5.95 16.69 1.74
N VAL B 25 -6.97 17.55 1.78
CA VAL B 25 -8.36 17.11 1.95
C VAL B 25 -9.31 18.11 1.30
N VAL B 26 -9.78 17.79 0.09
CA VAL B 26 -10.70 18.67 -0.64
C VAL B 26 -12.15 18.46 -0.21
N ASP B 27 -12.47 17.25 0.26
CA ASP B 27 -13.85 16.96 0.68
C ASP B 27 -13.91 15.66 1.48
N TYR B 28 -15.11 15.26 1.90
CA TYR B 28 -15.26 14.04 2.70
C TYR B 28 -16.66 13.43 2.54
N TYR B 29 -16.83 12.24 3.12
CA TYR B 29 -18.10 11.53 3.07
C TYR B 29 -18.15 10.47 4.18
N GLU B 30 -19.32 10.32 4.80
CA GLU B 30 -19.48 9.35 5.89
C GLU B 30 -19.77 7.95 5.37
N THR B 31 -19.27 6.95 6.08
CA THR B 31 -19.46 5.56 5.71
C THR B 31 -20.94 5.25 5.49
N SER B 32 -21.54 4.49 6.40
CA SER B 32 -22.95 4.12 6.30
C SER B 32 -23.56 3.91 7.68
N SER B 33 -24.54 3.02 7.76
CA SER B 33 -25.22 2.72 9.04
C SER B 33 -25.54 1.24 9.13
N LEU B 34 -25.65 0.59 7.97
CA LEU B 34 -25.95 -0.83 7.93
C LEU B 34 -24.93 -1.60 8.76
N CYS B 35 -23.87 -0.90 9.19
CA CYS B 35 -22.80 -1.49 10.00
C CYS B 35 -22.73 -0.76 11.34
N SER B 36 -22.87 -1.52 12.42
CA SER B 36 -22.84 -0.94 13.76
C SER B 36 -21.42 -0.51 14.15
N GLN B 37 -20.66 -0.01 13.18
CA GLN B 37 -19.29 0.43 13.42
C GLN B 37 -18.91 1.47 12.36
N PRO B 38 -19.71 2.54 12.23
CA PRO B 38 -19.48 3.59 11.22
C PRO B 38 -18.17 4.36 11.45
N ALA B 39 -18.04 5.47 10.72
CA ALA B 39 -16.85 6.32 10.82
C ALA B 39 -16.91 7.42 9.76
N VAL B 40 -15.92 8.31 9.78
CA VAL B 40 -15.84 9.40 8.81
C VAL B 40 -14.72 9.13 7.82
N VAL B 41 -15.03 9.28 6.54
CA VAL B 41 -14.05 9.05 5.47
C VAL B 41 -13.74 10.36 4.77
N PHE B 42 -12.44 10.67 4.62
CA PHE B 42 -12.03 11.92 3.98
C PHE B 42 -11.37 11.65 2.63
N GLN B 43 -11.58 12.57 1.69
CA GLN B 43 -10.99 12.46 0.35
C GLN B 43 -9.67 13.23 0.35
N THR B 44 -8.88 13.09 -0.70
CA THR B 44 -7.59 13.78 -0.77
C THR B 44 -7.34 14.30 -2.18
N ALA B 45 -6.07 14.23 -2.59
CA ALA B 45 -5.64 14.70 -3.91
C ALA B 45 -4.86 13.62 -4.66
N ALA B 46 -4.05 12.85 -3.93
CA ALA B 46 -3.24 11.79 -4.53
C ALA B 46 -3.50 10.44 -3.87
N SER B 47 -4.78 10.09 -3.68
CA SER B 47 -5.13 8.81 -3.07
C SER B 47 -6.53 8.35 -3.48
N ALA B 48 -7.54 8.91 -2.81
CA ALA B 48 -8.95 8.58 -3.09
C ALA B 48 -9.80 8.84 -1.84
N GLN B 49 -9.94 7.82 -1.01
CA GLN B 49 -10.72 7.92 0.23
C GLN B 49 -10.04 7.09 1.33
N VAL B 50 -10.10 7.57 2.57
CA VAL B 50 -9.48 6.86 3.69
C VAL B 50 -10.25 7.12 4.99
N CYS B 51 -10.73 6.02 5.58
CA CYS B 51 -11.47 6.07 6.82
C CYS B 51 -10.68 6.79 7.91
N ALA B 52 -11.39 7.29 8.94
CA ALA B 52 -10.75 8.00 10.05
C ALA B 52 -11.60 7.87 11.30
N ASP B 53 -10.96 7.52 12.42
CA ASP B 53 -11.68 7.37 13.67
C ASP B 53 -12.18 8.75 14.14
N PRO B 54 -13.50 8.95 14.32
CA PRO B 54 -14.03 10.26 14.75
C PRO B 54 -13.73 10.50 16.23
N SER B 55 -13.07 9.54 16.86
CA SER B 55 -12.74 9.65 18.28
C SER B 55 -11.69 10.74 18.51
N GLU B 56 -10.99 11.13 17.45
CA GLU B 56 -9.96 12.17 17.56
C GLU B 56 -10.55 13.54 17.25
N SER B 57 -10.41 14.47 18.18
CA SER B 57 -10.94 15.82 18.03
C SER B 57 -10.53 16.44 16.69
N TRP B 58 -9.27 16.24 16.29
CA TRP B 58 -8.78 16.80 15.04
C TRP B 58 -9.66 16.38 13.87
N VAL B 59 -10.19 15.17 13.93
CA VAL B 59 -11.05 14.66 12.87
C VAL B 59 -12.39 15.38 12.91
N GLN B 60 -12.84 15.68 14.11
CA GLN B 60 -14.11 16.37 14.30
C GLN B 60 -14.01 17.81 13.80
N GLU B 61 -12.96 18.50 14.20
CA GLU B 61 -12.75 19.88 13.78
C GLU B 61 -12.53 19.96 12.29
N TYR B 62 -11.85 18.96 11.75
CA TYR B 62 -11.58 18.92 10.31
C TYR B 62 -12.91 18.86 9.55
N VAL B 63 -13.86 18.12 10.11
CA VAL B 63 -15.17 18.00 9.50
C VAL B 63 -15.93 19.30 9.67
N TYR B 64 -15.87 19.86 10.88
CA TYR B 64 -16.55 21.10 11.17
C TYR B 64 -16.06 22.22 10.26
N ASP B 65 -14.79 22.18 9.90
CA ASP B 65 -14.21 23.21 9.04
C ASP B 65 -14.70 23.05 7.61
N LEU B 66 -14.84 21.81 7.16
CA LEU B 66 -15.31 21.54 5.80
C LEU B 66 -16.79 21.89 5.66
N GLU B 67 -17.50 21.92 6.78
CA GLU B 67 -18.93 22.25 6.75
C GLU B 67 -19.12 23.75 6.49
N LEU B 68 -18.17 24.56 6.95
CA LEU B 68 -18.26 26.01 6.75
C LEU B 68 -17.82 26.38 5.33
N ASN B 69 -16.51 26.54 5.13
CA ASN B 69 -15.99 26.88 3.82
C ASN B 69 -16.05 25.70 2.88
N MET A 1 23.21 -1.28 -19.16
CA MET A 1 24.48 -1.78 -19.69
C MET A 1 25.60 -0.79 -19.44
N PRO A 2 25.97 -0.58 -18.17
CA PRO A 2 27.04 0.37 -17.79
C PRO A 2 28.26 0.23 -18.69
N ALA A 3 28.98 1.33 -18.88
CA ALA A 3 30.17 1.32 -19.72
C ALA A 3 31.20 0.33 -19.17
N SER A 4 31.35 0.32 -17.85
CA SER A 4 32.30 -0.58 -17.21
C SER A 4 32.10 -0.60 -15.70
N LEU A 5 30.98 -1.15 -15.27
CA LEU A 5 30.67 -1.22 -13.84
C LEU A 5 30.78 0.16 -13.20
N GLN A 6 30.52 0.23 -11.89
CA GLN A 6 30.60 1.49 -11.15
C GLN A 6 31.06 1.23 -9.72
N GLN A 7 31.07 2.30 -8.93
CA GLN A 7 31.50 2.19 -7.53
C GLN A 7 30.64 1.17 -6.79
N SER A 8 31.31 0.25 -6.09
CA SER A 8 30.59 -0.77 -5.34
C SER A 8 29.94 -0.19 -4.10
N SER A 9 30.17 1.11 -3.87
CA SER A 9 29.60 1.79 -2.72
C SER A 9 28.11 2.06 -2.93
N SER A 10 27.73 2.32 -4.18
CA SER A 10 26.34 2.59 -4.51
C SER A 10 25.43 1.54 -3.90
N SER A 11 24.37 1.98 -3.23
CA SER A 11 23.44 1.05 -2.59
C SER A 11 22.81 0.14 -3.63
N SER A 12 22.84 0.56 -4.89
CA SER A 12 22.27 -0.23 -5.97
C SER A 12 23.21 -1.39 -6.32
N SER A 13 24.48 -1.25 -5.95
CA SER A 13 25.48 -2.28 -6.23
C SER A 13 25.51 -3.33 -5.11
N SER A 14 25.43 -2.86 -3.86
CA SER A 14 25.46 -3.77 -2.72
C SER A 14 25.05 -3.07 -1.44
N CYS A 15 25.04 -3.80 -0.33
CA CYS A 15 24.68 -3.24 0.96
C CYS A 15 25.75 -2.28 1.45
N THR A 16 25.38 -1.36 2.33
CA THR A 16 26.32 -0.41 2.89
C THR A 16 27.15 -1.06 3.99
N GLU A 17 28.12 -0.32 4.52
CA GLU A 17 29.00 -0.82 5.58
C GLU A 17 28.97 0.11 6.78
N GLU A 18 28.08 1.10 6.73
CA GLU A 18 27.95 2.06 7.83
C GLU A 18 27.06 1.50 8.93
N GLU A 19 27.70 0.81 9.89
CA GLU A 19 27.00 0.18 11.03
C GLU A 19 25.66 0.83 11.35
N ASN A 20 25.68 2.10 11.74
CA ASN A 20 24.46 2.82 12.08
C ASN A 20 23.70 3.23 10.82
N LYS A 21 23.50 2.28 9.92
CA LYS A 21 22.79 2.56 8.67
C LYS A 21 22.19 1.26 8.11
N HIS A 22 20.87 1.28 7.86
CA HIS A 22 20.17 0.11 7.33
C HIS A 22 19.42 0.47 6.06
N HIS A 23 19.23 -0.53 5.20
CA HIS A 23 18.50 -0.33 3.95
C HIS A 23 17.04 -0.68 4.12
N MET A 24 16.27 0.27 4.66
CA MET A 24 14.84 0.05 4.89
C MET A 24 14.19 -0.57 3.65
N GLY A 25 12.92 -0.92 3.78
CA GLY A 25 12.18 -1.51 2.68
C GLY A 25 10.86 -2.08 3.15
N ILE A 26 9.81 -1.78 2.39
CA ILE A 26 8.46 -2.27 2.72
C ILE A 26 8.01 -3.30 1.70
N ASP A 27 7.25 -4.28 2.17
CA ASP A 27 6.71 -5.34 1.30
C ASP A 27 5.26 -5.59 1.67
N VAL A 28 4.42 -5.81 0.67
CA VAL A 28 2.99 -6.05 0.92
C VAL A 28 2.44 -7.15 0.03
N ILE A 29 1.58 -8.00 0.63
CA ILE A 29 0.94 -9.10 -0.09
C ILE A 29 -0.56 -8.85 -0.16
N ILE A 30 -1.19 -9.34 -1.23
CA ILE A 30 -2.63 -9.15 -1.40
C ILE A 30 -3.23 -10.35 -2.13
N LYS A 31 -3.99 -11.18 -1.41
CA LYS A 31 -4.63 -12.36 -2.00
C LYS A 31 -6.14 -12.15 -2.03
N VAL A 32 -6.64 -11.68 -3.18
CA VAL A 32 -8.07 -11.42 -3.35
C VAL A 32 -8.76 -12.60 -4.02
N THR A 33 -9.91 -13.00 -3.46
CA THR A 33 -10.69 -14.11 -4.00
C THR A 33 -11.96 -13.59 -4.66
N LYS A 34 -12.15 -13.95 -5.92
CA LYS A 34 -13.33 -13.52 -6.65
C LYS A 34 -14.54 -14.34 -6.21
N GLN A 35 -15.72 -13.74 -6.26
CA GLN A 35 -16.94 -14.44 -5.88
C GLN A 35 -17.31 -15.46 -6.95
N ASP A 36 -18.11 -16.45 -6.57
CA ASP A 36 -18.52 -17.48 -7.53
C ASP A 36 -19.59 -16.94 -8.48
N GLN A 37 -19.40 -15.70 -8.93
CA GLN A 37 -20.36 -15.07 -9.85
C GLN A 37 -19.63 -14.16 -10.83
N THR A 38 -18.49 -13.63 -10.40
CA THR A 38 -17.71 -12.75 -11.26
C THR A 38 -17.09 -13.53 -12.43
N PRO A 39 -17.48 -13.24 -13.69
CA PRO A 39 -16.93 -13.96 -14.86
C PRO A 39 -15.43 -14.23 -14.71
N THR A 40 -14.94 -15.23 -15.44
CA THR A 40 -13.53 -15.59 -15.39
C THR A 40 -12.67 -14.49 -16.02
N ASN A 41 -11.57 -14.16 -15.35
CA ASN A 41 -10.65 -13.14 -15.86
C ASN A 41 -9.23 -13.39 -15.33
N ASP A 42 -8.38 -13.95 -16.19
CA ASP A 42 -6.99 -14.24 -15.82
C ASP A 42 -6.04 -13.20 -16.39
N LYS A 43 -6.61 -12.11 -16.91
CA LYS A 43 -5.80 -11.05 -17.49
C LYS A 43 -5.05 -10.30 -16.40
N ILE A 44 -3.85 -10.78 -16.07
CA ILE A 44 -3.03 -10.14 -15.03
C ILE A 44 -2.10 -9.10 -15.66
N CYS A 45 -1.66 -8.15 -14.84
CA CYS A 45 -0.76 -7.09 -15.31
C CYS A 45 -1.39 -6.31 -16.47
N GLN A 46 -2.69 -6.05 -16.39
CA GLN A 46 -3.36 -5.31 -17.44
C GLN A 46 -2.65 -3.97 -17.67
N SER A 47 -2.44 -3.23 -16.59
CA SER A 47 -1.77 -1.94 -16.68
C SER A 47 -1.50 -1.36 -15.30
N VAL A 48 -0.51 -0.47 -15.22
CA VAL A 48 -0.13 0.17 -13.96
C VAL A 48 0.11 1.66 -14.20
N THR A 49 -0.44 2.49 -13.31
CA THR A 49 -0.28 3.95 -13.43
C THR A 49 0.10 4.54 -12.08
N GLU A 50 1.37 4.95 -11.96
CA GLU A 50 1.86 5.52 -10.70
C GLU A 50 1.51 7.00 -10.62
N ILE A 51 1.25 7.46 -9.39
CA ILE A 51 0.89 8.86 -9.14
C ILE A 51 1.53 9.31 -7.84
N THR A 52 1.73 10.61 -7.70
CA THR A 52 2.35 11.18 -6.49
C THR A 52 1.86 12.60 -6.29
N GLU A 53 1.81 13.05 -5.05
CA GLU A 53 1.36 14.39 -4.76
C GLU A 53 2.22 15.38 -5.56
N SER A 54 1.86 16.65 -5.50
CA SER A 54 2.61 17.68 -6.21
C SER A 54 3.95 17.92 -5.54
N GLU A 55 4.01 17.69 -4.22
CA GLU A 55 5.25 17.91 -3.49
C GLU A 55 6.40 17.19 -4.18
N SER A 56 6.31 15.87 -4.24
CA SER A 56 7.37 15.07 -4.87
C SER A 56 7.55 15.45 -6.34
N ASP A 57 6.48 15.95 -6.96
CA ASP A 57 6.52 16.35 -8.36
C ASP A 57 5.43 17.39 -8.64
N PRO A 58 5.69 18.70 -8.43
CA PRO A 58 4.69 19.73 -8.63
C PRO A 58 4.52 20.12 -10.09
N ASP A 59 3.95 19.20 -10.88
CA ASP A 59 3.71 19.43 -12.31
C ASP A 59 2.21 19.27 -12.64
N PRO A 60 1.50 18.30 -12.03
CA PRO A 60 0.06 18.10 -12.30
C PRO A 60 -0.78 19.32 -11.90
N GLU A 61 -0.57 19.81 -10.69
CA GLU A 61 -1.31 20.97 -10.20
C GLU A 61 -1.27 22.10 -11.22
N VAL A 62 -0.35 23.04 -11.03
CA VAL A 62 -0.18 24.18 -11.93
C VAL A 62 0.93 25.09 -11.40
N GLU A 63 0.69 25.69 -10.25
CA GLU A 63 1.67 26.58 -9.63
C GLU A 63 1.21 27.00 -8.23
N SER A 64 -0.09 27.29 -8.10
CA SER A 64 -0.66 27.71 -6.82
C SER A 64 -0.14 26.85 -5.67
N GLU A 65 0.99 27.26 -5.10
CA GLU A 65 1.57 26.52 -3.98
C GLU A 65 2.65 27.36 -3.30
N ASP A 66 2.32 27.89 -2.13
CA ASP A 66 3.27 28.71 -1.38
C ASP A 66 4.52 27.90 -1.02
N ASP A 67 5.68 28.54 -1.12
CA ASP A 67 6.94 27.88 -0.80
C ASP A 67 6.93 27.38 0.64
N SER A 68 7.82 27.93 1.46
CA SER A 68 7.89 27.52 2.86
C SER A 68 8.76 28.48 3.66
N THR A 69 8.69 28.36 4.99
CA THR A 69 9.48 29.21 5.88
C THR A 69 9.53 28.57 7.27
N SER A 70 9.33 27.26 7.31
CA SER A 70 9.35 26.51 8.57
C SER A 70 8.73 25.12 8.36
N VAL A 71 8.64 24.35 9.44
CA VAL A 71 8.07 23.00 9.41
C VAL A 71 8.43 22.29 8.09
N GLU A 72 9.60 21.66 8.09
CA GLU A 72 10.06 20.93 6.92
C GLU A 72 9.02 19.90 6.48
N ASP A 73 7.98 19.74 7.30
CA ASP A 73 6.91 18.78 7.00
C ASP A 73 5.70 19.51 6.42
N VAL A 74 5.89 20.13 5.26
CA VAL A 74 4.82 20.87 4.61
C VAL A 74 3.59 19.96 4.40
N ASP A 75 3.72 18.93 3.57
CA ASP A 75 2.62 18.01 3.30
C ASP A 75 3.15 16.69 2.75
N PRO A 76 3.39 15.68 3.61
CA PRO A 76 3.91 14.38 3.15
C PRO A 76 3.22 13.89 1.87
N PRO A 77 3.97 13.48 0.82
CA PRO A 77 3.37 13.00 -0.44
C PRO A 77 2.91 11.55 -0.34
N THR A 78 1.88 11.21 -1.11
CA THR A 78 1.34 9.84 -1.11
C THR A 78 1.45 9.23 -2.50
N THR A 79 2.08 8.05 -2.58
CA THR A 79 2.25 7.35 -3.86
C THR A 79 1.11 6.36 -4.03
N TYR A 80 0.32 6.54 -5.09
CA TYR A 80 -0.83 5.67 -5.36
C TYR A 80 -0.77 5.10 -6.79
N TYR A 81 -0.58 3.78 -6.90
CA TYR A 81 -0.52 3.10 -8.19
C TYR A 81 -1.72 2.18 -8.37
N SER A 82 -2.50 2.42 -9.43
CA SER A 82 -3.70 1.62 -9.71
C SER A 82 -3.37 0.44 -10.61
N ILE A 83 -2.77 -0.61 -10.05
CA ILE A 83 -2.43 -1.80 -10.84
C ILE A 83 -3.70 -2.61 -11.11
N ILE A 84 -4.12 -2.61 -12.38
CA ILE A 84 -5.33 -3.34 -12.80
C ILE A 84 -4.96 -4.74 -13.29
N GLY A 85 -5.84 -5.70 -13.03
CA GLY A 85 -5.60 -7.07 -13.45
C GLY A 85 -6.50 -8.05 -12.74
N GLY A 86 -6.66 -9.24 -13.33
CA GLY A 86 -7.50 -10.26 -12.75
C GLY A 86 -8.95 -9.83 -12.62
N GLY A 87 -9.36 -8.92 -13.49
CA GLY A 87 -10.73 -8.42 -13.46
C GLY A 87 -10.99 -7.56 -12.25
N LEU A 88 -9.92 -7.08 -11.62
CA LEU A 88 -10.03 -6.24 -10.42
C LEU A 88 -9.10 -5.04 -10.52
N ARG A 89 -9.40 -4.00 -9.74
CA ARG A 89 -8.59 -2.78 -9.70
C ARG A 89 -8.13 -2.55 -8.26
N MET A 90 -6.84 -2.72 -7.99
CA MET A 90 -6.32 -2.54 -6.63
C MET A 90 -5.66 -1.17 -6.48
N ASN A 91 -6.40 -0.24 -5.90
CA ASN A 91 -5.91 1.11 -5.68
C ASN A 91 -5.10 1.17 -4.39
N PHE A 92 -3.88 1.74 -4.48
CA PHE A 92 -2.99 1.85 -3.33
C PHE A 92 -2.80 3.32 -2.93
N GLY A 93 -1.90 3.55 -1.98
CA GLY A 93 -1.62 4.89 -1.50
C GLY A 93 -0.63 4.89 -0.36
N PHE A 94 0.64 4.62 -0.68
CA PHE A 94 1.69 4.58 0.33
C PHE A 94 2.10 5.99 0.72
N THR A 95 2.48 6.18 1.98
CA THR A 95 2.90 7.48 2.48
C THR A 95 3.98 7.33 3.55
N LYS A 96 5.10 8.04 3.36
CA LYS A 96 6.22 7.98 4.28
C LYS A 96 6.76 6.55 4.38
N CYS A 97 6.62 5.80 3.29
CA CYS A 97 7.11 4.41 3.23
C CYS A 97 8.17 4.29 2.13
N PRO A 98 9.21 3.43 2.30
CA PRO A 98 10.24 3.25 1.27
C PRO A 98 9.65 3.25 -0.14
N GLN A 99 10.46 3.64 -1.12
CA GLN A 99 10.00 3.68 -2.50
C GLN A 99 9.75 2.27 -3.02
N ILE A 100 8.67 2.11 -3.80
CA ILE A 100 8.32 0.81 -4.37
C ILE A 100 8.72 0.78 -5.85
N LYS A 101 9.56 -0.18 -6.23
CA LYS A 101 10.03 -0.29 -7.62
C LYS A 101 9.78 -1.70 -8.18
N SER A 102 9.22 -2.58 -7.35
CA SER A 102 8.92 -3.96 -7.78
C SER A 102 7.44 -4.26 -7.57
N ILE A 103 6.79 -4.71 -8.64
CA ILE A 103 5.36 -5.05 -8.58
C ILE A 103 5.06 -6.20 -9.55
N SER A 104 4.21 -7.12 -9.12
CA SER A 104 3.86 -8.27 -9.96
C SER A 104 2.42 -8.70 -9.72
N GLU A 105 1.98 -9.72 -10.48
CA GLU A 105 0.62 -10.22 -10.36
C GLU A 105 0.51 -11.64 -10.90
N SER A 106 -0.48 -12.38 -10.41
CA SER A 106 -0.71 -13.75 -10.84
C SER A 106 -2.18 -14.13 -10.63
N ALA A 107 -2.68 -15.05 -11.45
CA ALA A 107 -4.07 -15.51 -11.35
C ALA A 107 -4.14 -17.03 -11.30
N ASP A 108 -4.50 -17.57 -10.14
CA ASP A 108 -4.63 -19.02 -9.96
C ASP A 108 -6.07 -19.38 -9.58
N GLY A 109 -6.78 -19.98 -10.52
CA GLY A 109 -8.16 -20.35 -10.28
C GLY A 109 -9.06 -19.13 -10.21
N ASN A 110 -9.82 -19.02 -9.12
CA ASN A 110 -10.73 -17.89 -8.92
C ASN A 110 -10.10 -16.88 -7.95
N THR A 111 -8.77 -16.91 -7.86
CA THR A 111 -8.03 -16.01 -6.97
C THR A 111 -6.97 -15.24 -7.73
N VAL A 112 -6.61 -14.06 -7.21
CA VAL A 112 -5.60 -13.21 -7.83
C VAL A 112 -4.63 -12.72 -6.75
N ASN A 113 -3.34 -12.83 -7.03
CA ASN A 113 -2.30 -12.41 -6.06
C ASN A 113 -1.38 -11.37 -6.68
N ALA A 114 -0.76 -10.56 -5.81
CA ALA A 114 0.16 -9.53 -6.26
C ALA A 114 1.04 -9.07 -5.12
N ARG A 115 2.32 -8.80 -5.42
CA ARG A 115 3.28 -8.35 -4.40
C ARG A 115 3.79 -6.96 -4.72
N LEU A 116 3.65 -6.06 -3.75
CA LEU A 116 4.14 -4.68 -3.87
C LEU A 116 5.29 -4.52 -2.88
N SER A 117 6.48 -4.21 -3.36
CA SER A 117 7.61 -4.05 -2.45
C SER A 117 8.78 -3.34 -3.11
N SER A 118 9.76 -2.97 -2.28
CA SER A 118 10.96 -2.29 -2.76
C SER A 118 11.97 -3.32 -3.25
N VAL A 119 13.05 -2.84 -3.86
CA VAL A 119 14.09 -3.72 -4.41
C VAL A 119 15.34 -3.74 -3.53
N SER A 120 15.85 -4.94 -3.23
CA SER A 120 17.05 -5.09 -2.41
C SER A 120 18.28 -4.59 -3.19
N PRO A 121 19.40 -4.36 -2.50
CA PRO A 121 20.64 -3.88 -3.13
C PRO A 121 21.36 -4.99 -3.91
N GLY A 122 21.87 -4.63 -5.09
CA GLY A 122 22.60 -5.59 -5.93
C GLY A 122 21.80 -6.01 -7.16
N GLN A 123 20.52 -5.66 -7.17
CA GLN A 123 19.65 -6.01 -8.31
C GLN A 123 19.94 -5.10 -9.50
N GLY A 124 19.93 -3.79 -9.26
CA GLY A 124 20.20 -2.81 -10.33
C GLY A 124 19.37 -1.55 -10.17
N LYS A 125 18.52 -1.51 -9.14
CA LYS A 125 17.68 -0.33 -8.88
C LYS A 125 18.27 0.45 -7.70
N ASP A 126 17.58 1.51 -7.30
CA ASP A 126 18.02 2.33 -6.18
C ASP A 126 17.79 1.60 -4.86
N SER A 127 18.48 2.05 -3.82
CA SER A 127 18.35 1.44 -2.50
C SER A 127 18.77 2.45 -1.42
N PRO A 128 17.97 3.52 -1.25
CA PRO A 128 18.26 4.57 -0.25
C PRO A 128 18.48 4.02 1.16
N ALA A 129 19.70 4.17 1.67
CA ALA A 129 20.03 3.72 3.02
C ALA A 129 19.90 4.88 4.00
N ILE A 130 19.40 4.60 5.21
CA ILE A 130 19.23 5.65 6.23
C ILE A 130 19.65 5.15 7.61
N THR A 131 19.61 6.06 8.59
CA THR A 131 20.00 5.73 9.95
C THR A 131 18.84 5.08 10.71
N HIS A 132 19.15 4.40 11.80
CA HIS A 132 18.13 3.75 12.61
C HIS A 132 17.11 4.76 13.12
N GLU A 133 17.56 5.97 13.41
CA GLU A 133 16.67 7.01 13.91
C GLU A 133 15.59 7.32 12.88
N GLU A 134 16.01 7.61 11.66
CA GLU A 134 15.07 7.93 10.59
C GLU A 134 14.14 6.75 10.33
N ALA A 135 14.71 5.54 10.30
CA ALA A 135 13.92 4.35 10.05
C ALA A 135 12.86 4.19 11.15
N LEU A 136 13.32 4.13 12.40
CA LEU A 136 12.40 4.01 13.53
C LEU A 136 11.25 5.00 13.39
N ALA A 137 11.57 6.19 12.92
CA ALA A 137 10.55 7.22 12.71
C ALA A 137 9.72 6.89 11.48
N MET A 138 10.36 6.25 10.50
CA MET A 138 9.69 5.90 9.25
C MET A 138 8.72 4.74 9.44
N ILE A 139 9.00 3.85 10.38
CA ILE A 139 8.14 2.71 10.64
C ILE A 139 6.87 3.18 11.37
N LYS A 140 6.96 4.34 12.00
CA LYS A 140 5.82 4.90 12.74
C LYS A 140 4.92 5.71 11.81
N ASP A 141 5.54 6.43 10.87
CA ASP A 141 4.79 7.27 9.94
C ASP A 141 4.31 6.47 8.73
N CYS A 142 5.10 5.50 8.31
CA CYS A 142 4.75 4.69 7.14
C CYS A 142 3.33 4.14 7.27
N GLU A 143 2.45 4.60 6.37
CA GLU A 143 1.04 4.16 6.34
C GLU A 143 0.70 3.69 4.94
N VAL A 144 -0.41 2.96 4.80
CA VAL A 144 -0.84 2.45 3.50
C VAL A 144 -2.36 2.54 3.40
N SER A 145 -2.87 2.45 2.17
CA SER A 145 -4.31 2.51 1.92
C SER A 145 -4.67 1.57 0.79
N ILE A 146 -5.86 0.97 0.88
CA ILE A 146 -6.33 0.02 -0.14
C ILE A 146 -7.81 0.23 -0.42
N ASP A 147 -8.19 0.04 -1.68
CA ASP A 147 -9.59 0.18 -2.09
C ASP A 147 -9.82 -0.59 -3.39
N ILE A 148 -9.99 -1.89 -3.26
CA ILE A 148 -10.19 -2.76 -4.43
C ILE A 148 -11.59 -2.57 -5.01
N ARG A 149 -11.68 -2.62 -6.34
CA ARG A 149 -12.95 -2.49 -7.06
C ARG A 149 -13.04 -3.54 -8.15
N CYS A 150 -14.20 -3.67 -8.77
CA CYS A 150 -14.42 -4.66 -9.83
C CYS A 150 -14.09 -4.07 -11.21
N SER A 151 -13.10 -4.66 -11.90
CA SER A 151 -12.71 -4.18 -13.23
C SER A 151 -13.59 -4.83 -14.30
N GLU A 152 -13.26 -4.59 -15.56
CA GLU A 152 -14.00 -5.16 -16.67
C GLU A 152 -13.20 -5.02 -17.96
N GLU A 153 -11.96 -4.57 -17.84
CA GLU A 153 -11.09 -4.38 -19.00
C GLU A 153 -10.46 -5.70 -19.41
N GLU A 154 -10.95 -6.28 -20.51
CA GLU A 154 -10.42 -7.55 -21.00
C GLU A 154 -9.10 -7.34 -21.74
N LYS A 155 -8.53 -6.15 -21.59
CA LYS A 155 -7.27 -5.82 -22.25
C LYS A 155 -6.23 -6.92 -22.02
N ASP A 156 -5.26 -7.02 -22.91
CA ASP A 156 -4.22 -8.04 -22.80
C ASP A 156 -3.31 -7.75 -21.60
N SER A 157 -2.49 -8.73 -21.24
CA SER A 157 -1.57 -8.59 -20.12
C SER A 157 -0.23 -8.01 -20.57
N ASP A 158 0.35 -7.16 -19.73
CA ASP A 158 1.66 -6.53 -20.03
C ASP A 158 2.69 -6.97 -19.00
N ILE A 159 3.36 -8.09 -19.28
CA ILE A 159 4.37 -8.65 -18.37
C ILE A 159 5.78 -8.51 -18.94
N LYS A 160 6.76 -8.95 -18.16
CA LYS A 160 8.17 -8.90 -18.58
C LYS A 160 8.87 -10.20 -18.19
N THR A 161 9.50 -10.83 -19.17
CA THR A 161 10.19 -12.10 -18.94
C THR A 161 11.29 -11.96 -17.88
N HIS A 162 11.47 -10.75 -17.36
CA HIS A 162 12.49 -10.51 -16.35
C HIS A 162 11.96 -10.91 -14.95
N PRO A 163 12.55 -11.94 -14.29
CA PRO A 163 12.09 -12.37 -12.97
C PRO A 163 11.74 -11.19 -12.07
N VAL A 164 10.87 -11.42 -11.09
CA VAL A 164 10.46 -10.37 -10.17
C VAL A 164 11.54 -10.13 -9.12
N LEU A 165 11.81 -8.85 -8.85
CA LEU A 165 12.82 -8.49 -7.86
C LEU A 165 12.24 -8.51 -6.45
N GLY A 166 12.88 -9.28 -5.57
CA GLY A 166 12.43 -9.41 -4.18
C GLY A 166 13.04 -8.36 -3.28
N SER A 167 12.47 -8.20 -2.09
CA SER A 167 12.98 -7.22 -1.11
C SER A 167 13.83 -7.95 -0.07
N ASN A 168 14.11 -9.21 -0.34
CA ASN A 168 14.95 -10.04 0.54
C ASN A 168 14.37 -10.15 1.94
N ILE A 169 13.22 -9.52 2.20
CA ILE A 169 12.61 -9.61 3.53
C ILE A 169 11.81 -10.90 3.66
N SER A 170 11.30 -11.18 4.86
CA SER A 170 10.52 -12.40 5.11
C SER A 170 9.25 -12.05 5.87
N HIS A 171 8.11 -12.50 5.38
CA HIS A 171 6.84 -12.21 6.03
C HIS A 171 6.67 -13.01 7.32
N LYS A 172 7.78 -13.28 7.99
CA LYS A 172 7.73 -14.02 9.25
C LYS A 172 6.97 -13.22 10.30
N LYS A 173 6.87 -13.77 11.51
CA LYS A 173 6.16 -13.10 12.61
C LYS A 173 7.13 -12.24 13.40
N VAL A 174 6.85 -10.93 13.48
CA VAL A 174 7.71 -9.99 14.22
C VAL A 174 6.86 -8.96 14.96
N SER A 175 7.50 -7.91 15.45
CA SER A 175 6.80 -6.85 16.18
C SER A 175 5.55 -6.40 15.40
N TYR A 176 4.48 -6.10 16.15
CA TYR A 176 3.22 -5.66 15.53
C TYR A 176 3.14 -4.13 15.51
N GLU A 177 2.84 -3.57 14.34
CA GLU A 177 2.72 -2.12 14.19
C GLU A 177 1.56 -1.79 13.24
N ASP A 178 0.82 -0.73 13.56
CA ASP A 178 -0.33 -0.33 12.75
C ASP A 178 0.11 0.44 11.50
N ILE A 179 0.31 -0.28 10.40
CA ILE A 179 0.71 0.33 9.13
C ILE A 179 -0.51 0.39 8.20
N ILE A 180 -1.08 -0.77 7.89
CA ILE A 180 -2.24 -0.83 7.02
C ILE A 180 -3.31 0.16 7.47
N GLY A 181 -3.69 1.07 6.57
CA GLY A 181 -4.69 2.07 6.88
C GLY A 181 -6.09 1.60 6.51
N SER A 182 -6.73 2.38 5.65
CA SER A 182 -8.09 2.07 5.22
C SER A 182 -8.12 0.95 4.19
N THR A 183 -9.16 0.12 4.28
CA THR A 183 -9.34 -1.00 3.34
C THR A 183 -10.82 -1.15 2.97
N ILE A 184 -11.25 -0.37 1.97
CA ILE A 184 -12.66 -0.40 1.53
C ILE A 184 -12.80 -1.18 0.22
N VAL A 185 -13.30 -2.41 0.30
CA VAL A 185 -13.48 -3.26 -0.88
C VAL A 185 -14.94 -3.68 -1.07
N ASP A 186 -15.42 -3.56 -2.31
CA ASP A 186 -16.80 -3.92 -2.64
C ASP A 186 -16.93 -5.43 -2.78
N THR A 187 -17.74 -6.03 -1.90
CA THR A 187 -17.97 -7.47 -1.93
C THR A 187 -18.37 -7.92 -3.33
N LYS A 188 -19.02 -7.01 -4.05
CA LYS A 188 -19.49 -7.28 -5.42
C LYS A 188 -18.50 -8.16 -6.18
N CYS A 189 -17.19 -7.96 -5.95
CA CYS A 189 -16.16 -8.75 -6.62
C CYS A 189 -15.02 -9.06 -5.66
N VAL A 190 -15.34 -9.23 -4.39
CA VAL A 190 -14.34 -9.53 -3.36
C VAL A 190 -14.95 -10.37 -2.25
N LYS A 191 -14.78 -11.69 -2.35
CA LYS A 191 -15.31 -12.61 -1.34
C LYS A 191 -14.36 -12.67 -0.13
N ASN A 192 -13.13 -13.13 -0.38
CA ASN A 192 -12.12 -13.23 0.68
C ASN A 192 -10.89 -12.41 0.29
N LEU A 193 -10.34 -11.69 1.27
CA LEU A 193 -9.17 -10.83 1.01
C LEU A 193 -8.25 -10.80 2.22
N GLU A 194 -6.99 -11.19 2.01
CA GLU A 194 -5.98 -11.20 3.07
C GLU A 194 -4.97 -10.09 2.80
N PHE A 195 -4.22 -9.70 3.82
CA PHE A 195 -3.22 -8.64 3.68
C PHE A 195 -2.11 -8.81 4.71
N SER A 196 -0.87 -8.59 4.27
CA SER A 196 0.30 -8.68 5.13
C SER A 196 1.31 -7.62 4.73
N VAL A 197 1.96 -6.99 5.73
CA VAL A 197 2.96 -5.96 5.47
C VAL A 197 4.24 -6.29 6.23
N ARG A 198 5.37 -5.73 5.78
CA ARG A 198 6.65 -6.01 6.44
C ARG A 198 7.70 -4.95 6.13
N ILE A 199 7.95 -4.07 7.11
CA ILE A 199 8.97 -3.02 6.96
C ILE A 199 10.19 -3.37 7.82
N GLY A 200 11.34 -3.54 7.17
CA GLY A 200 12.57 -3.87 7.88
C GLY A 200 13.80 -3.67 7.03
N ASP A 201 14.88 -4.37 7.39
CA ASP A 201 16.14 -4.27 6.66
C ASP A 201 16.15 -5.24 5.47
N MET A 202 16.36 -4.70 4.28
CA MET A 202 16.40 -5.52 3.06
C MET A 202 17.74 -6.25 2.93
N CYS A 203 18.64 -6.05 3.89
CA CYS A 203 19.96 -6.69 3.86
C CYS A 203 20.09 -7.71 5.00
N LYS A 204 19.73 -7.29 6.20
CA LYS A 204 19.80 -8.18 7.37
C LYS A 204 18.87 -7.68 8.46
N GLU A 205 17.83 -8.46 8.76
CA GLU A 205 16.87 -8.08 9.79
C GLU A 205 17.58 -7.60 11.06
N SER A 206 16.97 -6.64 11.74
CA SER A 206 17.54 -6.09 12.98
C SER A 206 16.49 -6.07 14.10
N SER A 207 15.51 -6.95 13.98
CA SER A 207 14.44 -7.08 14.97
C SER A 207 13.75 -5.73 15.26
N GLU A 208 14.41 -4.88 16.02
CA GLU A 208 13.84 -3.58 16.39
C GLU A 208 13.33 -2.80 15.18
N LEU A 209 14.00 -2.92 14.03
CA LEU A 209 13.59 -2.20 12.82
C LEU A 209 12.57 -3.01 12.03
N GLU A 210 12.28 -4.22 12.48
CA GLU A 210 11.32 -5.09 11.79
C GLU A 210 9.93 -4.98 12.43
N VAL A 211 8.91 -5.07 11.59
CA VAL A 211 7.52 -4.99 12.06
C VAL A 211 6.61 -5.74 11.09
N LYS A 212 5.33 -5.86 11.43
CA LYS A 212 4.39 -6.56 10.57
C LYS A 212 2.94 -6.36 11.02
N ASP A 213 2.03 -6.34 10.06
CA ASP A 213 0.60 -6.19 10.34
C ASP A 213 -0.17 -7.10 9.38
N GLY A 214 -1.47 -7.29 9.62
CA GLY A 214 -2.24 -8.14 8.73
C GLY A 214 -3.65 -8.36 9.21
N PHE A 215 -4.57 -8.46 8.24
CA PHE A 215 -5.99 -8.69 8.52
C PHE A 215 -6.46 -9.85 7.66
N LYS A 216 -7.62 -10.40 7.99
CA LYS A 216 -8.18 -11.53 7.23
C LYS A 216 -9.68 -11.32 7.02
N TYR A 217 -10.05 -10.91 5.81
CA TYR A 217 -11.46 -10.68 5.47
C TYR A 217 -12.02 -11.91 4.76
N VAL A 218 -13.00 -12.55 5.38
CA VAL A 218 -13.62 -13.76 4.81
C VAL A 218 -15.14 -13.61 4.79
N ASP A 219 -15.69 -13.30 3.63
CA ASP A 219 -17.13 -13.14 3.49
C ASP A 219 -17.66 -12.09 4.47
N GLY A 220 -16.87 -11.02 4.67
CA GLY A 220 -17.27 -9.95 5.57
C GLY A 220 -16.73 -10.14 6.98
N SER A 221 -16.14 -11.30 7.25
CA SER A 221 -15.57 -11.59 8.56
C SER A 221 -14.12 -11.14 8.64
N ALA A 222 -13.86 -10.12 9.46
CA ALA A 222 -12.49 -9.59 9.61
C ALA A 222 -11.81 -10.20 10.83
N SER A 223 -10.49 -10.00 10.93
CA SER A 223 -9.72 -10.53 12.05
C SER A 223 -8.28 -10.05 12.00
N LYS A 224 -7.87 -9.28 13.01
CA LYS A 224 -6.50 -8.76 13.09
C LYS A 224 -5.60 -9.77 13.80
N GLY A 225 -4.92 -10.62 13.01
CA GLY A 225 -4.04 -11.64 13.57
C GLY A 225 -2.73 -11.74 12.83
N ALA A 226 -1.63 -11.72 13.59
CA ALA A 226 -0.29 -11.81 12.99
C ALA A 226 0.16 -13.26 12.92
N THR A 227 0.08 -13.85 11.73
CA THR A 227 0.48 -15.24 11.50
C THR A 227 1.54 -15.33 10.41
N ASP A 228 2.36 -16.36 10.47
CA ASP A 228 3.42 -16.55 9.48
C ASP A 228 2.86 -16.46 8.07
N ASP A 229 2.96 -15.27 7.47
CA ASP A 229 2.45 -15.05 6.11
C ASP A 229 3.55 -15.31 5.09
N THR A 230 4.38 -16.31 5.37
CA THR A 230 5.48 -16.65 4.46
C THR A 230 4.95 -17.40 3.24
N SER A 231 3.99 -18.30 3.44
CA SER A 231 3.43 -19.10 2.35
C SER A 231 2.07 -18.57 1.92
N LEU A 232 1.64 -17.45 2.51
CA LEU A 232 0.35 -16.86 2.17
C LEU A 232 0.20 -16.76 0.64
N ILE A 233 1.32 -16.54 -0.03
CA ILE A 233 1.33 -16.41 -1.50
C ILE A 233 2.49 -17.21 -2.09
N ASP A 234 2.31 -17.69 -3.32
CA ASP A 234 3.35 -18.46 -4.00
C ASP A 234 4.27 -17.49 -4.75
N SER A 235 5.35 -17.09 -4.08
CA SER A 235 6.31 -16.16 -4.67
C SER A 235 6.93 -16.73 -5.94
N THR A 236 6.58 -17.97 -6.27
CA THR A 236 7.13 -18.64 -7.46
C THR A 236 6.27 -18.42 -8.71
N LYS A 237 4.98 -18.08 -8.51
CA LYS A 237 4.06 -17.88 -9.63
C LYS A 237 3.83 -16.40 -9.95
N LEU A 238 4.58 -15.50 -9.33
CA LEU A 238 4.41 -14.07 -9.58
C LEU A 238 5.09 -13.65 -10.88
N LYS A 239 4.56 -12.58 -11.49
CA LYS A 239 5.09 -12.06 -12.75
C LYS A 239 5.06 -10.53 -12.73
N ALA A 240 6.16 -9.90 -13.14
CA ALA A 240 6.24 -8.44 -13.15
C ALA A 240 5.21 -7.87 -14.13
N CYS A 241 4.65 -6.70 -13.80
CA CYS A 241 3.65 -6.06 -14.66
C CYS A 241 4.21 -4.79 -15.29
N VAL A 242 5.45 -4.45 -14.95
CA VAL A 242 6.08 -3.25 -15.50
C VAL A 242 5.25 -2.01 -15.16
N ALA B 1 -38.78 0.06 -7.42
CA ALA B 1 -37.34 -0.16 -7.33
C ALA B 1 -36.99 -1.03 -6.13
N PRO B 2 -37.37 -2.32 -6.18
CA PRO B 2 -37.09 -3.27 -5.09
C PRO B 2 -35.64 -3.24 -4.64
N MET B 3 -35.41 -2.84 -3.39
CA MET B 3 -34.06 -2.77 -2.85
C MET B 3 -33.40 -4.15 -2.90
N GLY B 4 -32.07 -4.15 -2.96
CA GLY B 4 -31.33 -5.40 -3.01
C GLY B 4 -31.52 -6.22 -1.76
N SER B 5 -31.12 -7.48 -1.81
CA SER B 5 -31.26 -8.37 -0.67
C SER B 5 -30.27 -7.99 0.44
N ASP B 6 -29.05 -8.53 0.34
CA ASP B 6 -27.99 -8.24 1.32
C ASP B 6 -26.73 -7.79 0.60
N PRO B 7 -26.66 -6.50 0.21
CA PRO B 7 -25.49 -5.96 -0.52
C PRO B 7 -24.20 -6.08 0.28
N PRO B 8 -23.08 -5.52 -0.24
CA PRO B 8 -21.76 -5.58 0.41
C PRO B 8 -21.75 -5.09 1.86
N THR B 9 -20.79 -4.21 2.17
CA THR B 9 -20.65 -3.69 3.52
C THR B 9 -19.43 -2.77 3.61
N ALA B 10 -19.21 -1.92 2.60
CA ALA B 10 -18.06 -1.02 2.61
C ALA B 10 -17.89 -0.37 3.99
N CYS B 11 -17.07 -0.99 4.84
CA CYS B 11 -16.82 -0.49 6.20
C CYS B 11 -15.33 -0.53 6.51
N CYS B 12 -14.86 0.43 7.29
CA CYS B 12 -13.45 0.51 7.67
C CYS B 12 -13.06 -0.64 8.56
N PHE B 13 -11.86 -1.18 8.33
CA PHE B 13 -11.33 -2.27 9.13
C PHE B 13 -10.08 -1.80 9.83
N SER B 14 -9.37 -0.87 9.17
CA SER B 14 -8.12 -0.33 9.71
C SER B 14 -8.01 1.17 9.44
N TYR B 15 -7.40 1.89 10.39
CA TYR B 15 -7.24 3.35 10.28
C TYR B 15 -5.78 3.73 10.05
N THR B 16 -5.56 4.86 9.38
CA THR B 16 -4.22 5.36 9.11
C THR B 16 -3.64 6.01 10.36
N ALA B 17 -2.36 5.77 10.64
CA ALA B 17 -1.73 6.34 11.83
C ALA B 17 -1.33 7.79 11.59
N ARG B 18 -0.76 8.05 10.42
CA ARG B 18 -0.31 9.39 10.09
C ARG B 18 -1.48 10.30 9.73
N LYS B 19 -1.56 11.45 10.41
CA LYS B 19 -2.62 12.42 10.13
C LYS B 19 -2.30 13.19 8.85
N LEU B 20 -3.31 13.40 8.01
CA LEU B 20 -3.11 14.11 6.73
C LEU B 20 -3.39 15.62 6.90
N PRO B 21 -2.35 16.50 6.82
CA PRO B 21 -2.55 17.96 6.96
C PRO B 21 -3.74 18.47 6.16
N ARG B 22 -4.36 19.53 6.66
CA ARG B 22 -5.52 20.12 6.00
C ARG B 22 -5.31 20.27 4.49
N ASN B 23 -4.13 20.75 4.09
CA ASN B 23 -3.83 20.96 2.67
C ASN B 23 -3.71 19.64 1.91
N PHE B 24 -4.41 18.61 2.40
CA PHE B 24 -4.39 17.30 1.76
C PHE B 24 -5.72 16.58 2.06
N VAL B 25 -6.76 17.39 2.27
CA VAL B 25 -8.11 16.89 2.56
C VAL B 25 -9.15 17.94 2.17
N VAL B 26 -9.83 17.73 1.04
CA VAL B 26 -10.83 18.70 0.55
C VAL B 26 -12.27 18.25 0.82
N ASP B 27 -12.47 17.01 1.24
CA ASP B 27 -13.82 16.50 1.50
C ASP B 27 -13.77 15.25 2.37
N TYR B 28 -14.95 14.68 2.66
CA TYR B 28 -15.01 13.47 3.49
C TYR B 28 -16.36 12.77 3.35
N TYR B 29 -16.46 11.62 4.01
CA TYR B 29 -17.68 10.81 3.98
C TYR B 29 -17.61 9.74 5.06
N GLU B 30 -18.74 9.47 5.73
CA GLU B 30 -18.80 8.47 6.79
C GLU B 30 -19.14 7.09 6.23
N THR B 31 -18.58 6.05 6.85
CA THR B 31 -18.82 4.67 6.42
C THR B 31 -20.32 4.40 6.24
N SER B 32 -20.89 3.61 7.16
CA SER B 32 -22.31 3.26 7.09
C SER B 32 -22.86 3.00 8.49
N SER B 33 -23.60 1.89 8.66
CA SER B 33 -24.18 1.55 9.96
C SER B 33 -24.36 0.04 10.07
N LEU B 34 -24.48 -0.64 8.93
CA LEU B 34 -24.64 -2.08 8.93
C LEU B 34 -23.47 -2.74 9.65
N CYS B 35 -22.48 -1.93 9.99
CA CYS B 35 -21.28 -2.41 10.70
C CYS B 35 -21.23 -1.81 12.10
N SER B 36 -21.28 -2.67 13.10
CA SER B 36 -21.26 -2.22 14.49
C SER B 36 -19.90 -1.69 14.89
N GLN B 37 -19.20 -1.05 13.95
CA GLN B 37 -17.88 -0.49 14.23
C GLN B 37 -17.49 0.45 13.08
N PRO B 38 -18.28 1.52 12.88
CA PRO B 38 -18.04 2.48 11.78
C PRO B 38 -16.84 3.40 12.03
N ALA B 39 -16.81 4.52 11.30
CA ALA B 39 -15.73 5.50 11.42
C ALA B 39 -15.91 6.59 10.36
N VAL B 40 -15.04 7.60 10.40
CA VAL B 40 -15.09 8.70 9.43
C VAL B 40 -13.99 8.53 8.39
N VAL B 41 -14.34 8.81 7.13
CA VAL B 41 -13.39 8.69 6.01
C VAL B 41 -13.16 10.04 5.34
N PHE B 42 -11.91 10.46 5.27
CA PHE B 42 -11.55 11.74 4.65
C PHE B 42 -11.04 11.51 3.23
N GLN B 43 -11.29 12.49 2.36
CA GLN B 43 -10.85 12.44 0.96
C GLN B 43 -9.51 13.15 0.89
N THR B 44 -8.81 13.04 -0.24
CA THR B 44 -7.49 13.68 -0.37
C THR B 44 -7.32 14.33 -1.75
N ALA B 45 -6.07 14.30 -2.24
CA ALA B 45 -5.72 14.90 -3.53
C ALA B 45 -5.02 13.90 -4.44
N ALA B 46 -4.13 13.08 -3.87
CA ALA B 46 -3.38 12.08 -4.65
C ALA B 46 -3.58 10.68 -4.07
N SER B 47 -4.84 10.32 -3.76
CA SER B 47 -5.13 9.00 -3.21
C SER B 47 -6.57 8.58 -3.49
N ALA B 48 -7.51 9.11 -2.70
CA ALA B 48 -8.95 8.80 -2.84
C ALA B 48 -9.66 9.03 -1.52
N GLN B 49 -9.72 7.98 -0.69
CA GLN B 49 -10.36 8.05 0.61
C GLN B 49 -9.59 7.19 1.61
N VAL B 50 -9.58 7.59 2.89
CA VAL B 50 -8.85 6.84 3.91
C VAL B 50 -9.53 6.99 5.28
N CYS B 51 -10.05 5.88 5.79
CA CYS B 51 -10.71 5.84 7.09
C CYS B 51 -9.85 6.48 8.17
N ALA B 52 -10.50 6.87 9.27
CA ALA B 52 -9.82 7.48 10.40
C ALA B 52 -10.62 7.23 11.68
N ASP B 53 -9.95 6.75 12.72
CA ASP B 53 -10.64 6.49 13.99
C ASP B 53 -11.14 7.81 14.58
N PRO B 54 -12.45 7.93 14.90
CA PRO B 54 -12.97 9.19 15.47
C PRO B 54 -12.55 9.34 16.94
N SER B 55 -11.85 8.33 17.44
CA SER B 55 -11.40 8.34 18.83
C SER B 55 -10.31 9.39 19.05
N GLU B 56 -9.78 9.94 17.95
CA GLU B 56 -8.73 10.96 18.04
C GLU B 56 -9.33 12.35 17.81
N SER B 57 -9.13 13.23 18.80
CA SER B 57 -9.66 14.58 18.75
C SER B 57 -9.39 15.30 17.42
N TRP B 58 -8.15 15.24 16.94
CA TRP B 58 -7.81 15.94 15.71
C TRP B 58 -8.71 15.51 14.55
N VAL B 59 -9.27 14.31 14.63
CA VAL B 59 -10.17 13.82 13.59
C VAL B 59 -11.52 14.52 13.71
N GLN B 60 -11.94 14.73 14.94
CA GLN B 60 -13.22 15.40 15.20
C GLN B 60 -13.17 16.84 14.74
N GLU B 61 -12.12 17.55 15.14
CA GLU B 61 -11.94 18.95 14.77
C GLU B 61 -11.83 19.08 13.25
N TYR B 62 -11.19 18.09 12.63
CA TYR B 62 -11.02 18.10 11.18
C TYR B 62 -12.40 18.07 10.52
N VAL B 63 -13.30 17.28 11.07
CA VAL B 63 -14.64 17.18 10.54
C VAL B 63 -15.40 18.48 10.81
N TYR B 64 -15.32 18.94 12.06
CA TYR B 64 -15.99 20.18 12.45
C TYR B 64 -15.53 21.34 11.58
N ASP B 65 -14.28 21.29 11.12
CA ASP B 65 -13.74 22.35 10.28
C ASP B 65 -14.33 22.28 8.88
N LEU B 66 -14.56 21.06 8.40
CA LEU B 66 -15.12 20.86 7.07
C LEU B 66 -16.61 21.19 7.07
N GLU B 67 -17.22 21.18 8.26
CA GLU B 67 -18.64 21.50 8.38
C GLU B 67 -18.86 23.00 8.18
N LEU B 68 -17.92 23.82 8.65
CA LEU B 68 -18.03 25.26 8.50
C LEU B 68 -17.69 25.68 7.08
N ASN B 69 -16.40 25.72 6.78
CA ASN B 69 -15.95 26.10 5.44
C ASN B 69 -16.29 25.02 4.43
N MET A 1 27.18 -5.54 -20.64
CA MET A 1 25.81 -5.30 -21.06
C MET A 1 25.24 -4.02 -20.44
N PRO A 2 25.62 -3.67 -19.19
CA PRO A 2 25.11 -2.47 -18.52
C PRO A 2 25.97 -1.24 -18.82
N ALA A 3 27.28 -1.40 -18.64
CA ALA A 3 28.21 -0.29 -18.89
C ALA A 3 27.76 0.97 -18.16
N SER A 4 28.17 1.09 -16.90
CA SER A 4 27.80 2.25 -16.09
C SER A 4 28.66 2.32 -14.83
N LEU A 5 29.97 2.44 -15.02
CA LEU A 5 30.89 2.52 -13.88
C LEU A 5 30.62 1.36 -12.92
N GLN A 6 31.36 1.36 -11.80
CA GLN A 6 31.20 0.30 -10.81
C GLN A 6 31.97 0.64 -9.53
N GLN A 7 31.51 1.66 -8.82
CA GLN A 7 32.17 2.07 -7.58
C GLN A 7 31.95 1.02 -6.49
N SER A 8 30.92 0.20 -6.67
CA SER A 8 30.60 -0.85 -5.70
C SER A 8 29.96 -0.25 -4.45
N SER A 9 30.27 1.01 -4.15
CA SER A 9 29.72 1.67 -2.98
C SER A 9 28.25 2.01 -3.20
N SER A 10 27.85 2.15 -4.46
CA SER A 10 26.46 2.47 -4.78
C SER A 10 25.52 1.50 -4.08
N SER A 11 24.37 2.01 -3.66
CA SER A 11 23.39 1.17 -2.98
C SER A 11 22.79 0.15 -3.94
N SER A 12 22.75 0.51 -5.23
CA SER A 12 22.20 -0.37 -6.25
C SER A 12 23.20 -1.48 -6.59
N SER A 13 24.48 -1.22 -6.32
CA SER A 13 25.53 -2.19 -6.61
C SER A 13 25.60 -3.25 -5.51
N SER A 14 25.65 -2.81 -4.25
CA SER A 14 25.73 -3.74 -3.13
C SER A 14 25.34 -3.05 -1.83
N CYS A 15 25.18 -3.85 -0.78
CA CYS A 15 24.79 -3.35 0.54
C CYS A 15 25.87 -2.41 1.08
N THR A 16 25.46 -1.48 1.94
CA THR A 16 26.41 -0.53 2.53
C THR A 16 27.28 -1.23 3.57
N GLU A 17 28.29 -0.51 4.08
CA GLU A 17 29.20 -1.06 5.09
C GLU A 17 29.21 -0.17 6.33
N GLU A 18 28.36 0.85 6.32
CA GLU A 18 28.26 1.77 7.46
C GLU A 18 27.44 1.12 8.59
N GLU A 19 28.15 0.56 9.56
CA GLU A 19 27.53 -0.11 10.70
C GLU A 19 26.17 0.50 11.09
N ASN A 20 26.15 1.81 11.32
CA ASN A 20 24.91 2.50 11.69
C ASN A 20 24.12 2.91 10.45
N LYS A 21 23.88 1.95 9.56
CA LYS A 21 23.14 2.23 8.34
C LYS A 21 22.58 0.94 7.73
N HIS A 22 21.31 0.97 7.36
CA HIS A 22 20.66 -0.21 6.76
C HIS A 22 19.50 0.23 5.88
N HIS A 23 19.54 -0.20 4.61
CA HIS A 23 18.48 0.19 3.66
C HIS A 23 17.21 -0.62 3.91
N MET A 24 16.29 -0.01 4.65
CA MET A 24 15.03 -0.67 4.94
C MET A 24 14.13 -0.66 3.71
N GLY A 25 13.30 -1.68 3.59
CA GLY A 25 12.38 -1.81 2.48
C GLY A 25 11.06 -2.36 2.93
N ILE A 26 10.02 -2.11 2.15
CA ILE A 26 8.67 -2.60 2.47
C ILE A 26 8.27 -3.69 1.50
N ASP A 27 7.44 -4.61 1.96
CA ASP A 27 6.98 -5.71 1.11
C ASP A 27 5.61 -6.18 1.56
N VAL A 28 4.59 -5.83 0.77
CA VAL A 28 3.21 -6.19 1.09
C VAL A 28 2.59 -7.02 -0.04
N ILE A 29 2.04 -8.17 0.32
CA ILE A 29 1.38 -9.06 -0.63
C ILE A 29 -0.12 -8.98 -0.37
N ILE A 30 -0.93 -9.49 -1.29
CA ILE A 30 -2.37 -9.43 -1.10
C ILE A 30 -3.11 -10.43 -1.99
N LYS A 31 -3.68 -11.45 -1.35
CA LYS A 31 -4.45 -12.48 -2.06
C LYS A 31 -5.93 -12.14 -1.95
N VAL A 32 -6.65 -12.20 -3.08
CA VAL A 32 -8.08 -11.89 -3.10
C VAL A 32 -8.87 -13.03 -3.73
N THR A 33 -9.80 -13.58 -2.95
CA THR A 33 -10.66 -14.67 -3.44
C THR A 33 -11.89 -14.07 -4.11
N LYS A 34 -12.08 -14.41 -5.39
CA LYS A 34 -13.22 -13.90 -6.15
C LYS A 34 -14.51 -14.61 -5.74
N GLN A 35 -15.63 -13.91 -5.86
CA GLN A 35 -16.92 -14.50 -5.53
C GLN A 35 -17.36 -15.45 -6.64
N ASP A 36 -17.87 -16.61 -6.26
CA ASP A 36 -18.32 -17.61 -7.24
C ASP A 36 -19.17 -16.98 -8.34
N GLN A 37 -19.71 -15.79 -8.08
CA GLN A 37 -20.56 -15.12 -9.07
C GLN A 37 -19.71 -14.38 -10.11
N THR A 38 -18.67 -13.69 -9.65
CA THR A 38 -17.80 -12.94 -10.57
C THR A 38 -17.49 -13.75 -11.84
N PRO A 39 -17.31 -13.09 -13.00
CA PRO A 39 -17.00 -13.79 -14.26
C PRO A 39 -15.53 -14.23 -14.30
N THR A 40 -15.18 -15.01 -15.31
CA THR A 40 -13.81 -15.49 -15.46
C THR A 40 -12.90 -14.37 -15.94
N ASN A 41 -11.74 -14.25 -15.32
CA ASN A 41 -10.77 -13.21 -15.68
C ASN A 41 -9.41 -13.49 -15.06
N ASP A 42 -8.51 -14.05 -15.84
CA ASP A 42 -7.16 -14.38 -15.37
C ASP A 42 -6.14 -13.37 -15.90
N LYS A 43 -6.62 -12.41 -16.69
CA LYS A 43 -5.75 -11.40 -17.26
C LYS A 43 -5.22 -10.48 -16.15
N ILE A 44 -4.06 -10.84 -15.60
CA ILE A 44 -3.45 -10.03 -14.54
C ILE A 44 -2.53 -8.98 -15.16
N CYS A 45 -2.22 -7.95 -14.38
CA CYS A 45 -1.37 -6.86 -14.85
C CYS A 45 -1.93 -6.27 -16.12
N GLN A 46 -3.12 -5.69 -16.04
CA GLN A 46 -3.74 -5.07 -17.19
C GLN A 46 -3.09 -3.70 -17.42
N SER A 47 -2.58 -3.13 -16.34
CA SER A 47 -1.93 -1.83 -16.39
C SER A 47 -1.33 -1.50 -15.02
N VAL A 48 -0.76 -0.30 -14.91
CA VAL A 48 -0.17 0.13 -13.65
C VAL A 48 0.19 1.61 -13.72
N THR A 49 -0.65 2.45 -13.10
CA THR A 49 -0.43 3.89 -13.11
C THR A 49 0.10 4.36 -11.76
N GLU A 50 1.23 5.07 -11.79
CA GLU A 50 1.85 5.60 -10.58
C GLU A 50 1.58 7.09 -10.45
N ILE A 51 1.36 7.54 -9.21
CA ILE A 51 1.09 8.96 -8.95
C ILE A 51 1.65 9.33 -7.58
N THR A 52 1.90 10.62 -7.37
CA THR A 52 2.43 11.09 -6.09
C THR A 52 2.02 12.54 -5.89
N GLU A 53 1.89 12.96 -4.63
CA GLU A 53 1.51 14.34 -4.33
C GLU A 53 2.37 15.30 -5.17
N SER A 54 2.00 16.56 -5.18
CA SER A 54 2.76 17.55 -5.94
C SER A 54 4.10 17.80 -5.27
N GLU A 55 4.16 17.51 -3.97
CA GLU A 55 5.40 17.71 -3.20
C GLU A 55 6.60 17.21 -4.02
N SER A 56 6.59 15.91 -4.33
CA SER A 56 7.65 15.26 -5.10
C SER A 56 8.37 16.24 -6.03
N ASP A 57 7.96 16.28 -7.31
CA ASP A 57 8.62 17.18 -8.26
C ASP A 57 7.88 17.27 -9.61
N PRO A 58 7.24 16.19 -10.12
CA PRO A 58 6.57 16.21 -11.42
C PRO A 58 5.09 16.63 -11.34
N ASP A 59 4.28 15.81 -10.68
CA ASP A 59 2.84 16.11 -10.55
C ASP A 59 2.60 17.59 -10.27
N PRO A 60 2.15 18.39 -11.28
CA PRO A 60 1.90 19.82 -11.09
C PRO A 60 0.44 20.09 -10.69
N GLU A 61 0.02 19.53 -9.56
CA GLU A 61 -1.34 19.73 -9.09
C GLU A 61 -1.61 21.20 -8.81
N VAL A 62 -2.09 21.90 -9.85
CA VAL A 62 -2.42 23.34 -9.80
C VAL A 62 -1.96 24.03 -8.50
N GLU A 63 -0.66 23.93 -8.22
CA GLU A 63 -0.09 24.54 -7.00
C GLU A 63 -0.65 25.95 -6.78
N SER A 64 -0.31 26.55 -5.63
CA SER A 64 -0.74 27.91 -5.24
C SER A 64 -0.97 27.98 -3.73
N GLU A 65 0.00 27.50 -2.96
CA GLU A 65 -0.12 27.53 -1.51
C GLU A 65 1.19 27.15 -0.83
N ASP A 66 1.32 27.53 0.43
CA ASP A 66 2.53 27.24 1.20
C ASP A 66 3.72 28.05 0.70
N ASP A 67 3.60 29.39 0.80
CA ASP A 67 4.67 30.28 0.36
C ASP A 67 5.71 30.43 1.48
N SER A 68 5.94 31.67 1.91
CA SER A 68 6.90 31.92 2.98
C SER A 68 6.32 31.50 4.32
N THR A 69 6.46 30.22 4.66
CA THR A 69 5.93 29.70 5.92
C THR A 69 6.77 28.50 6.39
N SER A 70 6.68 28.22 7.69
CA SER A 70 7.43 27.11 8.26
C SER A 70 8.90 27.17 7.87
N VAL A 71 9.60 26.05 8.02
CA VAL A 71 11.01 25.96 7.69
C VAL A 71 11.38 24.53 7.33
N GLU A 72 10.86 24.04 6.22
CA GLU A 72 11.13 22.68 5.78
C GLU A 72 10.68 21.67 6.83
N ASP A 73 9.37 21.46 6.90
CA ASP A 73 8.80 20.53 7.87
C ASP A 73 9.01 19.08 7.40
N VAL A 74 8.00 18.25 7.59
CA VAL A 74 8.07 16.83 7.19
C VAL A 74 7.54 16.66 5.77
N ASP A 75 6.45 17.36 5.46
CA ASP A 75 5.85 17.28 4.11
C ASP A 75 5.79 15.83 3.63
N PRO A 76 4.85 15.03 4.16
CA PRO A 76 4.69 13.62 3.80
C PRO A 76 3.74 13.42 2.60
N PRO A 77 4.25 13.01 1.42
CA PRO A 77 3.41 12.77 0.23
C PRO A 77 2.86 11.34 0.23
N THR A 78 1.85 11.09 -0.60
CA THR A 78 1.24 9.74 -0.68
C THR A 78 1.25 9.24 -2.12
N THR A 79 1.89 8.08 -2.33
CA THR A 79 1.97 7.45 -3.66
C THR A 79 0.89 6.39 -3.79
N TYR A 80 0.07 6.50 -4.82
CA TYR A 80 -1.04 5.54 -5.04
C TYR A 80 -0.91 4.85 -6.41
N TYR A 81 -0.60 3.55 -6.37
CA TYR A 81 -0.46 2.75 -7.59
C TYR A 81 -1.78 2.06 -7.94
N SER A 82 -2.28 2.29 -9.16
CA SER A 82 -3.53 1.68 -9.61
C SER A 82 -3.28 0.39 -10.38
N ILE A 83 -2.89 -0.66 -9.67
CA ILE A 83 -2.62 -1.95 -10.31
C ILE A 83 -3.91 -2.64 -10.72
N ILE A 84 -4.24 -2.57 -12.01
CA ILE A 84 -5.45 -3.20 -12.54
C ILE A 84 -5.12 -4.59 -13.08
N GLY A 85 -6.07 -5.52 -12.95
CA GLY A 85 -5.86 -6.88 -13.44
C GLY A 85 -6.67 -7.90 -12.66
N GLY A 86 -6.71 -9.14 -13.18
CA GLY A 86 -7.43 -10.21 -12.53
C GLY A 86 -8.91 -9.90 -12.40
N GLY A 87 -9.38 -8.97 -13.22
CA GLY A 87 -10.79 -8.59 -13.18
C GLY A 87 -11.10 -7.71 -11.99
N LEU A 88 -10.04 -7.25 -11.31
CA LEU A 88 -10.18 -6.40 -10.13
C LEU A 88 -9.26 -5.20 -10.23
N ARG A 89 -9.61 -4.12 -9.54
CA ARG A 89 -8.83 -2.89 -9.52
C ARG A 89 -8.29 -2.67 -8.12
N MET A 90 -6.96 -2.72 -7.97
CA MET A 90 -6.32 -2.55 -6.66
C MET A 90 -5.75 -1.14 -6.53
N ASN A 91 -6.17 -0.45 -5.47
CA ASN A 91 -5.70 0.92 -5.20
C ASN A 91 -4.90 0.93 -3.90
N PHE A 92 -3.73 1.57 -3.92
CA PHE A 92 -2.86 1.65 -2.75
C PHE A 92 -2.62 3.11 -2.33
N GLY A 93 -1.76 3.31 -1.34
CA GLY A 93 -1.46 4.64 -0.86
C GLY A 93 -0.31 4.65 0.13
N PHE A 94 0.91 4.47 -0.39
CA PHE A 94 2.09 4.46 0.47
C PHE A 94 2.47 5.87 0.88
N THR A 95 2.78 6.06 2.16
CA THR A 95 3.16 7.37 2.69
C THR A 95 4.23 7.23 3.76
N LYS A 96 5.37 7.87 3.52
CA LYS A 96 6.48 7.82 4.48
C LYS A 96 7.02 6.39 4.57
N CYS A 97 6.93 5.65 3.46
CA CYS A 97 7.40 4.25 3.40
C CYS A 97 8.39 4.08 2.24
N PRO A 98 9.37 3.15 2.35
CA PRO A 98 10.34 2.90 1.28
C PRO A 98 9.68 2.96 -0.11
N GLN A 99 10.41 3.50 -1.08
CA GLN A 99 9.87 3.61 -2.44
C GLN A 99 9.83 2.24 -3.12
N ILE A 100 8.63 1.73 -3.33
CA ILE A 100 8.46 0.43 -3.98
C ILE A 100 8.86 0.52 -5.45
N LYS A 101 9.52 -0.52 -5.95
CA LYS A 101 9.96 -0.56 -7.35
C LYS A 101 9.63 -1.91 -7.98
N SER A 102 9.15 -2.84 -7.17
CA SER A 102 8.79 -4.19 -7.65
C SER A 102 7.28 -4.35 -7.68
N ILE A 103 6.73 -4.60 -8.88
CA ILE A 103 5.29 -4.77 -9.05
C ILE A 103 5.02 -6.02 -9.89
N SER A 104 4.30 -6.98 -9.32
CA SER A 104 4.00 -8.23 -10.00
C SER A 104 2.62 -8.76 -9.61
N GLU A 105 2.09 -9.67 -10.43
CA GLU A 105 0.78 -10.28 -10.16
C GLU A 105 0.74 -11.71 -10.68
N SER A 106 -0.26 -12.46 -10.22
CA SER A 106 -0.44 -13.85 -10.62
C SER A 106 -1.90 -14.26 -10.48
N ALA A 107 -2.33 -15.22 -11.31
CA ALA A 107 -3.71 -15.71 -11.28
C ALA A 107 -3.75 -17.22 -11.20
N ASP A 108 -4.44 -17.76 -10.20
CA ASP A 108 -4.55 -19.20 -10.01
C ASP A 108 -5.93 -19.55 -9.46
N GLY A 109 -6.74 -20.21 -10.28
CA GLY A 109 -8.08 -20.59 -9.87
C GLY A 109 -9.02 -19.40 -9.87
N ASN A 110 -9.70 -19.19 -8.75
CA ASN A 110 -10.64 -18.06 -8.61
C ASN A 110 -10.07 -17.00 -7.69
N THR A 111 -8.74 -16.96 -7.59
CA THR A 111 -8.05 -15.98 -6.73
C THR A 111 -6.97 -15.26 -7.51
N VAL A 112 -6.57 -14.09 -7.01
CA VAL A 112 -5.53 -13.28 -7.64
C VAL A 112 -4.62 -12.70 -6.57
N ASN A 113 -3.31 -12.73 -6.81
CA ASN A 113 -2.33 -12.21 -5.85
C ASN A 113 -1.48 -11.10 -6.48
N ALA A 114 -0.99 -10.20 -5.62
CA ALA A 114 -0.16 -9.08 -6.07
C ALA A 114 0.92 -8.81 -5.02
N ARG A 115 2.17 -8.69 -5.49
CA ARG A 115 3.30 -8.43 -4.59
C ARG A 115 3.94 -7.09 -4.90
N LEU A 116 3.89 -6.18 -3.93
CA LEU A 116 4.49 -4.85 -4.07
C LEU A 116 5.59 -4.71 -3.04
N SER A 117 6.79 -4.34 -3.48
CA SER A 117 7.91 -4.21 -2.56
C SER A 117 9.07 -3.47 -3.20
N SER A 118 10.03 -3.07 -2.36
CA SER A 118 11.23 -2.39 -2.84
C SER A 118 12.26 -3.40 -3.31
N VAL A 119 13.34 -2.91 -3.90
CA VAL A 119 14.40 -3.79 -4.41
C VAL A 119 15.53 -3.91 -3.39
N SER A 120 16.18 -5.08 -3.38
CA SER A 120 17.30 -5.33 -2.49
C SER A 120 18.61 -4.99 -3.21
N PRO A 121 19.67 -4.60 -2.48
CA PRO A 121 20.97 -4.26 -3.10
C PRO A 121 21.30 -5.18 -4.28
N GLY A 122 22.17 -4.72 -5.17
CA GLY A 122 22.56 -5.51 -6.32
C GLY A 122 21.36 -6.03 -7.09
N GLN A 123 20.58 -5.11 -7.66
CA GLN A 123 19.39 -5.48 -8.44
C GLN A 123 19.27 -4.56 -9.66
N GLY A 124 20.22 -3.63 -9.78
CA GLY A 124 20.22 -2.70 -10.90
C GLY A 124 19.28 -1.53 -10.69
N LYS A 125 18.77 -1.38 -9.46
CA LYS A 125 17.85 -0.28 -9.13
C LYS A 125 18.25 0.33 -7.78
N ASP A 126 17.96 1.62 -7.64
CA ASP A 126 18.29 2.34 -6.41
C ASP A 126 17.79 1.62 -5.17
N SER A 127 18.45 1.87 -4.05
CA SER A 127 18.09 1.26 -2.76
C SER A 127 18.65 2.13 -1.62
N PRO A 128 18.19 3.39 -1.55
CA PRO A 128 18.66 4.35 -0.52
C PRO A 128 18.93 3.70 0.84
N ALA A 129 19.95 4.22 1.52
CA ALA A 129 20.34 3.73 2.84
C ALA A 129 20.02 4.80 3.89
N ILE A 130 19.65 4.37 5.09
CA ILE A 130 19.30 5.29 6.18
C ILE A 130 19.86 4.78 7.51
N THR A 131 19.87 5.67 8.51
CA THR A 131 20.38 5.31 9.83
C THR A 131 19.27 4.70 10.69
N HIS A 132 19.64 4.24 11.87
CA HIS A 132 18.68 3.64 12.78
C HIS A 132 17.63 4.65 13.21
N GLU A 133 18.07 5.89 13.46
CA GLU A 133 17.17 6.94 13.90
C GLU A 133 16.05 7.16 12.90
N GLU A 134 16.41 7.47 11.67
CA GLU A 134 15.41 7.72 10.62
C GLU A 134 14.59 6.46 10.37
N ALA A 135 15.27 5.31 10.32
CA ALA A 135 14.58 4.05 10.07
C ALA A 135 13.49 3.83 11.12
N LEU A 136 13.90 3.84 12.39
CA LEU A 136 12.96 3.66 13.49
C LEU A 136 11.80 4.64 13.38
N ALA A 137 12.11 5.85 12.92
CA ALA A 137 11.09 6.88 12.76
C ALA A 137 10.18 6.56 11.58
N MET A 138 10.75 6.00 10.52
CA MET A 138 9.98 5.65 9.35
C MET A 138 8.93 4.59 9.69
N ILE A 139 9.38 3.45 10.21
CA ILE A 139 8.46 2.37 10.55
C ILE A 139 7.26 2.87 11.36
N LYS A 140 7.43 3.99 12.06
CA LYS A 140 6.33 4.52 12.88
C LYS A 140 5.30 5.25 12.02
N ASP A 141 5.73 6.23 11.24
CA ASP A 141 4.82 7.00 10.40
C ASP A 141 4.43 6.25 9.14
N CYS A 142 5.26 5.30 8.73
CA CYS A 142 5.00 4.51 7.53
C CYS A 142 3.66 3.78 7.62
N GLU A 143 2.72 4.17 6.76
CA GLU A 143 1.40 3.53 6.71
C GLU A 143 0.91 3.45 5.27
N VAL A 144 0.14 2.41 4.95
CA VAL A 144 -0.40 2.23 3.60
C VAL A 144 -1.85 1.77 3.67
N SER A 145 -2.71 2.43 2.89
CA SER A 145 -4.14 2.08 2.85
C SER A 145 -4.44 1.30 1.57
N ILE A 146 -5.66 0.80 1.46
CA ILE A 146 -6.06 0.05 0.26
C ILE A 146 -7.55 0.18 0.01
N ASP A 147 -7.93 0.14 -1.27
CA ASP A 147 -9.33 0.27 -1.67
C ASP A 147 -9.55 -0.47 -2.99
N ILE A 148 -9.77 -1.78 -2.90
CA ILE A 148 -9.98 -2.60 -4.09
C ILE A 148 -11.40 -2.41 -4.63
N ARG A 149 -11.56 -2.63 -5.93
CA ARG A 149 -12.86 -2.48 -6.59
C ARG A 149 -13.02 -3.53 -7.70
N CYS A 150 -14.22 -3.60 -8.27
CA CYS A 150 -14.51 -4.58 -9.34
C CYS A 150 -14.23 -3.95 -10.71
N SER A 151 -13.26 -4.52 -11.43
CA SER A 151 -12.91 -4.01 -12.77
C SER A 151 -13.68 -4.78 -13.83
N GLU A 152 -13.42 -4.47 -15.09
CA GLU A 152 -14.09 -5.14 -16.20
C GLU A 152 -13.26 -4.99 -17.49
N GLU A 153 -12.07 -4.42 -17.35
CA GLU A 153 -11.19 -4.22 -18.50
C GLU A 153 -10.64 -5.57 -18.98
N GLU A 154 -11.16 -6.03 -20.13
CA GLU A 154 -10.73 -7.32 -20.69
C GLU A 154 -9.51 -7.15 -21.59
N LYS A 155 -8.82 -6.02 -21.47
CA LYS A 155 -7.63 -5.77 -22.29
C LYS A 155 -6.56 -6.83 -22.02
N ASP A 156 -5.50 -6.81 -22.81
CA ASP A 156 -4.42 -7.78 -22.65
C ASP A 156 -3.54 -7.40 -21.46
N SER A 157 -2.65 -8.32 -21.08
CA SER A 157 -1.74 -8.09 -19.95
C SER A 157 -0.39 -7.59 -20.43
N ASP A 158 0.24 -6.74 -19.61
CA ASP A 158 1.57 -6.18 -19.94
C ASP A 158 2.60 -6.73 -18.95
N ILE A 159 3.23 -7.84 -19.33
CA ILE A 159 4.23 -8.50 -18.48
C ILE A 159 5.61 -8.47 -19.13
N LYS A 160 6.65 -8.62 -18.31
CA LYS A 160 8.04 -8.64 -18.79
C LYS A 160 8.68 -9.97 -18.37
N THR A 161 9.29 -10.65 -19.33
CA THR A 161 9.94 -11.94 -19.06
C THR A 161 11.09 -11.78 -18.07
N HIS A 162 11.29 -10.56 -17.58
CA HIS A 162 12.37 -10.29 -16.63
C HIS A 162 11.94 -10.75 -15.22
N PRO A 163 12.62 -11.74 -14.60
CA PRO A 163 12.26 -12.20 -13.24
C PRO A 163 11.88 -11.03 -12.33
N VAL A 164 11.00 -11.31 -11.36
CA VAL A 164 10.55 -10.27 -10.44
C VAL A 164 11.58 -10.06 -9.33
N LEU A 165 11.83 -8.79 -9.01
CA LEU A 165 12.79 -8.44 -7.97
C LEU A 165 12.20 -8.65 -6.58
N GLY A 166 13.04 -9.03 -5.61
CA GLY A 166 12.61 -9.27 -4.24
C GLY A 166 13.32 -8.35 -3.26
N SER A 167 12.68 -8.15 -2.10
CA SER A 167 13.24 -7.29 -1.06
C SER A 167 14.13 -8.12 -0.12
N ASN A 168 14.39 -9.36 -0.53
CA ASN A 168 15.23 -10.25 0.26
C ASN A 168 14.67 -10.44 1.68
N ILE A 169 13.54 -9.80 1.96
CA ILE A 169 12.92 -9.91 3.29
C ILE A 169 11.87 -11.02 3.26
N SER A 170 11.73 -11.76 4.37
CA SER A 170 10.74 -12.84 4.43
C SER A 170 9.57 -12.41 5.31
N HIS A 171 8.39 -12.93 5.01
CA HIS A 171 7.19 -12.57 5.77
C HIS A 171 7.06 -13.41 7.04
N LYS A 172 8.15 -13.54 7.78
CA LYS A 172 8.15 -14.31 9.02
C LYS A 172 7.40 -13.54 10.11
N LYS A 173 7.37 -14.11 11.32
CA LYS A 173 6.68 -13.49 12.46
C LYS A 173 7.66 -12.65 13.27
N VAL A 174 7.41 -11.34 13.34
CA VAL A 174 8.27 -10.43 14.10
C VAL A 174 7.43 -9.40 14.84
N SER A 175 8.08 -8.39 15.42
CA SER A 175 7.37 -7.34 16.16
C SER A 175 6.13 -6.89 15.40
N TYR A 176 5.03 -6.69 16.13
CA TYR A 176 3.76 -6.27 15.52
C TYR A 176 3.55 -4.76 15.67
N GLU A 177 3.09 -4.12 14.60
CA GLU A 177 2.82 -2.67 14.63
C GLU A 177 1.72 -2.36 13.62
N ASP A 178 1.03 -1.24 13.80
CA ASP A 178 -0.07 -0.86 12.90
C ASP A 178 0.43 0.05 11.77
N ILE A 179 0.78 -0.55 10.63
CA ILE A 179 1.23 0.21 9.46
C ILE A 179 0.25 0.05 8.31
N ILE A 180 -0.97 -0.41 8.64
CA ILE A 180 -2.03 -0.60 7.66
C ILE A 180 -3.16 0.39 7.94
N GLY A 181 -3.44 1.26 6.97
CA GLY A 181 -4.48 2.26 7.13
C GLY A 181 -5.86 1.67 6.90
N SER A 182 -6.74 2.46 6.29
CA SER A 182 -8.09 1.99 6.01
C SER A 182 -8.05 0.91 4.95
N THR A 183 -9.11 0.10 4.90
CA THR A 183 -9.18 -0.99 3.92
C THR A 183 -10.63 -1.17 3.45
N ILE A 184 -10.96 -0.54 2.32
CA ILE A 184 -12.31 -0.62 1.75
C ILE A 184 -12.35 -1.71 0.69
N VAL A 185 -13.38 -2.56 0.76
CA VAL A 185 -13.52 -3.66 -0.18
C VAL A 185 -14.97 -3.91 -0.56
N ASP A 186 -15.25 -3.85 -1.87
CA ASP A 186 -16.60 -4.10 -2.37
C ASP A 186 -16.79 -5.60 -2.55
N THR A 187 -17.41 -6.23 -1.57
CA THR A 187 -17.63 -7.67 -1.62
C THR A 187 -18.18 -8.09 -2.97
N LYS A 188 -18.87 -7.16 -3.63
CA LYS A 188 -19.45 -7.41 -4.94
C LYS A 188 -18.50 -8.24 -5.83
N CYS A 189 -17.20 -8.12 -5.55
CA CYS A 189 -16.19 -8.86 -6.34
C CYS A 189 -15.00 -9.26 -5.47
N VAL A 190 -15.22 -9.37 -4.16
CA VAL A 190 -14.14 -9.75 -3.23
C VAL A 190 -14.71 -10.54 -2.05
N LYS A 191 -14.65 -11.86 -2.16
CA LYS A 191 -15.16 -12.72 -1.09
C LYS A 191 -14.26 -12.61 0.14
N ASN A 192 -12.95 -12.85 -0.04
CA ASN A 192 -11.99 -12.77 1.07
C ASN A 192 -10.84 -11.83 0.70
N LEU A 193 -9.86 -11.72 1.61
CA LEU A 193 -8.71 -10.84 1.38
C LEU A 193 -7.65 -11.05 2.46
N GLU A 194 -6.53 -11.66 2.09
CA GLU A 194 -5.42 -11.86 3.03
C GLU A 194 -4.41 -10.73 2.85
N PHE A 195 -4.15 -9.98 3.92
CA PHE A 195 -3.23 -8.84 3.89
C PHE A 195 -2.08 -9.03 4.86
N SER A 196 -0.85 -8.84 4.37
CA SER A 196 0.34 -8.97 5.21
C SER A 196 1.39 -7.95 4.76
N VAL A 197 1.99 -7.26 5.73
CA VAL A 197 3.01 -6.24 5.45
C VAL A 197 4.31 -6.56 6.17
N ARG A 198 5.42 -6.07 5.63
CA ARG A 198 6.75 -6.31 6.21
C ARG A 198 7.64 -5.09 6.01
N ILE A 199 8.49 -4.82 7.01
CA ILE A 199 9.42 -3.69 6.95
C ILE A 199 10.69 -4.03 7.73
N GLY A 200 11.82 -4.07 7.02
CA GLY A 200 13.08 -4.39 7.66
C GLY A 200 14.26 -4.26 6.71
N ASP A 201 15.47 -4.39 7.27
CA ASP A 201 16.68 -4.28 6.47
C ASP A 201 16.75 -5.38 5.41
N MET A 202 16.81 -4.97 4.15
CA MET A 202 16.90 -5.92 3.04
C MET A 202 18.32 -6.46 2.93
N CYS A 203 19.16 -6.04 3.89
CA CYS A 203 20.56 -6.48 3.94
C CYS A 203 20.69 -7.63 4.91
N LYS A 204 20.38 -7.35 6.17
CA LYS A 204 20.44 -8.35 7.25
C LYS A 204 19.35 -8.07 8.27
N GLU A 205 18.41 -9.01 8.39
CA GLU A 205 17.29 -8.85 9.32
C GLU A 205 17.77 -8.33 10.68
N SER A 206 17.19 -7.21 11.10
CA SER A 206 17.53 -6.60 12.39
C SER A 206 16.29 -6.58 13.29
N SER A 207 16.27 -7.48 14.27
CA SER A 207 15.15 -7.59 15.20
C SER A 207 14.56 -6.23 15.57
N GLU A 208 15.43 -5.23 15.71
CA GLU A 208 14.97 -3.89 16.08
C GLU A 208 14.18 -3.24 14.96
N LEU A 209 14.71 -3.27 13.74
CA LEU A 209 14.04 -2.66 12.58
C LEU A 209 13.11 -3.66 11.88
N GLU A 210 12.83 -4.79 12.54
CA GLU A 210 11.94 -5.80 11.96
C GLU A 210 10.53 -5.60 12.51
N VAL A 211 9.55 -5.53 11.61
CA VAL A 211 8.16 -5.29 12.01
C VAL A 211 7.20 -5.88 10.98
N LYS A 212 5.93 -6.09 11.38
CA LYS A 212 4.95 -6.65 10.45
C LYS A 212 3.52 -6.52 10.98
N ASP A 213 2.57 -6.62 10.06
CA ASP A 213 1.14 -6.54 10.36
C ASP A 213 0.36 -7.45 9.41
N GLY A 214 -0.93 -7.64 9.66
CA GLY A 214 -1.73 -8.46 8.79
C GLY A 214 -3.03 -8.91 9.41
N PHE A 215 -4.06 -9.01 8.58
CA PHE A 215 -5.39 -9.44 9.03
C PHE A 215 -5.94 -10.43 8.03
N LYS A 216 -7.22 -10.80 8.18
CA LYS A 216 -7.83 -11.75 7.25
C LYS A 216 -9.34 -11.54 7.16
N TYR A 217 -9.77 -11.02 6.02
CA TYR A 217 -11.19 -10.79 5.76
C TYR A 217 -11.71 -11.97 4.95
N VAL A 218 -12.75 -12.63 5.47
CA VAL A 218 -13.34 -13.80 4.81
C VAL A 218 -14.86 -13.77 4.95
N ASP A 219 -15.54 -13.70 3.82
CA ASP A 219 -17.00 -13.69 3.78
C ASP A 219 -17.58 -12.49 4.55
N GLY A 220 -16.76 -11.81 5.35
CA GLY A 220 -17.21 -10.66 6.12
C GLY A 220 -16.62 -10.63 7.51
N SER A 221 -15.80 -11.62 7.83
CA SER A 221 -15.16 -11.72 9.15
C SER A 221 -13.69 -11.30 9.08
N ALA A 222 -13.36 -10.23 9.80
CA ALA A 222 -11.99 -9.73 9.85
C ALA A 222 -11.31 -10.14 11.15
N SER A 223 -9.98 -10.21 11.15
CA SER A 223 -9.24 -10.60 12.35
C SER A 223 -7.76 -10.28 12.22
N LYS A 224 -7.25 -9.48 13.16
CA LYS A 224 -5.83 -9.11 13.16
C LYS A 224 -5.00 -10.24 13.77
N GLY A 225 -4.40 -11.07 12.90
CA GLY A 225 -3.61 -12.21 13.36
C GLY A 225 -2.17 -12.15 12.88
N ALA A 226 -1.25 -12.43 13.81
CA ALA A 226 0.18 -12.42 13.51
C ALA A 226 0.66 -13.85 13.25
N THR A 227 0.76 -14.23 11.98
CA THR A 227 1.18 -15.58 11.62
C THR A 227 2.21 -15.55 10.49
N ASP A 228 2.93 -16.65 10.31
CA ASP A 228 3.94 -16.74 9.27
C ASP A 228 3.30 -16.67 7.88
N ASP A 229 3.28 -15.47 7.32
CA ASP A 229 2.69 -15.26 5.99
C ASP A 229 3.70 -15.56 4.89
N THR A 230 4.64 -16.45 5.18
CA THR A 230 5.68 -16.80 4.21
C THR A 230 5.07 -17.47 2.98
N SER A 231 4.36 -18.57 3.20
CA SER A 231 3.73 -19.30 2.08
C SER A 231 2.39 -18.70 1.70
N LEU A 232 1.99 -17.63 2.36
CA LEU A 232 0.71 -16.98 2.08
C LEU A 232 0.45 -16.91 0.57
N ILE A 233 1.52 -16.82 -0.21
CA ILE A 233 1.40 -16.75 -1.67
C ILE A 233 2.64 -17.34 -2.33
N ASP A 234 2.44 -18.00 -3.47
CA ASP A 234 3.55 -18.59 -4.20
C ASP A 234 4.36 -17.52 -4.92
N SER A 235 5.40 -17.02 -4.25
CA SER A 235 6.23 -15.98 -4.83
C SER A 235 6.96 -16.47 -6.09
N THR A 236 6.78 -17.75 -6.42
CA THR A 236 7.43 -18.34 -7.59
C THR A 236 6.55 -18.27 -8.84
N LYS A 237 5.24 -18.10 -8.66
CA LYS A 237 4.30 -18.09 -9.80
C LYS A 237 3.91 -16.68 -10.27
N LEU A 238 4.39 -15.61 -9.61
CA LEU A 238 4.01 -14.25 -10.05
C LEU A 238 5.02 -13.71 -11.06
N LYS A 239 4.57 -12.72 -11.85
CA LYS A 239 5.42 -12.11 -12.88
C LYS A 239 5.37 -10.59 -12.80
N ALA A 240 6.45 -9.94 -13.22
CA ALA A 240 6.51 -8.49 -13.21
C ALA A 240 5.35 -7.92 -13.99
N CYS A 241 5.04 -6.63 -13.76
CA CYS A 241 3.92 -5.97 -14.45
C CYS A 241 4.40 -4.72 -15.18
N VAL A 242 5.60 -4.27 -14.86
CA VAL A 242 6.17 -3.08 -15.50
C VAL A 242 5.29 -1.86 -15.22
N ALA B 1 -38.51 0.29 -9.22
CA ALA B 1 -37.09 -0.05 -9.06
C ALA B 1 -36.88 -0.83 -7.76
N PRO B 2 -37.42 -2.07 -7.70
CA PRO B 2 -37.29 -2.92 -6.51
C PRO B 2 -35.84 -2.95 -5.97
N MET B 3 -35.68 -2.56 -4.72
CA MET B 3 -34.36 -2.55 -4.10
C MET B 3 -33.73 -3.94 -4.16
N GLY B 4 -32.42 -3.97 -4.34
CA GLY B 4 -31.70 -5.24 -4.42
C GLY B 4 -31.61 -5.92 -3.08
N SER B 5 -31.53 -7.26 -3.10
CA SER B 5 -31.44 -8.02 -1.87
C SER B 5 -30.19 -7.63 -1.09
N ASP B 6 -30.05 -8.17 0.12
CA ASP B 6 -28.91 -7.88 1.00
C ASP B 6 -27.62 -7.58 0.22
N PRO B 7 -27.29 -6.30 -0.01
CA PRO B 7 -26.07 -5.91 -0.73
C PRO B 7 -24.87 -5.80 0.23
N PRO B 8 -23.63 -5.85 -0.30
CA PRO B 8 -22.39 -5.74 0.50
C PRO B 8 -22.50 -4.82 1.73
N THR B 9 -21.68 -3.76 1.74
CA THR B 9 -21.67 -2.82 2.86
C THR B 9 -20.59 -1.76 2.63
N ALA B 10 -19.34 -2.16 2.84
CA ALA B 10 -18.20 -1.26 2.66
C ALA B 10 -18.03 -0.35 3.88
N CYS B 11 -17.87 -0.98 5.06
CA CYS B 11 -17.68 -0.23 6.31
C CYS B 11 -16.22 -0.31 6.74
N CYS B 12 -15.77 0.70 7.47
CA CYS B 12 -14.38 0.74 7.93
C CYS B 12 -14.01 -0.50 8.74
N PHE B 13 -12.78 -0.98 8.51
CA PHE B 13 -12.26 -2.14 9.24
C PHE B 13 -11.12 -1.65 10.14
N SER B 14 -10.47 -0.57 9.70
CA SER B 14 -9.35 0.02 10.45
C SER B 14 -9.16 1.48 10.06
N TYR B 15 -8.50 2.24 10.95
CA TYR B 15 -8.27 3.68 10.71
C TYR B 15 -6.82 3.96 10.28
N THR B 16 -6.51 5.24 10.08
CA THR B 16 -5.18 5.68 9.69
C THR B 16 -4.40 6.17 10.92
N ALA B 17 -3.14 5.76 11.02
CA ALA B 17 -2.31 6.12 12.17
C ALA B 17 -1.71 7.50 12.01
N ARG B 18 -2.19 8.28 11.03
CA ARG B 18 -1.66 9.63 10.85
C ARG B 18 -2.71 10.58 10.29
N LYS B 19 -2.75 11.80 10.85
CA LYS B 19 -3.71 12.80 10.41
C LYS B 19 -3.20 13.47 9.14
N LEU B 20 -4.06 13.54 8.12
CA LEU B 20 -3.67 14.15 6.84
C LEU B 20 -3.82 15.67 6.89
N PRO B 21 -2.71 16.46 6.80
CA PRO B 21 -2.80 17.93 6.83
C PRO B 21 -3.96 18.45 5.99
N ARG B 22 -4.61 19.51 6.48
CA ARG B 22 -5.75 20.10 5.78
C ARG B 22 -5.47 20.26 4.29
N ASN B 23 -4.26 20.70 3.95
CA ASN B 23 -3.89 20.90 2.55
C ASN B 23 -3.76 19.58 1.80
N PHE B 24 -4.49 18.57 2.24
CA PHE B 24 -4.45 17.25 1.61
C PHE B 24 -5.77 16.54 1.85
N VAL B 25 -6.84 17.34 1.96
CA VAL B 25 -8.20 16.84 2.18
C VAL B 25 -9.20 17.88 1.66
N VAL B 26 -9.71 17.65 0.45
CA VAL B 26 -10.65 18.61 -0.17
C VAL B 26 -12.12 18.21 0.01
N ASP B 27 -12.38 17.00 0.52
CA ASP B 27 -13.76 16.55 0.70
C ASP B 27 -13.82 15.34 1.63
N TYR B 28 -15.02 14.83 1.88
CA TYR B 28 -15.17 13.68 2.76
C TYR B 28 -16.55 13.02 2.60
N TYR B 29 -16.71 11.88 3.26
CA TYR B 29 -17.96 11.12 3.23
C TYR B 29 -18.07 10.29 4.50
N GLU B 30 -19.17 9.54 4.64
CA GLU B 30 -19.37 8.70 5.83
C GLU B 30 -19.64 7.26 5.41
N THR B 31 -19.20 6.31 6.23
CA THR B 31 -19.39 4.90 5.94
C THR B 31 -20.87 4.59 5.68
N SER B 32 -21.51 3.94 6.64
CA SER B 32 -22.93 3.59 6.50
C SER B 32 -23.57 3.36 7.87
N SER B 33 -24.46 2.38 7.97
CA SER B 33 -25.14 2.06 9.21
C SER B 33 -25.39 0.56 9.32
N LEU B 34 -25.39 -0.12 8.18
CA LEU B 34 -25.61 -1.55 8.15
C LEU B 34 -24.56 -2.24 9.03
N CYS B 35 -23.59 -1.47 9.50
CA CYS B 35 -22.52 -1.99 10.35
C CYS B 35 -22.53 -1.24 11.69
N SER B 36 -22.67 -1.99 12.78
CA SER B 36 -22.70 -1.39 14.11
C SER B 36 -21.32 -0.93 14.55
N GLN B 37 -20.56 -0.33 13.63
CA GLN B 37 -19.23 0.15 13.95
C GLN B 37 -18.76 1.07 12.81
N PRO B 38 -19.54 2.12 12.52
CA PRO B 38 -19.24 3.06 11.42
C PRO B 38 -18.00 3.92 11.68
N ALA B 39 -17.88 4.98 10.89
CA ALA B 39 -16.76 5.91 11.01
C ALA B 39 -16.83 6.97 9.91
N VAL B 40 -15.89 7.93 9.94
CA VAL B 40 -15.85 9.00 8.94
C VAL B 40 -14.66 8.80 8.01
N VAL B 41 -14.90 8.96 6.71
CA VAL B 41 -13.84 8.81 5.71
C VAL B 41 -13.58 10.13 5.00
N PHE B 42 -12.31 10.48 4.85
CA PHE B 42 -11.93 11.74 4.19
C PHE B 42 -11.33 11.47 2.81
N GLN B 43 -11.49 12.43 1.92
CA GLN B 43 -10.94 12.32 0.57
C GLN B 43 -9.57 12.99 0.58
N THR B 44 -8.79 12.82 -0.48
CA THR B 44 -7.44 13.41 -0.53
C THR B 44 -7.17 14.06 -1.87
N ALA B 45 -5.92 13.97 -2.30
CA ALA B 45 -5.49 14.54 -3.58
C ALA B 45 -4.70 13.52 -4.41
N ALA B 46 -3.87 12.73 -3.73
CA ALA B 46 -3.07 11.69 -4.41
C ALA B 46 -3.33 10.31 -3.79
N SER B 47 -4.61 9.97 -3.59
CA SER B 47 -4.95 8.67 -3.01
C SER B 47 -6.38 8.25 -3.38
N ALA B 48 -7.36 8.79 -2.65
CA ALA B 48 -8.78 8.48 -2.90
C ALA B 48 -9.59 8.73 -1.63
N GLN B 49 -9.67 7.71 -0.77
CA GLN B 49 -10.41 7.80 0.49
C GLN B 49 -9.71 6.96 1.56
N VAL B 50 -9.80 7.41 2.81
CA VAL B 50 -9.18 6.69 3.93
C VAL B 50 -9.96 6.97 5.22
N CYS B 51 -10.42 5.89 5.84
CA CYS B 51 -11.19 5.99 7.08
C CYS B 51 -10.42 6.71 8.19
N ALA B 52 -11.15 7.13 9.22
CA ALA B 52 -10.55 7.82 10.36
C ALA B 52 -11.41 7.61 11.60
N ASP B 53 -10.77 7.29 12.72
CA ASP B 53 -11.50 7.07 13.96
C ASP B 53 -12.10 8.40 14.43
N PRO B 54 -13.44 8.52 14.58
CA PRO B 54 -14.05 9.79 15.02
C PRO B 54 -13.80 10.04 16.51
N SER B 55 -13.10 9.11 17.14
CA SER B 55 -12.80 9.21 18.56
C SER B 55 -11.72 10.26 18.82
N GLU B 56 -11.10 10.77 17.75
CA GLU B 56 -10.03 11.77 17.88
C GLU B 56 -10.58 13.16 17.54
N SER B 57 -10.40 14.09 18.47
CA SER B 57 -10.89 15.47 18.32
C SER B 57 -10.55 16.09 16.96
N TRP B 58 -9.30 16.02 16.54
CA TRP B 58 -8.90 16.64 15.27
C TRP B 58 -9.75 16.11 14.11
N VAL B 59 -10.24 14.89 14.22
CA VAL B 59 -11.07 14.33 13.16
C VAL B 59 -12.42 15.03 13.15
N GLN B 60 -12.93 15.33 14.33
CA GLN B 60 -14.21 15.99 14.47
C GLN B 60 -14.12 17.41 13.93
N GLU B 61 -13.12 18.15 14.40
CA GLU B 61 -12.93 19.53 13.96
C GLU B 61 -12.74 19.60 12.45
N TYR B 62 -12.08 18.58 11.90
CA TYR B 62 -11.86 18.52 10.47
C TYR B 62 -13.20 18.45 9.74
N VAL B 63 -14.14 17.70 10.32
CA VAL B 63 -15.46 17.56 9.73
C VAL B 63 -16.23 18.88 9.85
N TYR B 64 -16.19 19.46 11.04
CA TYR B 64 -16.89 20.73 11.28
C TYR B 64 -16.34 21.83 10.37
N ASP B 65 -15.06 21.72 10.00
CA ASP B 65 -14.45 22.72 9.13
C ASP B 65 -14.94 22.57 7.70
N LEU B 66 -15.06 21.32 7.25
CA LEU B 66 -15.51 21.05 5.89
C LEU B 66 -17.00 21.38 5.75
N GLU B 67 -17.72 21.39 6.87
CA GLU B 67 -19.14 21.70 6.85
C GLU B 67 -19.34 23.18 6.52
N LEU B 68 -18.41 24.02 6.98
CA LEU B 68 -18.50 25.45 6.72
C LEU B 68 -17.86 25.75 5.35
N ASN B 69 -16.63 26.26 5.37
CA ASN B 69 -15.93 26.58 4.13
C ASN B 69 -15.93 25.38 3.19
#